data_7WV3
#
_entry.id   7WV3
#
_cell.length_a   1.00
_cell.length_b   1.00
_cell.length_c   1.00
_cell.angle_alpha   90.00
_cell.angle_beta   90.00
_cell.angle_gamma   90.00
#
_symmetry.space_group_name_H-M   'P 1'
#
loop_
_entity.id
_entity.type
_entity.pdbx_description
1 polymer 'Toll-like receptor 3'
2 polymer 'RNA (80-MER)'
3 polymer 'RNA (80-MER)'
4 branched 2-acetamido-2-deoxy-beta-D-glucopyranose-(1-4)-2-acetamido-2-deoxy-beta-D-glucopyranose
5 non-polymer 2-acetamido-2-deoxy-beta-D-glucopyranose
#
loop_
_entity_poly.entity_id
_entity_poly.type
_entity_poly.pdbx_seq_one_letter_code
_entity_poly.pdbx_strand_id
1 'polypeptide(L)'
;STTKCTVSHEVADCSHLKLTQVPDDLPTNITVLNLTHNQLRRLPAANFTRYSQLTSLDVGFNTISKLEPELCQKLPMLKV
LNLQHNELSQLSDKTFAFCTNLTELHLMSNSIQKIKNNPFVKQKNLITLDLSHNGLSSTKLGTQVQLENLQELLLSNNKI
QALKSEELDIFANSSLKKLELSSNQIKEFSPGCFHAIGRLFGLFLNNVQLGPSLTEKLCLELANTSIRNLSLSNSQLSTT
SNTTFLGLKWTNLTMLDLSYNNLNVVGNDSFAWLPQLEYFFLEYNNIQHLFSHSLHGLFNVRYLNLKRSFTKQSISLASL
PKIDDFSFQWLKCLEHLNMEDNDIPGIKSNMFTGLINLKYLSLSNSFTSLRTLTNETFVSLAHSPLHILNLTKNKISKIE
SDAFSWLGHLEVLDLGLNEIGQELTGQEWRGLENIFEIYLSYNKYLQLTRNSFALVPSLQRLMLRRVALKNVDSSPSPFQ
PLRNLTILDLSNNNIANINDDMLEGLEKLEILDLQHNNLARLWKHANPGGPIYFLKGLSHLHILNLESNGFDEIPVEVFK
DLFELKIIDLGLNNLNTLPASVFNNQVSLKSLNLQKNLITSVEKKVFGPAFRNLTELDMRFNPFDCTCESIAWFVNWINE
THTNIPELSSHYLCNTPPHYHGFPVRLFDTSSCKDSAPFELFFMINTSILLIFIFIVLLIHFEGWRISFYWNVSVHRVLG
FKEIDRQTEQFEYAAYIIHAYKDKDWVWEHFSSMEKEDQSLKFCLEERDFEAGVFELEAIVNSIKRSRKIIFVITHHLLK
DPLCKRFKVHHAVQQAIEQNLDSIILVFLEEIPDYKLNHALCLRRGMFKSHCILNWPVQKERIGAFRHKLQVALGSKNSV
HSNSLEVLFQ
;
A,B,C,D
2 'polyribonucleotide' CCCCCCCCCCCCCCCCCCCCCCCCCCCCCCCCCCCCCCCCCCCCCCCCCCCCCCCCCCCCCCCCCCCCCCCCCCCCCCCC E
3 'polyribonucleotide' IIIIIIIIIIIIIIIIIIIIIIIIIIIIIIIIIIIIIIIIIIIIIIIIIIIIIIIIIIIIIIIIIIIIIIIIIIIIIIII F
#
loop_
_chem_comp.id
_chem_comp.type
_chem_comp.name
_chem_comp.formula
C RNA linking CYTIDINE-5'-MONOPHOSPHATE 'C9 H14 N3 O8 P'
I RNA linking 'INOSINIC ACID' 'C10 H13 N4 O8 P'
NAG D-saccharide, beta linking 2-acetamido-2-deoxy-beta-D-glucopyranose 'C8 H15 N O6'
#
# COMPACT_ATOMS: atom_id res chain seq x y z
N THR A 6 72.86 -54.23 36.07
CA THR A 6 73.50 -54.68 34.84
C THR A 6 72.68 -55.78 34.19
N VAL A 7 71.58 -55.40 33.55
CA VAL A 7 70.69 -56.36 32.91
C VAL A 7 71.40 -56.98 31.72
N SER A 8 71.31 -58.30 31.59
CA SER A 8 72.01 -59.01 30.53
C SER A 8 71.36 -60.36 30.30
N HIS A 9 70.89 -60.62 29.09
CA HIS A 9 70.39 -61.94 28.70
C HIS A 9 71.30 -62.63 27.69
N GLU A 10 71.73 -61.90 26.67
CA GLU A 10 72.75 -62.35 25.74
C GLU A 10 73.88 -61.35 25.58
N VAL A 11 73.64 -60.08 25.85
CA VAL A 11 74.66 -59.04 25.83
C VAL A 11 74.66 -58.36 27.19
N ALA A 12 75.84 -58.12 27.73
CA ALA A 12 76.00 -57.51 29.04
C ALA A 12 76.38 -56.05 28.89
N ASP A 13 75.61 -55.17 29.51
CA ASP A 13 75.87 -53.74 29.45
C ASP A 13 76.08 -53.21 30.87
N CYS A 14 77.08 -52.36 31.03
CA CYS A 14 77.43 -51.80 32.32
C CYS A 14 77.70 -50.32 32.19
N SER A 15 76.87 -49.62 31.42
CA SER A 15 77.07 -48.20 31.15
C SER A 15 76.67 -47.37 32.36
N HIS A 16 77.54 -46.46 32.76
CA HIS A 16 77.28 -45.53 33.86
C HIS A 16 76.95 -46.27 35.15
N LEU A 17 77.66 -47.37 35.40
CA LEU A 17 77.46 -48.18 36.59
C LEU A 17 78.50 -47.90 37.67
N LYS A 18 79.33 -46.88 37.50
CA LYS A 18 80.35 -46.50 38.47
C LYS A 18 81.33 -47.64 38.74
N LEU A 19 81.47 -48.56 37.80
CA LEU A 19 82.29 -49.73 38.02
C LEU A 19 83.77 -49.38 38.01
N THR A 20 84.48 -49.84 39.03
CA THR A 20 85.92 -49.68 39.11
C THR A 20 86.67 -50.94 38.71
N GLN A 21 86.09 -52.11 38.96
CA GLN A 21 86.69 -53.36 38.53
C GLN A 21 85.64 -54.17 37.76
N VAL A 22 86.11 -55.08 36.93
CA VAL A 22 85.22 -55.90 36.10
C VAL A 22 84.41 -56.81 37.00
N PRO A 23 83.09 -56.83 36.92
CA PRO A 23 82.30 -57.75 37.73
C PRO A 23 82.63 -59.20 37.38
N ASP A 24 82.62 -60.05 38.39
CA ASP A 24 82.92 -61.47 38.23
C ASP A 24 81.69 -62.36 38.30
N ASP A 25 80.50 -61.77 38.36
CA ASP A 25 79.24 -62.52 38.43
C ASP A 25 78.45 -62.24 37.17
N LEU A 26 78.76 -62.99 36.12
CA LEU A 26 78.08 -62.88 34.84
C LEU A 26 77.98 -64.28 34.24
N PRO A 27 77.02 -64.51 33.35
CA PRO A 27 76.95 -65.82 32.69
C PRO A 27 78.22 -66.13 31.92
N THR A 28 78.59 -67.42 31.92
CA THR A 28 79.80 -67.84 31.23
C THR A 28 79.69 -67.67 29.73
N ASN A 29 78.50 -67.86 29.16
CA ASN A 29 78.29 -67.83 27.73
C ASN A 29 78.03 -66.42 27.20
N ILE A 30 78.44 -65.39 27.93
CA ILE A 30 78.26 -64.02 27.48
C ILE A 30 79.27 -63.70 26.38
N THR A 31 78.78 -63.18 25.26
CA THR A 31 79.63 -62.87 24.12
C THR A 31 79.90 -61.37 23.95
N VAL A 32 79.03 -60.51 24.46
CA VAL A 32 79.20 -59.06 24.36
C VAL A 32 79.25 -58.47 25.76
N LEU A 33 80.29 -57.70 26.05
CA LEU A 33 80.47 -57.08 27.35
C LEU A 33 80.69 -55.59 27.15
N ASN A 34 79.69 -54.77 27.47
CA ASN A 34 79.76 -53.33 27.31
C ASN A 34 80.09 -52.72 28.66
N LEU A 35 81.22 -52.05 28.75
CA LEU A 35 81.70 -51.41 29.98
C LEU A 35 82.03 -49.95 29.73
N THR A 36 81.19 -49.26 28.98
CA THR A 36 81.44 -47.87 28.65
C THR A 36 80.99 -46.96 29.78
N HIS A 37 81.71 -45.83 29.90
CA HIS A 37 81.41 -44.80 30.89
C HIS A 37 81.47 -45.36 32.32
N ASN A 38 82.65 -45.86 32.68
CA ASN A 38 82.90 -46.43 34.00
C ASN A 38 84.24 -45.90 34.49
N GLN A 39 84.76 -46.51 35.56
CA GLN A 39 86.02 -46.10 36.16
C GLN A 39 87.03 -47.24 36.17
N LEU A 40 87.08 -48.00 35.08
CA LEU A 40 88.00 -49.12 34.98
C LEU A 40 89.42 -48.60 34.85
N ARG A 41 90.19 -48.73 35.93
CA ARG A 41 91.59 -48.31 35.91
C ARG A 41 92.43 -49.23 35.03
N ARG A 42 92.25 -50.54 35.18
CA ARG A 42 92.99 -51.52 34.40
C ARG A 42 92.05 -52.62 33.95
N LEU A 43 92.56 -53.49 33.08
CA LEU A 43 91.85 -54.67 32.59
C LEU A 43 92.74 -55.89 32.74
N PRO A 44 92.93 -56.38 33.97
CA PRO A 44 93.78 -57.56 34.15
C PRO A 44 93.17 -58.78 33.47
N ALA A 45 94.05 -59.66 32.98
CA ALA A 45 93.59 -60.86 32.29
C ALA A 45 92.89 -61.82 33.25
N ALA A 46 93.29 -61.82 34.53
CA ALA A 46 92.71 -62.74 35.50
C ALA A 46 91.22 -62.52 35.68
N ASN A 47 90.77 -61.27 35.60
CA ASN A 47 89.35 -60.98 35.71
C ASN A 47 88.55 -61.46 34.50
N PHE A 48 89.21 -61.80 33.40
CA PHE A 48 88.53 -62.27 32.20
C PHE A 48 88.72 -63.76 31.97
N THR A 49 89.25 -64.48 32.96
CA THR A 49 89.43 -65.93 32.81
C THR A 49 88.07 -66.61 32.70
N ARG A 50 87.08 -66.15 33.46
CA ARG A 50 85.75 -66.75 33.40
C ARG A 50 85.15 -66.58 32.02
N TYR A 51 85.31 -65.41 31.41
CA TYR A 51 84.73 -65.11 30.10
C TYR A 51 85.69 -65.61 29.05
N SER A 52 85.39 -66.77 28.46
CA SER A 52 86.21 -67.36 27.41
C SER A 52 85.47 -67.41 26.08
N GLN A 53 84.39 -66.66 25.94
CA GLN A 53 83.62 -66.67 24.71
C GLN A 53 83.20 -65.27 24.28
N LEU A 54 83.87 -64.23 24.77
CA LEU A 54 83.54 -62.87 24.38
C LEU A 54 83.92 -62.63 22.92
N THR A 55 83.04 -61.93 22.21
CA THR A 55 83.28 -61.52 20.84
C THR A 55 83.62 -60.04 20.74
N SER A 56 82.80 -59.18 21.34
CA SER A 56 83.03 -57.75 21.35
C SER A 56 83.16 -57.24 22.79
N LEU A 57 84.23 -56.51 23.06
CA LEU A 57 84.50 -55.93 24.37
C LEU A 57 84.61 -54.42 24.21
N ASP A 58 83.54 -53.70 24.53
CA ASP A 58 83.50 -52.25 24.45
C ASP A 58 83.84 -51.70 25.83
N VAL A 59 85.08 -51.25 26.00
CA VAL A 59 85.58 -50.75 27.28
C VAL A 59 85.90 -49.25 27.21
N GLY A 60 85.41 -48.57 26.19
CA GLY A 60 85.77 -47.18 26.00
C GLY A 60 85.14 -46.27 27.04
N PHE A 61 85.57 -45.00 27.00
CA PHE A 61 85.12 -43.97 27.94
C PHE A 61 85.39 -44.37 29.40
N ASN A 62 86.56 -44.96 29.64
CA ASN A 62 86.98 -45.34 30.98
C ASN A 62 88.34 -44.73 31.25
N THR A 63 89.00 -45.14 32.33
CA THR A 63 90.28 -44.56 32.73
C THR A 63 91.39 -45.61 32.65
N ILE A 64 91.41 -46.39 31.58
CA ILE A 64 92.50 -47.36 31.38
C ILE A 64 93.73 -46.64 30.85
N SER A 65 94.86 -46.85 31.53
CA SER A 65 96.13 -46.27 31.13
C SER A 65 96.97 -47.23 30.29
N LYS A 66 96.86 -48.53 30.54
CA LYS A 66 97.62 -49.51 29.79
C LYS A 66 96.93 -50.86 29.89
N LEU A 67 97.30 -51.77 29.00
CA LEU A 67 96.76 -53.12 28.95
C LEU A 67 97.88 -54.13 29.01
N GLU A 68 97.51 -55.41 29.01
CA GLU A 68 98.47 -56.49 29.02
C GLU A 68 98.16 -57.43 27.87
N PRO A 69 99.18 -58.00 27.24
CA PRO A 69 98.92 -58.94 26.13
C PRO A 69 98.13 -60.16 26.56
N GLU A 70 98.33 -60.64 27.79
CA GLU A 70 97.64 -61.83 28.27
C GLU A 70 96.13 -61.66 28.26
N LEU A 71 95.63 -60.43 28.27
CA LEU A 71 94.19 -60.22 28.17
C LEU A 71 93.62 -60.82 26.90
N CYS A 72 94.35 -60.75 25.80
CA CYS A 72 93.89 -61.36 24.56
C CYS A 72 94.02 -62.88 24.60
N GLN A 73 94.86 -63.42 25.47
CA GLN A 73 94.95 -64.86 25.63
C GLN A 73 93.65 -65.42 26.19
N LYS A 74 93.06 -64.72 27.16
CA LYS A 74 91.81 -65.17 27.77
C LYS A 74 90.60 -64.98 26.87
N LEU A 75 90.77 -64.29 25.74
CA LEU A 75 89.67 -64.04 24.79
C LEU A 75 90.13 -64.49 23.41
N PRO A 76 90.20 -65.81 23.18
CA PRO A 76 90.63 -66.29 21.86
C PRO A 76 89.66 -65.96 20.75
N MET A 77 88.40 -65.70 21.04
CA MET A 77 87.39 -65.43 20.02
C MET A 77 86.97 -63.96 19.99
N LEU A 78 87.77 -63.08 20.58
CA LEU A 78 87.45 -61.66 20.57
C LEU A 78 87.50 -61.13 19.14
N LYS A 79 86.50 -60.35 18.76
CA LYS A 79 86.41 -59.81 17.41
C LYS A 79 86.49 -58.29 17.39
N VAL A 80 85.76 -57.61 18.27
CA VAL A 80 85.70 -56.16 18.31
C VAL A 80 86.26 -55.72 19.65
N LEU A 81 87.26 -54.85 19.62
CA LEU A 81 87.87 -54.31 20.83
C LEU A 81 87.87 -52.80 20.73
N ASN A 82 87.15 -52.14 21.64
CA ASN A 82 87.00 -50.70 21.60
C ASN A 82 87.69 -50.09 22.81
N LEU A 83 88.65 -49.20 22.55
CA LEU A 83 89.39 -48.51 23.60
C LEU A 83 89.25 -47.01 23.45
N GLN A 84 88.03 -46.57 23.17
CA GLN A 84 87.78 -45.17 22.90
C GLN A 84 87.86 -44.34 24.16
N HIS A 85 88.47 -43.15 24.05
CA HIS A 85 88.55 -42.17 25.13
C HIS A 85 89.20 -42.76 26.38
N ASN A 86 90.48 -43.06 26.24
CA ASN A 86 91.32 -43.53 27.34
C ASN A 86 92.66 -42.81 27.25
N GLU A 87 93.65 -43.31 27.98
CA GLU A 87 94.97 -42.69 28.01
C GLU A 87 96.06 -43.75 27.78
N LEU A 88 95.88 -44.58 26.77
CA LEU A 88 96.90 -45.55 26.38
C LEU A 88 97.88 -44.88 25.41
N SER A 89 98.70 -43.99 25.97
CA SER A 89 99.63 -43.21 25.17
C SER A 89 100.78 -44.03 24.58
N GLN A 90 101.01 -45.24 25.07
CA GLN A 90 102.09 -46.09 24.58
C GLN A 90 101.56 -47.43 24.14
N LEU A 91 102.18 -47.98 23.08
CA LEU A 91 101.85 -49.29 22.58
C LEU A 91 103.13 -50.07 22.36
N SER A 92 103.03 -51.39 22.43
CA SER A 92 104.15 -52.29 22.25
C SER A 92 103.83 -53.33 21.19
N ASP A 93 104.88 -53.92 20.64
CA ASP A 93 104.69 -54.94 19.61
C ASP A 93 103.99 -56.17 20.17
N LYS A 94 104.07 -56.39 21.47
CA LYS A 94 103.39 -57.52 22.10
C LYS A 94 101.98 -57.18 22.57
N THR A 95 101.57 -55.91 22.47
CA THR A 95 100.28 -55.49 23.00
C THR A 95 99.13 -56.19 22.29
N PHE A 96 99.19 -56.30 20.96
CA PHE A 96 98.14 -56.92 20.17
C PHE A 96 98.60 -58.19 19.47
N ALA A 97 99.63 -58.84 19.99
CA ALA A 97 100.16 -60.04 19.33
C ALA A 97 99.18 -61.20 19.40
N PHE A 98 98.61 -61.46 20.58
CA PHE A 98 97.73 -62.61 20.74
C PHE A 98 96.34 -62.38 20.16
N CYS A 99 95.96 -61.14 19.92
CA CYS A 99 94.63 -60.81 19.37
C CYS A 99 94.69 -60.97 17.86
N THR A 100 94.71 -62.23 17.42
CA THR A 100 94.83 -62.55 16.01
C THR A 100 93.50 -62.64 15.29
N ASN A 101 92.38 -62.62 16.00
CA ASN A 101 91.07 -62.71 15.36
C ASN A 101 90.30 -61.42 15.43
N LEU A 102 90.96 -60.31 15.75
CA LEU A 102 90.29 -59.02 15.81
C LEU A 102 89.85 -58.58 14.43
N THR A 103 88.66 -57.97 14.38
CA THR A 103 88.13 -57.37 13.17
C THR A 103 88.09 -55.85 13.26
N GLU A 104 87.61 -55.30 14.37
CA GLU A 104 87.57 -53.86 14.58
C GLU A 104 88.40 -53.51 15.82
N LEU A 105 89.29 -52.54 15.66
CA LEU A 105 90.13 -52.04 16.75
C LEU A 105 90.01 -50.53 16.79
N HIS A 106 89.36 -50.01 17.82
CA HIS A 106 89.07 -48.59 17.95
C HIS A 106 89.97 -47.99 19.03
N LEU A 107 90.77 -47.01 18.65
CA LEU A 107 91.72 -46.38 19.55
C LEU A 107 91.61 -44.86 19.47
N MET A 108 90.39 -44.35 19.42
CA MET A 108 90.18 -42.92 19.32
C MET A 108 90.37 -42.24 20.67
N SER A 109 90.96 -41.06 20.65
CA SER A 109 91.11 -40.19 21.83
C SER A 109 91.86 -40.90 22.96
N ASN A 110 93.03 -41.42 22.64
CA ASN A 110 93.89 -42.07 23.61
C ASN A 110 95.19 -41.33 23.86
N SER A 111 95.38 -40.17 23.26
CA SER A 111 96.58 -39.35 23.45
C SER A 111 97.84 -40.15 23.12
N ILE A 112 97.77 -40.96 22.08
CA ILE A 112 98.92 -41.69 21.58
C ILE A 112 99.79 -40.72 20.80
N GLN A 113 101.09 -40.71 21.09
CA GLN A 113 101.99 -39.77 20.45
C GLN A 113 102.66 -40.37 19.22
N LYS A 114 103.09 -41.63 19.27
CA LYS A 114 103.77 -42.21 18.12
C LYS A 114 103.64 -43.72 18.17
N ILE A 115 103.91 -44.34 17.01
CA ILE A 115 103.90 -45.78 16.84
C ILE A 115 105.35 -46.23 16.60
N LYS A 116 105.85 -47.13 17.43
CA LYS A 116 107.29 -47.39 17.44
C LYS A 116 107.73 -48.35 16.35
N ASN A 117 107.36 -49.63 16.44
CA ASN A 117 107.87 -50.60 15.47
C ASN A 117 106.78 -51.30 14.69
N ASN A 118 105.91 -52.07 15.34
CA ASN A 118 104.97 -52.95 14.64
C ASN A 118 103.88 -53.43 15.58
N PRO A 119 102.95 -52.56 15.98
CA PRO A 119 101.90 -52.97 16.92
C PRO A 119 100.77 -53.76 16.29
N PHE A 120 100.69 -53.84 14.96
CA PHE A 120 99.57 -54.45 14.29
C PHE A 120 99.99 -55.53 13.30
N VAL A 121 101.25 -55.97 13.32
CA VAL A 121 101.72 -56.94 12.34
C VAL A 121 101.03 -58.28 12.55
N LYS A 122 100.89 -58.70 13.80
CA LYS A 122 100.45 -60.07 14.05
C LYS A 122 99.03 -60.32 13.55
N GLN A 123 98.11 -59.38 13.80
CA GLN A 123 96.74 -59.62 13.36
C GLN A 123 96.64 -59.51 11.84
N LYS A 124 95.86 -60.43 11.26
CA LYS A 124 95.71 -60.51 9.81
C LYS A 124 94.27 -60.38 9.34
N ASN A 125 93.29 -60.60 10.20
CA ASN A 125 91.89 -60.50 9.84
C ASN A 125 91.30 -59.14 10.15
N LEU A 126 92.12 -58.19 10.60
CA LEU A 126 91.63 -56.86 10.94
C LEU A 126 91.02 -56.19 9.72
N ILE A 127 89.82 -55.63 9.91
CA ILE A 127 89.09 -54.97 8.83
C ILE A 127 89.19 -53.46 8.94
N THR A 128 88.99 -52.91 10.14
CA THR A 128 89.05 -51.48 10.35
C THR A 128 89.96 -51.15 11.53
N LEU A 129 90.78 -50.12 11.35
CA LEU A 129 91.65 -49.61 12.40
C LEU A 129 91.38 -48.12 12.54
N ASP A 130 91.02 -47.69 13.75
CA ASP A 130 90.68 -46.30 14.01
C ASP A 130 91.69 -45.70 14.96
N LEU A 131 92.29 -44.59 14.57
CA LEU A 131 93.29 -43.91 15.37
C LEU A 131 93.05 -42.40 15.38
N SER A 132 91.79 -42.01 15.43
CA SER A 132 91.45 -40.60 15.40
C SER A 132 91.69 -39.93 16.74
N HIS A 133 91.79 -38.61 16.72
CA HIS A 133 91.92 -37.80 17.94
C HIS A 133 93.10 -38.25 18.80
N ASN A 134 94.21 -38.53 18.15
CA ASN A 134 95.47 -38.83 18.81
C ASN A 134 96.47 -37.72 18.48
N GLY A 135 97.69 -37.88 18.98
CA GLY A 135 98.72 -36.90 18.72
C GLY A 135 99.66 -37.29 17.61
N LEU A 136 99.27 -38.24 16.78
CA LEU A 136 100.14 -38.75 15.73
C LEU A 136 100.49 -37.65 14.75
N SER A 137 101.77 -37.57 14.39
CA SER A 137 102.29 -36.62 13.42
C SER A 137 102.69 -37.29 12.12
N SER A 138 102.40 -38.58 11.96
CA SER A 138 102.78 -39.30 10.77
C SER A 138 101.84 -40.48 10.57
N THR A 139 101.82 -41.00 9.35
CA THR A 139 101.01 -42.16 9.02
C THR A 139 101.77 -43.47 9.19
N LYS A 140 102.99 -43.41 9.73
CA LYS A 140 103.80 -44.60 9.97
C LYS A 140 103.14 -45.51 10.98
N LEU A 141 102.72 -46.69 10.56
CA LEU A 141 102.16 -47.69 11.45
C LEU A 141 102.96 -48.98 11.48
N GLY A 142 104.03 -49.08 10.71
CA GLY A 142 104.82 -50.29 10.69
C GLY A 142 106.00 -50.14 9.75
N THR A 143 106.80 -51.21 9.69
CA THR A 143 107.98 -51.26 8.85
C THR A 143 107.83 -52.21 7.67
N GLN A 144 107.39 -53.44 7.92
CA GLN A 144 107.16 -54.40 6.86
C GLN A 144 105.73 -54.23 6.33
N VAL A 145 105.27 -55.18 5.53
CA VAL A 145 103.94 -55.14 4.95
C VAL A 145 103.02 -56.01 5.78
N GLN A 146 101.97 -55.42 6.33
CA GLN A 146 100.98 -56.15 7.11
C GLN A 146 99.61 -55.55 6.80
N LEU A 147 98.62 -55.94 7.60
CA LEU A 147 97.24 -55.45 7.44
C LEU A 147 96.74 -55.72 6.03
N GLU A 148 96.81 -56.98 5.62
CA GLU A 148 96.46 -57.36 4.27
C GLU A 148 94.98 -57.13 3.99
N ASN A 149 94.11 -57.47 4.95
CA ASN A 149 92.67 -57.39 4.77
C ASN A 149 92.08 -56.08 5.29
N LEU A 150 92.91 -55.13 5.70
CA LEU A 150 92.41 -53.86 6.20
C LEU A 150 91.64 -53.14 5.11
N GLN A 151 90.47 -52.62 5.45
CA GLN A 151 89.64 -51.90 4.51
C GLN A 151 89.38 -50.45 4.91
N GLU A 152 89.37 -50.13 6.20
CA GLU A 152 89.14 -48.77 6.65
C GLU A 152 90.27 -48.35 7.56
N LEU A 153 90.83 -47.17 7.30
CA LEU A 153 91.88 -46.61 8.13
C LEU A 153 91.50 -45.18 8.49
N LEU A 154 91.17 -44.96 9.75
CA LEU A 154 90.74 -43.65 10.23
C LEU A 154 91.91 -42.98 10.94
N LEU A 155 92.29 -41.80 10.45
CA LEU A 155 93.40 -41.05 11.03
C LEU A 155 93.03 -39.58 11.15
N SER A 156 91.79 -39.30 11.54
CA SER A 156 91.31 -37.93 11.62
C SER A 156 91.76 -37.26 12.91
N ASN A 157 91.82 -35.92 12.86
CA ASN A 157 92.10 -35.10 14.04
C ASN A 157 93.43 -35.49 14.69
N ASN A 158 94.46 -35.65 13.88
CA ASN A 158 95.81 -35.90 14.32
C ASN A 158 96.66 -34.70 13.96
N LYS A 159 97.98 -34.83 14.15
CA LYS A 159 98.92 -33.76 13.84
C LYS A 159 99.71 -34.06 12.56
N ILE A 160 99.12 -34.81 11.64
CA ILE A 160 99.80 -35.15 10.40
C ILE A 160 99.85 -33.94 9.49
N GLN A 161 101.03 -33.64 8.96
CA GLN A 161 101.22 -32.47 8.13
C GLN A 161 101.61 -32.77 6.69
N ALA A 162 102.02 -34.00 6.38
CA ALA A 162 102.39 -34.35 5.02
C ALA A 162 102.15 -35.83 4.81
N LEU A 163 102.04 -36.21 3.55
CA LEU A 163 101.85 -37.60 3.17
C LEU A 163 103.05 -38.03 2.34
N LYS A 164 103.67 -39.15 2.74
CA LYS A 164 104.84 -39.67 2.07
C LYS A 164 104.57 -41.09 1.59
N SER A 165 105.18 -41.45 0.46
CA SER A 165 104.96 -42.76 -0.11
C SER A 165 105.46 -43.86 0.80
N GLU A 166 106.63 -43.67 1.41
CA GLU A 166 107.21 -44.72 2.25
C GLU A 166 106.36 -44.98 3.48
N GLU A 167 105.79 -43.92 4.08
CA GLU A 167 104.98 -44.10 5.28
C GLU A 167 103.76 -44.98 5.02
N LEU A 168 103.24 -44.98 3.80
CA LEU A 168 102.10 -45.82 3.43
C LEU A 168 102.51 -47.14 2.80
N ASP A 169 103.81 -47.41 2.68
CA ASP A 169 104.26 -48.61 1.99
C ASP A 169 103.77 -49.91 2.62
N ILE A 170 103.38 -49.89 3.90
CA ILE A 170 102.89 -51.10 4.53
C ILE A 170 101.54 -51.55 3.99
N PHE A 171 100.85 -50.70 3.23
CA PHE A 171 99.55 -51.04 2.66
C PHE A 171 99.63 -51.42 1.19
N ALA A 172 100.72 -52.04 0.76
CA ALA A 172 100.90 -52.40 -0.64
C ALA A 172 99.90 -53.46 -1.08
N ASN A 173 99.56 -54.40 -0.20
CA ASN A 173 98.59 -55.45 -0.51
C ASN A 173 97.21 -55.14 0.04
N SER A 174 96.99 -53.93 0.55
CA SER A 174 95.72 -53.56 1.17
C SER A 174 94.87 -52.78 0.19
N SER A 175 93.58 -53.10 0.17
CA SER A 175 92.61 -52.39 -0.66
C SER A 175 91.79 -51.48 0.27
N LEU A 176 92.29 -50.26 0.46
CA LEU A 176 91.66 -49.32 1.38
C LEU A 176 90.36 -48.82 0.81
N LYS A 177 89.26 -49.24 1.42
CA LYS A 177 87.94 -48.75 1.04
C LYS A 177 87.62 -47.40 1.67
N LYS A 178 88.36 -46.99 2.70
CA LYS A 178 88.13 -45.71 3.36
C LYS A 178 89.43 -45.26 3.99
N LEU A 179 89.92 -44.10 3.60
CA LEU A 179 91.11 -43.51 4.19
C LEU A 179 90.73 -42.14 4.72
N GLU A 180 90.45 -42.06 6.02
CA GLU A 180 90.02 -40.82 6.64
C GLU A 180 91.24 -40.04 7.13
N LEU A 181 91.49 -38.90 6.50
CA LEU A 181 92.56 -38.00 6.92
C LEU A 181 92.01 -36.62 7.22
N SER A 182 90.75 -36.56 7.64
CA SER A 182 90.12 -35.27 7.87
C SER A 182 90.72 -34.58 9.08
N SER A 183 90.65 -33.25 9.07
CA SER A 183 91.09 -32.43 10.20
C SER A 183 92.57 -32.64 10.53
N ASN A 184 93.38 -32.93 9.53
CA ASN A 184 94.83 -32.96 9.66
C ASN A 184 95.39 -31.92 8.71
N GLN A 185 96.22 -31.02 9.23
CA GLN A 185 96.72 -29.93 8.38
C GLN A 185 97.78 -30.43 7.41
N ILE A 186 97.36 -31.19 6.41
CA ILE A 186 98.27 -31.69 5.39
C ILE A 186 98.61 -30.56 4.45
N LYS A 187 99.89 -30.34 4.22
CA LYS A 187 100.36 -29.25 3.36
C LYS A 187 101.24 -29.71 2.22
N GLU A 188 101.45 -31.01 2.05
CA GLU A 188 102.29 -31.49 0.97
C GLU A 188 101.92 -32.93 0.68
N PHE A 189 101.72 -33.25 -0.60
CA PHE A 189 101.45 -34.60 -1.06
C PHE A 189 102.64 -35.01 -1.92
N SER A 190 103.55 -35.79 -1.35
CA SER A 190 104.73 -36.22 -2.07
C SER A 190 104.36 -37.17 -3.19
N PRO A 191 105.11 -37.16 -4.30
CA PRO A 191 104.76 -38.01 -5.43
C PRO A 191 104.74 -39.49 -5.06
N GLY A 192 103.75 -40.19 -5.61
CA GLY A 192 103.60 -41.61 -5.37
C GLY A 192 103.04 -41.97 -4.01
N CYS A 193 102.56 -40.98 -3.24
CA CYS A 193 102.09 -41.27 -1.90
C CYS A 193 100.85 -42.17 -1.92
N PHE A 194 99.90 -41.91 -2.82
CA PHE A 194 98.72 -42.75 -2.89
C PHE A 194 98.92 -44.01 -3.72
N HIS A 195 100.02 -44.11 -4.47
CA HIS A 195 100.31 -45.33 -5.19
C HIS A 195 100.94 -46.38 -4.31
N ALA A 196 101.34 -46.01 -3.08
CA ALA A 196 101.84 -47.00 -2.14
C ALA A 196 100.74 -47.98 -1.76
N ILE A 197 99.52 -47.49 -1.55
CA ILE A 197 98.39 -48.36 -1.28
C ILE A 197 98.08 -49.18 -2.52
N GLY A 198 97.82 -50.47 -2.33
CA GLY A 198 97.51 -51.32 -3.47
C GLY A 198 96.27 -50.87 -4.23
N ARG A 199 95.18 -50.61 -3.50
CA ARG A 199 93.96 -50.09 -4.10
C ARG A 199 93.30 -49.14 -3.10
N LEU A 200 93.14 -47.89 -3.50
CA LEU A 200 92.47 -46.89 -2.69
C LEU A 200 91.13 -46.55 -3.35
N PHE A 201 90.04 -46.80 -2.63
CA PHE A 201 88.71 -46.59 -3.18
C PHE A 201 88.03 -45.33 -2.66
N GLY A 202 88.35 -44.88 -1.45
CA GLY A 202 87.72 -43.70 -0.88
C GLY A 202 88.69 -42.88 -0.06
N LEU A 203 88.71 -41.57 -0.30
CA LEU A 203 89.59 -40.66 0.41
C LEU A 203 88.76 -39.52 0.99
N PHE A 204 88.98 -39.23 2.26
CA PHE A 204 88.27 -38.16 2.96
C PHE A 204 89.27 -37.14 3.46
N LEU A 205 89.05 -35.89 3.10
CA LEU A 205 89.91 -34.79 3.51
C LEU A 205 89.08 -33.61 3.95
N ASN A 206 88.03 -33.88 4.72
CA ASN A 206 87.19 -32.82 5.23
C ASN A 206 87.92 -32.00 6.27
N ASN A 207 87.59 -30.71 6.34
CA ASN A 207 88.18 -29.81 7.32
C ASN A 207 89.70 -29.75 7.22
N VAL A 208 90.22 -29.90 6.01
CA VAL A 208 91.66 -29.82 5.76
C VAL A 208 91.83 -28.65 4.81
N GLN A 209 92.53 -27.62 5.28
CA GLN A 209 92.68 -26.41 4.48
C GLN A 209 93.64 -26.69 3.34
N LEU A 210 93.10 -26.96 2.15
CA LEU A 210 93.92 -27.23 0.97
C LEU A 210 94.01 -26.03 0.05
N GLY A 211 92.87 -25.56 -0.45
CA GLY A 211 92.87 -24.50 -1.42
C GLY A 211 92.98 -25.04 -2.84
N PRO A 212 92.71 -24.18 -3.83
CA PRO A 212 92.74 -24.66 -5.22
C PRO A 212 94.08 -25.22 -5.67
N SER A 213 95.20 -24.63 -5.26
CA SER A 213 96.50 -25.10 -5.72
C SER A 213 96.85 -26.46 -5.12
N LEU A 214 96.67 -26.61 -3.82
CA LEU A 214 96.92 -27.88 -3.19
C LEU A 214 95.91 -28.92 -3.65
N THR A 215 94.70 -28.50 -4.00
CA THR A 215 93.73 -29.42 -4.59
C THR A 215 94.20 -29.93 -5.94
N GLU A 216 94.78 -29.05 -6.76
CA GLU A 216 95.35 -29.51 -8.03
C GLU A 216 96.48 -30.50 -7.79
N LYS A 217 97.34 -30.20 -6.80
CA LYS A 217 98.42 -31.14 -6.48
C LYS A 217 97.87 -32.50 -6.04
N LEU A 218 96.85 -32.50 -5.19
CA LEU A 218 96.24 -33.74 -4.73
C LEU A 218 95.61 -34.51 -5.89
N CYS A 219 94.89 -33.83 -6.77
CA CYS A 219 94.25 -34.51 -7.90
C CYS A 219 95.28 -35.11 -8.83
N LEU A 220 96.37 -34.38 -9.09
CA LEU A 220 97.47 -34.98 -9.85
C LEU A 220 98.06 -36.17 -9.13
N GLU A 221 98.07 -36.13 -7.80
CA GLU A 221 98.59 -37.25 -7.03
C GLU A 221 97.62 -38.43 -7.01
N LEU A 222 96.32 -38.19 -7.20
CA LEU A 222 95.32 -39.25 -7.20
C LEU A 222 95.13 -39.92 -8.55
N ALA A 223 95.78 -39.44 -9.60
CA ALA A 223 95.59 -39.99 -10.92
C ALA A 223 96.13 -41.41 -11.01
N ASN A 224 95.49 -42.21 -11.87
CA ASN A 224 95.87 -43.60 -12.10
C ASN A 224 95.78 -44.43 -10.81
N THR A 225 94.82 -44.12 -9.98
CA THR A 225 94.47 -44.92 -8.82
C THR A 225 93.04 -45.41 -8.99
N SER A 226 92.59 -46.23 -8.04
CA SER A 226 91.25 -46.80 -8.09
C SER A 226 90.25 -46.00 -7.27
N ILE A 227 90.46 -44.70 -7.16
CA ILE A 227 89.62 -43.88 -6.29
C ILE A 227 88.22 -43.76 -6.88
N ARG A 228 87.22 -43.87 -6.04
CA ARG A 228 85.83 -43.76 -6.46
C ARG A 228 85.06 -42.71 -5.68
N ASN A 229 85.39 -42.50 -4.41
CA ASN A 229 84.75 -41.50 -3.57
C ASN A 229 85.80 -40.52 -3.08
N LEU A 230 85.51 -39.23 -3.20
CA LEU A 230 86.42 -38.18 -2.79
C LEU A 230 85.64 -37.10 -2.07
N SER A 231 85.97 -36.87 -0.79
CA SER A 231 85.27 -35.88 0.01
C SER A 231 86.24 -34.74 0.36
N LEU A 232 85.86 -33.53 0.00
CA LEU A 232 86.67 -32.34 0.27
C LEU A 232 85.81 -31.28 0.92
N SER A 233 84.95 -31.68 1.84
CA SER A 233 84.06 -30.74 2.50
C SER A 233 84.84 -29.83 3.44
N ASN A 234 84.49 -28.54 3.44
CA ASN A 234 85.12 -27.56 4.31
C ASN A 234 86.64 -27.57 4.13
N SER A 235 87.07 -27.64 2.88
CA SER A 235 88.48 -27.69 2.53
C SER A 235 89.03 -26.33 2.15
N GLN A 236 88.28 -25.26 2.39
CA GLN A 236 88.68 -23.90 2.05
C GLN A 236 88.91 -23.75 0.55
N LEU A 237 88.11 -24.44 -0.25
CA LEU A 237 88.17 -24.36 -1.71
C LEU A 237 87.32 -23.20 -2.17
N SER A 238 87.92 -22.03 -2.29
CA SER A 238 87.15 -20.83 -2.62
C SER A 238 86.68 -20.82 -4.06
N THR A 239 87.54 -21.20 -5.00
CA THR A 239 87.25 -21.15 -6.43
C THR A 239 87.68 -22.46 -7.09
N THR A 240 87.08 -22.72 -8.25
CA THR A 240 87.46 -23.87 -9.07
C THR A 240 87.68 -23.38 -10.50
N SER A 241 88.58 -24.07 -11.20
CA SER A 241 88.90 -23.80 -12.59
C SER A 241 88.86 -25.09 -13.38
N ASN A 242 89.08 -24.99 -14.68
CA ASN A 242 89.10 -26.18 -15.51
C ASN A 242 90.37 -26.99 -15.36
N THR A 243 91.36 -26.49 -14.63
CA THR A 243 92.55 -27.27 -14.31
C THR A 243 92.57 -27.77 -12.87
N THR A 244 91.52 -27.51 -12.08
CA THR A 244 91.55 -27.92 -10.68
C THR A 244 91.52 -29.43 -10.53
N PHE A 245 90.67 -30.11 -11.29
CA PHE A 245 90.52 -31.56 -11.20
C PHE A 245 91.07 -32.25 -12.43
N LEU A 246 92.16 -31.71 -12.96
CA LEU A 246 92.75 -32.28 -14.17
C LEU A 246 93.24 -33.70 -13.92
N GLY A 247 93.87 -33.93 -12.77
CA GLY A 247 94.38 -35.27 -12.47
C GLY A 247 93.29 -36.32 -12.43
N LEU A 248 92.11 -35.93 -11.94
CA LEU A 248 90.98 -36.84 -11.88
C LEU A 248 90.51 -37.30 -13.25
N LYS A 249 91.08 -36.76 -14.33
CA LYS A 249 90.81 -37.29 -15.65
C LYS A 249 91.30 -38.73 -15.78
N TRP A 250 92.30 -39.10 -14.98
CA TRP A 250 92.88 -40.44 -15.05
C TRP A 250 92.34 -41.36 -13.97
N THR A 251 91.05 -41.26 -13.65
CA THR A 251 90.42 -42.17 -12.72
C THR A 251 88.97 -42.33 -13.11
N ASN A 252 88.25 -43.13 -12.33
CA ASN A 252 86.84 -43.40 -12.57
C ASN A 252 86.00 -42.92 -11.40
N LEU A 253 86.25 -41.70 -10.95
CA LEU A 253 85.58 -41.16 -9.77
C LEU A 253 84.07 -41.16 -9.98
N THR A 254 83.36 -41.66 -8.97
CA THR A 254 81.90 -41.75 -9.01
C THR A 254 81.21 -40.77 -8.06
N MET A 255 81.81 -40.46 -6.92
CA MET A 255 81.26 -39.51 -5.96
C MET A 255 82.27 -38.43 -5.67
N LEU A 256 81.80 -37.18 -5.58
CA LEU A 256 82.63 -36.04 -5.19
C LEU A 256 81.84 -35.16 -4.24
N ASP A 257 82.48 -34.74 -3.14
CA ASP A 257 81.84 -33.89 -2.14
C ASP A 257 82.61 -32.59 -2.04
N LEU A 258 81.91 -31.47 -2.27
CA LEU A 258 82.51 -30.14 -2.25
C LEU A 258 81.68 -29.17 -1.43
N SER A 259 81.02 -29.66 -0.40
CA SER A 259 80.15 -28.84 0.42
C SER A 259 80.96 -28.02 1.43
N TYR A 260 80.37 -26.93 1.90
CA TYR A 260 80.92 -26.08 2.97
C TYR A 260 82.28 -25.50 2.62
N ASN A 261 82.57 -25.32 1.34
CA ASN A 261 83.84 -24.78 0.90
C ASN A 261 83.81 -23.29 0.64
N ASN A 262 82.67 -22.63 0.87
CA ASN A 262 82.50 -21.21 0.57
C ASN A 262 82.84 -20.93 -0.89
N LEU A 263 82.50 -21.87 -1.76
CA LEU A 263 82.81 -21.76 -3.17
C LEU A 263 82.01 -20.63 -3.79
N ASN A 264 82.68 -19.79 -4.57
CA ASN A 264 82.08 -18.60 -5.16
C ASN A 264 81.91 -18.70 -6.66
N VAL A 265 82.98 -19.01 -7.39
CA VAL A 265 82.94 -19.06 -8.84
C VAL A 265 83.39 -20.43 -9.31
N VAL A 266 82.60 -21.02 -10.19
CA VAL A 266 82.93 -22.28 -10.84
C VAL A 266 83.19 -21.95 -12.30
N GLY A 267 84.40 -22.21 -12.77
CA GLY A 267 84.73 -21.93 -14.15
C GLY A 267 84.08 -22.91 -15.10
N ASN A 268 84.10 -22.55 -16.37
CA ASN A 268 83.57 -23.45 -17.38
C ASN A 268 84.43 -24.69 -17.46
N ASP A 269 83.79 -25.84 -17.64
CA ASP A 269 84.47 -27.13 -17.75
C ASP A 269 85.32 -27.44 -16.53
N SER A 270 84.90 -26.98 -15.36
CA SER A 270 85.61 -27.32 -14.14
C SER A 270 85.48 -28.80 -13.81
N PHE A 271 84.38 -29.42 -14.27
CA PHE A 271 84.12 -30.82 -13.99
C PHE A 271 84.03 -31.64 -15.27
N ALA A 272 84.59 -31.14 -16.37
CA ALA A 272 84.65 -31.92 -17.59
C ALA A 272 85.59 -33.11 -17.48
N TRP A 273 86.39 -33.17 -16.42
CA TRP A 273 87.29 -34.28 -16.18
C TRP A 273 86.62 -35.42 -15.44
N LEU A 274 85.31 -35.35 -15.24
CA LEU A 274 84.58 -36.35 -14.48
C LEU A 274 83.43 -36.90 -15.31
N PRO A 275 83.72 -37.74 -16.31
CA PRO A 275 82.64 -38.33 -17.09
C PRO A 275 81.89 -39.45 -16.40
N GLN A 276 82.46 -40.06 -15.37
CA GLN A 276 81.79 -41.15 -14.66
C GLN A 276 81.17 -40.70 -13.35
N LEU A 277 81.21 -39.41 -13.03
CA LEU A 277 80.66 -38.94 -11.77
C LEU A 277 79.16 -39.17 -11.74
N GLU A 278 78.67 -39.72 -10.64
CA GLU A 278 77.25 -40.00 -10.46
C GLU A 278 76.62 -39.26 -9.29
N TYR A 279 77.37 -38.98 -8.24
CA TYR A 279 76.87 -38.27 -7.08
C TYR A 279 77.72 -37.04 -6.86
N PHE A 280 77.09 -35.88 -6.83
CA PHE A 280 77.79 -34.61 -6.68
C PHE A 280 77.13 -33.84 -5.56
N PHE A 281 77.92 -33.37 -4.60
CA PHE A 281 77.43 -32.64 -3.45
C PHE A 281 78.04 -31.24 -3.44
N LEU A 282 77.18 -30.23 -3.49
CA LEU A 282 77.63 -28.84 -3.53
C LEU A 282 76.87 -27.98 -2.53
N GLU A 283 76.29 -28.57 -1.49
CA GLU A 283 75.46 -27.81 -0.59
C GLU A 283 76.29 -26.88 0.28
N TYR A 284 75.66 -25.79 0.74
CA TYR A 284 76.26 -24.82 1.64
C TYR A 284 77.54 -24.22 1.07
N ASN A 285 77.37 -23.52 -0.05
CA ASN A 285 78.44 -22.76 -0.66
C ASN A 285 77.97 -21.31 -0.85
N ASN A 286 78.73 -20.52 -1.61
CA ASN A 286 78.42 -19.11 -1.82
C ASN A 286 78.53 -18.75 -3.29
N ILE A 287 77.96 -19.57 -4.16
CA ILE A 287 78.11 -19.37 -5.60
C ILE A 287 77.33 -18.14 -6.04
N GLN A 288 78.00 -17.23 -6.73
CA GLN A 288 77.40 -15.99 -7.17
C GLN A 288 76.64 -16.16 -8.49
N HIS A 289 77.29 -16.75 -9.48
CA HIS A 289 76.73 -16.89 -10.81
C HIS A 289 77.06 -18.26 -11.33
N LEU A 290 76.09 -18.91 -11.97
CA LEU A 290 76.28 -20.23 -12.54
C LEU A 290 76.23 -20.08 -14.05
N PHE A 291 77.29 -20.51 -14.72
CA PHE A 291 77.43 -20.28 -16.15
C PHE A 291 76.84 -21.44 -16.94
N SER A 292 76.73 -21.23 -18.26
CA SER A 292 76.15 -22.25 -19.12
C SER A 292 77.01 -23.51 -19.15
N HIS A 293 78.33 -23.36 -19.22
CA HIS A 293 79.23 -24.50 -19.30
C HIS A 293 79.85 -24.84 -17.95
N SER A 294 79.33 -24.28 -16.87
CA SER A 294 79.87 -24.57 -15.55
C SER A 294 79.73 -26.04 -15.19
N LEU A 295 78.61 -26.66 -15.56
CA LEU A 295 78.37 -28.07 -15.29
C LEU A 295 78.60 -28.95 -16.52
N HIS A 296 79.36 -28.46 -17.48
CA HIS A 296 79.62 -29.19 -18.71
C HIS A 296 80.44 -30.45 -18.43
N GLY A 297 80.12 -31.53 -19.11
CA GLY A 297 80.83 -32.78 -18.97
C GLY A 297 80.37 -33.68 -17.85
N LEU A 298 79.25 -33.38 -17.20
CA LEU A 298 78.71 -34.16 -16.09
C LEU A 298 77.53 -35.03 -16.51
N PHE A 299 77.59 -35.63 -17.69
CA PHE A 299 76.44 -36.31 -18.26
C PHE A 299 76.07 -37.62 -17.56
N ASN A 300 76.90 -38.16 -16.70
CA ASN A 300 76.56 -39.38 -15.96
C ASN A 300 76.02 -39.10 -14.57
N VAL A 301 75.88 -37.84 -14.18
CA VAL A 301 75.43 -37.52 -12.83
C VAL A 301 73.96 -37.86 -12.68
N ARG A 302 73.63 -38.60 -11.63
CA ARG A 302 72.26 -38.94 -11.32
C ARG A 302 71.70 -38.22 -10.12
N TYR A 303 72.55 -37.86 -9.17
CA TYR A 303 72.16 -37.16 -7.95
C TYR A 303 73.00 -35.90 -7.81
N LEU A 304 72.34 -34.75 -7.68
CA LEU A 304 73.00 -33.48 -7.49
C LEU A 304 72.33 -32.73 -6.34
N ASN A 305 73.13 -32.27 -5.39
CA ASN A 305 72.63 -31.55 -4.23
C ASN A 305 73.11 -30.11 -4.31
N LEU A 306 72.16 -29.18 -4.32
CA LEU A 306 72.45 -27.76 -4.41
C LEU A 306 71.75 -26.99 -3.31
N LYS A 307 71.54 -27.62 -2.17
CA LYS A 307 70.85 -26.98 -1.06
C LYS A 307 71.74 -25.92 -0.43
N ARG A 308 71.24 -24.68 -0.35
CA ARG A 308 71.97 -23.56 0.23
C ARG A 308 73.29 -23.31 -0.49
N SER A 309 73.33 -23.61 -1.78
CA SER A 309 74.55 -23.59 -2.55
C SER A 309 74.88 -22.24 -3.19
N PHE A 310 74.00 -21.26 -3.12
CA PHE A 310 74.20 -19.99 -3.79
C PHE A 310 74.26 -18.86 -2.79
N THR A 311 74.63 -17.68 -3.29
CA THR A 311 74.79 -16.52 -2.42
C THR A 311 73.44 -16.10 -1.86
N LYS A 312 73.43 -15.76 -0.59
CA LYS A 312 72.21 -15.35 0.08
C LYS A 312 71.86 -13.91 -0.26
N GLN A 313 70.65 -13.52 0.13
CA GLN A 313 70.18 -12.16 -0.10
C GLN A 313 71.05 -11.18 0.67
N SER A 314 71.48 -10.13 -0.02
CA SER A 314 72.31 -9.09 0.58
C SER A 314 71.62 -7.75 0.43
N ILE A 315 71.52 -7.02 1.54
CA ILE A 315 70.87 -5.71 1.53
C ILE A 315 71.79 -4.62 1.04
N SER A 316 73.10 -4.88 0.99
CA SER A 316 74.06 -3.86 0.57
C SER A 316 73.97 -3.59 -0.93
N LEU A 317 73.88 -4.65 -1.74
CA LEU A 317 73.91 -4.53 -3.19
C LEU A 317 72.75 -5.23 -3.89
N ALA A 318 71.95 -6.04 -3.18
CA ALA A 318 70.86 -6.80 -3.78
C ALA A 318 71.38 -7.67 -4.94
N SER A 319 72.52 -8.31 -4.72
CA SER A 319 73.15 -9.16 -5.72
C SER A 319 72.63 -10.59 -5.55
N LEU A 320 71.44 -10.84 -6.08
CA LEU A 320 70.87 -12.16 -6.04
C LEU A 320 71.68 -13.11 -6.92
N PRO A 321 71.77 -14.38 -6.55
CA PRO A 321 72.47 -15.34 -7.41
C PRO A 321 71.79 -15.48 -8.76
N LYS A 322 72.58 -15.65 -9.80
CA LYS A 322 72.08 -15.74 -11.17
C LYS A 322 72.40 -17.11 -11.74
N ILE A 323 71.39 -17.74 -12.34
CA ILE A 323 71.53 -19.02 -13.01
C ILE A 323 71.30 -18.76 -14.48
N ASP A 324 72.31 -19.01 -15.31
CA ASP A 324 72.13 -18.80 -16.73
C ASP A 324 71.21 -19.87 -17.31
N ASP A 325 70.57 -19.53 -18.42
CA ASP A 325 69.71 -20.50 -19.09
C ASP A 325 70.55 -21.63 -19.67
N PHE A 326 69.93 -22.80 -19.78
CA PHE A 326 70.57 -24.00 -20.31
C PHE A 326 71.79 -24.39 -19.49
N SER A 327 71.78 -24.06 -18.20
CA SER A 327 72.89 -24.38 -17.32
C SER A 327 72.83 -25.82 -16.82
N PHE A 328 71.70 -26.50 -16.98
CA PHE A 328 71.55 -27.90 -16.59
C PHE A 328 71.39 -28.81 -17.80
N GLN A 329 71.57 -28.30 -19.01
CA GLN A 329 71.33 -29.10 -20.21
C GLN A 329 72.32 -30.25 -20.36
N TRP A 330 73.46 -30.18 -19.67
CA TRP A 330 74.46 -31.24 -19.76
C TRP A 330 74.11 -32.47 -18.96
N LEU A 331 73.20 -32.35 -17.99
CA LEU A 331 72.89 -33.44 -17.07
C LEU A 331 71.79 -34.32 -17.66
N LYS A 332 72.20 -35.17 -18.61
CA LYS A 332 71.26 -36.03 -19.31
C LYS A 332 70.74 -37.15 -18.43
N CYS A 333 71.56 -37.67 -17.52
CA CYS A 333 71.18 -38.79 -16.67
C CYS A 333 70.72 -38.35 -15.30
N LEU A 334 70.52 -37.05 -15.08
CA LEU A 334 70.12 -36.56 -13.77
C LEU A 334 68.72 -37.01 -13.43
N GLU A 335 68.55 -37.57 -12.23
CA GLU A 335 67.27 -38.06 -11.77
C GLU A 335 66.77 -37.42 -10.50
N HIS A 336 67.66 -36.88 -9.67
CA HIS A 336 67.31 -36.32 -8.38
C HIS A 336 68.04 -34.99 -8.22
N LEU A 337 67.30 -33.89 -8.20
CA LEU A 337 67.87 -32.56 -8.05
C LEU A 337 67.29 -31.90 -6.80
N ASN A 338 68.17 -31.41 -5.94
CA ASN A 338 67.78 -30.74 -4.70
C ASN A 338 68.32 -29.32 -4.73
N MET A 339 67.43 -28.35 -4.59
CA MET A 339 67.80 -26.94 -4.68
C MET A 339 67.17 -26.13 -3.55
N GLU A 340 67.01 -26.73 -2.37
CA GLU A 340 66.32 -26.08 -1.27
C GLU A 340 67.14 -24.94 -0.68
N ASP A 341 66.44 -24.00 -0.06
CA ASP A 341 67.01 -22.92 0.74
C ASP A 341 68.00 -22.08 -0.05
N ASN A 342 67.48 -21.45 -1.09
CA ASN A 342 68.27 -20.55 -1.93
C ASN A 342 67.53 -19.24 -2.09
N ASP A 343 68.13 -18.31 -2.81
CA ASP A 343 67.54 -16.99 -3.07
C ASP A 343 67.51 -16.71 -4.55
N ILE A 344 67.13 -17.69 -5.36
CA ILE A 344 67.00 -17.50 -6.80
C ILE A 344 65.83 -16.56 -7.07
N PRO A 345 65.99 -15.53 -7.90
CA PRO A 345 64.85 -14.62 -8.15
C PRO A 345 63.63 -15.28 -8.77
N GLY A 346 63.80 -16.27 -9.65
CA GLY A 346 62.64 -16.88 -10.27
C GLY A 346 63.07 -18.00 -11.20
N ILE A 347 62.09 -18.53 -11.93
CA ILE A 347 62.31 -19.63 -12.88
C ILE A 347 62.21 -19.06 -14.29
N LYS A 348 63.26 -19.27 -15.09
CA LYS A 348 63.31 -18.74 -16.43
C LYS A 348 62.69 -19.72 -17.42
N SER A 349 62.73 -19.38 -18.71
CA SER A 349 62.06 -20.15 -19.73
C SER A 349 62.77 -21.45 -20.09
N ASN A 350 64.06 -21.58 -19.81
CA ASN A 350 64.81 -22.79 -20.10
C ASN A 350 65.67 -23.18 -18.91
N MET A 351 65.14 -23.02 -17.71
CA MET A 351 65.92 -23.32 -16.51
C MET A 351 66.27 -24.79 -16.44
N PHE A 352 65.33 -25.66 -16.76
CA PHE A 352 65.54 -27.10 -16.65
C PHE A 352 65.50 -27.80 -17.99
N THR A 353 65.72 -27.08 -19.08
CA THR A 353 65.75 -27.69 -20.39
C THR A 353 66.95 -28.62 -20.51
N GLY A 354 66.71 -29.82 -21.03
CA GLY A 354 67.75 -30.82 -21.19
C GLY A 354 67.73 -31.92 -20.16
N LEU A 355 66.96 -31.78 -19.08
CA LEU A 355 66.87 -32.80 -18.04
C LEU A 355 65.81 -33.82 -18.45
N ILE A 356 66.22 -34.76 -19.30
CA ILE A 356 65.29 -35.73 -19.87
C ILE A 356 65.11 -36.98 -19.02
N ASN A 357 65.75 -37.06 -17.86
CA ASN A 357 65.57 -38.19 -16.96
C ASN A 357 65.20 -37.74 -15.55
N LEU A 358 64.87 -36.47 -15.37
CA LEU A 358 64.60 -35.93 -14.05
C LEU A 358 63.29 -36.45 -13.51
N LYS A 359 63.34 -37.10 -12.36
CA LYS A 359 62.16 -37.65 -11.71
C LYS A 359 61.80 -36.97 -10.40
N TYR A 360 62.77 -36.41 -9.71
CA TYR A 360 62.57 -35.72 -8.45
C TYR A 360 63.17 -34.33 -8.52
N LEU A 361 62.41 -33.32 -8.13
CA LEU A 361 62.88 -31.95 -8.10
C LEU A 361 62.32 -31.28 -6.86
N SER A 362 63.21 -30.81 -5.99
CA SER A 362 62.79 -30.12 -4.77
C SER A 362 63.17 -28.65 -4.89
N LEU A 363 62.18 -27.78 -4.81
CA LEU A 363 62.37 -26.35 -4.88
C LEU A 363 61.82 -25.69 -3.62
N SER A 364 61.94 -26.36 -2.50
CA SER A 364 61.42 -25.85 -1.25
C SER A 364 62.27 -24.67 -0.77
N ASN A 365 61.65 -23.50 -0.66
CA ASN A 365 62.31 -22.28 -0.20
C ASN A 365 63.51 -21.93 -1.07
N SER A 366 63.39 -22.15 -2.38
CA SER A 366 64.48 -21.90 -3.31
C SER A 366 64.44 -20.52 -3.94
N PHE A 367 63.41 -19.73 -3.69
CA PHE A 367 63.23 -18.47 -4.39
C PHE A 367 62.87 -17.37 -3.42
N THR A 368 63.18 -16.14 -3.82
CA THR A 368 62.79 -14.98 -3.04
C THR A 368 61.47 -14.42 -3.53
N SER A 369 61.34 -14.21 -4.85
CA SER A 369 60.14 -13.62 -5.43
C SER A 369 59.55 -14.56 -6.46
N LEU A 370 58.73 -15.50 -6.00
CA LEU A 370 57.93 -16.37 -6.86
C LEU A 370 56.51 -16.28 -6.31
N ARG A 371 55.76 -15.28 -6.75
CA ARG A 371 54.43 -15.04 -6.22
C ARG A 371 53.34 -15.70 -7.05
N THR A 372 53.46 -15.67 -8.36
CA THR A 372 52.43 -16.15 -9.26
C THR A 372 52.97 -17.30 -10.09
N LEU A 373 52.20 -18.38 -10.18
CA LEU A 373 52.55 -19.54 -11.00
C LEU A 373 51.72 -19.45 -12.26
N THR A 374 52.30 -18.87 -13.30
CA THR A 374 51.61 -18.69 -14.57
C THR A 374 51.70 -19.98 -15.38
N ASN A 375 51.21 -19.93 -16.61
CA ASN A 375 51.25 -21.08 -17.50
C ASN A 375 52.56 -21.18 -18.25
N GLU A 376 53.54 -20.33 -17.95
CA GLU A 376 54.85 -20.42 -18.54
C GLU A 376 55.93 -20.75 -17.52
N THR A 377 55.57 -21.00 -16.27
CA THR A 377 56.58 -21.15 -15.22
C THR A 377 57.37 -22.44 -15.40
N PHE A 378 56.71 -23.54 -15.72
CA PHE A 378 57.36 -24.84 -15.80
C PHE A 378 57.48 -25.37 -17.22
N VAL A 379 57.49 -24.47 -18.21
CA VAL A 379 57.59 -24.91 -19.60
C VAL A 379 58.91 -25.62 -19.85
N SER A 380 59.97 -25.23 -19.14
CA SER A 380 61.26 -25.89 -19.27
C SER A 380 61.27 -27.32 -18.72
N LEU A 381 60.24 -27.73 -18.00
CA LEU A 381 60.13 -29.08 -17.49
C LEU A 381 59.22 -29.96 -18.34
N ALA A 382 58.89 -29.51 -19.55
CA ALA A 382 57.91 -30.23 -20.37
C ALA A 382 58.41 -31.61 -20.77
N HIS A 383 59.68 -31.72 -21.12
CA HIS A 383 60.23 -32.98 -21.60
C HIS A 383 60.86 -33.83 -20.51
N SER A 384 60.78 -33.40 -19.26
CA SER A 384 61.27 -34.20 -18.13
C SER A 384 60.19 -35.14 -17.65
N PRO A 385 60.53 -36.37 -17.30
CA PRO A 385 59.56 -37.31 -16.73
C PRO A 385 59.37 -37.12 -15.22
N LEU A 386 59.05 -35.88 -14.84
CA LEU A 386 59.01 -35.52 -13.43
C LEU A 386 57.87 -36.24 -12.72
N HIS A 387 58.15 -36.78 -11.55
CA HIS A 387 57.18 -37.48 -10.73
C HIS A 387 56.86 -36.77 -9.42
N ILE A 388 57.84 -36.11 -8.82
CA ILE A 388 57.67 -35.41 -7.55
C ILE A 388 58.18 -33.99 -7.72
N LEU A 389 57.35 -33.03 -7.34
CA LEU A 389 57.70 -31.61 -7.35
C LEU A 389 57.36 -31.02 -6.00
N ASN A 390 58.34 -30.39 -5.36
CA ASN A 390 58.18 -29.79 -4.05
C ASN A 390 58.35 -28.28 -4.17
N LEU A 391 57.34 -27.54 -3.71
CA LEU A 391 57.31 -26.09 -3.89
C LEU A 391 56.92 -25.37 -2.60
N THR A 392 57.25 -25.94 -1.46
CA THR A 392 56.86 -25.36 -0.18
C THR A 392 57.71 -24.14 0.16
N LYS A 393 57.14 -23.27 0.99
CA LYS A 393 57.84 -22.14 1.60
C LYS A 393 58.42 -21.17 0.58
N ASN A 394 57.73 -20.99 -0.55
CA ASN A 394 58.17 -20.06 -1.58
C ASN A 394 57.35 -18.78 -1.62
N LYS A 395 56.46 -18.57 -0.64
CA LYS A 395 55.58 -17.40 -0.59
C LYS A 395 54.76 -17.24 -1.86
N ILE A 396 54.35 -18.36 -2.44
CA ILE A 396 53.50 -18.34 -3.62
C ILE A 396 52.13 -17.83 -3.22
N SER A 397 51.58 -16.92 -4.00
CA SER A 397 50.32 -16.29 -3.67
C SER A 397 49.18 -16.66 -4.62
N LYS A 398 49.47 -16.92 -5.88
CA LYS A 398 48.43 -17.17 -6.86
C LYS A 398 48.89 -18.27 -7.82
N ILE A 399 47.97 -19.14 -8.19
CA ILE A 399 48.20 -20.18 -9.19
C ILE A 399 47.22 -19.93 -10.32
N GLU A 400 47.73 -19.78 -11.54
CA GLU A 400 46.92 -19.49 -12.70
C GLU A 400 46.56 -20.79 -13.42
N SER A 401 45.69 -20.69 -14.41
CA SER A 401 45.29 -21.85 -15.18
C SER A 401 46.47 -22.39 -15.99
N ASP A 402 46.48 -23.72 -16.13
CA ASP A 402 47.50 -24.42 -16.91
C ASP A 402 48.90 -24.21 -16.36
N ALA A 403 49.00 -23.93 -15.07
CA ALA A 403 50.30 -23.75 -14.45
C ALA A 403 51.11 -25.04 -14.50
N PHE A 404 50.46 -26.19 -14.30
CA PHE A 404 51.12 -27.49 -14.29
C PHE A 404 50.76 -28.33 -15.50
N SER A 405 50.32 -27.69 -16.58
CA SER A 405 49.97 -28.41 -17.79
C SER A 405 51.17 -29.04 -18.47
N TRP A 406 52.37 -28.61 -18.11
CA TRP A 406 53.60 -29.15 -18.67
C TRP A 406 54.07 -30.41 -17.96
N LEU A 407 53.44 -30.77 -16.85
CA LEU A 407 53.87 -31.91 -16.05
C LEU A 407 52.82 -33.01 -16.16
N GLY A 408 52.96 -33.84 -17.20
CA GLY A 408 51.96 -34.85 -17.48
C GLY A 408 52.15 -36.15 -16.72
N HIS A 409 53.36 -36.41 -16.24
CA HIS A 409 53.66 -37.64 -15.50
C HIS A 409 53.74 -37.40 -14.00
N LEU A 410 53.41 -36.19 -13.55
CA LEU A 410 53.59 -35.84 -12.14
C LEU A 410 52.65 -36.65 -11.26
N GLU A 411 53.19 -37.15 -10.14
CA GLU A 411 52.42 -37.92 -9.19
C GLU A 411 52.25 -37.25 -7.84
N VAL A 412 53.24 -36.51 -7.39
CA VAL A 412 53.20 -35.81 -6.10
C VAL A 412 53.47 -34.33 -6.35
N LEU A 413 52.59 -33.48 -5.81
CA LEU A 413 52.74 -32.03 -5.92
C LEU A 413 52.54 -31.44 -4.54
N ASP A 414 53.59 -30.84 -3.99
CA ASP A 414 53.56 -30.26 -2.65
C ASP A 414 53.55 -28.73 -2.76
N LEU A 415 52.45 -28.11 -2.35
CA LEU A 415 52.29 -26.67 -2.43
C LEU A 415 51.99 -26.05 -1.06
N GLY A 416 52.33 -26.74 0.02
CA GLY A 416 52.00 -26.24 1.33
C GLY A 416 52.95 -25.16 1.80
N LEU A 417 52.59 -24.55 2.92
CA LEU A 417 53.40 -23.53 3.58
C LEU A 417 53.68 -22.36 2.65
N ASN A 418 52.69 -21.96 1.88
CA ASN A 418 52.75 -20.81 0.99
C ASN A 418 51.71 -19.80 1.46
N GLU A 419 51.50 -18.76 0.67
CA GLU A 419 50.53 -17.72 0.96
C GLU A 419 49.43 -17.70 -0.09
N ILE A 420 49.03 -18.87 -0.57
CA ILE A 420 48.07 -18.97 -1.66
C ILE A 420 46.69 -18.58 -1.12
N GLY A 421 46.21 -17.43 -1.54
CA GLY A 421 44.85 -17.03 -1.26
C GLY A 421 44.09 -16.77 -2.54
N GLN A 422 43.15 -17.65 -2.86
CA GLN A 422 42.43 -17.57 -4.12
C GLN A 422 41.24 -18.51 -4.05
N GLU A 423 40.52 -18.60 -5.15
CA GLU A 423 39.43 -19.54 -5.32
C GLU A 423 39.83 -20.56 -6.37
N LEU A 424 39.77 -21.83 -6.02
CA LEU A 424 40.19 -22.90 -6.92
C LEU A 424 39.11 -23.11 -7.97
N THR A 425 39.33 -22.57 -9.17
CA THR A 425 38.38 -22.76 -10.26
C THR A 425 38.45 -24.17 -10.85
N GLY A 426 39.53 -24.89 -10.59
CA GLY A 426 39.73 -26.21 -11.14
C GLY A 426 40.59 -26.24 -12.38
N GLN A 427 40.82 -25.10 -13.01
CA GLN A 427 41.68 -25.06 -14.19
C GLN A 427 43.15 -25.09 -13.86
N GLU A 428 43.51 -24.93 -12.58
CA GLU A 428 44.91 -24.99 -12.20
C GLU A 428 45.48 -26.40 -12.35
N TRP A 429 44.64 -27.43 -12.38
CA TRP A 429 45.09 -28.81 -12.41
C TRP A 429 45.00 -29.43 -13.80
N ARG A 430 44.77 -28.64 -14.83
CA ARG A 430 44.67 -29.20 -16.17
C ARG A 430 46.01 -29.76 -16.61
N GLY A 431 45.97 -30.95 -17.20
CA GLY A 431 47.16 -31.63 -17.65
C GLY A 431 47.77 -32.58 -16.64
N LEU A 432 47.29 -32.60 -15.40
CA LEU A 432 47.79 -33.52 -14.39
C LEU A 432 47.03 -34.83 -14.51
N GLU A 433 47.45 -35.64 -15.48
CA GLU A 433 46.75 -36.87 -15.82
C GLU A 433 47.17 -38.06 -14.96
N ASN A 434 48.23 -37.95 -14.17
CA ASN A 434 48.70 -39.07 -13.37
C ASN A 434 48.91 -38.69 -11.91
N ILE A 435 48.32 -37.59 -11.48
CA ILE A 435 48.56 -37.09 -10.13
C ILE A 435 47.94 -38.02 -9.10
N PHE A 436 48.60 -38.19 -7.98
CA PHE A 436 48.13 -39.01 -6.88
C PHE A 436 47.98 -38.26 -5.58
N GLU A 437 48.88 -37.31 -5.30
CA GLU A 437 48.88 -36.58 -4.03
C GLU A 437 49.01 -35.09 -4.30
N ILE A 438 48.18 -34.30 -3.64
CA ILE A 438 48.28 -32.85 -3.69
C ILE A 438 48.28 -32.35 -2.26
N TYR A 439 49.33 -31.63 -1.88
CA TYR A 439 49.47 -31.05 -0.54
C TYR A 439 49.24 -29.55 -0.65
N LEU A 440 48.29 -29.04 0.13
CA LEU A 440 47.98 -27.62 0.12
C LEU A 440 47.89 -27.04 1.52
N SER A 441 48.32 -27.77 2.54
CA SER A 441 48.12 -27.33 3.91
C SER A 441 48.93 -26.07 4.21
N TYR A 442 48.40 -25.26 5.12
CA TYR A 442 49.03 -24.02 5.59
C TYR A 442 49.21 -23.00 4.46
N ASN A 443 48.09 -22.57 3.91
CA ASN A 443 48.03 -21.49 2.94
C ASN A 443 47.13 -20.38 3.48
N LYS A 444 47.03 -19.28 2.73
CA LYS A 444 46.27 -18.13 3.19
C LYS A 444 44.78 -18.43 3.25
N TYR A 445 44.16 -18.73 2.12
CA TYR A 445 42.77 -19.16 2.11
C TYR A 445 42.48 -19.82 0.78
N LEU A 446 41.69 -20.88 0.81
CA LEU A 446 41.27 -21.58 -0.39
C LEU A 446 39.77 -21.65 -0.40
N GLN A 447 39.18 -21.26 -1.52
CA GLN A 447 37.74 -21.29 -1.70
C GLN A 447 37.42 -22.32 -2.77
N LEU A 448 36.58 -23.28 -2.44
CA LEU A 448 36.28 -24.37 -3.34
C LEU A 448 35.04 -24.07 -4.17
N THR A 449 34.91 -24.81 -5.27
CA THR A 449 33.76 -24.65 -6.15
C THR A 449 33.32 -26.03 -6.58
N ARG A 450 32.38 -26.08 -7.51
CA ARG A 450 31.83 -27.33 -7.99
C ARG A 450 32.90 -28.17 -8.69
N ASN A 451 33.75 -27.54 -9.47
CA ASN A 451 34.73 -28.23 -10.30
C ASN A 451 36.17 -27.94 -9.87
N SER A 452 36.40 -27.83 -8.56
CA SER A 452 37.75 -27.55 -8.07
C SER A 452 38.70 -28.68 -8.38
N PHE A 453 38.24 -29.93 -8.28
CA PHE A 453 39.06 -31.10 -8.53
C PHE A 453 38.47 -32.01 -9.59
N ALA A 454 37.71 -31.44 -10.53
CA ALA A 454 37.07 -32.25 -11.55
C ALA A 454 38.05 -32.73 -12.60
N LEU A 455 39.22 -32.12 -12.70
CA LEU A 455 40.20 -32.49 -13.71
C LEU A 455 41.24 -33.48 -13.20
N VAL A 456 41.14 -33.93 -11.95
CA VAL A 456 42.12 -34.87 -11.43
C VAL A 456 41.40 -36.06 -10.79
N PRO A 457 40.73 -36.90 -11.59
CA PRO A 457 40.01 -38.03 -11.00
C PRO A 457 40.90 -39.11 -10.42
N SER A 458 42.19 -39.12 -10.72
CA SER A 458 43.10 -40.14 -10.22
C SER A 458 43.67 -39.81 -8.85
N LEU A 459 43.27 -38.68 -8.27
CA LEU A 459 43.83 -38.24 -7.00
C LEU A 459 43.52 -39.23 -5.89
N GLN A 460 44.51 -39.46 -5.03
CA GLN A 460 44.38 -40.36 -3.90
C GLN A 460 44.59 -39.70 -2.55
N ARG A 461 45.42 -38.68 -2.46
CA ARG A 461 45.66 -37.96 -1.20
C ARG A 461 45.43 -36.48 -1.42
N LEU A 462 44.66 -35.85 -0.55
CA LEU A 462 44.38 -34.42 -0.64
C LEU A 462 44.46 -33.83 0.76
N MET A 463 45.43 -32.95 0.98
CA MET A 463 45.65 -32.34 2.29
C MET A 463 45.27 -30.87 2.22
N LEU A 464 44.32 -30.46 3.05
CA LEU A 464 43.77 -29.11 3.06
C LEU A 464 43.66 -28.59 4.48
N ARG A 465 44.72 -28.78 5.26
CA ARG A 465 44.74 -28.37 6.64
C ARG A 465 45.22 -26.92 6.78
N ARG A 466 44.54 -26.16 7.62
CA ARG A 466 44.93 -24.77 7.91
C ARG A 466 44.96 -23.89 6.67
N VAL A 467 43.94 -24.03 5.82
CA VAL A 467 43.80 -23.21 4.63
C VAL A 467 42.58 -22.32 4.70
N ALA A 468 41.85 -22.34 5.81
CA ALA A 468 40.61 -21.58 5.99
C ALA A 468 39.65 -21.89 4.84
N LEU A 469 39.29 -23.16 4.75
CA LEU A 469 38.48 -23.64 3.65
C LEU A 469 37.14 -22.92 3.61
N LYS A 470 36.75 -22.53 2.41
CA LYS A 470 35.49 -21.85 2.17
C LYS A 470 34.68 -22.65 1.15
N ASN A 471 33.36 -22.61 1.31
CA ASN A 471 32.43 -23.22 0.36
C ASN A 471 32.69 -24.71 0.16
N VAL A 472 32.99 -25.41 1.25
CA VAL A 472 33.13 -26.87 1.18
C VAL A 472 31.77 -27.54 1.14
N ASP A 473 30.70 -26.79 1.39
CA ASP A 473 29.33 -27.30 1.44
C ASP A 473 28.57 -26.99 0.16
N SER A 474 29.24 -27.02 -1.00
CA SER A 474 28.54 -26.77 -2.25
C SER A 474 27.57 -27.91 -2.53
N SER A 475 26.47 -27.58 -3.22
CA SER A 475 25.44 -28.58 -3.47
C SER A 475 25.96 -29.77 -4.26
N PRO A 476 26.72 -29.60 -5.35
CA PRO A 476 27.53 -30.71 -5.84
C PRO A 476 28.85 -30.67 -5.10
N SER A 477 29.21 -31.75 -4.43
CA SER A 477 30.37 -31.74 -3.55
C SER A 477 31.64 -31.52 -4.36
N PRO A 478 32.54 -30.64 -3.92
CA PRO A 478 33.82 -30.47 -4.62
C PRO A 478 34.64 -31.74 -4.66
N PHE A 479 34.42 -32.68 -3.75
CA PHE A 479 35.18 -33.91 -3.71
C PHE A 479 34.46 -35.04 -4.45
N GLN A 480 33.34 -34.75 -5.10
CA GLN A 480 32.60 -35.79 -5.80
C GLN A 480 33.39 -36.50 -6.89
N PRO A 481 34.09 -35.81 -7.79
CA PRO A 481 34.81 -36.55 -8.84
C PRO A 481 35.93 -37.43 -8.33
N LEU A 482 36.42 -37.21 -7.12
CA LEU A 482 37.57 -37.96 -6.60
C LEU A 482 37.11 -39.33 -6.14
N ARG A 483 36.94 -40.23 -7.11
CA ARG A 483 36.45 -41.56 -6.80
C ARG A 483 37.52 -42.45 -6.19
N ASN A 484 38.80 -42.17 -6.45
CA ASN A 484 39.90 -42.94 -5.91
C ASN A 484 40.51 -42.31 -4.65
N LEU A 485 39.88 -41.29 -4.09
CA LEU A 485 40.44 -40.60 -2.94
C LEU A 485 40.52 -41.54 -1.74
N THR A 486 41.67 -41.54 -1.08
CA THR A 486 41.95 -42.39 0.07
C THR A 486 42.21 -41.60 1.34
N ILE A 487 42.93 -40.50 1.26
CA ILE A 487 43.27 -39.69 2.43
C ILE A 487 42.77 -38.27 2.19
N LEU A 488 41.99 -37.74 3.12
CA LEU A 488 41.49 -36.38 3.04
C LEU A 488 41.71 -35.70 4.39
N ASP A 489 42.33 -34.52 4.35
CA ASP A 489 42.64 -33.76 5.56
C ASP A 489 41.98 -32.39 5.47
N LEU A 490 41.09 -32.10 6.41
CA LEU A 490 40.36 -30.84 6.46
C LEU A 490 40.43 -30.21 7.83
N SER A 491 41.50 -30.47 8.57
CA SER A 491 41.58 -30.04 9.95
C SER A 491 41.98 -28.58 10.06
N ASN A 492 41.63 -27.98 11.21
CA ASN A 492 42.03 -26.63 11.57
C ASN A 492 41.58 -25.59 10.54
N ASN A 493 40.36 -25.74 10.03
CA ASN A 493 39.81 -24.80 9.07
C ASN A 493 38.62 -24.02 9.60
N ASN A 494 38.17 -24.31 10.81
CA ASN A 494 37.00 -23.67 11.41
C ASN A 494 35.77 -23.83 10.51
N ILE A 495 35.63 -25.01 9.92
CA ILE A 495 34.48 -25.31 9.07
C ILE A 495 33.25 -25.47 9.93
N ALA A 496 32.16 -24.80 9.55
CA ALA A 496 30.94 -24.83 10.34
C ALA A 496 29.80 -25.59 9.68
N ASN A 497 29.72 -25.62 8.35
CA ASN A 497 28.60 -26.23 7.66
C ASN A 497 29.10 -27.26 6.66
N ILE A 498 28.50 -28.45 6.70
CA ILE A 498 28.80 -29.55 5.78
C ILE A 498 27.50 -30.22 5.38
N ASN A 499 27.34 -30.47 4.08
CA ASN A 499 26.18 -31.20 3.59
C ASN A 499 26.38 -32.70 3.74
N ASP A 500 25.26 -33.44 3.79
CA ASP A 500 25.33 -34.87 4.04
C ASP A 500 25.93 -35.64 2.88
N ASP A 501 25.99 -35.06 1.69
CA ASP A 501 26.54 -35.71 0.52
C ASP A 501 27.93 -35.21 0.17
N MET A 502 28.66 -34.66 1.14
CA MET A 502 30.01 -34.16 0.86
C MET A 502 30.94 -35.28 0.45
N LEU A 503 30.81 -36.45 1.06
CA LEU A 503 31.68 -37.59 0.80
C LEU A 503 30.99 -38.72 0.07
N GLU A 504 29.90 -38.43 -0.64
CA GLU A 504 29.17 -39.48 -1.33
C GLU A 504 29.97 -40.04 -2.51
N GLY A 505 29.95 -41.37 -2.64
CA GLY A 505 30.65 -42.04 -3.71
C GLY A 505 32.11 -42.31 -3.47
N LEU A 506 32.63 -41.88 -2.32
CA LEU A 506 34.04 -42.08 -2.01
C LEU A 506 34.20 -43.38 -1.20
N GLU A 507 34.00 -44.48 -1.91
CA GLU A 507 34.04 -45.79 -1.29
C GLU A 507 35.44 -46.19 -0.85
N LYS A 508 36.48 -45.61 -1.44
CA LYS A 508 37.84 -46.00 -1.12
C LYS A 508 38.47 -45.14 -0.03
N LEU A 509 37.76 -44.19 0.53
CA LEU A 509 38.33 -43.31 1.54
C LEU A 509 38.68 -44.11 2.80
N GLU A 510 39.87 -43.88 3.33
CA GLU A 510 40.36 -44.61 4.49
C GLU A 510 40.73 -43.72 5.66
N ILE A 511 41.27 -42.54 5.42
CA ILE A 511 41.67 -41.62 6.47
C ILE A 511 40.92 -40.31 6.28
N LEU A 512 40.24 -39.85 7.32
CA LEU A 512 39.50 -38.61 7.29
C LEU A 512 39.84 -37.80 8.53
N ASP A 513 40.45 -36.63 8.36
CA ASP A 513 40.85 -35.77 9.45
C ASP A 513 39.97 -34.53 9.46
N LEU A 514 39.23 -34.32 10.55
CA LEU A 514 38.32 -33.20 10.69
C LEU A 514 38.48 -32.51 12.04
N GLN A 515 39.63 -32.65 12.69
CA GLN A 515 39.78 -32.08 14.00
C GLN A 515 39.94 -30.56 13.93
N HIS A 516 39.60 -29.90 15.02
CA HIS A 516 39.72 -28.45 15.16
C HIS A 516 38.89 -27.70 14.10
N ASN A 517 37.63 -28.09 14.01
CA ASN A 517 36.65 -27.37 13.22
C ASN A 517 35.48 -27.05 14.13
N ASN A 518 34.38 -26.54 13.59
CA ASN A 518 33.21 -26.21 14.37
C ASN A 518 32.02 -26.92 13.74
N LEU A 519 31.87 -28.21 14.06
CA LEU A 519 30.80 -29.03 13.50
C LEU A 519 29.80 -29.44 14.55
N ALA A 520 29.81 -28.78 15.71
CA ALA A 520 28.97 -29.19 16.83
C ALA A 520 27.49 -29.07 16.50
N ARG A 521 27.09 -27.96 15.86
CA ARG A 521 25.68 -27.73 15.58
C ARG A 521 25.10 -28.78 14.66
N LEU A 522 25.91 -29.34 13.76
CA LEU A 522 25.42 -30.28 12.76
C LEU A 522 24.94 -31.58 13.36
N TRP A 523 25.38 -31.93 14.57
CA TRP A 523 25.02 -33.19 15.20
C TRP A 523 24.03 -33.03 16.34
N LYS A 524 23.47 -31.85 16.52
CA LYS A 524 22.44 -31.63 17.52
C LYS A 524 21.08 -32.01 16.96
N HIS A 525 20.26 -32.66 17.77
CA HIS A 525 18.94 -33.07 17.33
C HIS A 525 18.02 -31.88 17.05
N ALA A 526 18.31 -30.74 17.66
CA ALA A 526 17.54 -29.53 17.44
C ALA A 526 17.99 -28.76 16.21
N ASN A 527 19.04 -29.22 15.52
CA ASN A 527 19.48 -28.56 14.32
C ASN A 527 18.37 -28.68 13.27
N PRO A 528 18.02 -27.58 12.58
CA PRO A 528 16.93 -27.66 11.62
C PRO A 528 17.22 -28.66 10.52
N GLY A 529 16.19 -29.42 10.16
CA GLY A 529 16.36 -30.49 9.21
C GLY A 529 16.97 -31.75 9.78
N GLY A 530 17.26 -31.78 11.07
CA GLY A 530 17.87 -32.93 11.69
C GLY A 530 19.38 -32.93 11.60
N PRO A 531 20.02 -33.89 12.27
CA PRO A 531 21.47 -33.98 12.20
C PRO A 531 21.96 -34.32 10.81
N ILE A 532 23.18 -33.89 10.51
CA ILE A 532 23.80 -34.14 9.21
C ILE A 532 24.59 -35.44 9.31
N TYR A 533 24.26 -36.40 8.45
CA TYR A 533 24.94 -37.70 8.42
C TYR A 533 25.90 -37.71 7.24
N PHE A 534 27.09 -37.16 7.47
CA PHE A 534 28.09 -37.04 6.41
C PHE A 534 29.07 -38.20 6.39
N LEU A 535 28.89 -39.20 7.25
CA LEU A 535 29.78 -40.35 7.31
C LEU A 535 29.17 -41.61 6.69
N LYS A 536 28.03 -41.50 6.02
CA LYS A 536 27.38 -42.67 5.45
C LYS A 536 28.08 -43.16 4.20
N GLY A 537 28.11 -44.47 4.03
CA GLY A 537 28.67 -45.09 2.84
C GLY A 537 30.16 -45.29 2.86
N LEU A 538 30.86 -44.85 3.90
CA LEU A 538 32.32 -44.96 3.96
C LEU A 538 32.68 -46.32 4.55
N SER A 539 32.49 -47.35 3.73
CA SER A 539 32.69 -48.72 4.18
C SER A 539 34.15 -49.02 4.47
N HIS A 540 35.07 -48.43 3.72
CA HIS A 540 36.49 -48.72 3.86
C HIS A 540 37.22 -47.75 4.77
N LEU A 541 36.51 -46.84 5.44
CA LEU A 541 37.17 -45.89 6.33
C LEU A 541 37.81 -46.61 7.49
N HIS A 542 39.04 -46.22 7.81
CA HIS A 542 39.82 -46.84 8.87
C HIS A 542 40.17 -45.89 10.00
N ILE A 543 40.53 -44.64 9.69
CA ILE A 543 40.94 -43.66 10.68
C ILE A 543 40.01 -42.46 10.59
N LEU A 544 39.39 -42.11 11.70
CA LEU A 544 38.52 -40.94 11.77
C LEU A 544 38.96 -40.06 12.92
N ASN A 545 39.17 -38.78 12.66
CA ASN A 545 39.61 -37.83 13.67
C ASN A 545 38.58 -36.71 13.74
N LEU A 546 37.89 -36.61 14.87
CA LEU A 546 36.87 -35.60 15.10
C LEU A 546 37.16 -34.85 16.39
N GLU A 547 38.43 -34.68 16.71
CA GLU A 547 38.83 -34.05 17.95
C GLU A 547 38.60 -32.56 17.93
N SER A 548 38.11 -32.02 19.04
CA SER A 548 37.98 -30.58 19.24
C SER A 548 37.07 -29.93 18.20
N ASN A 549 35.83 -30.40 18.16
CA ASN A 549 34.79 -29.82 17.33
C ASN A 549 33.66 -29.22 18.13
N GLY A 550 33.72 -29.28 19.45
CA GLY A 550 32.67 -28.75 20.29
C GLY A 550 31.45 -29.62 20.40
N PHE A 551 31.53 -30.89 20.00
CA PHE A 551 30.38 -31.78 20.04
C PHE A 551 29.82 -31.91 21.44
N ASP A 552 28.50 -31.79 21.57
CA ASP A 552 27.77 -32.02 22.81
C ASP A 552 27.04 -33.35 22.80
N GLU A 553 26.47 -33.72 21.66
CA GLU A 553 25.77 -34.98 21.51
C GLU A 553 26.11 -35.60 20.16
N ILE A 554 25.99 -36.93 20.12
CA ILE A 554 26.29 -37.71 18.93
C ILE A 554 24.99 -38.38 18.50
N PRO A 555 24.56 -38.22 17.24
CA PRO A 555 23.40 -38.98 16.78
C PRO A 555 23.69 -40.47 16.80
N VAL A 556 22.65 -41.25 17.03
CA VAL A 556 22.85 -42.67 17.29
C VAL A 556 23.38 -43.39 16.06
N GLU A 557 22.99 -42.96 14.87
CA GLU A 557 23.28 -43.68 13.64
C GLU A 557 24.28 -42.95 12.74
N VAL A 558 25.31 -42.31 13.32
CA VAL A 558 26.32 -41.67 12.51
C VAL A 558 27.46 -42.60 12.13
N PHE A 559 27.72 -43.65 12.91
CA PHE A 559 28.81 -44.58 12.67
C PHE A 559 28.34 -45.93 12.16
N LYS A 560 27.09 -46.02 11.69
CA LYS A 560 26.52 -47.33 11.37
C LYS A 560 27.18 -47.98 10.16
N ASP A 561 27.65 -47.21 9.20
CA ASP A 561 28.25 -47.76 7.99
C ASP A 561 29.75 -48.01 8.11
N LEU A 562 30.37 -47.63 9.22
CA LEU A 562 31.81 -47.72 9.38
C LEU A 562 32.18 -49.05 10.05
N PHE A 563 32.09 -50.12 9.26
CA PHE A 563 32.37 -51.45 9.77
C PHE A 563 33.86 -51.72 9.91
N GLU A 564 34.69 -51.16 9.05
CA GLU A 564 36.12 -51.42 9.08
C GLU A 564 36.89 -50.37 9.87
N LEU A 565 36.20 -49.47 10.56
CA LEU A 565 36.85 -48.43 11.32
C LEU A 565 37.72 -49.03 12.42
N LYS A 566 38.94 -48.54 12.53
CA LYS A 566 39.92 -49.03 13.49
C LYS A 566 40.33 -48.00 14.52
N ILE A 567 40.47 -46.74 14.13
CA ILE A 567 40.87 -45.68 15.05
C ILE A 567 39.85 -44.55 14.96
N ILE A 568 39.28 -44.17 16.10
CA ILE A 568 38.39 -43.02 16.17
C ILE A 568 38.86 -42.11 17.29
N ASP A 569 38.97 -40.82 17.00
CA ASP A 569 39.45 -39.84 17.96
C ASP A 569 38.34 -38.82 18.20
N LEU A 570 37.88 -38.73 19.45
CA LEU A 570 36.82 -37.82 19.83
C LEU A 570 37.16 -37.02 21.06
N GLY A 571 38.43 -36.85 21.36
CA GLY A 571 38.82 -36.10 22.53
C GLY A 571 38.67 -34.60 22.35
N LEU A 572 38.77 -33.90 23.46
CA LEU A 572 38.70 -32.44 23.50
C LEU A 572 37.36 -31.90 23.00
N ASN A 573 36.32 -32.70 23.07
CA ASN A 573 34.97 -32.26 22.77
C ASN A 573 34.24 -31.99 24.07
N ASN A 574 32.94 -31.74 23.99
CA ASN A 574 32.10 -31.49 25.15
C ASN A 574 31.09 -32.62 25.36
N LEU A 575 31.49 -33.85 25.07
CA LEU A 575 30.59 -34.98 25.14
C LEU A 575 30.38 -35.43 26.59
N ASN A 576 29.12 -35.57 26.99
CA ASN A 576 28.79 -36.13 28.28
C ASN A 576 27.95 -37.39 28.17
N THR A 577 26.83 -37.34 27.47
CA THR A 577 25.92 -38.46 27.34
C THR A 577 25.93 -38.97 25.91
N LEU A 578 26.10 -40.26 25.76
CA LEU A 578 26.11 -40.87 24.46
C LEU A 578 24.91 -41.79 24.30
N PRO A 579 24.31 -41.83 23.11
CA PRO A 579 23.18 -42.73 22.89
C PRO A 579 23.62 -44.19 22.91
N ALA A 580 22.71 -45.05 23.33
CA ALA A 580 22.99 -46.47 23.37
C ALA A 580 23.14 -47.02 21.95
N SER A 581 23.98 -48.04 21.82
CA SER A 581 24.23 -48.71 20.54
C SER A 581 24.76 -47.76 19.48
N VAL A 582 25.63 -46.84 19.89
CA VAL A 582 26.26 -45.91 18.94
C VAL A 582 27.55 -46.49 18.37
N PHE A 583 28.17 -47.44 19.06
CA PHE A 583 29.36 -48.13 18.57
C PHE A 583 29.07 -49.58 18.24
N ASN A 584 27.82 -49.92 17.92
CA ASN A 584 27.46 -51.31 17.69
C ASN A 584 28.17 -51.91 16.49
N ASN A 585 28.26 -51.16 15.39
CA ASN A 585 28.82 -51.67 14.15
C ASN A 585 30.32 -51.58 14.08
N GLN A 586 30.97 -50.97 15.06
CA GLN A 586 32.43 -50.87 15.08
C GLN A 586 32.99 -52.17 15.64
N VAL A 587 32.96 -53.20 14.79
CA VAL A 587 33.39 -54.54 15.19
C VAL A 587 34.89 -54.74 15.01
N SER A 588 35.59 -53.79 14.39
CA SER A 588 37.03 -53.90 14.21
C SER A 588 37.76 -52.74 14.87
N LEU A 589 37.14 -52.06 15.81
CA LEU A 589 37.75 -50.90 16.43
C LEU A 589 38.93 -51.32 17.29
N LYS A 590 40.05 -50.62 17.14
CA LYS A 590 41.26 -50.95 17.86
C LYS A 590 41.76 -49.82 18.76
N SER A 591 41.30 -48.60 18.56
CA SER A 591 41.78 -47.46 19.33
C SER A 591 40.65 -46.45 19.48
N LEU A 592 40.29 -46.14 20.72
CA LEU A 592 39.24 -45.17 21.02
C LEU A 592 39.82 -44.07 21.88
N ASN A 593 39.62 -42.82 21.46
CA ASN A 593 40.14 -41.66 22.19
C ASN A 593 38.98 -40.76 22.57
N LEU A 594 38.77 -40.57 23.87
CA LEU A 594 37.70 -39.73 24.39
C LEU A 594 38.17 -38.87 25.56
N GLN A 595 39.44 -38.48 25.56
CA GLN A 595 40.01 -37.73 26.66
C GLN A 595 39.48 -36.30 26.67
N LYS A 596 39.54 -35.68 27.86
CA LYS A 596 39.23 -34.27 28.04
C LYS A 596 37.83 -33.92 27.54
N ASN A 597 36.90 -34.82 27.76
CA ASN A 597 35.49 -34.60 27.51
C ASN A 597 34.80 -34.33 28.84
N LEU A 598 33.48 -34.30 28.83
CA LEU A 598 32.68 -34.14 30.03
C LEU A 598 32.01 -35.45 30.46
N ILE A 599 32.58 -36.58 30.07
CA ILE A 599 31.98 -37.87 30.33
C ILE A 599 32.05 -38.19 31.82
N THR A 600 30.92 -38.59 32.39
CA THR A 600 30.82 -38.94 33.80
C THR A 600 30.55 -40.42 34.05
N SER A 601 29.83 -41.09 33.17
CA SER A 601 29.52 -42.50 33.37
C SER A 601 29.90 -43.27 32.12
N VAL A 602 30.49 -44.45 32.31
CA VAL A 602 30.83 -45.36 31.23
C VAL A 602 29.99 -46.60 31.42
N GLU A 603 29.07 -46.85 30.48
CA GLU A 603 28.08 -47.90 30.64
C GLU A 603 28.18 -48.93 29.51
N LYS A 604 27.69 -50.13 29.80
CA LYS A 604 27.81 -51.23 28.87
C LYS A 604 26.98 -51.01 27.62
N LYS A 605 25.80 -50.39 27.75
CA LYS A 605 24.94 -50.22 26.59
C LYS A 605 25.51 -49.27 25.56
N VAL A 606 26.55 -48.52 25.89
CA VAL A 606 27.21 -47.60 24.97
C VAL A 606 28.58 -48.12 24.58
N PHE A 607 29.40 -48.46 25.56
CA PHE A 607 30.79 -48.83 25.31
C PHE A 607 31.02 -50.32 25.26
N GLY A 608 29.98 -51.13 25.34
CA GLY A 608 30.12 -52.57 25.30
C GLY A 608 30.80 -53.06 24.04
N PRO A 609 30.15 -52.87 22.89
CA PRO A 609 30.79 -53.26 21.62
C PRO A 609 32.08 -52.52 21.31
N ALA A 610 32.22 -51.27 21.74
CA ALA A 610 33.45 -50.52 21.48
C ALA A 610 34.63 -51.08 22.27
N PHE A 611 34.39 -51.53 23.50
CA PHE A 611 35.44 -52.05 24.37
C PHE A 611 35.69 -53.54 24.18
N ARG A 612 35.12 -54.15 23.13
CA ARG A 612 35.23 -55.59 22.98
C ARG A 612 36.68 -56.04 22.78
N ASN A 613 37.30 -55.60 21.69
CA ASN A 613 38.68 -56.00 21.39
C ASN A 613 39.43 -54.73 20.99
N LEU A 614 39.97 -54.03 21.99
CA LEU A 614 40.72 -52.82 21.78
C LEU A 614 42.20 -53.09 22.05
N THR A 615 43.03 -52.17 21.58
CA THR A 615 44.43 -52.13 21.91
C THR A 615 44.78 -50.95 22.80
N GLU A 616 44.20 -49.79 22.52
CA GLU A 616 44.43 -48.57 23.27
C GLU A 616 43.11 -47.94 23.67
N LEU A 617 43.05 -47.41 24.88
CA LEU A 617 41.92 -46.64 25.36
C LEU A 617 42.46 -45.33 25.94
N ASP A 618 41.77 -44.24 25.65
CA ASP A 618 42.19 -42.92 26.13
C ASP A 618 40.95 -42.15 26.57
N MET A 619 40.67 -42.15 27.86
CA MET A 619 39.58 -41.37 28.44
C MET A 619 40.03 -40.65 29.69
N ARG A 620 41.24 -40.09 29.66
CA ARG A 620 41.91 -39.67 30.88
C ARG A 620 41.21 -38.55 31.65
N PHE A 621 41.16 -37.34 31.11
CA PHE A 621 40.75 -36.18 31.91
C PHE A 621 39.25 -35.98 31.78
N ASN A 622 38.51 -36.82 32.48
CA ASN A 622 37.06 -36.76 32.49
C ASN A 622 36.54 -36.71 33.91
N PRO A 623 35.43 -36.04 34.14
CA PRO A 623 34.81 -35.99 35.48
C PRO A 623 34.00 -37.25 35.80
N PHE A 624 34.70 -38.34 36.07
CA PHE A 624 34.03 -39.61 36.34
C PHE A 624 33.22 -39.53 37.63
N ASP A 625 31.99 -40.02 37.57
CA ASP A 625 31.12 -40.09 38.73
C ASP A 625 31.26 -41.47 39.33
N CYS A 626 32.00 -41.57 40.42
CA CYS A 626 32.32 -42.88 40.98
C CYS A 626 31.12 -43.37 41.78
N THR A 627 30.21 -44.01 41.07
CA THR A 627 28.98 -44.58 41.61
C THR A 627 28.77 -45.94 40.97
N CYS A 628 27.99 -46.77 41.65
CA CYS A 628 27.76 -48.14 41.21
C CYS A 628 26.96 -48.20 39.90
N GLU A 629 26.32 -47.11 39.50
CA GLU A 629 25.57 -47.10 38.25
C GLU A 629 26.24 -46.27 37.17
N SER A 630 27.47 -45.83 37.41
CA SER A 630 28.17 -44.98 36.45
C SER A 630 29.43 -45.64 35.94
N ILE A 631 30.21 -46.27 36.81
CA ILE A 631 31.49 -46.82 36.37
C ILE A 631 31.71 -48.23 36.89
N ALA A 632 30.69 -48.86 37.45
CA ALA A 632 30.88 -50.20 38.00
C ALA A 632 31.25 -51.21 36.92
N TRP A 633 30.51 -51.22 35.82
CA TRP A 633 30.89 -52.07 34.68
C TRP A 633 32.24 -51.66 34.13
N PHE A 634 32.50 -50.35 34.04
CA PHE A 634 33.77 -49.87 33.52
C PHE A 634 34.94 -50.28 34.42
N VAL A 635 34.79 -50.15 35.73
CA VAL A 635 35.90 -50.52 36.60
C VAL A 635 36.10 -52.02 36.62
N ASN A 636 35.02 -52.79 36.55
CA ASN A 636 35.18 -54.23 36.42
C ASN A 636 35.89 -54.58 35.13
N TRP A 637 35.56 -53.90 34.04
CA TRP A 637 36.25 -54.12 32.77
C TRP A 637 37.72 -53.74 32.85
N ILE A 638 38.03 -52.66 33.55
CA ILE A 638 39.43 -52.27 33.73
C ILE A 638 40.18 -53.33 34.50
N ASN A 639 39.52 -53.94 35.49
CA ASN A 639 40.21 -54.91 36.35
C ASN A 639 40.74 -56.07 35.53
N GLU A 640 39.95 -56.59 34.60
CA GLU A 640 40.41 -57.63 33.70
C GLU A 640 40.24 -57.15 32.26
N THR A 641 41.36 -56.81 31.62
CA THR A 641 41.35 -56.40 30.23
C THR A 641 42.80 -56.41 29.74
N HIS A 642 42.97 -56.56 28.43
CA HIS A 642 44.28 -56.52 27.82
C HIS A 642 44.55 -55.23 27.08
N THR A 643 43.57 -54.34 26.98
CA THR A 643 43.78 -53.07 26.30
C THR A 643 44.72 -52.21 27.10
N ASN A 644 45.59 -51.50 26.40
CA ASN A 644 46.57 -50.63 27.05
C ASN A 644 45.90 -49.32 27.44
N ILE A 645 45.94 -48.99 28.72
CA ILE A 645 45.34 -47.76 29.24
C ILE A 645 46.41 -46.95 29.95
N PRO A 646 47.15 -46.10 29.26
CA PRO A 646 48.22 -45.35 29.91
C PRO A 646 47.69 -44.34 30.93
N GLU A 647 48.50 -44.13 31.97
CA GLU A 647 48.19 -43.17 33.03
C GLU A 647 46.84 -43.48 33.68
N LEU A 648 46.58 -44.76 33.86
CA LEU A 648 45.32 -45.19 34.46
C LEU A 648 45.26 -44.84 35.95
N SER A 649 46.37 -44.97 36.65
CA SER A 649 46.35 -44.79 38.10
C SER A 649 46.47 -43.33 38.53
N SER A 650 46.68 -42.41 37.61
CA SER A 650 46.89 -41.02 37.96
C SER A 650 45.86 -40.08 37.36
N HIS A 651 45.51 -40.24 36.09
CA HIS A 651 44.64 -39.29 35.41
C HIS A 651 43.20 -39.77 35.26
N TYR A 652 42.85 -40.94 35.77
CA TYR A 652 41.46 -41.40 35.81
C TYR A 652 40.97 -41.20 37.23
N LEU A 653 40.48 -40.02 37.53
CA LEU A 653 40.11 -39.64 38.89
C LEU A 653 38.63 -39.35 39.00
N CYS A 654 38.05 -39.74 40.13
CA CYS A 654 36.65 -39.44 40.38
C CYS A 654 36.47 -37.94 40.56
N ASN A 655 35.29 -37.46 40.22
CA ASN A 655 34.90 -36.09 40.45
C ASN A 655 33.77 -35.96 41.45
N THR A 656 32.76 -36.81 41.34
CA THR A 656 31.63 -36.89 42.24
C THR A 656 31.45 -38.35 42.64
N PRO A 657 30.95 -38.62 43.85
CA PRO A 657 30.55 -37.71 44.93
C PRO A 657 31.76 -37.12 45.63
N PRO A 658 31.56 -36.08 46.45
CA PRO A 658 32.71 -35.44 47.11
C PRO A 658 33.49 -36.37 47.99
N HIS A 659 32.89 -37.48 48.41
CA HIS A 659 33.64 -38.50 49.14
C HIS A 659 34.75 -39.07 48.28
N TYR A 660 34.49 -39.26 46.99
CA TYR A 660 35.45 -39.81 46.05
C TYR A 660 36.21 -38.77 45.23
N HIS A 661 36.00 -37.48 45.45
CA HIS A 661 36.63 -36.49 44.60
C HIS A 661 38.14 -36.63 44.65
N GLY A 662 38.74 -36.83 43.48
CA GLY A 662 40.17 -37.00 43.36
C GLY A 662 40.66 -38.43 43.48
N PHE A 663 39.82 -39.35 43.94
CA PHE A 663 40.26 -40.72 44.09
C PHE A 663 40.36 -41.42 42.74
N PRO A 664 41.30 -42.34 42.59
CA PRO A 664 41.43 -43.07 41.33
C PRO A 664 40.18 -43.87 41.02
N VAL A 665 39.83 -43.92 39.74
CA VAL A 665 38.66 -44.71 39.33
C VAL A 665 38.92 -46.18 39.54
N ARG A 666 40.14 -46.65 39.24
CA ARG A 666 40.44 -48.07 39.36
C ARG A 666 40.37 -48.60 40.79
N LEU A 667 40.45 -47.72 41.78
CA LEU A 667 40.37 -48.14 43.18
C LEU A 667 38.95 -48.14 43.71
N PHE A 668 37.97 -47.87 42.85
CA PHE A 668 36.58 -47.95 43.28
C PHE A 668 36.23 -49.39 43.64
N ASP A 669 35.51 -49.55 44.73
CA ASP A 669 35.17 -50.88 45.25
C ASP A 669 33.74 -51.21 44.83
N THR A 670 33.59 -52.31 44.10
CA THR A 670 32.30 -52.75 43.61
C THR A 670 31.74 -53.94 44.35
N SER A 671 32.30 -54.27 45.52
CA SER A 671 31.83 -55.43 46.27
C SER A 671 30.42 -55.22 46.82
N SER A 672 29.98 -53.98 46.99
CA SER A 672 28.67 -53.69 47.55
C SER A 672 27.71 -53.11 46.52
N CYS A 673 27.92 -53.43 45.25
CA CYS A 673 27.04 -52.92 44.20
C CYS A 673 25.72 -53.69 44.17
N THR B 6 -8.44 -7.34 30.23
CA THR B 6 -8.50 -5.90 30.51
C THR B 6 -8.28 -5.63 31.99
N VAL B 7 -7.02 -5.73 32.43
CA VAL B 7 -6.69 -5.52 33.83
C VAL B 7 -6.92 -4.05 34.18
N SER B 8 -7.55 -3.81 35.33
CA SER B 8 -7.87 -2.45 35.73
C SER B 8 -8.13 -2.41 37.22
N HIS B 9 -7.36 -1.59 37.95
CA HIS B 9 -7.61 -1.35 39.37
C HIS B 9 -8.08 0.07 39.64
N GLU B 10 -7.43 1.06 39.02
CA GLU B 10 -7.90 2.43 39.02
C GLU B 10 -7.96 3.02 37.62
N VAL B 11 -7.21 2.48 36.67
CA VAL B 11 -7.25 2.88 35.27
C VAL B 11 -7.53 1.65 34.44
N ALA B 12 -8.43 1.78 33.47
CA ALA B 12 -8.84 0.68 32.61
C ALA B 12 -8.17 0.80 31.27
N ASP B 13 -7.47 -0.25 30.86
CA ASP B 13 -6.78 -0.27 29.57
C ASP B 13 -7.32 -1.42 28.75
N CYS B 14 -7.55 -1.15 27.47
CA CYS B 14 -8.10 -2.14 26.54
C CYS B 14 -7.35 -2.10 25.22
N SER B 15 -6.03 -1.97 25.29
CA SER B 15 -5.21 -1.86 24.11
C SER B 15 -5.07 -3.20 23.40
N HIS B 16 -5.32 -3.20 22.09
CA HIS B 16 -5.16 -4.39 21.26
C HIS B 16 -6.02 -5.55 21.77
N LEU B 17 -7.23 -5.23 22.20
CA LEU B 17 -8.17 -6.22 22.72
C LEU B 17 -9.22 -6.62 21.69
N LYS B 18 -9.07 -6.19 20.44
CA LYS B 18 -10.01 -6.53 19.36
C LYS B 18 -11.42 -6.08 19.68
N LEU B 19 -11.58 -5.07 20.52
CA LEU B 19 -12.90 -4.67 20.98
C LEU B 19 -13.64 -3.93 19.86
N THR B 20 -14.87 -4.36 19.62
CA THR B 20 -15.75 -3.69 18.68
C THR B 20 -16.76 -2.78 19.36
N GLN B 21 -17.19 -3.12 20.58
CA GLN B 21 -18.08 -2.28 21.34
C GLN B 21 -17.49 -2.06 22.73
N VAL B 22 -17.91 -0.99 23.37
CA VAL B 22 -17.38 -0.65 24.70
C VAL B 22 -17.85 -1.70 25.69
N PRO B 23 -16.94 -2.32 26.46
CA PRO B 23 -17.39 -3.28 27.47
C PRO B 23 -18.26 -2.61 28.53
N ASP B 24 -19.26 -3.35 29.01
CA ASP B 24 -20.19 -2.84 30.01
C ASP B 24 -19.94 -3.42 31.39
N ASP B 25 -18.87 -4.19 31.57
CA ASP B 25 -18.53 -4.80 32.86
C ASP B 25 -17.22 -4.19 33.35
N LEU B 26 -17.33 -3.04 33.99
CA LEU B 26 -16.19 -2.33 34.56
C LEU B 26 -16.64 -1.69 35.86
N PRO B 27 -15.71 -1.41 36.77
CA PRO B 27 -16.08 -0.71 38.00
C PRO B 27 -16.69 0.64 37.71
N THR B 28 -17.66 1.03 38.54
CA THR B 28 -18.35 2.29 38.35
C THR B 28 -17.43 3.48 38.58
N ASN B 29 -16.49 3.35 39.52
CA ASN B 29 -15.62 4.46 39.92
C ASN B 29 -14.37 4.56 39.04
N ILE B 30 -14.41 4.01 37.84
CA ILE B 30 -13.27 4.10 36.92
C ILE B 30 -13.19 5.50 36.35
N THR B 31 -12.01 6.12 36.43
CA THR B 31 -11.81 7.48 35.95
C THR B 31 -11.04 7.54 34.63
N VAL B 32 -10.23 6.54 34.30
CA VAL B 32 -9.46 6.51 33.08
C VAL B 32 -9.85 5.27 32.28
N LEU B 33 -10.22 5.47 31.02
CA LEU B 33 -10.62 4.38 30.14
C LEU B 33 -9.79 4.46 28.86
N ASN B 34 -8.86 3.54 28.70
CA ASN B 34 -7.99 3.51 27.53
C ASN B 34 -8.52 2.46 26.58
N LEU B 35 -8.91 2.88 25.38
CA LEU B 35 -9.47 2.01 24.35
C LEU B 35 -8.71 2.18 23.05
N THR B 36 -7.40 2.28 23.13
CA THR B 36 -6.58 2.49 21.94
C THR B 36 -6.33 1.18 21.20
N HIS B 37 -6.20 1.29 19.88
CA HIS B 37 -5.91 0.15 19.01
C HIS B 37 -6.98 -0.93 19.12
N ASN B 38 -8.21 -0.55 18.79
CA ASN B 38 -9.37 -1.44 18.83
C ASN B 38 -10.17 -1.22 17.56
N GLN B 39 -11.38 -1.76 17.53
CA GLN B 39 -12.27 -1.66 16.36
C GLN B 39 -13.58 -0.98 16.72
N LEU B 40 -13.51 0.06 17.54
CA LEU B 40 -14.69 0.80 17.96
C LEU B 40 -15.25 1.57 16.77
N ARG B 41 -16.36 1.09 16.21
CA ARG B 41 -17.01 1.78 15.10
C ARG B 41 -17.64 3.09 15.56
N ARG B 42 -18.35 3.06 16.68
CA ARG B 42 -19.02 4.23 17.23
C ARG B 42 -18.82 4.27 18.73
N LEU B 43 -19.21 5.41 19.32
CA LEU B 43 -19.20 5.59 20.77
C LEU B 43 -20.55 6.12 21.22
N PRO B 44 -21.57 5.25 21.25
CA PRO B 44 -22.90 5.71 21.69
C PRO B 44 -22.87 6.14 23.16
N ALA B 45 -23.69 7.14 23.47
CA ALA B 45 -23.75 7.64 24.84
C ALA B 45 -24.33 6.61 25.80
N ALA B 46 -25.22 5.74 25.31
CA ALA B 46 -25.88 4.76 26.16
C ALA B 46 -24.86 3.80 26.78
N ASN B 47 -23.81 3.44 26.04
CA ASN B 47 -22.79 2.57 26.57
C ASN B 47 -21.95 3.23 27.66
N PHE B 48 -22.02 4.55 27.80
CA PHE B 48 -21.25 5.27 28.81
C PHE B 48 -22.13 5.78 29.95
N THR B 49 -23.38 5.33 30.03
CA THR B 49 -24.24 5.74 31.12
C THR B 49 -23.72 5.22 32.46
N ARG B 50 -23.20 4.00 32.46
CA ARG B 50 -22.65 3.45 33.70
C ARG B 50 -21.46 4.26 34.20
N TYR B 51 -20.59 4.68 33.29
CA TYR B 51 -19.39 5.44 33.65
C TYR B 51 -19.78 6.91 33.74
N SER B 52 -19.95 7.40 34.96
CA SER B 52 -20.30 8.79 35.20
C SER B 52 -19.20 9.53 35.94
N GLN B 53 -17.98 8.98 35.95
CA GLN B 53 -16.88 9.61 36.67
C GLN B 53 -15.58 9.55 35.86
N LEU B 54 -15.66 9.34 34.55
CA LEU B 54 -14.47 9.31 33.73
C LEU B 54 -13.84 10.69 33.63
N THR B 55 -12.51 10.73 33.70
CA THR B 55 -11.74 11.95 33.53
C THR B 55 -11.07 12.01 32.17
N SER B 56 -10.34 10.95 31.80
CA SER B 56 -9.67 10.86 30.52
C SER B 56 -10.17 9.65 29.75
N LEU B 57 -10.58 9.88 28.50
CA LEU B 57 -11.07 8.83 27.61
C LEU B 57 -10.18 8.81 26.37
N ASP B 58 -9.25 7.87 26.32
CA ASP B 58 -8.34 7.72 25.18
C ASP B 58 -8.94 6.66 24.27
N VAL B 59 -9.56 7.11 23.17
CA VAL B 59 -10.22 6.22 22.23
C VAL B 59 -9.53 6.23 20.87
N GLY B 60 -8.32 6.75 20.80
CA GLY B 60 -7.64 6.87 19.53
C GLY B 60 -7.25 5.55 18.92
N PHE B 61 -6.76 5.63 17.68
CA PHE B 61 -6.35 4.46 16.90
C PHE B 61 -7.48 3.44 16.75
N ASN B 62 -8.69 3.93 16.53
CA ASN B 62 -9.85 3.07 16.32
C ASN B 62 -10.53 3.47 15.00
N THR B 63 -11.73 2.97 14.75
CA THR B 63 -12.41 3.23 13.49
C THR B 63 -13.70 4.03 13.73
N ILE B 64 -13.63 5.05 14.57
CA ILE B 64 -14.78 5.92 14.79
C ILE B 64 -14.90 6.90 13.64
N SER B 65 -16.09 6.97 13.04
CA SER B 65 -16.38 7.89 11.95
C SER B 65 -17.05 9.15 12.42
N LYS B 66 -17.85 9.09 13.48
CA LYS B 66 -18.54 10.26 14.00
C LYS B 66 -18.91 9.99 15.45
N LEU B 67 -19.24 11.06 16.17
CA LEU B 67 -19.64 11.01 17.56
C LEU B 67 -20.99 11.70 17.74
N GLU B 68 -21.49 11.68 18.97
CA GLU B 68 -22.73 12.33 19.30
C GLU B 68 -22.49 13.26 20.48
N PRO B 69 -23.16 14.42 20.50
CA PRO B 69 -23.01 15.33 21.64
C PRO B 69 -23.41 14.73 22.97
N GLU B 70 -24.42 13.87 22.97
CA GLU B 70 -24.90 13.28 24.21
C GLU B 70 -23.83 12.48 24.93
N LEU B 71 -22.80 12.04 24.21
CA LEU B 71 -21.70 11.32 24.86
C LEU B 71 -21.03 12.18 25.93
N CYS B 72 -20.93 13.48 25.70
CA CYS B 72 -20.37 14.36 26.72
C CYS B 72 -21.34 14.63 27.86
N GLN B 73 -22.64 14.40 27.63
CA GLN B 73 -23.60 14.52 28.72
C GLN B 73 -23.38 13.44 29.77
N LYS B 74 -23.06 12.22 29.32
CA LYS B 74 -22.83 11.12 30.25
C LYS B 74 -21.48 11.22 30.96
N LEU B 75 -20.62 12.16 30.56
CA LEU B 75 -19.30 12.34 31.16
C LEU B 75 -19.17 13.80 31.56
N PRO B 76 -19.86 14.22 32.63
CA PRO B 76 -19.76 15.62 33.05
C PRO B 76 -18.38 16.01 33.57
N MET B 77 -17.56 15.05 34.00
CA MET B 77 -16.25 15.34 34.56
C MET B 77 -15.11 14.94 33.62
N LEU B 78 -15.41 14.74 32.34
CA LEU B 78 -14.38 14.39 31.37
C LEU B 78 -13.40 15.54 31.22
N LYS B 79 -12.10 15.22 31.23
CA LYS B 79 -11.06 16.22 31.14
C LYS B 79 -10.22 16.08 29.88
N VAL B 80 -9.80 14.85 29.56
CA VAL B 80 -8.95 14.59 28.41
C VAL B 80 -9.72 13.68 27.46
N LEU B 81 -9.85 14.11 26.21
CA LEU B 81 -10.53 13.34 25.18
C LEU B 81 -9.61 13.20 23.99
N ASN B 82 -9.23 11.98 23.66
CA ASN B 82 -8.27 11.72 22.60
C ASN B 82 -8.98 10.99 21.47
N LEU B 83 -8.95 11.57 20.28
CA LEU B 83 -9.55 10.99 19.09
C LEU B 83 -8.52 10.83 18.00
N GLN B 84 -7.34 10.37 18.38
CA GLN B 84 -6.23 10.26 17.46
C GLN B 84 -6.43 9.12 16.46
N HIS B 85 -6.09 9.37 15.20
CA HIS B 85 -6.11 8.36 14.14
C HIS B 85 -7.49 7.73 13.97
N ASN B 86 -8.43 8.57 13.55
CA ASN B 86 -9.79 8.15 13.22
C ASN B 86 -10.19 8.82 11.93
N GLU B 87 -11.48 8.81 11.62
CA GLU B 87 -11.99 9.39 10.38
C GLU B 87 -13.19 10.29 10.66
N LEU B 88 -13.05 11.17 11.65
CA LEU B 88 -14.08 12.17 11.94
C LEU B 88 -13.85 13.40 11.07
N SER B 89 -14.13 13.24 9.78
CA SER B 89 -13.88 14.29 8.80
C SER B 89 -14.80 15.50 8.94
N GLN B 90 -15.89 15.38 9.70
CA GLN B 90 -16.83 16.49 9.87
C GLN B 90 -17.05 16.76 11.34
N LEU B 91 -17.23 18.04 11.65
CA LEU B 91 -17.52 18.49 13.01
C LEU B 91 -18.70 19.46 12.96
N SER B 92 -19.42 19.53 14.07
CA SER B 92 -20.59 20.40 14.20
C SER B 92 -20.44 21.26 15.44
N ASP B 93 -21.19 22.36 15.45
CA ASP B 93 -21.14 23.27 16.59
C ASP B 93 -21.68 22.61 17.86
N LYS B 94 -22.51 21.59 17.72
CA LYS B 94 -23.03 20.87 18.86
C LYS B 94 -22.17 19.69 19.27
N THR B 95 -21.12 19.38 18.50
CA THR B 95 -20.31 18.19 18.78
C THR B 95 -19.62 18.29 20.13
N PHE B 96 -19.06 19.45 20.46
CA PHE B 96 -18.33 19.65 21.70
C PHE B 96 -19.02 20.66 22.61
N ALA B 97 -20.33 20.85 22.46
CA ALA B 97 -21.02 21.85 23.26
C ALA B 97 -21.10 21.44 24.74
N PHE B 98 -21.46 20.19 25.00
CA PHE B 98 -21.65 19.77 26.39
C PHE B 98 -20.33 19.49 27.10
N CYS B 99 -19.24 19.31 26.36
CA CYS B 99 -17.93 19.03 26.95
C CYS B 99 -17.29 20.36 27.37
N THR B 100 -17.81 20.91 28.46
CA THR B 100 -17.38 22.21 28.94
C THR B 100 -16.20 22.13 29.92
N ASN B 101 -15.82 20.95 30.37
CA ASN B 101 -14.72 20.81 31.32
C ASN B 101 -13.50 20.16 30.69
N LEU B 102 -13.46 20.08 29.36
CA LEU B 102 -12.31 19.50 28.68
C LEU B 102 -11.07 20.36 28.86
N THR B 103 -9.94 19.69 29.05
CA THR B 103 -8.64 20.34 29.11
C THR B 103 -7.79 20.03 27.89
N GLU B 104 -7.71 18.77 27.49
CA GLU B 104 -6.96 18.36 26.31
C GLU B 104 -7.91 17.72 25.31
N LEU B 105 -7.85 18.17 24.07
CA LEU B 105 -8.65 17.62 22.97
C LEU B 105 -7.71 17.32 21.81
N HIS B 106 -7.51 16.03 21.53
CA HIS B 106 -6.57 15.58 20.53
C HIS B 106 -7.34 15.06 19.32
N LEU B 107 -7.10 15.65 18.16
CA LEU B 107 -7.79 15.31 16.93
C LEU B 107 -6.82 15.10 15.79
N MET B 108 -5.70 14.43 16.07
CA MET B 108 -4.69 14.20 15.05
C MET B 108 -5.10 13.06 14.13
N SER B 109 -4.78 13.23 12.85
CA SER B 109 -4.97 12.20 11.83
C SER B 109 -6.42 11.74 11.73
N ASN B 110 -7.32 12.71 11.57
CA ASN B 110 -8.74 12.43 11.42
C ASN B 110 -9.28 12.78 10.04
N SER B 111 -8.42 13.23 9.12
CA SER B 111 -8.83 13.59 7.77
C SER B 111 -9.93 14.63 7.77
N ILE B 112 -9.83 15.58 8.68
CA ILE B 112 -10.75 16.71 8.73
C ILE B 112 -10.36 17.69 7.64
N GLN B 113 -11.34 18.11 6.85
CA GLN B 113 -11.05 19.00 5.73
C GLN B 113 -11.21 20.47 6.09
N LYS B 114 -12.24 20.82 6.86
CA LYS B 114 -12.44 22.23 7.18
C LYS B 114 -13.26 22.34 8.47
N ILE B 115 -13.21 23.53 9.05
CA ILE B 115 -13.96 23.88 10.25
C ILE B 115 -15.02 24.91 9.86
N LYS B 116 -16.28 24.59 10.14
CA LYS B 116 -17.36 25.38 9.53
C LYS B 116 -17.67 26.68 10.29
N ASN B 117 -18.20 26.58 11.51
CA ASN B 117 -18.61 27.79 12.21
C ASN B 117 -17.92 27.98 13.55
N ASN B 118 -18.13 27.09 14.51
CA ASN B 118 -17.69 27.31 15.87
C ASN B 118 -17.72 26.01 16.68
N PRO B 119 -16.83 25.06 16.41
CA PRO B 119 -16.86 23.78 17.14
C PRO B 119 -16.27 23.83 18.53
N PHE B 120 -15.60 24.93 18.91
CA PHE B 120 -14.89 24.99 20.18
C PHE B 120 -15.29 26.19 21.02
N VAL B 121 -16.37 26.89 20.65
CA VAL B 121 -16.73 28.10 21.38
C VAL B 121 -17.17 27.75 22.80
N LYS B 122 -17.95 26.68 22.96
CA LYS B 122 -18.59 26.44 24.25
C LYS B 122 -17.56 26.15 25.34
N GLN B 123 -16.56 25.33 25.06
CA GLN B 123 -15.58 25.02 26.09
C GLN B 123 -14.70 26.22 26.39
N LYS B 124 -14.43 26.44 27.68
CA LYS B 124 -13.66 27.58 28.14
C LYS B 124 -12.42 27.21 28.92
N ASN B 125 -12.35 26.00 29.46
CA ASN B 125 -11.21 25.56 30.25
C ASN B 125 -10.21 24.79 29.42
N LEU B 126 -10.40 24.72 28.10
CA LEU B 126 -9.49 23.98 27.24
C LEU B 126 -8.09 24.58 27.30
N ILE B 127 -7.10 23.73 27.46
CA ILE B 127 -5.71 24.15 27.57
C ILE B 127 -4.95 23.90 26.28
N THR B 128 -5.10 22.72 25.70
CA THR B 128 -4.42 22.36 24.47
C THR B 128 -5.39 21.79 23.45
N LEU B 129 -5.25 22.24 22.20
CA LEU B 129 -6.04 21.73 21.08
C LEU B 129 -5.08 21.26 20.01
N ASP B 130 -5.21 20.00 19.61
CA ASP B 130 -4.31 19.40 18.63
C ASP B 130 -5.09 19.05 17.38
N LEU B 131 -4.64 19.54 16.23
CA LEU B 131 -5.30 19.29 14.95
C LEU B 131 -4.27 18.94 13.88
N SER B 132 -3.26 18.18 14.25
CA SER B 132 -2.20 17.84 13.32
C SER B 132 -2.65 16.73 12.37
N HIS B 133 -1.94 16.61 11.25
CA HIS B 133 -2.17 15.55 10.27
C HIS B 133 -3.61 15.51 9.80
N ASN B 134 -4.17 16.68 9.54
CA ASN B 134 -5.48 16.83 8.94
C ASN B 134 -5.32 17.47 7.57
N GLY B 135 -6.45 17.71 6.92
CA GLY B 135 -6.42 18.32 5.61
C GLY B 135 -6.70 19.81 5.62
N LEU B 136 -6.57 20.43 6.79
CA LEU B 136 -6.91 21.84 6.93
C LEU B 136 -6.00 22.71 6.06
N SER B 137 -6.62 23.66 5.37
CA SER B 137 -5.91 24.61 4.52
C SER B 137 -5.90 26.01 5.11
N SER B 138 -6.39 26.17 6.34
CA SER B 138 -6.45 27.48 6.96
C SER B 138 -6.43 27.31 8.47
N THR B 139 -6.10 28.40 9.15
CA THR B 139 -6.08 28.43 10.61
C THR B 139 -7.41 28.87 11.19
N LYS B 140 -8.44 29.04 10.37
CA LYS B 140 -9.77 29.44 10.81
C LYS B 140 -10.38 28.37 11.70
N LEU B 141 -10.58 28.68 12.98
CA LEU B 141 -11.23 27.77 13.90
C LEU B 141 -12.51 28.35 14.49
N GLY B 142 -12.88 29.57 14.12
CA GLY B 142 -14.07 30.18 14.67
C GLY B 142 -14.27 31.56 14.10
N THR B 143 -15.38 32.18 14.52
CA THR B 143 -15.75 33.52 14.08
C THR B 143 -15.60 34.55 15.18
N GLN B 144 -16.17 34.29 16.36
CA GLN B 144 -16.04 35.19 17.48
C GLN B 144 -14.76 34.87 18.24
N VAL B 145 -14.61 35.43 19.44
CA VAL B 145 -13.43 35.21 20.26
C VAL B 145 -13.76 34.16 21.31
N GLN B 146 -13.02 33.06 21.30
CA GLN B 146 -13.19 32.00 22.27
C GLN B 146 -11.81 31.45 22.61
N LEU B 147 -11.79 30.31 23.31
CA LEU B 147 -10.54 29.65 23.72
C LEU B 147 -9.66 30.61 24.51
N GLU B 148 -10.24 31.18 25.56
CA GLU B 148 -9.55 32.18 26.37
C GLU B 148 -8.33 31.61 27.06
N ASN B 149 -8.44 30.40 27.60
CA ASN B 149 -7.38 29.78 28.38
C ASN B 149 -6.50 28.86 27.55
N LEU B 150 -6.70 28.80 26.23
CA LEU B 150 -5.89 27.94 25.39
C LEU B 150 -4.43 28.36 25.47
N GLN B 151 -3.55 27.38 25.63
CA GLN B 151 -2.11 27.63 25.72
C GLN B 151 -1.32 26.95 24.61
N GLU B 152 -1.78 25.82 24.08
CA GLU B 152 -1.06 25.12 23.03
C GLU B 152 -2.00 24.90 21.86
N LEU B 153 -1.56 25.24 20.66
CA LEU B 153 -2.32 25.02 19.45
C LEU B 153 -1.43 24.31 18.44
N LEU B 154 -1.72 23.04 18.17
CA LEU B 154 -0.93 22.23 17.26
C LEU B 154 -1.64 22.15 15.92
N LEU B 155 -0.97 22.61 14.87
CA LEU B 155 -1.53 22.59 13.52
C LEU B 155 -0.51 22.09 12.53
N SER B 156 0.25 21.07 12.90
CA SER B 156 1.30 20.56 12.06
C SER B 156 0.76 19.62 10.98
N ASN B 157 1.52 19.49 9.90
CA ASN B 157 1.23 18.54 8.82
C ASN B 157 -0.18 18.74 8.26
N ASN B 158 -0.52 19.98 8.00
CA ASN B 158 -1.77 20.35 7.34
C ASN B 158 -1.44 20.93 5.97
N LYS B 159 -2.46 21.48 5.32
CA LYS B 159 -2.29 22.09 4.00
C LYS B 159 -2.33 23.61 4.07
N ILE B 160 -1.93 24.18 5.20
CA ILE B 160 -1.95 25.64 5.35
C ILE B 160 -0.81 26.25 4.54
N GLN B 161 -1.14 27.27 3.76
CA GLN B 161 -0.17 27.90 2.88
C GLN B 161 0.11 29.37 3.22
N ALA B 162 -0.69 30.01 4.04
CA ALA B 162 -0.46 31.40 4.40
C ALA B 162 -1.05 31.65 5.76
N LEU B 163 -0.57 32.70 6.41
CA LEU B 163 -1.07 33.13 7.71
C LEU B 163 -1.67 34.51 7.57
N LYS B 164 -2.91 34.66 8.04
CA LYS B 164 -3.64 35.92 7.94
C LYS B 164 -4.04 36.37 9.34
N SER B 165 -4.07 37.69 9.52
CA SER B 165 -4.41 38.26 10.82
C SER B 165 -5.84 37.90 11.23
N GLU B 166 -6.78 37.98 10.30
CA GLU B 166 -8.17 37.72 10.64
C GLU B 166 -8.39 36.27 11.07
N GLU B 167 -7.71 35.33 10.41
CA GLU B 167 -7.89 33.92 10.74
C GLU B 167 -7.49 33.62 12.18
N LEU B 168 -6.54 34.37 12.74
CA LEU B 168 -6.11 34.21 14.11
C LEU B 168 -6.81 35.14 15.09
N ASP B 169 -7.76 35.95 14.61
CA ASP B 169 -8.40 36.94 15.47
C ASP B 169 -9.15 36.34 16.65
N ILE B 170 -9.51 35.06 16.58
CA ILE B 170 -10.21 34.44 17.70
C ILE B 170 -9.33 34.25 18.92
N PHE B 171 -8.01 34.41 18.78
CA PHE B 171 -7.09 34.25 19.90
C PHE B 171 -6.62 35.58 20.47
N ALA B 172 -7.48 36.60 20.45
CA ALA B 172 -7.10 37.92 20.93
C ALA B 172 -6.84 37.92 22.44
N ASN B 173 -7.61 37.14 23.20
CA ASN B 173 -7.43 37.04 24.64
C ASN B 173 -6.65 35.81 25.05
N SER B 174 -6.06 35.10 24.09
CA SER B 174 -5.34 33.86 24.36
C SER B 174 -3.84 34.12 24.42
N SER B 175 -3.18 33.51 25.39
CA SER B 175 -1.73 33.59 25.55
C SER B 175 -1.14 32.27 25.06
N LEU B 176 -0.85 32.19 23.78
CA LEU B 176 -0.37 30.95 23.17
C LEU B 176 1.04 30.67 23.62
N LYS B 177 1.21 29.64 24.44
CA LYS B 177 2.52 29.20 24.86
C LYS B 177 3.20 28.32 23.82
N LYS B 178 2.45 27.78 22.86
CA LYS B 178 3.00 26.93 21.82
C LYS B 178 2.11 27.01 20.60
N LEU B 179 2.66 27.44 19.48
CA LEU B 179 1.93 27.48 18.21
C LEU B 179 2.71 26.63 17.22
N GLU B 180 2.28 25.39 17.04
CA GLU B 180 2.97 24.46 16.14
C GLU B 180 2.39 24.59 14.74
N LEU B 181 3.20 25.08 13.82
CA LEU B 181 2.82 25.16 12.41
C LEU B 181 3.83 24.43 11.54
N SER B 182 4.46 23.40 12.10
CA SER B 182 5.50 22.70 11.38
C SER B 182 4.90 21.90 10.22
N SER B 183 5.72 21.67 9.20
CA SER B 183 5.35 20.85 8.05
C SER B 183 4.10 21.38 7.33
N ASN B 184 3.91 22.70 7.32
CA ASN B 184 2.90 23.34 6.51
C ASN B 184 3.61 24.29 5.57
N GLN B 185 3.35 24.16 4.28
CA GLN B 185 4.07 24.97 3.31
C GLN B 185 3.58 26.41 3.32
N ILE B 186 3.92 27.14 4.36
CA ILE B 186 3.55 28.56 4.49
C ILE B 186 4.47 29.36 3.59
N LYS B 187 3.87 30.20 2.73
CA LYS B 187 4.62 31.00 1.79
C LYS B 187 4.37 32.49 1.91
N GLU B 188 3.57 32.92 2.87
CA GLU B 188 3.28 34.34 3.02
C GLU B 188 2.83 34.60 4.45
N PHE B 189 3.42 35.60 5.07
CA PHE B 189 3.05 36.05 6.42
C PHE B 189 2.47 37.45 6.26
N SER B 190 1.14 37.56 6.26
CA SER B 190 0.49 38.83 6.10
C SER B 190 0.76 39.73 7.31
N PRO B 191 0.82 41.04 7.13
CA PRO B 191 1.12 41.93 8.24
C PRO B 191 0.11 41.82 9.36
N GLY B 192 0.60 41.87 10.60
CA GLY B 192 -0.24 41.78 11.76
C GLY B 192 -0.76 40.40 12.07
N CYS B 193 -0.26 39.37 11.39
CA CYS B 193 -0.80 38.03 11.60
C CYS B 193 -0.52 37.52 13.01
N PHE B 194 0.70 37.74 13.53
CA PHE B 194 1.01 37.30 14.88
C PHE B 194 0.56 38.28 15.94
N HIS B 195 0.19 39.50 15.58
CA HIS B 195 -0.35 40.44 16.55
C HIS B 195 -1.82 40.17 16.84
N ALA B 196 -2.47 39.31 16.08
CA ALA B 196 -3.84 38.91 16.39
C ALA B 196 -3.88 38.16 17.71
N ILE B 197 -2.91 37.28 17.94
CA ILE B 197 -2.83 36.57 19.22
C ILE B 197 -2.47 37.57 20.31
N GLY B 198 -3.15 37.45 21.47
CA GLY B 198 -2.86 38.38 22.55
C GLY B 198 -1.43 38.29 23.04
N ARG B 199 -0.95 37.08 23.29
CA ARG B 199 0.44 36.86 23.68
C ARG B 199 0.91 35.56 23.07
N LEU B 200 1.94 35.62 22.24
CA LEU B 200 2.55 34.44 21.63
C LEU B 200 3.93 34.25 22.25
N PHE B 201 4.14 33.12 22.90
CA PHE B 201 5.40 32.84 23.59
C PHE B 201 6.31 31.87 22.84
N GLY B 202 5.75 30.96 22.05
CA GLY B 202 6.55 30.00 21.33
C GLY B 202 5.99 29.69 19.95
N LEU B 203 6.86 29.72 18.94
CA LEU B 203 6.46 29.45 17.57
C LEU B 203 7.36 28.37 16.99
N PHE B 204 6.75 27.37 16.36
CA PHE B 204 7.48 26.26 15.76
C PHE B 204 7.18 26.21 14.28
N LEU B 205 8.22 26.23 13.47
CA LEU B 205 8.09 26.19 12.02
C LEU B 205 9.09 25.21 11.44
N ASN B 206 9.22 24.06 12.07
CA ASN B 206 10.13 23.03 11.59
C ASN B 206 9.60 22.43 10.30
N ASN B 207 10.53 22.02 9.43
CA ASN B 207 10.19 21.37 8.16
C ASN B 207 9.28 22.24 7.31
N VAL B 208 9.46 23.55 7.38
CA VAL B 208 8.72 24.50 6.59
C VAL B 208 9.74 25.22 5.73
N GLN B 209 9.66 25.05 4.43
CA GLN B 209 10.66 25.63 3.53
C GLN B 209 10.46 27.14 3.47
N LEU B 210 11.24 27.89 4.24
CA LEU B 210 11.14 29.34 4.25
C LEU B 210 12.24 29.99 3.43
N GLY B 211 13.50 29.75 3.79
CA GLY B 211 14.60 30.42 3.14
C GLY B 211 14.92 31.74 3.81
N PRO B 212 16.08 32.31 3.48
CA PRO B 212 16.49 33.56 4.15
C PRO B 212 15.52 34.72 3.95
N SER B 213 14.94 34.87 2.76
CA SER B 213 14.06 36.01 2.51
C SER B 213 12.75 35.89 3.29
N LEU B 214 12.13 34.72 3.22
CA LEU B 214 10.91 34.51 3.98
C LEU B 214 11.19 34.50 5.49
N THR B 215 12.41 34.11 5.89
CA THR B 215 12.79 34.22 7.28
C THR B 215 12.86 35.68 7.73
N GLU B 216 13.40 36.55 6.88
CA GLU B 216 13.40 37.97 7.19
C GLU B 216 11.98 38.50 7.30
N LYS B 217 11.10 38.09 6.38
CA LYS B 217 9.70 38.52 6.47
C LYS B 217 9.05 38.05 7.76
N LEU B 218 9.30 36.80 8.15
CA LEU B 218 8.75 36.28 9.39
C LEU B 218 9.27 37.02 10.62
N CYS B 219 10.58 37.29 10.66
CA CYS B 219 11.16 37.99 11.79
C CYS B 219 10.62 39.41 11.90
N LEU B 220 10.46 40.09 10.76
CA LEU B 220 9.80 41.39 10.79
C LEU B 220 8.36 41.27 11.27
N GLU B 221 7.71 40.14 10.95
CA GLU B 221 6.35 39.93 11.40
C GLU B 221 6.28 39.58 12.88
N LEU B 222 7.36 39.02 13.45
CA LEU B 222 7.38 38.64 14.86
C LEU B 222 7.80 39.77 15.79
N ALA B 223 8.17 40.94 15.26
CA ALA B 223 8.65 42.02 16.09
C ALA B 223 7.52 42.58 16.96
N ASN B 224 7.90 43.08 18.13
CA ASN B 224 6.96 43.67 19.09
C ASN B 224 5.91 42.67 19.53
N THR B 225 6.29 41.40 19.65
CA THR B 225 5.47 40.36 20.23
C THR B 225 6.19 39.83 21.45
N SER B 226 5.54 38.91 22.16
CA SER B 226 6.09 38.33 23.39
C SER B 226 6.79 37.01 23.13
N ILE B 227 7.35 36.83 21.93
CA ILE B 227 7.93 35.55 21.56
C ILE B 227 9.20 35.30 22.37
N ARG B 228 9.35 34.07 22.83
CA ARG B 228 10.52 33.68 23.60
C ARG B 228 11.24 32.48 23.03
N ASN B 229 10.51 31.56 22.40
CA ASN B 229 11.08 30.38 21.78
C ASN B 229 10.72 30.37 20.30
N LEU B 230 11.72 30.14 19.46
CA LEU B 230 11.53 30.13 18.01
C LEU B 230 12.30 28.95 17.42
N SER B 231 11.59 28.03 16.79
CA SER B 231 12.20 26.85 16.21
C SER B 231 12.06 26.89 14.69
N LEU B 232 13.19 26.83 13.99
CA LEU B 232 13.22 26.86 12.54
C LEU B 232 14.05 25.71 12.02
N SER B 233 13.92 24.54 12.63
CA SER B 233 14.71 23.39 12.23
C SER B 233 14.27 22.88 10.87
N ASN B 234 15.24 22.52 10.04
CA ASN B 234 14.95 21.98 8.71
C ASN B 234 14.06 22.92 7.90
N SER B 235 14.36 24.21 7.98
CA SER B 235 13.60 25.25 7.32
C SER B 235 14.23 25.67 5.99
N GLN B 236 15.21 24.91 5.50
CA GLN B 236 15.91 25.22 4.26
C GLN B 236 16.59 26.58 4.32
N LEU B 237 17.13 26.93 5.50
CA LEU B 237 17.85 28.17 5.71
C LEU B 237 19.31 27.95 5.35
N SER B 238 19.65 28.20 4.09
CA SER B 238 21.00 27.89 3.63
C SER B 238 22.03 28.88 4.18
N THR B 239 21.72 30.16 4.22
CA THR B 239 22.66 31.19 4.64
C THR B 239 21.96 32.16 5.59
N THR B 240 22.76 32.86 6.38
CA THR B 240 22.28 33.92 7.26
C THR B 240 23.12 35.15 7.05
N SER B 241 22.51 36.32 7.26
CA SER B 241 23.15 37.62 7.15
C SER B 241 22.82 38.43 8.38
N ASN B 242 23.39 39.64 8.45
CA ASN B 242 23.11 40.51 9.57
C ASN B 242 21.73 41.17 9.49
N THR B 243 21.02 40.99 8.38
CA THR B 243 19.65 41.46 8.28
C THR B 243 18.62 40.34 8.37
N THR B 244 19.06 39.09 8.57
CA THR B 244 18.11 37.98 8.58
C THR B 244 17.17 38.05 9.79
N PHE B 245 17.71 38.34 10.96
CA PHE B 245 16.92 38.39 12.19
C PHE B 245 16.78 39.81 12.70
N LEU B 246 16.65 40.76 11.78
CA LEU B 246 16.55 42.16 12.16
C LEU B 246 15.29 42.41 12.98
N GLY B 247 14.17 41.81 12.57
CA GLY B 247 12.93 42.01 13.29
C GLY B 247 13.00 41.55 14.73
N LEU B 248 13.74 40.47 14.98
CA LEU B 248 13.91 39.95 16.33
C LEU B 248 14.64 40.93 17.25
N LYS B 249 15.13 42.06 16.72
CA LYS B 249 15.65 43.10 17.59
C LYS B 249 14.58 43.67 18.49
N TRP B 250 13.30 43.57 18.07
CA TRP B 250 12.19 44.13 18.83
C TRP B 250 11.47 43.07 19.65
N THR B 251 12.21 42.11 20.20
CA THR B 251 11.63 41.13 21.09
C THR B 251 12.66 40.71 22.13
N ASN B 252 12.27 39.79 23.00
CA ASN B 252 13.14 39.30 24.05
C ASN B 252 13.37 37.81 23.89
N LEU B 253 13.69 37.39 22.66
CA LEU B 253 13.85 35.97 22.36
C LEU B 253 14.92 35.34 23.24
N THR B 254 14.59 34.19 23.83
CA THR B 254 15.49 33.47 24.71
C THR B 254 16.03 32.20 24.11
N MET B 255 15.26 31.50 23.29
CA MET B 255 15.68 30.27 22.63
C MET B 255 15.51 30.40 21.13
N LEU B 256 16.49 29.90 20.37
CA LEU B 256 16.42 29.85 18.92
C LEU B 256 16.95 28.52 18.44
N ASP B 257 16.25 27.86 17.53
CA ASP B 257 16.64 26.58 16.98
C ASP B 257 16.86 26.70 15.48
N LEU B 258 18.05 26.37 15.03
CA LEU B 258 18.43 26.48 13.62
C LEU B 258 19.11 25.22 13.13
N SER B 259 18.74 24.07 13.67
CA SER B 259 19.36 22.81 13.32
C SER B 259 18.81 22.28 11.99
N TYR B 260 19.59 21.42 11.35
CA TYR B 260 19.18 20.69 10.14
C TYR B 260 18.83 21.61 8.99
N ASN B 261 19.38 22.81 8.95
CA ASN B 261 19.09 23.78 7.90
C ASN B 261 20.11 23.77 6.77
N ASN B 262 21.10 22.88 6.83
CA ASN B 262 22.19 22.84 5.84
C ASN B 262 22.86 24.20 5.74
N LEU B 263 22.97 24.88 6.88
CA LEU B 263 23.54 26.22 6.91
C LEU B 263 25.02 26.16 6.58
N ASN B 264 25.47 27.04 5.69
CA ASN B 264 26.83 27.06 5.20
C ASN B 264 27.63 28.25 5.69
N VAL B 265 27.13 29.45 5.50
CA VAL B 265 27.85 30.67 5.86
C VAL B 265 27.00 31.49 6.82
N VAL B 266 27.61 31.90 7.93
CA VAL B 266 27.00 32.80 8.88
C VAL B 266 27.75 34.12 8.78
N GLY B 267 27.06 35.18 8.41
CA GLY B 267 27.69 36.47 8.30
C GLY B 267 28.01 37.07 9.64
N ASN B 268 28.85 38.10 9.62
CA ASN B 268 29.19 38.78 10.85
C ASN B 268 27.95 39.49 11.39
N ASP B 269 27.79 39.46 12.70
CA ASP B 269 26.67 40.09 13.38
C ASP B 269 25.32 39.57 12.89
N SER B 270 25.27 38.29 12.53
CA SER B 270 24.00 37.68 12.14
C SER B 270 23.08 37.56 13.33
N PHE B 271 23.65 37.45 14.53
CA PHE B 271 22.87 37.29 15.75
C PHE B 271 23.11 38.42 16.73
N ALA B 272 23.57 39.56 16.25
CA ALA B 272 23.70 40.73 17.10
C ALA B 272 22.35 41.30 17.51
N TRP B 273 21.27 40.85 16.89
CA TRP B 273 19.93 41.28 17.23
C TRP B 273 19.33 40.47 18.36
N LEU B 274 20.11 39.60 18.99
CA LEU B 274 19.63 38.72 20.04
C LEU B 274 20.47 38.88 21.30
N PRO B 275 20.29 40.00 22.03
CA PRO B 275 21.05 40.17 23.27
C PRO B 275 20.53 39.36 24.43
N GLN B 276 19.29 38.87 24.39
CA GLN B 276 18.74 38.09 25.49
C GLN B 276 18.74 36.59 25.20
N LEU B 277 19.30 36.16 24.07
CA LEU B 277 19.31 34.75 23.73
C LEU B 277 20.12 33.97 24.74
N GLU B 278 19.58 32.87 25.23
CA GLU B 278 20.23 32.02 26.20
C GLU B 278 20.48 30.60 25.72
N TYR B 279 19.63 30.06 24.85
CA TYR B 279 19.79 28.72 24.31
C TYR B 279 19.84 28.82 22.80
N PHE B 280 20.90 28.29 22.21
CA PHE B 280 21.10 28.36 20.77
C PHE B 280 21.43 26.96 20.28
N PHE B 281 20.69 26.51 19.27
CA PHE B 281 20.86 25.18 18.70
C PHE B 281 21.27 25.30 17.24
N LEU B 282 22.43 24.75 16.91
CA LEU B 282 22.97 24.81 15.56
C LEU B 282 23.46 23.45 15.07
N GLU B 283 22.97 22.36 15.65
CA GLU B 283 23.50 21.06 15.32
C GLU B 283 23.06 20.63 13.91
N TYR B 284 23.86 19.77 13.30
CA TYR B 284 23.58 19.17 11.99
C TYR B 284 23.40 20.25 10.92
N ASN B 285 24.47 20.99 10.69
CA ASN B 285 24.53 21.97 9.61
C ASN B 285 25.75 21.67 8.74
N ASN B 286 26.11 22.59 7.86
CA ASN B 286 27.22 22.40 6.94
C ASN B 286 28.09 23.65 6.90
N ILE B 287 28.43 24.20 8.06
CA ILE B 287 29.17 25.46 8.12
C ILE B 287 30.60 25.24 7.66
N GLN B 288 31.03 26.05 6.70
CA GLN B 288 32.37 25.93 6.13
C GLN B 288 33.41 26.66 6.97
N HIS B 289 33.15 27.91 7.29
CA HIS B 289 34.11 28.74 7.99
C HIS B 289 33.35 29.56 9.03
N LEU B 290 33.92 29.68 10.21
CA LEU B 290 33.32 30.44 11.30
C LEU B 290 34.20 31.67 11.51
N PHE B 291 33.60 32.84 11.41
CA PHE B 291 34.36 34.09 11.46
C PHE B 291 34.47 34.61 12.88
N SER B 292 35.32 35.63 13.06
CA SER B 292 35.53 36.19 14.38
C SER B 292 34.27 36.85 14.92
N HIS B 293 33.53 37.57 14.08
CA HIS B 293 32.34 38.27 14.51
C HIS B 293 31.07 37.52 14.16
N SER B 294 31.18 36.26 13.77
CA SER B 294 30.00 35.47 13.41
C SER B 294 29.07 35.31 14.61
N LEU B 295 29.61 35.12 15.80
CA LEU B 295 28.82 34.97 17.01
C LEU B 295 28.78 36.24 17.84
N HIS B 296 29.06 37.38 17.24
CA HIS B 296 29.08 38.66 17.95
C HIS B 296 27.68 39.02 18.43
N GLY B 297 27.61 39.58 19.63
CA GLY B 297 26.35 40.01 20.20
C GLY B 297 25.57 38.96 20.96
N LEU B 298 26.14 37.79 21.20
CA LEU B 298 25.48 36.69 21.89
C LEU B 298 25.95 36.54 23.33
N PHE B 299 26.16 37.64 24.03
CA PHE B 299 26.79 37.62 25.34
C PHE B 299 25.93 37.01 26.45
N ASN B 300 24.64 36.82 26.24
CA ASN B 300 23.79 36.19 27.25
C ASN B 300 23.60 34.70 27.03
N VAL B 301 24.23 34.11 26.02
CA VAL B 301 24.03 32.70 25.72
C VAL B 301 24.71 31.85 26.78
N ARG B 302 23.96 30.90 27.34
CA ARG B 302 24.50 29.98 28.31
C ARG B 302 24.67 28.56 27.78
N TYR B 303 23.85 28.17 26.82
CA TYR B 303 23.90 26.84 26.23
C TYR B 303 24.02 26.99 24.72
N LEU B 304 25.04 26.36 24.13
CA LEU B 304 25.26 26.36 22.69
C LEU B 304 25.54 24.95 22.22
N ASN B 305 24.82 24.50 21.21
CA ASN B 305 24.98 23.16 20.66
C ASN B 305 25.54 23.27 19.25
N LEU B 306 26.69 22.66 19.04
CA LEU B 306 27.38 22.68 17.76
C LEU B 306 27.73 21.28 17.29
N LYS B 307 26.92 20.30 17.69
CA LYS B 307 27.17 18.92 17.31
C LYS B 307 26.91 18.71 15.82
N ARG B 308 27.90 18.20 15.10
CA ARG B 308 27.78 17.94 13.67
C ARG B 308 27.45 19.19 12.88
N SER B 309 27.89 20.34 13.38
CA SER B 309 27.49 21.64 12.84
C SER B 309 28.38 22.15 11.71
N PHE B 310 29.48 21.49 11.40
CA PHE B 310 30.42 21.98 10.41
C PHE B 310 30.53 21.00 9.25
N THR B 311 31.22 21.45 8.21
CA THR B 311 31.37 20.65 6.99
C THR B 311 32.19 19.41 7.29
N LYS B 312 31.76 18.28 6.76
CA LYS B 312 32.46 17.03 6.97
C LYS B 312 33.69 16.92 6.08
N GLN B 313 34.49 15.92 6.35
CA GLN B 313 35.69 15.66 5.58
C GLN B 313 35.32 15.34 4.13
N SER B 314 35.98 15.98 3.19
CA SER B 314 35.75 15.77 1.78
C SER B 314 37.05 15.34 1.10
N ILE B 315 36.98 14.25 0.34
CA ILE B 315 38.17 13.73 -0.34
C ILE B 315 38.44 14.49 -1.64
N SER B 316 37.48 15.25 -2.14
CA SER B 316 37.66 15.95 -3.40
C SER B 316 38.62 17.13 -3.25
N LEU B 317 38.47 17.90 -2.18
CA LEU B 317 39.25 19.11 -1.98
C LEU B 317 39.93 19.21 -0.63
N ALA B 318 39.63 18.31 0.32
CA ALA B 318 40.20 18.35 1.66
C ALA B 318 39.94 19.71 2.31
N SER B 319 38.72 20.22 2.16
CA SER B 319 38.33 21.51 2.71
C SER B 319 37.75 21.30 4.10
N LEU B 320 38.64 21.15 5.06
CA LEU B 320 38.22 21.01 6.44
C LEU B 320 37.60 22.31 6.94
N PRO B 321 36.62 22.23 7.83
CA PRO B 321 36.03 23.45 8.40
C PRO B 321 37.07 24.24 9.17
N LYS B 322 36.97 25.56 9.09
CA LYS B 322 37.94 26.45 9.73
C LYS B 322 37.23 27.30 10.77
N ILE B 323 37.81 27.36 11.97
CA ILE B 323 37.32 28.18 13.06
C ILE B 323 38.36 29.26 13.29
N ASP B 324 37.97 30.52 13.11
CA ASP B 324 38.92 31.59 13.34
C ASP B 324 39.20 31.74 14.83
N ASP B 325 40.35 32.29 15.15
CA ASP B 325 40.67 32.55 16.55
C ASP B 325 39.78 33.64 17.10
N PHE B 326 39.55 33.56 18.41
CA PHE B 326 38.71 34.51 19.13
C PHE B 326 37.28 34.52 18.60
N SER B 327 36.84 33.39 18.06
CA SER B 327 35.50 33.27 17.53
C SER B 327 34.45 33.03 18.61
N PHE B 328 34.88 32.66 19.82
CA PHE B 328 33.97 32.46 20.94
C PHE B 328 34.15 33.52 22.02
N GLN B 329 34.93 34.56 21.76
CA GLN B 329 35.22 35.55 22.80
C GLN B 329 34.00 36.36 23.19
N TRP B 330 32.96 36.37 22.37
CA TRP B 330 31.76 37.12 22.68
C TRP B 330 30.86 36.43 23.70
N LEU B 331 31.03 35.13 23.90
CA LEU B 331 30.14 34.35 24.75
C LEU B 331 30.63 34.41 26.19
N LYS B 332 30.36 35.53 26.85
CA LYS B 332 30.82 35.74 28.21
C LYS B 332 30.06 34.89 29.22
N CYS B 333 28.78 34.62 28.99
CA CYS B 333 27.96 33.88 29.92
C CYS B 333 27.82 32.41 29.53
N LEU B 334 28.59 31.94 28.56
CA LEU B 334 28.47 30.56 28.09
C LEU B 334 28.94 29.61 29.17
N GLU B 335 28.13 28.60 29.45
CA GLU B 335 28.44 27.60 30.47
C GLU B 335 28.50 26.19 29.96
N HIS B 336 27.83 25.89 28.85
CA HIS B 336 27.73 24.53 28.33
C HIS B 336 27.94 24.59 26.83
N LEU B 337 29.05 24.03 26.35
CA LEU B 337 29.38 24.01 24.92
C LEU B 337 29.51 22.58 24.46
N ASN B 338 28.79 22.24 23.39
CA ASN B 338 28.81 20.91 22.81
C ASN B 338 29.30 21.01 21.38
N MET B 339 30.37 20.28 21.06
CA MET B 339 30.99 20.35 19.74
C MET B 339 31.29 18.96 19.20
N GLU B 340 30.46 17.98 19.52
CA GLU B 340 30.72 16.60 19.15
C GLU B 340 30.55 16.37 17.65
N ASP B 341 31.25 15.34 17.16
CA ASP B 341 31.09 14.82 15.80
C ASP B 341 31.35 15.88 14.75
N ASN B 342 32.57 16.39 14.74
CA ASN B 342 33.00 17.38 13.77
C ASN B 342 34.31 16.94 13.15
N ASP B 343 34.82 17.74 12.23
CA ASP B 343 36.09 17.46 11.55
C ASP B 343 37.03 18.64 11.65
N ILE B 344 37.10 19.26 12.83
CA ILE B 344 38.02 20.37 13.05
C ILE B 344 39.45 19.85 13.00
N PRO B 345 40.35 20.48 12.26
CA PRO B 345 41.74 19.97 12.21
C PRO B 345 42.45 19.96 13.55
N GLY B 346 42.21 20.91 14.44
CA GLY B 346 42.91 20.93 15.70
C GLY B 346 42.46 22.08 16.56
N ILE B 347 43.15 22.26 17.69
CA ILE B 347 42.85 23.32 18.65
C ILE B 347 43.95 24.37 18.54
N LYS B 348 43.55 25.62 18.30
CA LYS B 348 44.50 26.71 18.13
C LYS B 348 44.82 27.35 19.48
N SER B 349 45.63 28.41 19.43
CA SER B 349 46.14 29.02 20.66
C SER B 349 45.11 29.87 21.38
N ASN B 350 44.06 30.33 20.71
CA ASN B 350 43.02 31.16 21.32
C ASN B 350 41.65 30.65 20.91
N MET B 351 41.48 29.34 20.83
CA MET B 351 40.21 28.79 20.38
C MET B 351 39.09 29.11 21.35
N PHE B 352 39.36 29.02 22.64
CA PHE B 352 38.34 29.24 23.66
C PHE B 352 38.64 30.46 24.53
N THR B 353 39.45 31.38 24.05
CA THR B 353 39.73 32.59 24.81
C THR B 353 38.47 33.44 24.91
N GLY B 354 38.19 33.93 26.12
CA GLY B 354 37.03 34.74 26.38
C GLY B 354 35.89 34.02 27.06
N LEU B 355 35.93 32.70 27.13
CA LEU B 355 34.89 31.92 27.79
C LEU B 355 35.18 31.85 29.28
N ILE B 356 34.79 32.91 29.99
CA ILE B 356 35.12 33.06 31.42
C ILE B 356 34.10 32.41 32.34
N ASN B 357 33.05 31.79 31.80
CA ASN B 357 32.06 31.09 32.61
C ASN B 357 31.86 29.66 32.17
N LEU B 358 32.72 29.15 31.29
CA LEU B 358 32.54 27.83 30.72
C LEU B 358 32.81 26.76 31.76
N LYS B 359 31.83 25.89 32.00
CA LYS B 359 31.95 24.82 32.97
C LYS B 359 31.92 23.44 32.35
N TYR B 360 31.26 23.29 31.20
CA TYR B 360 31.16 22.02 30.50
C TYR B 360 31.61 22.21 29.07
N LEU B 361 32.50 21.33 28.60
CA LEU B 361 32.98 21.35 27.22
C LEU B 361 33.10 19.93 26.73
N SER B 362 32.36 19.59 25.68
CA SER B 362 32.41 18.26 25.10
C SER B 362 33.09 18.36 23.73
N LEU B 363 34.19 17.63 23.57
CA LEU B 363 34.93 17.58 22.33
C LEU B 363 35.03 16.16 21.83
N SER B 364 34.00 15.36 22.06
CA SER B 364 34.01 13.96 21.68
C SER B 364 33.90 13.84 20.17
N ASN B 365 34.93 13.28 19.55
CA ASN B 365 34.97 13.06 18.10
C ASN B 365 34.84 14.37 17.33
N SER B 366 35.44 15.43 17.86
CA SER B 366 35.35 16.74 17.24
C SER B 366 36.49 17.06 16.29
N PHE B 367 37.49 16.20 16.18
CA PHE B 367 38.68 16.52 15.42
C PHE B 367 39.06 15.36 14.52
N THR B 368 39.76 15.68 13.45
CA THR B 368 40.30 14.65 12.56
C THR B 368 41.73 14.30 12.95
N SER B 369 42.58 15.30 13.13
CA SER B 369 43.99 15.07 13.44
C SER B 369 44.35 15.77 14.76
N LEU B 370 44.11 15.08 15.87
CA LEU B 370 44.54 15.50 17.19
C LEU B 370 45.23 14.29 17.80
N ARG B 371 46.52 14.13 17.51
CA ARG B 371 47.26 12.95 17.93
C ARG B 371 47.98 13.17 19.25
N THR B 372 48.59 14.33 19.44
CA THR B 372 49.43 14.61 20.59
C THR B 372 48.83 15.76 21.38
N LEU B 373 48.74 15.59 22.69
CA LEU B 373 48.25 16.62 23.60
C LEU B 373 49.48 17.22 24.27
N THR B 374 49.95 18.32 23.69
CA THR B 374 51.14 19.01 24.20
C THR B 374 50.75 19.91 25.36
N ASN B 375 51.71 20.68 25.86
CA ASN B 375 51.46 21.62 26.94
C ASN B 375 50.93 22.95 26.45
N GLU B 376 50.64 23.07 25.16
CA GLU B 376 50.03 24.28 24.62
C GLU B 376 48.63 24.04 24.08
N THR B 377 48.10 22.83 24.21
CA THR B 377 46.84 22.51 23.56
C THR B 377 45.67 23.26 24.19
N PHE B 378 45.63 23.33 25.51
CA PHE B 378 44.48 23.92 26.22
C PHE B 378 44.81 25.26 26.86
N VAL B 379 45.83 25.97 26.35
CA VAL B 379 46.20 27.24 26.95
C VAL B 379 45.06 28.25 26.84
N SER B 380 44.25 28.15 25.78
CA SER B 380 43.10 29.03 25.61
C SER B 380 42.01 28.78 26.64
N LEU B 381 42.07 27.68 27.39
CA LEU B 381 41.09 27.39 28.44
C LEU B 381 41.60 27.75 29.82
N ALA B 382 42.68 28.52 29.91
CA ALA B 382 43.31 28.81 31.19
C ALA B 382 42.39 29.61 32.12
N HIS B 383 41.68 30.59 31.58
CA HIS B 383 40.84 31.45 32.38
C HIS B 383 39.40 30.98 32.49
N SER B 384 39.06 29.83 31.92
CA SER B 384 37.73 29.27 32.05
C SER B 384 37.64 28.42 33.31
N PRO B 385 36.54 28.47 34.03
CA PRO B 385 36.33 27.63 35.20
C PRO B 385 35.81 26.24 34.84
N LEU B 386 36.53 25.58 33.95
CA LEU B 386 36.07 24.31 33.38
C LEU B 386 36.04 23.22 34.44
N HIS B 387 34.95 22.47 34.46
CA HIS B 387 34.77 21.37 35.39
C HIS B 387 34.72 20.01 34.73
N ILE B 388 34.17 19.91 33.52
CA ILE B 388 34.05 18.66 32.79
C ILE B 388 34.64 18.87 31.41
N LEU B 389 35.54 17.97 31.00
CA LEU B 389 36.12 17.97 29.68
C LEU B 389 36.01 16.57 29.10
N ASN B 390 35.43 16.46 27.91
CA ASN B 390 35.23 15.18 27.25
C ASN B 390 36.05 15.16 25.97
N LEU B 391 36.90 14.15 25.83
CA LEU B 391 37.84 14.07 24.72
C LEU B 391 37.87 12.68 24.10
N THR B 392 36.76 11.97 24.13
CA THR B 392 36.70 10.62 23.60
C THR B 392 36.69 10.61 22.08
N LYS B 393 37.14 9.49 21.53
CA LYS B 393 37.03 9.18 20.10
C LYS B 393 37.73 10.20 19.22
N ASN B 394 38.84 10.76 19.68
CA ASN B 394 39.62 11.72 18.91
C ASN B 394 40.91 11.14 18.34
N LYS B 395 41.11 9.83 18.46
CA LYS B 395 42.33 9.16 18.00
C LYS B 395 43.58 9.77 18.60
N ILE B 396 43.49 10.21 19.85
CA ILE B 396 44.64 10.75 20.56
C ILE B 396 45.62 9.62 20.82
N SER B 397 46.88 9.87 20.56
CA SER B 397 47.91 8.84 20.69
C SER B 397 48.89 9.08 21.81
N LYS B 398 49.20 10.33 22.13
CA LYS B 398 50.20 10.64 23.13
C LYS B 398 49.76 11.84 23.95
N ILE B 399 50.03 11.80 25.25
CA ILE B 399 49.78 12.91 26.15
C ILE B 399 51.13 13.31 26.75
N GLU B 400 51.49 14.57 26.59
CA GLU B 400 52.75 15.09 27.07
C GLU B 400 52.59 15.69 28.46
N SER B 401 53.72 16.06 29.06
CA SER B 401 53.70 16.65 30.39
C SER B 401 53.03 18.02 30.35
N ASP B 402 52.32 18.34 31.43
CA ASP B 402 51.65 19.63 31.60
C ASP B 402 50.59 19.87 30.53
N ALA B 403 50.04 18.79 29.97
CA ALA B 403 48.99 18.93 28.98
C ALA B 403 47.75 19.58 29.58
N PHE B 404 47.40 19.23 30.81
CA PHE B 404 46.23 19.76 31.48
C PHE B 404 46.58 20.71 32.62
N SER B 405 47.78 21.30 32.58
CA SER B 405 48.19 22.23 33.62
C SER B 405 47.39 23.52 33.59
N TRP B 406 46.68 23.78 32.50
CA TRP B 406 45.86 24.97 32.37
C TRP B 406 44.47 24.81 32.97
N LEU B 407 44.11 23.60 33.38
CA LEU B 407 42.78 23.30 33.89
C LEU B 407 42.88 23.00 35.38
N GLY B 408 42.83 24.07 36.19
CA GLY B 408 43.02 23.92 37.61
C GLY B 408 41.78 23.56 38.39
N HIS B 409 40.60 23.83 37.84
CA HIS B 409 39.34 23.54 38.49
C HIS B 409 38.68 22.29 37.94
N LEU B 410 39.35 21.57 37.05
CA LEU B 410 38.74 20.43 36.38
C LEU B 410 38.44 19.32 37.36
N GLU B 411 37.24 18.73 37.23
CA GLU B 411 36.82 17.64 38.08
C GLU B 411 36.63 16.33 37.35
N VAL B 412 36.20 16.36 36.10
CA VAL B 412 35.99 15.15 35.29
C VAL B 412 36.79 15.29 34.01
N LEU B 413 37.58 14.26 33.70
CA LEU B 413 38.37 14.23 32.48
C LEU B 413 38.15 12.87 31.81
N ASP B 414 37.54 12.88 30.62
CA ASP B 414 37.23 11.65 29.90
C ASP B 414 38.17 11.53 28.70
N LEU B 415 39.04 10.53 28.73
CA LEU B 415 40.01 10.29 27.67
C LEU B 415 39.88 8.91 27.05
N GLY B 416 38.73 8.28 27.19
CA GLY B 416 38.56 6.93 26.69
C GLY B 416 38.34 6.87 25.20
N LEU B 417 38.37 5.65 24.68
CA LEU B 417 38.11 5.39 23.26
C LEU B 417 39.07 6.15 22.35
N ASN B 418 40.32 6.23 22.76
CA ASN B 418 41.39 6.83 21.98
C ASN B 418 42.42 5.74 21.65
N GLU B 419 43.55 6.16 21.09
CA GLU B 419 44.63 5.26 20.74
C GLU B 419 45.88 5.56 21.56
N ILE B 420 45.70 5.92 22.82
CA ILE B 420 46.80 6.34 23.67
C ILE B 420 47.64 5.12 24.00
N GLY B 421 48.83 5.05 23.44
CA GLY B 421 49.79 4.04 23.82
C GLY B 421 51.07 4.68 24.31
N GLN B 422 51.34 4.58 25.60
CA GLN B 422 52.48 5.26 26.19
C GLN B 422 52.66 4.71 27.60
N GLU B 423 53.63 5.27 28.31
CA GLU B 423 53.87 4.97 29.70
C GLU B 423 53.56 6.21 30.53
N LEU B 424 52.68 6.06 31.51
CA LEU B 424 52.25 7.20 32.33
C LEU B 424 53.34 7.54 33.31
N THR B 425 54.12 8.57 33.01
CA THR B 425 55.16 9.03 33.93
C THR B 425 54.59 9.75 35.13
N GLY B 426 53.35 10.20 35.07
CA GLY B 426 52.74 10.96 36.13
C GLY B 426 52.79 12.45 35.94
N GLN B 427 53.61 12.95 35.03
CA GLN B 427 53.67 14.38 34.77
C GLN B 427 52.53 14.88 33.91
N GLU B 428 51.76 13.98 33.30
CA GLU B 428 50.63 14.39 32.49
C GLU B 428 49.53 15.02 33.34
N TRP B 429 49.48 14.74 34.65
CA TRP B 429 48.41 15.21 35.51
C TRP B 429 48.81 16.42 36.34
N ARG B 430 49.94 17.04 36.06
CA ARG B 430 50.34 18.20 36.85
C ARG B 430 49.37 19.35 36.65
N GLY B 431 49.01 20.00 37.75
CA GLY B 431 48.06 21.09 37.72
C GLY B 431 46.62 20.70 37.94
N LEU B 432 46.30 19.41 37.97
CA LEU B 432 44.93 18.95 38.20
C LEU B 432 44.73 18.84 39.71
N GLU B 433 44.49 19.99 40.33
CA GLU B 433 44.38 20.08 41.78
C GLU B 433 43.00 19.75 42.32
N ASN B 434 41.99 19.63 41.48
CA ASN B 434 40.63 19.37 41.96
C ASN B 434 39.99 18.19 41.23
N ILE B 435 40.80 17.36 40.56
CA ILE B 435 40.25 16.28 39.74
C ILE B 435 39.60 15.23 40.63
N PHE B 436 38.51 14.66 40.15
CA PHE B 436 37.79 13.61 40.85
C PHE B 436 37.67 12.33 40.05
N GLU B 437 37.50 12.42 38.73
CA GLU B 437 37.29 11.27 37.88
C GLU B 437 38.20 11.35 36.67
N ILE B 438 38.86 10.24 36.34
CA ILE B 438 39.65 10.13 35.13
C ILE B 438 39.23 8.85 34.42
N TYR B 439 38.77 8.99 33.18
CA TYR B 439 38.36 7.85 32.36
C TYR B 439 39.43 7.61 31.31
N LEU B 440 39.94 6.39 31.26
CA LEU B 440 40.96 6.02 30.30
C LEU B 440 40.66 4.72 29.58
N SER B 441 39.46 4.19 29.72
CA SER B 441 39.15 2.88 29.18
C SER B 441 39.21 2.87 27.65
N TYR B 442 39.56 1.72 27.11
CA TYR B 442 39.64 1.48 25.66
C TYR B 442 40.67 2.38 24.99
N ASN B 443 41.92 2.19 25.38
CA ASN B 443 43.07 2.82 24.75
C ASN B 443 44.02 1.73 24.24
N LYS B 444 45.09 2.17 23.57
CA LYS B 444 46.03 1.21 22.97
C LYS B 444 46.77 0.41 24.03
N TYR B 445 47.57 1.09 24.85
CA TYR B 445 48.23 0.43 25.97
C TYR B 445 48.69 1.49 26.94
N LEU B 446 48.57 1.20 28.23
CA LEU B 446 49.03 2.10 29.28
C LEU B 446 49.98 1.32 30.17
N GLN B 447 51.14 1.88 30.43
CA GLN B 447 52.14 1.29 31.28
C GLN B 447 52.29 2.17 32.52
N LEU B 448 52.11 1.58 33.69
CA LEU B 448 52.13 2.34 34.93
C LEU B 448 53.51 2.34 35.54
N THR B 449 53.72 3.30 36.44
CA THR B 449 54.98 3.42 37.14
C THR B 449 54.69 3.75 38.59
N ARG B 450 55.75 4.03 39.34
CA ARG B 450 55.61 4.33 40.76
C ARG B 450 54.77 5.59 40.99
N ASN B 451 54.98 6.62 40.16
CA ASN B 451 54.36 7.92 40.35
C ASN B 451 53.40 8.27 39.23
N SER B 452 52.65 7.28 38.73
CA SER B 452 51.71 7.53 37.66
C SER B 452 50.59 8.47 38.11
N PHE B 453 50.12 8.30 39.34
CA PHE B 453 49.03 9.12 39.87
C PHE B 453 49.43 9.82 41.17
N ALA B 454 50.71 10.12 41.32
CA ALA B 454 51.16 10.77 42.55
C ALA B 454 50.77 12.23 42.61
N LEU B 455 50.43 12.84 41.49
CA LEU B 455 50.09 14.26 41.46
C LEU B 455 48.60 14.51 41.57
N VAL B 456 47.78 13.48 41.72
CA VAL B 456 46.33 13.68 41.82
C VAL B 456 45.79 12.95 43.04
N PRO B 457 46.14 13.37 44.26
CA PRO B 457 45.65 12.68 45.45
C PRO B 457 44.17 12.80 45.70
N SER B 458 43.48 13.73 45.05
CA SER B 458 42.06 13.93 45.26
C SER B 458 41.20 13.03 44.38
N LEU B 459 41.81 12.18 43.57
CA LEU B 459 41.07 11.34 42.65
C LEU B 459 40.13 10.38 43.37
N GLN B 460 38.95 10.21 42.83
CA GLN B 460 37.94 9.32 43.40
C GLN B 460 37.51 8.21 42.46
N ARG B 461 37.52 8.42 41.15
CA ARG B 461 37.15 7.39 40.19
C ARG B 461 38.27 7.25 39.16
N LEU B 462 38.69 6.01 38.89
CA LEU B 462 39.74 5.75 37.93
C LEU B 462 39.34 4.53 37.11
N MET B 463 39.10 4.72 35.82
CA MET B 463 38.66 3.66 34.92
C MET B 463 39.79 3.31 33.97
N LEU B 464 40.23 2.05 33.99
CA LEU B 464 41.35 1.57 33.21
C LEU B 464 41.01 0.25 32.55
N ARG B 465 39.84 0.17 31.96
CA ARG B 465 39.36 -1.04 31.31
C ARG B 465 39.82 -1.11 29.87
N ARG B 466 40.29 -2.27 29.44
CA ARG B 466 40.68 -2.52 28.05
C ARG B 466 41.79 -1.58 27.59
N VAL B 467 42.80 -1.39 28.44
CA VAL B 467 43.96 -0.58 28.12
C VAL B 467 45.22 -1.39 28.07
N ALA B 468 45.12 -2.71 28.25
CA ALA B 468 46.27 -3.61 28.30
C ALA B 468 47.28 -3.11 29.32
N LEU B 469 46.83 -3.04 30.57
CA LEU B 469 47.64 -2.48 31.63
C LEU B 469 48.93 -3.25 31.82
N LYS B 470 50.01 -2.51 31.97
CA LYS B 470 51.33 -3.06 32.17
C LYS B 470 51.90 -2.51 33.47
N ASN B 471 52.69 -3.35 34.14
CA ASN B 471 53.41 -2.94 35.35
C ASN B 471 52.49 -2.43 36.45
N VAL B 472 51.34 -3.09 36.62
CA VAL B 472 50.45 -2.75 37.72
C VAL B 472 50.95 -3.34 39.03
N ASP B 473 51.95 -4.22 38.98
CA ASP B 473 52.52 -4.89 40.13
C ASP B 473 53.82 -4.27 40.58
N SER B 474 53.97 -2.95 40.46
CA SER B 474 55.17 -2.28 40.92
C SER B 474 55.29 -2.41 42.44
N SER B 475 56.54 -2.44 42.93
CA SER B 475 56.75 -2.64 44.37
C SER B 475 56.12 -1.53 45.19
N PRO B 476 56.27 -0.24 44.86
CA PRO B 476 55.35 0.76 45.41
C PRO B 476 54.15 0.81 44.49
N SER B 477 52.96 0.60 45.02
CA SER B 477 51.78 0.47 44.17
C SER B 477 51.50 1.78 43.46
N PRO B 478 51.19 1.75 42.17
CA PRO B 478 50.82 2.99 41.47
C PRO B 478 49.58 3.64 42.03
N PHE B 479 48.72 2.89 42.71
CA PHE B 479 47.50 3.43 43.28
C PHE B 479 47.68 3.83 44.74
N GLN B 480 48.90 3.76 45.27
CA GLN B 480 49.13 4.10 46.67
C GLN B 480 48.76 5.53 47.03
N PRO B 481 49.15 6.56 46.28
CA PRO B 481 48.78 7.91 46.70
C PRO B 481 47.30 8.21 46.67
N LEU B 482 46.50 7.41 45.97
CA LEU B 482 45.08 7.68 45.81
C LEU B 482 44.34 7.25 47.08
N ARG B 483 44.42 8.10 48.10
CA ARG B 483 43.81 7.77 49.38
C ARG B 483 42.30 7.95 49.36
N ASN B 484 41.77 8.79 48.49
CA ASN B 484 40.34 9.04 48.37
C ASN B 484 39.68 8.22 47.26
N LEU B 485 40.39 7.26 46.68
CA LEU B 485 39.86 6.50 45.57
C LEU B 485 38.67 5.66 46.02
N THR B 486 37.61 5.70 45.24
CA THR B 486 36.35 5.01 45.53
C THR B 486 36.00 3.96 44.49
N ILE B 487 36.21 4.25 43.22
CA ILE B 487 35.88 3.33 42.14
C ILE B 487 37.13 3.08 41.32
N LEU B 488 37.49 1.81 41.13
CA LEU B 488 38.63 1.41 40.32
C LEU B 488 38.22 0.31 39.38
N ASP B 489 38.51 0.49 38.09
CA ASP B 489 38.14 -0.47 37.05
C ASP B 489 39.41 -0.92 36.33
N LEU B 490 39.67 -2.22 36.39
CA LEU B 490 40.86 -2.82 35.78
C LEU B 490 40.49 -4.03 34.95
N SER B 491 39.28 -4.05 34.40
CA SER B 491 38.78 -5.23 33.73
C SER B 491 39.31 -5.33 32.30
N ASN B 492 39.31 -6.56 31.79
CA ASN B 492 39.66 -6.84 30.39
C ASN B 492 41.06 -6.35 30.03
N ASN B 493 42.01 -6.55 30.92
CA ASN B 493 43.39 -6.17 30.68
C ASN B 493 44.34 -7.34 30.61
N ASN B 494 43.85 -8.56 30.83
CA ASN B 494 44.68 -9.77 30.85
C ASN B 494 45.83 -9.64 31.84
N ILE B 495 45.53 -9.05 32.99
CA ILE B 495 46.53 -8.88 34.05
C ILE B 495 46.80 -10.24 34.69
N ALA B 496 48.07 -10.58 34.83
CA ALA B 496 48.47 -11.88 35.36
C ALA B 496 49.08 -11.81 36.75
N ASN B 497 49.79 -10.74 37.10
CA ASN B 497 50.49 -10.66 38.36
C ASN B 497 50.09 -9.41 39.13
N ILE B 498 49.76 -9.59 40.41
CA ILE B 498 49.39 -8.50 41.31
C ILE B 498 50.04 -8.76 42.66
N ASN B 499 50.65 -7.71 43.23
CA ASN B 499 51.23 -7.81 44.56
C ASN B 499 50.16 -7.62 45.63
N ASP B 500 50.42 -8.13 46.82
CA ASP B 500 49.43 -8.11 47.88
C ASP B 500 49.17 -6.70 48.43
N ASP B 501 50.07 -5.77 48.17
CA ASP B 501 49.92 -4.40 48.64
C ASP B 501 49.49 -3.44 47.53
N MET B 502 48.85 -3.95 46.48
CA MET B 502 48.41 -3.09 45.39
C MET B 502 47.36 -2.09 45.87
N LEU B 503 46.46 -2.51 46.74
CA LEU B 503 45.38 -1.66 47.22
C LEU B 503 45.54 -1.26 48.68
N GLU B 504 46.76 -1.27 49.21
CA GLU B 504 46.97 -0.92 50.60
C GLU B 504 46.72 0.55 50.85
N GLY B 505 46.03 0.85 51.96
CA GLY B 505 45.73 2.20 52.34
C GLY B 505 44.51 2.80 51.68
N LEU B 506 43.84 2.06 50.81
CA LEU B 506 42.66 2.56 50.11
C LEU B 506 41.42 2.15 50.90
N GLU B 507 41.26 2.80 52.06
CA GLU B 507 40.15 2.48 52.95
C GLU B 507 38.81 2.90 52.40
N LYS B 508 38.78 3.86 51.48
CA LYS B 508 37.52 4.36 50.97
C LYS B 508 37.05 3.67 49.69
N LEU B 509 37.78 2.67 49.21
CA LEU B 509 37.40 2.00 47.97
C LEU B 509 36.10 1.24 48.15
N GLU B 510 35.20 1.38 47.19
CA GLU B 510 33.87 0.78 47.25
C GLU B 510 33.56 -0.14 46.09
N ILE B 511 34.02 0.18 44.90
CA ILE B 511 33.78 -0.63 43.71
C ILE B 511 35.10 -1.04 43.11
N LEU B 512 35.29 -2.34 42.90
CA LEU B 512 36.50 -2.87 42.32
C LEU B 512 36.13 -3.86 41.23
N ASP B 513 36.49 -3.55 39.99
CA ASP B 513 36.19 -4.39 38.84
C ASP B 513 37.48 -5.03 38.32
N LEU B 514 37.52 -6.36 38.35
CA LEU B 514 38.69 -7.12 37.91
C LEU B 514 38.31 -8.26 36.98
N GLN B 515 37.16 -8.18 36.33
CA GLN B 515 36.73 -9.29 35.50
C GLN B 515 37.55 -9.36 34.21
N HIS B 516 37.61 -10.55 33.64
CA HIS B 516 38.30 -10.81 32.37
C HIS B 516 39.78 -10.47 32.46
N ASN B 517 40.43 -10.98 33.49
CA ASN B 517 41.87 -10.94 33.63
C ASN B 517 42.36 -12.36 33.83
N ASN B 518 43.63 -12.55 34.13
CA ASN B 518 44.18 -13.88 34.37
C ASN B 518 44.84 -13.87 35.74
N LEU B 519 44.05 -14.03 36.78
CA LEU B 519 44.54 -14.00 38.15
C LEU B 519 44.42 -15.36 38.83
N ALA B 520 44.21 -16.42 38.04
CA ALA B 520 43.96 -17.74 38.60
C ALA B 520 45.15 -18.25 39.39
N ARG B 521 46.36 -18.09 38.87
CA ARG B 521 47.56 -18.62 39.51
C ARG B 521 47.78 -18.00 40.88
N LEU B 522 47.40 -16.75 41.07
CA LEU B 522 47.66 -16.03 42.31
C LEU B 522 46.91 -16.61 43.50
N TRP B 523 45.82 -17.33 43.27
CA TRP B 523 45.02 -17.87 44.35
C TRP B 523 45.17 -19.38 44.53
N LYS B 524 46.13 -19.99 43.87
CA LYS B 524 46.41 -21.40 44.04
C LYS B 524 47.36 -21.58 45.22
N HIS B 525 47.11 -22.61 46.03
CA HIS B 525 47.94 -22.87 47.19
C HIS B 525 49.35 -23.28 46.80
N ALA B 526 49.52 -23.81 45.59
CA ALA B 526 50.83 -24.20 45.09
C ALA B 526 51.60 -23.03 44.49
N ASN B 527 51.00 -21.85 44.42
CA ASN B 527 51.70 -20.69 43.90
C ASN B 527 52.88 -20.38 44.83
N PRO B 528 54.08 -20.15 44.30
CA PRO B 528 55.22 -19.89 45.16
C PRO B 528 55.00 -18.68 46.04
N GLY B 529 55.40 -18.80 47.30
CA GLY B 529 55.16 -17.76 48.26
C GLY B 529 53.75 -17.74 48.82
N GLY B 530 52.90 -18.68 48.40
CA GLY B 530 51.53 -18.72 48.87
C GLY B 530 50.60 -17.85 48.04
N PRO B 531 49.31 -17.94 48.32
CA PRO B 531 48.34 -17.12 47.61
C PRO B 531 48.53 -15.64 47.89
N ILE B 532 48.15 -14.81 46.94
CA ILE B 532 48.24 -13.36 47.06
C ILE B 532 46.93 -12.84 47.64
N TYR B 533 47.02 -12.16 48.79
CA TYR B 533 45.85 -11.59 49.45
C TYR B 533 45.83 -10.09 49.18
N PHE B 534 45.26 -9.73 48.03
CA PHE B 534 45.20 -8.34 47.59
C PHE B 534 43.92 -7.65 48.00
N LEU B 535 43.03 -8.32 48.71
CA LEU B 535 41.76 -7.73 49.13
C LEU B 535 41.73 -7.36 50.60
N LYS B 536 42.87 -7.41 51.30
CA LYS B 536 42.88 -7.12 52.72
C LYS B 536 42.78 -5.62 52.98
N GLY B 537 42.08 -5.27 54.07
CA GLY B 537 41.96 -3.90 54.49
C GLY B 537 40.87 -3.10 53.83
N LEU B 538 40.17 -3.67 52.86
CA LEU B 538 39.12 -2.95 52.14
C LEU B 538 37.80 -3.06 52.90
N SER B 539 37.75 -2.31 54.00
CA SER B 539 36.61 -2.40 54.90
C SER B 539 35.35 -1.84 54.27
N HIS B 540 35.46 -0.81 53.43
CA HIS B 540 34.31 -0.14 52.86
C HIS B 540 33.95 -0.66 51.47
N LEU B 541 34.59 -1.72 51.00
CA LEU B 541 34.29 -2.26 49.68
C LEU B 541 32.86 -2.80 49.66
N HIS B 542 32.14 -2.47 48.59
CA HIS B 542 30.75 -2.87 48.43
C HIS B 542 30.50 -3.76 47.23
N ILE B 543 31.15 -3.49 46.10
CA ILE B 543 30.95 -4.25 44.88
C ILE B 543 32.30 -4.83 44.45
N LEU B 544 32.35 -6.15 44.27
CA LEU B 544 33.54 -6.82 43.80
C LEU B 544 33.19 -7.69 42.61
N ASN B 545 33.94 -7.53 41.51
CA ASN B 545 33.69 -8.28 40.29
C ASN B 545 34.96 -9.04 39.95
N LEU B 546 34.90 -10.37 40.02
CA LEU B 546 36.02 -11.24 39.72
C LEU B 546 35.63 -12.28 38.69
N GLU B 547 34.75 -11.91 37.77
CA GLU B 547 34.22 -12.82 36.78
C GLU B 547 35.26 -13.14 35.71
N SER B 548 35.33 -14.40 35.32
CA SER B 548 36.14 -14.84 34.19
C SER B 548 37.63 -14.54 34.40
N ASN B 549 38.17 -15.09 35.48
CA ASN B 549 39.59 -15.02 35.76
C ASN B 549 40.27 -16.37 35.74
N GLY B 550 39.54 -17.44 35.47
CA GLY B 550 40.09 -18.78 35.45
C GLY B 550 40.32 -19.39 36.81
N PHE B 551 39.75 -18.83 37.87
CA PHE B 551 39.95 -19.33 39.22
C PHE B 551 39.53 -20.79 39.34
N ASP B 552 40.40 -21.60 39.94
CA ASP B 552 40.10 -22.99 40.29
C ASP B 552 39.81 -23.17 41.76
N GLU B 553 40.53 -22.46 42.61
CA GLU B 553 40.34 -22.52 44.05
C GLU B 553 40.43 -21.13 44.64
N ILE B 554 39.77 -20.96 45.78
CA ILE B 554 39.71 -19.70 46.49
C ILE B 554 40.38 -19.92 47.84
N PRO B 555 41.38 -19.12 48.22
CA PRO B 555 41.92 -19.23 49.57
C PRO B 555 40.86 -18.88 50.61
N VAL B 556 40.97 -19.52 51.77
CA VAL B 556 39.89 -19.42 52.75
C VAL B 556 39.75 -18.01 53.28
N GLU B 557 40.85 -17.28 53.40
CA GLU B 557 40.85 -15.99 54.08
C GLU B 557 41.08 -14.82 53.12
N VAL B 558 40.50 -14.86 51.92
CA VAL B 558 40.62 -13.73 51.01
C VAL B 558 39.53 -12.68 51.21
N PHE B 559 38.37 -13.06 51.74
CA PHE B 559 37.25 -12.14 51.93
C PHE B 559 37.04 -11.78 53.40
N LYS B 560 38.02 -12.01 54.26
CA LYS B 560 37.80 -11.86 55.70
C LYS B 560 37.60 -10.41 56.11
N ASP B 561 38.21 -9.46 55.43
CA ASP B 561 38.11 -8.05 55.79
C ASP B 561 36.94 -7.33 55.13
N LEU B 562 36.22 -8.00 54.25
CA LEU B 562 35.14 -7.37 53.48
C LEU B 562 33.80 -7.55 54.20
N PHE B 563 33.65 -6.78 55.28
CA PHE B 563 32.44 -6.88 56.10
C PHE B 563 31.24 -6.18 55.45
N GLU B 564 31.47 -5.09 54.72
CA GLU B 564 30.39 -4.33 54.12
C GLU B 564 30.09 -4.74 52.69
N LEU B 565 30.72 -5.81 52.20
CA LEU B 565 30.52 -6.26 50.84
C LEU B 565 29.06 -6.63 50.61
N LYS B 566 28.51 -6.16 49.51
CA LYS B 566 27.11 -6.38 49.17
C LYS B 566 26.92 -7.18 47.88
N ILE B 567 27.75 -6.96 46.88
CA ILE B 567 27.65 -7.67 45.61
C ILE B 567 29.00 -8.29 45.29
N ILE B 568 29.02 -9.60 45.06
CA ILE B 568 30.23 -10.28 44.61
C ILE B 568 29.88 -11.11 43.39
N ASP B 569 30.70 -10.99 42.35
CA ASP B 569 30.49 -11.69 41.08
C ASP B 569 31.67 -12.61 40.84
N LEU B 570 31.38 -13.92 40.76
CA LEU B 570 32.42 -14.93 40.54
C LEU B 570 32.04 -15.89 39.44
N GLY B 571 31.17 -15.50 38.53
CA GLY B 571 30.76 -16.39 37.47
C GLY B 571 31.82 -16.52 36.39
N LEU B 572 31.60 -17.51 35.53
CA LEU B 572 32.47 -17.78 34.38
C LEU B 572 33.89 -18.14 34.79
N ASN B 573 34.08 -18.63 36.01
CA ASN B 573 35.34 -19.14 36.47
C ASN B 573 35.32 -20.67 36.39
N ASN B 574 36.35 -21.31 36.93
CA ASN B 574 36.44 -22.76 36.96
C ASN B 574 36.35 -23.30 38.37
N LEU B 575 35.52 -22.69 39.20
CA LEU B 575 35.40 -23.05 40.60
C LEU B 575 34.56 -24.31 40.77
N ASN B 576 35.11 -25.28 41.49
CA ASN B 576 34.34 -26.47 41.85
C ASN B 576 34.21 -26.63 43.36
N THR B 577 35.31 -26.64 44.08
CA THR B 577 35.31 -26.86 45.52
C THR B 577 35.73 -25.58 46.23
N LEU B 578 34.95 -25.18 47.21
CA LEU B 578 35.24 -23.99 47.96
C LEU B 578 35.56 -24.36 49.41
N PRO B 579 36.52 -23.67 50.02
CA PRO B 579 36.84 -23.94 51.42
C PRO B 579 35.71 -23.53 52.34
N ALA B 580 35.59 -24.24 53.46
CA ALA B 580 34.55 -23.90 54.43
C ALA B 580 34.86 -22.57 55.08
N SER B 581 33.79 -21.87 55.46
CA SER B 581 33.88 -20.58 56.14
C SER B 581 34.62 -19.54 55.30
N VAL B 582 34.39 -19.56 53.99
CA VAL B 582 34.99 -18.57 53.10
C VAL B 582 34.12 -17.33 52.97
N PHE B 583 32.82 -17.45 53.23
CA PHE B 583 31.90 -16.32 53.23
C PHE B 583 31.40 -15.98 54.64
N ASN B 584 32.19 -16.31 55.67
CA ASN B 584 31.72 -16.12 57.03
C ASN B 584 31.52 -14.65 57.37
N ASN B 585 32.44 -13.79 56.96
CA ASN B 585 32.41 -12.38 57.32
C ASN B 585 31.53 -11.55 56.42
N GLN B 586 30.97 -12.11 55.37
CA GLN B 586 30.07 -11.38 54.46
C GLN B 586 28.69 -11.38 55.08
N VAL B 587 28.54 -10.53 56.11
CA VAL B 587 27.29 -10.44 56.85
C VAL B 587 26.29 -9.49 56.22
N SER B 588 26.70 -8.73 55.20
CA SER B 588 25.80 -7.80 54.52
C SER B 588 25.66 -8.13 53.04
N LEU B 589 26.00 -9.36 52.65
CA LEU B 589 25.96 -9.74 51.24
C LEU B 589 24.52 -9.76 50.75
N LYS B 590 24.28 -9.15 49.59
CA LYS B 590 22.94 -9.08 49.02
C LYS B 590 22.82 -9.72 47.66
N SER B 591 23.94 -9.98 46.97
CA SER B 591 23.89 -10.54 45.62
C SER B 591 25.12 -11.39 45.42
N LEU B 592 24.93 -12.67 45.10
CA LEU B 592 26.01 -13.60 44.85
C LEU B 592 25.86 -14.19 43.45
N ASN B 593 26.90 -14.11 42.65
CA ASN B 593 26.87 -14.62 41.28
C ASN B 593 27.96 -15.68 41.12
N LEU B 594 27.54 -16.91 40.80
CA LEU B 594 28.46 -18.02 40.61
C LEU B 594 28.06 -18.87 39.41
N GLN B 595 27.47 -18.26 38.39
CA GLN B 595 26.99 -19.00 37.24
C GLN B 595 28.15 -19.49 36.37
N LYS B 596 27.87 -20.53 35.60
CA LYS B 596 28.81 -21.05 34.61
C LYS B 596 30.16 -21.42 35.21
N ASN B 597 30.12 -21.95 36.40
CA ASN B 597 31.28 -22.52 37.06
C ASN B 597 31.22 -24.04 36.94
N LEU B 598 32.10 -24.73 37.66
CA LEU B 598 32.10 -26.18 37.72
C LEU B 598 31.57 -26.70 39.04
N ILE B 599 30.74 -25.91 39.73
CA ILE B 599 30.25 -26.27 41.05
C ILE B 599 29.28 -27.44 40.95
N THR B 600 29.49 -28.45 41.78
CA THR B 600 28.64 -29.64 41.82
C THR B 600 27.83 -29.78 43.10
N SER B 601 28.35 -29.32 44.23
CA SER B 601 27.64 -29.45 45.49
C SER B 601 27.57 -28.09 46.17
N VAL B 602 26.42 -27.78 46.75
CA VAL B 602 26.21 -26.56 47.51
C VAL B 602 25.94 -26.99 48.94
N GLU B 603 26.85 -26.65 49.84
CA GLU B 603 26.82 -27.14 51.21
C GLU B 603 26.72 -26.00 52.21
N LYS B 604 26.19 -26.34 53.39
CA LYS B 604 25.95 -25.33 54.42
C LYS B 604 27.25 -24.75 54.97
N LYS B 605 28.28 -25.57 55.09
CA LYS B 605 29.53 -25.07 55.68
C LYS B 605 30.22 -24.03 54.80
N VAL B 606 29.82 -23.88 53.55
CA VAL B 606 30.39 -22.88 52.66
C VAL B 606 29.40 -21.77 52.40
N PHE B 607 28.18 -22.11 52.00
CA PHE B 607 27.19 -21.12 51.57
C PHE B 607 26.20 -20.75 52.67
N GLY B 608 26.38 -21.25 53.87
CA GLY B 608 25.48 -20.94 54.96
C GLY B 608 25.38 -19.45 55.22
N PRO B 609 26.49 -18.85 55.69
CA PRO B 609 26.47 -17.39 55.92
C PRO B 609 26.23 -16.56 54.67
N ALA B 610 26.65 -17.03 53.49
CA ALA B 610 26.41 -16.27 52.27
C ALA B 610 24.94 -16.24 51.90
N PHE B 611 24.21 -17.34 52.13
CA PHE B 611 22.81 -17.43 51.78
C PHE B 611 21.88 -16.93 52.87
N ARG B 612 22.42 -16.26 53.90
CA ARG B 612 21.60 -15.87 55.04
C ARG B 612 20.51 -14.90 54.63
N ASN B 613 20.88 -13.71 54.17
CA ASN B 613 19.93 -12.68 53.77
C ASN B 613 20.37 -12.14 52.42
N LEU B 614 19.94 -12.79 51.36
CA LEU B 614 20.25 -12.38 50.00
C LEU B 614 19.02 -11.79 49.34
N THR B 615 19.24 -11.11 48.24
CA THR B 615 18.19 -10.64 47.35
C THR B 615 18.21 -11.38 46.02
N GLU B 616 19.40 -11.61 45.48
CA GLU B 616 19.57 -12.29 44.21
C GLU B 616 20.59 -13.41 44.36
N LEU B 617 20.32 -14.53 43.71
CA LEU B 617 21.25 -15.64 43.61
C LEU B 617 21.38 -16.04 42.15
N ASP B 618 22.60 -16.30 41.70
CA ASP B 618 22.86 -16.67 40.31
C ASP B 618 23.88 -17.80 40.29
N MET B 619 23.41 -19.04 40.17
CA MET B 619 24.27 -20.20 40.04
C MET B 619 23.78 -21.12 38.94
N ARG B 620 23.32 -20.54 37.83
CA ARG B 620 22.53 -21.27 36.85
C ARG B 620 23.25 -22.44 36.18
N PHE B 621 24.24 -22.18 35.35
CA PHE B 621 24.77 -23.24 34.47
C PHE B 621 25.93 -23.94 35.18
N ASN B 622 25.58 -24.80 36.12
CA ASN B 622 26.54 -25.57 36.88
C ASN B 622 26.18 -27.05 36.82
N PRO B 623 27.17 -27.92 36.85
CA PRO B 623 26.93 -29.37 36.88
C PRO B 623 26.57 -29.89 38.26
N PHE B 624 25.36 -29.59 38.71
CA PHE B 624 24.92 -30.00 40.03
C PHE B 624 24.84 -31.51 40.15
N ASP B 625 25.37 -32.04 41.23
CA ASP B 625 25.32 -33.46 41.53
C ASP B 625 24.13 -33.69 42.43
N CYS B 626 23.04 -34.22 41.87
CA CYS B 626 21.81 -34.33 42.64
C CYS B 626 21.90 -35.55 43.52
N THR B 627 22.47 -35.34 44.70
CA THR B 627 22.67 -36.35 45.72
C THR B 627 22.34 -35.74 47.07
N CYS B 628 22.01 -36.60 48.02
CA CYS B 628 21.61 -36.15 49.35
C CYS B 628 22.73 -35.47 50.12
N GLU B 629 23.98 -35.63 49.68
CA GLU B 629 25.09 -34.97 50.36
C GLU B 629 25.67 -33.82 49.54
N SER B 630 25.03 -33.45 48.46
CA SER B 630 25.54 -32.40 47.59
C SER B 630 24.60 -31.21 47.52
N ILE B 631 23.30 -31.45 47.41
CA ILE B 631 22.37 -30.33 47.23
C ILE B 631 21.16 -30.45 48.13
N ALA B 632 21.17 -31.37 49.09
CA ALA B 632 19.99 -31.53 49.95
C ALA B 632 19.71 -30.28 50.77
N TRP B 633 20.74 -29.74 51.43
CA TRP B 633 20.57 -28.48 52.13
C TRP B 633 20.22 -27.36 51.18
N PHE B 634 20.84 -27.34 50.01
CA PHE B 634 20.57 -26.30 49.02
C PHE B 634 19.13 -26.38 48.51
N VAL B 635 18.64 -27.58 48.20
CA VAL B 635 17.27 -27.68 47.70
C VAL B 635 16.26 -27.38 48.80
N ASN B 636 16.56 -27.78 50.04
CA ASN B 636 15.68 -27.38 51.14
C ASN B 636 15.66 -25.87 51.29
N TRP B 637 16.82 -25.23 51.16
CA TRP B 637 16.89 -23.78 51.22
C TRP B 637 16.12 -23.13 50.08
N ILE B 638 16.19 -23.71 48.88
CA ILE B 638 15.43 -23.17 47.75
C ILE B 638 13.94 -23.28 48.02
N ASN B 639 13.52 -24.37 48.68
CA ASN B 639 12.09 -24.59 48.89
C ASN B 639 11.49 -23.45 49.71
N GLU B 640 12.16 -23.02 50.76
CA GLU B 640 11.71 -21.87 51.53
C GLU B 640 12.82 -20.83 51.54
N THR B 641 12.61 -19.74 50.78
CA THR B 641 13.55 -18.63 50.75
C THR B 641 12.86 -17.48 50.06
N HIS B 642 13.32 -16.27 50.36
CA HIS B 642 12.80 -15.07 49.73
C HIS B 642 13.74 -14.48 48.69
N THR B 643 14.93 -15.03 48.54
CA THR B 643 15.88 -14.55 47.56
C THR B 643 15.37 -14.85 46.16
N ASN B 644 15.56 -13.90 45.26
CA ASN B 644 15.12 -14.06 43.88
C ASN B 644 16.11 -14.92 43.12
N ILE B 645 15.63 -16.02 42.55
CA ILE B 645 16.47 -16.95 41.81
C ILE B 645 15.89 -17.10 40.40
N PRO B 646 16.25 -16.25 39.46
CA PRO B 646 15.67 -16.34 38.11
C PRO B 646 16.08 -17.61 37.38
N GLU B 647 15.16 -18.10 36.54
CA GLU B 647 15.39 -19.29 35.72
C GLU B 647 15.75 -20.49 36.57
N LEU B 648 15.10 -20.60 37.72
CA LEU B 648 15.36 -21.71 38.64
C LEU B 648 14.85 -23.03 38.07
N SER B 649 13.71 -23.02 37.41
CA SER B 649 13.10 -24.27 36.97
C SER B 649 13.64 -24.78 35.64
N SER B 650 14.50 -24.02 34.99
CA SER B 650 15.00 -24.41 33.67
C SER B 650 16.51 -24.58 33.62
N HIS B 651 17.28 -23.68 34.21
CA HIS B 651 18.72 -23.70 34.07
C HIS B 651 19.45 -24.25 35.29
N TYR B 652 18.74 -24.71 36.32
CA TYR B 652 19.36 -25.40 37.44
C TYR B 652 19.07 -26.88 37.26
N LEU B 653 19.94 -27.56 36.52
CA LEU B 653 19.71 -28.94 36.13
C LEU B 653 20.77 -29.84 36.71
N CYS B 654 20.36 -31.04 37.10
CA CYS B 654 21.30 -32.03 37.58
C CYS B 654 22.20 -32.49 36.43
N ASN B 655 23.40 -32.90 36.78
CA ASN B 655 24.34 -33.49 35.85
C ASN B 655 24.64 -34.93 36.17
N THR B 656 24.86 -35.26 37.44
CA THR B 656 25.09 -36.59 37.94
C THR B 656 24.15 -36.82 39.12
N PRO B 657 23.73 -38.06 39.36
CA PRO B 657 23.95 -39.30 38.62
C PRO B 657 23.17 -39.34 37.33
N PRO B 658 23.49 -40.27 36.43
CA PRO B 658 22.80 -40.31 35.14
C PRO B 658 21.31 -40.52 35.28
N HIS B 659 20.84 -41.03 36.40
CA HIS B 659 19.41 -41.11 36.65
C HIS B 659 18.79 -39.72 36.67
N TYR B 660 19.49 -38.74 37.24
CA TYR B 660 19.02 -37.36 37.36
C TYR B 660 19.54 -36.44 36.26
N HIS B 661 20.32 -36.92 35.30
CA HIS B 661 20.92 -36.01 34.33
C HIS B 661 19.84 -35.23 33.59
N GLY B 662 19.91 -33.92 33.67
CA GLY B 662 18.95 -33.05 33.04
C GLY B 662 17.75 -32.69 33.89
N PHE B 663 17.53 -33.38 35.00
CA PHE B 663 16.38 -33.08 35.83
C PHE B 663 16.59 -31.79 36.62
N PRO B 664 15.52 -31.05 36.86
CA PRO B 664 15.66 -29.81 37.65
C PRO B 664 16.15 -30.10 39.05
N VAL B 665 16.99 -29.20 39.56
CA VAL B 665 17.49 -29.35 40.91
C VAL B 665 16.36 -29.19 41.92
N ARG B 666 15.45 -28.24 41.69
CA ARG B 666 14.38 -27.96 42.64
C ARG B 666 13.41 -29.12 42.79
N LEU B 667 13.37 -30.05 41.84
CA LEU B 667 12.48 -31.20 41.92
C LEU B 667 13.12 -32.39 42.59
N PHE B 668 14.34 -32.24 43.10
CA PHE B 668 14.98 -33.30 43.85
C PHE B 668 14.19 -33.58 45.12
N ASP B 669 14.01 -34.86 45.42
CA ASP B 669 13.21 -35.28 46.56
C ASP B 669 14.16 -35.62 47.72
N THR B 670 13.97 -34.93 48.84
CA THR B 670 14.81 -35.13 50.02
C THR B 670 14.10 -35.89 51.13
N SER B 671 12.97 -36.52 50.84
CA SER B 671 12.24 -37.24 51.87
C SER B 671 12.98 -38.47 52.37
N SER B 672 13.91 -39.02 51.58
CA SER B 672 14.63 -40.22 51.96
C SER B 672 16.10 -39.94 52.25
N CYS B 673 16.42 -38.72 52.65
CA CYS B 673 17.80 -38.36 52.96
C CYS B 673 18.22 -38.92 54.31
N THR C 6 -93.33 25.89 -13.01
CA THR C 6 -93.31 27.34 -12.86
C THR C 6 -93.24 27.73 -11.38
N VAL C 7 -92.05 27.58 -10.80
CA VAL C 7 -91.86 27.89 -9.39
C VAL C 7 -92.00 29.39 -9.17
N SER C 8 -92.75 29.77 -8.14
CA SER C 8 -93.01 31.19 -7.89
C SER C 8 -93.43 31.38 -6.44
N HIS C 9 -92.69 32.20 -5.70
CA HIS C 9 -93.06 32.58 -4.34
C HIS C 9 -93.45 34.04 -4.25
N GLU C 10 -92.66 34.93 -4.85
CA GLU C 10 -93.00 36.33 -5.02
C GLU C 10 -92.87 36.80 -6.45
N VAL C 11 -92.06 36.12 -7.27
CA VAL C 11 -91.91 36.40 -8.68
C VAL C 11 -92.20 35.12 -9.45
N ALA C 12 -92.96 35.24 -10.52
CA ALA C 12 -93.37 34.10 -11.33
C ALA C 12 -92.53 34.05 -12.59
N ASP C 13 -91.88 32.92 -12.84
CA ASP C 13 -91.06 32.74 -14.03
C ASP C 13 -91.58 31.56 -14.82
N CYS C 14 -91.66 31.73 -16.13
CA CYS C 14 -92.17 30.71 -17.03
C CYS C 14 -91.28 30.59 -18.25
N SER C 15 -89.97 30.62 -18.04
CA SER C 15 -89.02 30.58 -19.13
C SER C 15 -88.91 29.17 -19.71
N HIS C 16 -89.00 29.07 -21.02
CA HIS C 16 -88.85 27.81 -21.74
C HIS C 16 -89.84 26.77 -21.24
N LEU C 17 -91.08 27.20 -20.98
CA LEU C 17 -92.14 26.33 -20.51
C LEU C 17 -93.09 25.90 -21.62
N LYS C 18 -92.78 26.23 -22.88
CA LYS C 18 -93.60 25.86 -24.02
C LYS C 18 -95.00 26.43 -23.91
N LEU C 19 -95.17 27.52 -23.17
CA LEU C 19 -96.50 28.05 -22.92
C LEU C 19 -97.05 28.72 -24.16
N THR C 20 -98.29 28.38 -24.52
CA THR C 20 -98.99 29.03 -25.61
C THR C 20 -99.99 30.05 -25.12
N GLN C 21 -100.59 29.85 -23.94
CA GLN C 21 -101.49 30.82 -23.35
C GLN C 21 -101.04 31.10 -21.93
N VAL C 22 -101.44 32.27 -21.43
CA VAL C 22 -101.05 32.68 -20.08
C VAL C 22 -101.70 31.76 -19.06
N PRO C 23 -100.94 31.15 -18.15
CA PRO C 23 -101.58 30.31 -17.13
C PRO C 23 -102.49 31.13 -16.24
N ASP C 24 -103.60 30.50 -15.82
CA ASP C 24 -104.59 31.15 -14.99
C ASP C 24 -104.55 30.68 -13.54
N ASP C 25 -103.57 29.87 -13.17
CA ASP C 25 -103.42 29.35 -11.81
C ASP C 25 -102.13 29.90 -11.21
N LEU C 26 -102.22 31.11 -10.68
CA LEU C 26 -101.10 31.78 -10.04
C LEU C 26 -101.64 32.56 -8.86
N PRO C 27 -100.79 32.86 -7.88
CA PRO C 27 -101.25 33.68 -6.75
C PRO C 27 -101.71 35.05 -7.22
N THR C 28 -102.74 35.56 -6.55
CA THR C 28 -103.31 36.86 -6.91
C THR C 28 -102.32 37.99 -6.66
N ASN C 29 -101.51 37.89 -5.61
CA ASN C 29 -100.60 38.95 -5.19
C ASN C 29 -99.26 38.89 -5.92
N ILE C 30 -99.20 38.25 -7.09
CA ILE C 30 -97.97 38.18 -7.86
C ILE C 30 -97.72 39.52 -8.54
N THR C 31 -96.51 40.05 -8.35
CA THR C 31 -96.14 41.34 -8.92
C THR C 31 -95.23 41.24 -10.14
N VAL C 32 -94.48 40.16 -10.28
CA VAL C 32 -93.57 39.97 -11.41
C VAL C 32 -93.97 38.70 -12.14
N LEU C 33 -94.17 38.80 -13.45
CA LEU C 33 -94.56 37.68 -14.29
C LEU C 33 -93.59 37.59 -15.45
N ASN C 34 -92.71 36.60 -15.44
CA ASN C 34 -91.72 36.40 -16.49
C ASN C 34 -92.22 35.31 -17.41
N LEU C 35 -92.45 35.66 -18.68
CA LEU C 35 -92.95 34.74 -19.69
C LEU C 35 -92.05 34.75 -20.91
N THR C 36 -90.73 34.76 -20.68
CA THR C 36 -89.78 34.80 -21.78
C THR C 36 -89.56 33.42 -22.37
N HIS C 37 -89.27 33.40 -23.67
CA HIS C 37 -88.98 32.18 -24.42
C HIS C 37 -90.13 31.19 -24.34
N ASN C 38 -91.29 31.62 -24.85
CA ASN C 38 -92.50 30.82 -24.88
C ASN C 38 -93.14 30.98 -26.25
N GLN C 39 -94.39 30.53 -26.38
CA GLN C 39 -95.13 30.59 -27.64
C GLN C 39 -96.41 31.38 -27.50
N LEU C 40 -96.35 32.50 -26.76
CA LEU C 40 -97.51 33.34 -26.55
C LEU C 40 -97.87 34.05 -27.84
N ARG C 41 -98.95 33.60 -28.49
CA ARG C 41 -99.40 34.23 -29.72
C ARG C 41 -99.99 35.62 -29.44
N ARG C 42 -100.81 35.73 -28.42
CA ARG C 42 -101.43 37.00 -28.05
C ARG C 42 -101.41 37.15 -26.54
N LEU C 43 -101.78 38.35 -26.09
CA LEU C 43 -101.90 38.67 -24.68
C LEU C 43 -103.26 39.32 -24.42
N PRO C 44 -104.34 38.55 -24.44
CA PRO C 44 -105.66 39.12 -24.20
C PRO C 44 -105.77 39.66 -22.79
N ALA C 45 -106.53 40.75 -22.65
CA ALA C 45 -106.71 41.37 -21.34
C ALA C 45 -107.47 40.47 -20.38
N ALA C 46 -108.38 39.63 -20.91
CA ALA C 46 -109.19 38.78 -20.06
C ALA C 46 -108.34 37.79 -19.26
N ASN C 47 -107.24 37.31 -19.83
CA ASN C 47 -106.36 36.41 -19.11
C ASN C 47 -105.59 37.11 -17.99
N PHE C 48 -105.57 38.44 -17.96
CA PHE C 48 -104.87 39.19 -16.92
C PHE C 48 -105.82 39.85 -15.95
N THR C 49 -107.10 39.50 -15.98
CA THR C 49 -108.06 40.07 -15.03
C THR C 49 -107.73 39.63 -13.62
N ARG C 50 -107.30 38.37 -13.44
CA ARG C 50 -106.94 37.90 -12.11
C ARG C 50 -105.77 38.68 -11.54
N TYR C 51 -104.76 38.95 -12.37
CA TYR C 51 -103.56 39.65 -11.93
C TYR C 51 -103.83 41.14 -12.00
N SER C 52 -104.10 41.76 -10.85
CA SER C 52 -104.36 43.18 -10.77
C SER C 52 -103.28 43.90 -9.97
N GLN C 53 -102.14 43.27 -9.77
CA GLN C 53 -101.08 43.89 -8.98
C GLN C 53 -99.71 43.66 -9.61
N LEU C 54 -99.66 43.34 -10.91
CA LEU C 54 -98.38 43.16 -11.58
C LEU C 54 -97.64 44.48 -11.71
N THR C 55 -96.33 44.43 -11.48
CA THR C 55 -95.45 45.58 -11.66
C THR C 55 -94.61 45.46 -12.93
N SER C 56 -93.95 44.33 -13.11
CA SER C 56 -93.14 44.08 -14.31
C SER C 56 -93.66 42.84 -15.03
N LEU C 57 -93.89 43.00 -16.33
CA LEU C 57 -94.37 41.91 -17.19
C LEU C 57 -93.36 41.72 -18.31
N ASP C 58 -92.49 40.72 -18.18
CA ASP C 58 -91.48 40.40 -19.18
C ASP C 58 -92.05 39.31 -20.08
N VAL C 59 -92.51 39.71 -21.26
CA VAL C 59 -93.13 38.80 -22.20
C VAL C 59 -92.29 38.64 -23.48
N GLY C 60 -91.04 39.06 -23.44
CA GLY C 60 -90.22 39.02 -24.64
C GLY C 60 -89.86 37.63 -25.08
N PHE C 61 -89.24 37.57 -26.27
CA PHE C 61 -88.84 36.31 -26.89
C PHE C 61 -90.02 35.35 -27.09
N ASN C 62 -91.16 35.91 -27.49
CA ASN C 62 -92.35 35.12 -27.77
C ASN C 62 -92.84 35.45 -29.19
N THR C 63 -94.04 35.01 -29.54
CA THR C 63 -94.56 35.21 -30.88
C THR C 63 -95.80 36.12 -30.87
N ILE C 64 -95.73 37.20 -30.10
CA ILE C 64 -96.84 38.16 -30.09
C ILE C 64 -96.74 39.05 -31.33
N SER C 65 -97.85 39.14 -32.06
CA SER C 65 -97.94 39.98 -33.25
C SER C 65 -98.56 41.34 -32.96
N LYS C 66 -99.48 41.41 -32.00
CA LYS C 66 -100.13 42.66 -31.65
C LYS C 66 -100.67 42.55 -30.24
N LEU C 67 -100.99 43.71 -29.66
CA LEU C 67 -101.56 43.80 -28.32
C LEU C 67 -102.85 44.60 -28.36
N GLU C 68 -103.48 44.72 -27.19
CA GLU C 68 -104.71 45.48 -27.07
C GLU C 68 -104.53 46.50 -25.95
N PRO C 69 -105.11 47.69 -26.10
CA PRO C 69 -105.00 48.69 -25.02
C PRO C 69 -105.59 48.24 -23.72
N GLU C 70 -106.67 47.45 -23.75
CA GLU C 70 -107.33 47.00 -22.54
C GLU C 70 -106.42 46.19 -21.64
N LEU C 71 -105.35 45.62 -22.19
CA LEU C 71 -104.39 44.89 -21.36
C LEU C 71 -103.79 45.79 -20.29
N CYS C 72 -103.54 47.05 -20.61
CA CYS C 72 -103.04 47.97 -19.61
C CYS C 72 -104.10 48.40 -18.62
N GLN C 73 -105.38 48.26 -18.98
CA GLN C 73 -106.45 48.54 -18.02
C GLN C 73 -106.43 47.54 -16.88
N LYS C 74 -106.17 46.27 -17.18
CA LYS C 74 -106.13 45.23 -16.15
C LYS C 74 -104.87 45.31 -15.30
N LEU C 75 -103.90 46.14 -15.66
CA LEU C 75 -102.64 46.29 -14.92
C LEU C 75 -102.43 47.76 -14.62
N PRO C 76 -103.20 48.32 -13.69
CA PRO C 76 -103.04 49.74 -13.35
C PRO C 76 -101.71 50.08 -12.72
N MET C 77 -101.02 49.11 -12.12
CA MET C 77 -99.76 49.35 -11.44
C MET C 77 -98.56 48.78 -12.20
N LEU C 78 -98.73 48.50 -13.49
CA LEU C 78 -97.62 47.99 -14.30
C LEU C 78 -96.54 49.06 -14.41
N LYS C 79 -95.29 48.65 -14.23
CA LYS C 79 -94.16 49.57 -14.28
C LYS C 79 -93.21 49.25 -15.41
N VAL C 80 -92.85 47.98 -15.59
CA VAL C 80 -91.89 47.55 -16.60
C VAL C 80 -92.62 46.62 -17.56
N LEU C 81 -92.58 46.95 -18.85
CA LEU C 81 -93.22 46.14 -19.89
C LEU C 81 -92.17 45.85 -20.94
N ASN C 82 -91.85 44.56 -21.12
CA ASN C 82 -90.81 44.15 -22.05
C ASN C 82 -91.43 43.37 -23.19
N LEU C 83 -91.23 43.85 -24.41
CA LEU C 83 -91.74 43.22 -25.62
C LEU C 83 -90.60 42.88 -26.56
N GLN C 84 -89.52 42.37 -26.00
CA GLN C 84 -88.32 42.11 -26.79
C GLN C 84 -88.50 40.90 -27.70
N HIS C 85 -88.00 41.02 -28.93
CA HIS C 85 -87.98 39.93 -29.90
C HIS C 85 -89.38 39.39 -30.18
N ASN C 86 -90.20 40.24 -30.78
CA ASN C 86 -91.54 39.89 -31.23
C ASN C 86 -91.74 40.48 -32.62
N GLU C 87 -92.99 40.52 -33.07
CA GLU C 87 -93.31 41.04 -34.40
C GLU C 87 -94.45 42.04 -34.33
N LEU C 88 -94.36 42.99 -33.41
CA LEU C 88 -95.33 44.08 -33.32
C LEU C 88 -94.90 45.21 -34.24
N SER C 89 -95.05 44.96 -35.55
CA SER C 89 -94.60 45.90 -36.56
C SER C 89 -95.44 47.17 -36.63
N GLN C 90 -96.61 47.20 -36.02
CA GLN C 90 -97.47 48.38 -36.03
C GLN C 90 -97.83 48.80 -34.63
N LEU C 91 -97.94 50.11 -34.43
CA LEU C 91 -98.36 50.69 -33.17
C LEU C 91 -99.44 51.73 -33.43
N SER C 92 -100.27 51.95 -32.42
CA SER C 92 -101.37 52.90 -32.50
C SER C 92 -101.30 53.85 -31.32
N ASP C 93 -101.94 55.01 -31.48
CA ASP C 93 -101.96 56.01 -30.42
C ASP C 93 -102.68 55.50 -29.18
N LYS C 94 -103.57 54.52 -29.33
CA LYS C 94 -104.28 53.95 -28.21
C LYS C 94 -103.56 52.75 -27.61
N THR C 95 -102.47 52.30 -28.23
CA THR C 95 -101.78 51.09 -27.76
C THR C 95 -101.24 51.26 -26.35
N PHE C 96 -100.63 52.40 -26.05
CA PHE C 96 -100.04 52.66 -24.75
C PHE C 96 -100.74 53.79 -24.00
N ALA C 97 -102.00 54.06 -24.32
CA ALA C 97 -102.70 55.17 -23.69
C ALA C 97 -102.97 54.89 -22.21
N PHE C 98 -103.48 53.70 -21.89
CA PHE C 98 -103.83 53.41 -20.51
C PHE C 98 -102.64 53.11 -19.63
N CYS C 99 -101.49 52.79 -20.21
CA CYS C 99 -100.27 52.46 -19.45
C CYS C 99 -99.59 53.78 -19.07
N THR C 100 -100.19 54.46 -18.10
CA THR C 100 -99.70 55.76 -17.67
C THR C 100 -98.66 55.69 -16.56
N ASN C 101 -98.42 54.53 -15.97
CA ASN C 101 -97.45 54.40 -14.90
C ASN C 101 -96.22 53.61 -15.32
N LEU C 102 -96.04 53.41 -16.62
CA LEU C 102 -94.87 52.69 -17.11
C LEU C 102 -93.60 53.48 -16.85
N THR C 103 -92.54 52.76 -16.49
CA THR C 103 -91.21 53.32 -16.32
C THR C 103 -90.26 52.84 -17.40
N GLU C 104 -90.24 51.55 -17.70
CA GLU C 104 -89.40 50.98 -18.73
C GLU C 104 -90.27 50.32 -19.79
N LEU C 105 -90.04 50.66 -21.06
CA LEU C 105 -90.75 50.08 -22.19
C LEU C 105 -89.71 49.60 -23.20
N HIS C 106 -89.59 48.29 -23.36
CA HIS C 106 -88.58 47.69 -24.20
C HIS C 106 -89.24 47.12 -25.45
N LEU C 107 -88.83 47.60 -26.61
CA LEU C 107 -89.41 47.20 -27.89
C LEU C 107 -88.33 46.82 -28.87
N MET C 108 -87.31 46.10 -28.42
CA MET C 108 -86.21 45.71 -29.28
C MET C 108 -86.60 44.53 -30.16
N SER C 109 -86.12 44.56 -31.41
CA SER C 109 -86.28 43.45 -32.36
C SER C 109 -87.75 43.10 -32.59
N ASN C 110 -88.55 44.10 -32.93
CA ASN C 110 -89.96 43.92 -33.23
C ASN C 110 -90.30 44.19 -34.68
N SER C 111 -89.32 44.50 -35.52
CA SER C 111 -89.53 44.75 -36.94
C SER C 111 -90.55 45.88 -37.15
N ILE C 112 -90.48 46.89 -36.31
CA ILE C 112 -91.30 48.08 -36.45
C ILE C 112 -90.73 48.93 -37.57
N GLN C 113 -91.57 49.35 -38.51
CA GLN C 113 -91.09 50.12 -39.65
C GLN C 113 -91.17 51.61 -39.43
N LYS C 114 -92.24 52.11 -38.81
CA LYS C 114 -92.37 53.55 -38.62
C LYS C 114 -93.31 53.83 -37.46
N ILE C 115 -93.24 55.06 -36.96
CA ILE C 115 -94.09 55.56 -35.89
C ILE C 115 -95.01 56.62 -36.49
N LYS C 116 -96.32 56.43 -36.34
CA LYS C 116 -97.26 57.23 -37.14
C LYS C 116 -97.54 58.59 -36.51
N ASN C 117 -98.23 58.65 -35.37
CA ASN C 117 -98.60 59.94 -34.81
C ASN C 117 -98.05 60.20 -33.43
N ASN C 118 -98.44 59.41 -32.43
CA ASN C 118 -98.13 59.71 -31.04
C ASN C 118 -98.37 58.50 -30.15
N PRO C 119 -97.52 57.47 -30.22
CA PRO C 119 -97.74 56.26 -29.42
C PRO C 119 -97.30 56.39 -27.97
N PHE C 120 -96.59 57.46 -27.60
CA PHE C 120 -96.03 57.59 -26.27
C PHE C 120 -96.43 58.88 -25.57
N VAL C 121 -97.40 59.63 -26.12
CA VAL C 121 -97.75 60.91 -25.54
C VAL C 121 -98.37 60.73 -24.16
N LYS C 122 -99.25 59.73 -24.01
CA LYS C 122 -100.04 59.65 -22.80
C LYS C 122 -99.17 59.38 -21.56
N GLN C 123 -98.20 58.48 -21.66
CA GLN C 123 -97.38 58.18 -20.50
C GLN C 123 -96.45 59.34 -20.19
N LYS C 124 -96.31 59.65 -18.90
CA LYS C 124 -95.51 60.77 -18.46
C LYS C 124 -94.40 60.38 -17.49
N ASN C 125 -94.48 59.23 -16.85
CA ASN C 125 -93.47 58.78 -15.90
C ASN C 125 -92.44 57.87 -16.55
N LEU C 126 -92.49 57.69 -17.87
CA LEU C 126 -91.56 56.83 -18.56
C LEU C 126 -90.13 57.33 -18.39
N ILE C 127 -89.23 56.42 -18.04
CA ILE C 127 -87.84 56.76 -17.80
C ILE C 127 -86.96 56.35 -18.97
N THR C 128 -87.13 55.13 -19.46
CA THR C 128 -86.35 54.62 -20.58
C THR C 128 -87.25 54.04 -21.66
N LEU C 129 -86.94 54.36 -22.90
CA LEU C 129 -87.63 53.81 -24.07
C LEU C 129 -86.60 53.18 -24.98
N ASP C 130 -86.77 51.90 -25.30
CA ASP C 130 -85.83 51.17 -26.11
C ASP C 130 -86.49 50.76 -27.41
N LEU C 131 -85.87 51.12 -28.54
CA LEU C 131 -86.40 50.80 -29.85
C LEU C 131 -85.29 50.28 -30.77
N SER C 132 -84.39 49.50 -30.22
CA SER C 132 -83.26 49.00 -30.99
C SER C 132 -83.69 47.85 -31.89
N HIS C 133 -82.87 47.58 -32.91
CA HIS C 133 -83.06 46.46 -33.82
C HIS C 133 -84.45 46.48 -34.47
N ASN C 134 -84.88 47.66 -34.88
CA ASN C 134 -86.11 47.85 -35.64
C ASN C 134 -85.74 48.36 -37.03
N GLY C 135 -86.76 48.62 -37.83
CA GLY C 135 -86.53 49.11 -39.17
C GLY C 135 -86.70 50.60 -39.31
N LEU C 136 -86.66 51.31 -38.18
CA LEU C 136 -86.88 52.75 -38.19
C LEU C 136 -85.83 53.47 -39.02
N SER C 137 -86.28 54.39 -39.84
CA SER C 137 -85.42 55.22 -40.68
C SER C 137 -85.36 56.66 -40.20
N SER C 138 -85.97 56.96 -39.06
CA SER C 138 -85.99 58.32 -38.54
C SER C 138 -86.15 58.29 -37.04
N THR C 139 -85.82 59.40 -36.40
CA THR C 139 -85.97 59.56 -34.96
C THR C 139 -87.31 60.14 -34.58
N LYS C 140 -88.22 60.31 -35.53
CA LYS C 140 -89.56 60.83 -35.28
C LYS C 140 -90.35 59.89 -34.40
N LEU C 141 -90.66 60.33 -33.18
CA LEU C 141 -91.49 59.55 -32.27
C LEU C 141 -92.77 60.27 -31.88
N GLY C 142 -93.00 61.47 -32.39
CA GLY C 142 -94.20 62.20 -32.03
C GLY C 142 -94.22 63.55 -32.73
N THR C 143 -95.31 64.27 -32.50
CA THR C 143 -95.53 65.59 -33.08
C THR C 143 -95.43 66.70 -32.05
N GLN C 144 -96.13 66.59 -30.94
CA GLN C 144 -96.07 67.57 -29.87
C GLN C 144 -94.90 67.23 -28.94
N VAL C 145 -94.85 67.88 -27.79
CA VAL C 145 -93.79 67.65 -26.82
C VAL C 145 -94.32 66.72 -25.74
N GLN C 146 -93.67 65.58 -25.57
CA GLN C 146 -94.03 64.62 -24.54
C GLN C 146 -92.74 64.01 -24.01
N LEU C 147 -92.89 62.93 -23.21
CA LEU C 147 -91.76 62.23 -22.62
C LEU C 147 -90.90 63.19 -21.80
N GLU C 148 -91.54 63.89 -20.86
CA GLU C 148 -90.87 64.90 -20.08
C GLU C 148 -89.78 64.31 -19.20
N ASN C 149 -90.05 63.16 -18.58
CA ASN C 149 -89.14 62.54 -17.64
C ASN C 149 -88.24 61.48 -18.28
N LEU C 150 -88.29 61.33 -19.60
CA LEU C 150 -87.46 60.35 -20.27
C LEU C 150 -85.99 60.67 -20.06
N GLN C 151 -85.22 59.65 -19.72
CA GLN C 151 -83.80 59.80 -19.48
C GLN C 151 -82.93 58.98 -20.43
N GLU C 152 -83.41 57.84 -20.91
CA GLU C 152 -82.64 57.01 -21.82
C GLU C 152 -83.47 56.75 -23.07
N LEU C 153 -82.86 56.94 -24.23
CA LEU C 153 -83.51 56.68 -25.51
C LEU C 153 -82.56 55.82 -26.34
N LEU C 154 -82.92 54.56 -26.54
CA LEU C 154 -82.09 53.63 -27.29
C LEU C 154 -82.66 53.48 -28.69
N LEU C 155 -81.84 53.78 -29.69
CA LEU C 155 -82.25 53.69 -31.08
C LEU C 155 -81.16 53.03 -31.91
N SER C 156 -80.53 51.99 -31.37
CA SER C 156 -79.42 51.35 -32.04
C SER C 156 -79.93 50.36 -33.10
N ASN C 157 -79.06 50.09 -34.08
CA ASN C 157 -79.31 49.07 -35.10
C ASN C 157 -80.62 49.31 -35.83
N ASN C 158 -80.84 50.55 -36.23
CA ASN C 158 -81.96 50.95 -37.05
C ASN C 158 -81.44 51.38 -38.41
N LYS C 159 -82.32 51.94 -39.23
CA LYS C 159 -81.98 52.42 -40.56
C LYS C 159 -81.89 53.94 -40.61
N ILE C 160 -81.58 54.59 -39.50
CA ILE C 160 -81.50 56.03 -39.46
C ILE C 160 -80.24 56.49 -40.17
N GLN C 161 -80.39 57.47 -41.08
CA GLN C 161 -79.28 57.96 -41.87
C GLN C 161 -78.92 59.41 -41.62
N ALA C 162 -79.77 60.19 -40.95
CA ALA C 162 -79.46 61.57 -40.68
C ALA C 162 -80.19 61.99 -39.41
N LEU C 163 -79.70 63.06 -38.81
CA LEU C 163 -80.30 63.62 -37.61
C LEU C 163 -80.78 65.03 -37.93
N LYS C 164 -82.04 65.30 -37.63
CA LYS C 164 -82.65 66.60 -37.91
C LYS C 164 -83.17 67.20 -36.61
N SER C 165 -83.12 68.53 -36.53
CA SER C 165 -83.55 69.22 -35.33
C SER C 165 -85.03 69.01 -35.06
N GLU C 166 -85.86 69.07 -36.10
CA GLU C 166 -87.30 68.95 -35.91
C GLU C 166 -87.68 67.56 -35.39
N GLU C 167 -87.01 66.51 -35.90
CA GLU C 167 -87.33 65.15 -35.48
C GLU C 167 -87.12 64.96 -33.98
N LEU C 168 -86.19 65.68 -33.38
CA LEU C 168 -85.92 65.60 -31.95
C LEU C 168 -86.66 66.67 -31.15
N ASP C 169 -87.47 67.50 -31.79
CA ASP C 169 -88.13 68.61 -31.10
C ASP C 169 -89.04 68.16 -29.97
N ILE C 170 -89.50 66.91 -29.98
CA ILE C 170 -90.38 66.45 -28.91
C ILE C 170 -89.65 66.30 -27.58
N PHE C 171 -88.32 66.35 -27.58
CA PHE C 171 -87.54 66.23 -26.35
C PHE C 171 -87.03 67.57 -25.83
N ALA C 172 -87.81 68.64 -26.03
CA ALA C 172 -87.38 69.97 -25.61
C ALA C 172 -87.29 70.07 -24.09
N ASN C 173 -88.20 69.42 -23.37
CA ASN C 173 -88.19 69.44 -21.92
C ASN C 173 -87.56 68.19 -21.32
N SER C 174 -86.92 67.36 -22.14
CA SER C 174 -86.34 66.10 -21.69
C SER C 174 -84.84 66.26 -21.47
N SER C 175 -84.34 65.69 -20.38
CA SER C 175 -82.92 65.69 -20.06
C SER C 175 -82.39 64.29 -20.36
N LEU C 176 -81.96 64.09 -21.61
CA LEU C 176 -81.52 62.76 -22.06
C LEU C 176 -80.19 62.42 -21.42
N LYS C 177 -80.19 61.46 -20.51
CA LYS C 177 -78.98 60.96 -19.90
C LYS C 177 -78.26 59.96 -20.79
N LYS C 178 -78.94 59.39 -21.78
CA LYS C 178 -78.33 58.42 -22.68
C LYS C 178 -79.08 58.46 -24.00
N LEU C 179 -78.38 58.74 -25.08
CA LEU C 179 -78.95 58.72 -26.41
C LEU C 179 -78.13 57.74 -27.25
N GLU C 180 -78.64 56.52 -27.38
CA GLU C 180 -77.93 55.47 -28.11
C GLU C 180 -78.34 55.51 -29.57
N LEU C 181 -77.39 55.87 -30.44
CA LEU C 181 -77.60 55.85 -31.87
C LEU C 181 -76.57 54.97 -32.55
N SER C 182 -76.08 53.97 -31.85
CA SER C 182 -75.03 53.12 -32.39
C SER C 182 -75.56 52.28 -33.54
N SER C 183 -74.66 51.90 -34.44
CA SER C 183 -74.97 51.01 -35.55
C SER C 183 -76.07 51.56 -36.45
N ASN C 184 -76.15 52.88 -36.59
CA ASN C 184 -77.02 53.52 -37.57
C ASN C 184 -76.13 54.33 -38.48
N GLN C 185 -76.25 54.11 -39.79
CA GLN C 185 -75.36 54.78 -40.72
C GLN C 185 -75.74 56.25 -40.89
N ILE C 186 -75.46 57.04 -39.86
CA ILE C 186 -75.72 58.48 -39.90
C ILE C 186 -74.65 59.14 -40.74
N LYS C 187 -75.09 59.94 -41.72
CA LYS C 187 -74.17 60.60 -42.63
C LYS C 187 -74.31 62.11 -42.66
N GLU C 188 -75.19 62.68 -41.83
CA GLU C 188 -75.37 64.12 -41.84
C GLU C 188 -75.96 64.53 -40.49
N PHE C 189 -75.36 65.55 -39.88
CA PHE C 189 -75.86 66.13 -38.63
C PHE C 189 -76.29 67.55 -38.97
N SER C 190 -77.60 67.75 -39.12
CA SER C 190 -78.12 69.05 -39.47
C SER C 190 -77.92 70.02 -38.30
N PRO C 191 -77.74 71.31 -38.59
CA PRO C 191 -77.48 72.27 -37.51
C PRO C 191 -78.63 72.33 -36.52
N GLY C 192 -78.27 72.44 -35.24
CA GLY C 192 -79.25 72.52 -34.17
C GLY C 192 -79.91 71.21 -33.83
N CYS C 193 -79.42 70.09 -34.37
CA CYS C 193 -80.08 68.82 -34.11
C CYS C 193 -80.00 68.42 -32.65
N PHE C 194 -78.83 68.59 -32.01
CA PHE C 194 -78.71 68.25 -30.60
C PHE C 194 -79.20 69.35 -29.67
N HIS C 195 -79.43 70.56 -30.17
CA HIS C 195 -80.00 71.62 -29.35
C HIS C 195 -81.50 71.48 -29.21
N ALA C 196 -82.13 70.60 -29.98
CA ALA C 196 -83.55 70.33 -29.80
C ALA C 196 -83.81 69.70 -28.44
N ILE C 197 -82.94 68.78 -28.02
CA ILE C 197 -83.06 68.18 -26.70
C ILE C 197 -82.75 69.24 -25.65
N GLY C 198 -83.56 69.27 -24.58
CA GLY C 198 -83.33 70.27 -23.54
C GLY C 198 -81.97 70.12 -22.89
N ARG C 199 -81.61 68.91 -22.49
CA ARG C 199 -80.30 68.63 -21.92
C ARG C 199 -79.86 67.24 -22.37
N LEU C 200 -78.75 67.17 -23.08
CA LEU C 200 -78.17 65.90 -23.51
C LEU C 200 -76.89 65.67 -22.72
N PHE C 201 -76.85 64.57 -21.96
CA PHE C 201 -75.69 64.27 -21.11
C PHE C 201 -74.79 63.19 -21.66
N GLY C 202 -75.33 62.25 -22.44
CA GLY C 202 -74.53 61.17 -22.98
C GLY C 202 -74.95 60.79 -24.38
N LEU C 203 -73.99 60.67 -25.29
CA LEU C 203 -74.24 60.31 -26.67
C LEU C 203 -73.38 59.12 -27.05
N PHE C 204 -73.98 58.12 -27.67
CA PHE C 204 -73.29 56.91 -28.09
C PHE C 204 -73.42 56.75 -29.60
N LEU C 205 -72.29 56.63 -30.28
CA LEU C 205 -72.26 56.47 -31.72
C LEU C 205 -71.29 55.37 -32.10
N ASN C 206 -71.32 54.27 -31.36
CA ASN C 206 -70.45 53.16 -31.65
C ASN C 206 -70.87 52.47 -32.95
N ASN C 207 -69.89 51.92 -33.66
CA ASN C 207 -70.14 51.20 -34.90
C ASN C 207 -70.87 52.06 -35.93
N VAL C 208 -70.60 53.35 -35.94
CA VAL C 208 -71.16 54.28 -36.89
C VAL C 208 -69.99 54.85 -37.66
N GLN C 209 -69.94 54.56 -38.96
CA GLN C 209 -68.80 55.00 -39.76
C GLN C 209 -68.89 56.50 -39.98
N LEU C 210 -68.14 57.26 -39.18
CA LEU C 210 -68.12 58.72 -39.29
C LEU C 210 -66.88 59.22 -40.02
N GLY C 211 -65.70 58.91 -39.50
CA GLY C 211 -64.48 59.44 -40.07
C GLY C 211 -64.14 60.79 -39.47
N PRO C 212 -62.90 61.25 -39.70
CA PRO C 212 -62.47 62.53 -39.10
C PRO C 212 -63.33 63.72 -39.49
N SER C 213 -63.75 63.81 -40.75
CA SER C 213 -64.51 64.98 -41.19
C SER C 213 -65.90 65.03 -40.57
N LEU C 214 -66.60 63.90 -40.61
CA LEU C 214 -67.91 63.84 -39.98
C LEU C 214 -67.80 63.95 -38.47
N THR C 215 -66.67 63.51 -37.90
CA THR C 215 -66.44 63.71 -36.48
C THR C 215 -66.31 65.19 -36.15
N GLU C 216 -65.60 65.94 -36.99
CA GLU C 216 -65.52 67.39 -36.80
C GLU C 216 -66.90 68.02 -36.90
N LYS C 217 -67.70 67.59 -37.87
CA LYS C 217 -69.06 68.12 -37.99
C LYS C 217 -69.88 67.82 -36.74
N LEU C 218 -69.79 66.60 -36.23
CA LEU C 218 -70.51 66.22 -35.03
C LEU C 218 -70.07 67.03 -33.82
N CYS C 219 -68.76 67.21 -33.65
CA CYS C 219 -68.25 67.97 -32.51
C CYS C 219 -68.70 69.42 -32.58
N LEU C 220 -68.67 70.01 -33.77
CA LEU C 220 -69.22 71.35 -33.93
C LEU C 220 -70.71 71.36 -33.61
N GLU C 221 -71.40 70.27 -33.91
CA GLU C 221 -72.83 70.20 -33.62
C GLU C 221 -73.09 69.97 -32.12
N LEU C 222 -72.13 69.40 -31.40
CA LEU C 222 -72.30 69.14 -29.97
C LEU C 222 -71.89 70.32 -29.09
N ALA C 223 -71.37 71.40 -29.66
CA ALA C 223 -70.91 72.52 -28.86
C ALA C 223 -72.08 73.23 -28.18
N ASN C 224 -71.79 73.79 -27.01
CA ASN C 224 -72.78 74.53 -26.22
C ASN C 224 -73.97 73.64 -25.84
N THR C 225 -73.69 72.38 -25.58
CA THR C 225 -74.66 71.45 -25.01
C THR C 225 -74.12 70.98 -23.67
N SER C 226 -74.92 70.17 -22.97
CA SER C 226 -74.55 69.67 -21.66
C SER C 226 -73.93 68.28 -21.73
N ILE C 227 -73.26 67.96 -22.82
CA ILE C 227 -72.75 66.62 -23.03
C ILE C 227 -71.61 66.35 -22.06
N ARG C 228 -71.60 65.16 -21.49
CA ARG C 228 -70.55 64.76 -20.56
C ARG C 228 -69.88 63.46 -20.95
N ASN C 229 -70.61 62.54 -21.57
CA ASN C 229 -70.07 61.27 -22.03
C ASN C 229 -70.25 61.16 -23.53
N LEU C 230 -69.18 60.80 -24.23
CA LEU C 230 -69.21 60.66 -25.68
C LEU C 230 -68.48 59.39 -26.08
N SER C 231 -69.19 58.47 -26.72
CA SER C 231 -68.60 57.20 -27.14
C SER C 231 -68.57 57.13 -28.65
N LEU C 232 -67.39 56.92 -29.22
CA LEU C 232 -67.19 56.82 -30.65
C LEU C 232 -66.39 55.58 -30.98
N SER C 233 -66.69 54.48 -30.30
CA SER C 233 -65.95 53.25 -30.50
C SER C 233 -66.27 52.65 -31.86
N ASN C 234 -65.26 52.15 -32.54
CA ASN C 234 -65.43 51.52 -33.85
C ASN C 234 -66.15 52.45 -34.83
N SER C 235 -65.75 53.72 -34.82
CA SER C 235 -66.34 54.74 -35.65
C SER C 235 -65.54 55.00 -36.91
N GLN C 236 -64.58 54.13 -37.23
CA GLN C 236 -63.72 54.28 -38.40
C GLN C 236 -62.95 55.60 -38.36
N LEU C 237 -62.53 56.00 -37.16
CA LEU C 237 -61.73 57.22 -36.97
C LEU C 237 -60.26 56.85 -37.14
N SER C 238 -59.77 56.97 -38.36
CA SER C 238 -58.39 56.53 -38.63
C SER C 238 -57.36 57.48 -38.03
N THR C 239 -57.57 58.79 -38.15
CA THR C 239 -56.61 59.79 -37.68
C THR C 239 -57.33 60.89 -36.91
N THR C 240 -56.57 61.59 -36.08
CA THR C 240 -57.06 62.74 -35.35
C THR C 240 -56.10 63.90 -35.56
N SER C 241 -56.65 65.11 -35.51
CA SER C 241 -55.89 66.35 -35.66
C SER C 241 -56.30 67.29 -34.54
N ASN C 242 -55.64 68.46 -34.49
CA ASN C 242 -55.98 69.44 -33.48
C ASN C 242 -57.28 70.18 -33.78
N THR C 243 -57.87 69.96 -34.95
CA THR C 243 -59.19 70.52 -35.26
C THR C 243 -60.30 69.48 -35.19
N THR C 244 -59.99 68.23 -34.85
CA THR C 244 -61.02 67.19 -34.85
C THR C 244 -62.07 67.42 -33.78
N PHE C 245 -61.66 67.78 -32.58
CA PHE C 245 -62.56 67.98 -31.46
C PHE C 245 -62.65 69.45 -31.09
N LEU C 246 -62.59 70.33 -32.09
CA LEU C 246 -62.63 71.77 -31.83
C LEU C 246 -63.95 72.17 -31.19
N GLY C 247 -65.06 71.62 -31.68
CA GLY C 247 -66.36 71.97 -31.13
C GLY C 247 -66.48 71.63 -29.66
N LEU C 248 -65.87 70.52 -29.24
CA LEU C 248 -65.88 70.12 -27.83
C LEU C 248 -65.19 71.12 -26.93
N LYS C 249 -64.57 72.16 -27.48
CA LYS C 249 -64.05 73.24 -26.65
C LYS C 249 -65.18 73.95 -25.93
N TRP C 250 -66.39 73.91 -26.47
CA TRP C 250 -67.54 74.60 -25.90
C TRP C 250 -68.43 73.67 -25.08
N THR C 251 -67.84 72.72 -24.38
CA THR C 251 -68.60 71.85 -23.49
C THR C 251 -67.71 71.47 -22.31
N ASN C 252 -68.27 70.65 -21.43
CA ASN C 252 -67.56 70.19 -20.25
C ASN C 252 -67.44 68.68 -20.26
N LEU C 253 -67.02 68.13 -21.40
CA LEU C 253 -66.94 66.69 -21.56
C LEU C 253 -66.03 66.07 -20.52
N THR C 254 -66.51 65.00 -19.89
CA THR C 254 -65.77 64.30 -18.86
C THR C 254 -65.27 62.93 -19.29
N MET C 255 -66.00 62.23 -20.14
CA MET C 255 -65.61 60.92 -20.63
C MET C 255 -65.60 60.92 -22.15
N LEU C 256 -64.59 60.30 -22.75
CA LEU C 256 -64.50 60.12 -24.19
C LEU C 256 -64.01 58.72 -24.49
N ASP C 257 -64.67 58.05 -25.43
CA ASP C 257 -64.33 56.69 -25.82
C ASP C 257 -63.93 56.67 -27.30
N LEU C 258 -62.72 56.22 -27.57
CA LEU C 258 -62.18 56.18 -28.93
C LEU C 258 -61.54 54.83 -29.24
N SER C 259 -62.06 53.77 -28.65
CA SER C 259 -61.50 52.44 -28.84
C SER C 259 -61.95 51.84 -30.16
N TYR C 260 -61.17 50.87 -30.64
CA TYR C 260 -61.50 50.07 -31.83
C TYR C 260 -61.65 50.91 -33.09
N ASN C 261 -61.01 52.06 -33.15
CA ASN C 261 -61.09 52.95 -34.30
C ASN C 261 -59.96 52.77 -35.29
N ASN C 262 -59.06 51.82 -35.06
CA ASN C 262 -57.87 51.62 -35.90
C ASN C 262 -57.09 52.92 -36.03
N LEU C 263 -57.05 53.68 -34.95
CA LEU C 263 -56.38 54.98 -34.95
C LEU C 263 -54.88 54.78 -35.10
N ASN C 264 -54.28 55.56 -35.99
CA ASN C 264 -52.86 55.43 -36.33
C ASN C 264 -52.03 56.60 -35.83
N VAL C 265 -52.41 57.83 -36.18
CA VAL C 265 -51.64 59.01 -35.82
C VAL C 265 -52.52 59.97 -35.05
N VAL C 266 -52.01 60.42 -33.92
CA VAL C 266 -52.66 61.45 -33.11
C VAL C 266 -51.80 62.69 -33.22
N GLY C 267 -52.37 63.77 -33.75
CA GLY C 267 -51.61 64.99 -33.89
C GLY C 267 -51.40 65.68 -32.56
N ASN C 268 -50.49 66.65 -32.57
CA ASN C 268 -50.24 67.42 -31.37
C ASN C 268 -51.46 68.25 -31.04
N ASP C 269 -51.77 68.34 -29.75
CA ASP C 269 -52.92 69.11 -29.26
C ASP C 269 -54.23 68.64 -29.85
N SER C 270 -54.34 67.34 -30.14
CA SER C 270 -55.60 66.79 -30.61
C SER C 270 -56.66 66.84 -29.53
N PHE C 271 -56.24 66.79 -28.28
CA PHE C 271 -57.16 66.79 -27.14
C PHE C 271 -56.95 67.99 -26.24
N ALA C 272 -56.35 69.05 -26.76
CA ALA C 272 -56.22 70.27 -25.98
C ALA C 272 -57.55 70.97 -25.78
N TRP C 273 -58.59 70.53 -26.49
CA TRP C 273 -59.92 71.09 -26.34
C TRP C 273 -60.71 70.42 -25.23
N LEU C 274 -60.07 69.56 -24.44
CA LEU C 274 -60.74 68.81 -23.40
C LEU C 274 -60.03 69.03 -22.07
N PRO C 275 -60.20 70.21 -21.46
CA PRO C 275 -59.58 70.45 -20.14
C PRO C 275 -60.29 69.77 -18.98
N GLN C 276 -61.55 69.38 -19.14
CA GLN C 276 -62.27 68.72 -18.06
C GLN C 276 -62.36 67.21 -18.23
N LEU C 277 -61.71 66.65 -19.24
CA LEU C 277 -61.79 65.22 -19.46
C LEU C 277 -61.14 64.47 -18.31
N GLU C 278 -61.84 63.46 -17.80
CA GLU C 278 -61.36 62.65 -16.70
C GLU C 278 -61.17 61.18 -17.04
N TYR C 279 -61.96 60.63 -17.95
CA TYR C 279 -61.85 59.25 -18.36
C TYR C 279 -61.63 59.20 -19.86
N PHE C 280 -60.55 58.56 -20.28
CA PHE C 280 -60.18 58.48 -21.68
C PHE C 280 -59.93 57.03 -22.03
N PHE C 281 -60.57 56.54 -23.08
CA PHE C 281 -60.44 55.15 -23.52
C PHE C 281 -59.86 55.12 -24.92
N LEU C 282 -58.71 54.46 -25.07
CA LEU C 282 -58.03 54.37 -26.34
C LEU C 282 -57.60 52.94 -26.66
N GLU C 283 -58.23 51.94 -26.06
CA GLU C 283 -57.77 50.58 -26.23
C GLU C 283 -58.09 50.07 -27.64
N TYR C 284 -57.29 49.10 -28.08
CA TYR C 284 -57.46 48.42 -29.36
C TYR C 284 -57.44 49.41 -30.53
N ASN C 285 -56.30 50.04 -30.69
CA ASN C 285 -56.04 50.91 -31.83
C ASN C 285 -54.76 50.47 -32.52
N ASN C 286 -54.23 51.27 -33.42
CA ASN C 286 -53.03 50.94 -34.19
C ASN C 286 -52.07 52.11 -34.22
N ILE C 287 -51.83 52.73 -33.07
CA ILE C 287 -51.00 53.93 -33.03
C ILE C 287 -49.55 53.58 -33.29
N GLN C 288 -48.95 54.27 -34.26
CA GLN C 288 -47.57 54.00 -34.66
C GLN C 288 -46.58 54.73 -33.77
N HIS C 289 -46.78 56.02 -33.57
CA HIS C 289 -45.84 56.85 -32.83
C HIS C 289 -46.64 57.80 -31.96
N LEU C 290 -46.20 57.98 -30.72
CA LEU C 290 -46.86 58.88 -29.78
C LEU C 290 -45.91 60.05 -29.56
N PHE C 291 -46.39 61.26 -29.81
CA PHE C 291 -45.55 62.44 -29.78
C PHE C 291 -45.56 63.07 -28.40
N SER C 292 -44.66 64.04 -28.22
CA SER C 292 -44.56 64.70 -26.92
C SER C 292 -45.81 65.48 -26.59
N HIS C 293 -46.39 66.19 -27.56
CA HIS C 293 -47.57 67.00 -27.33
C HIS C 293 -48.85 66.31 -27.77
N SER C 294 -48.79 65.01 -28.04
CA SER C 294 -49.98 64.30 -28.47
C SER C 294 -51.05 64.29 -27.39
N LEU C 295 -50.65 64.16 -26.12
CA LEU C 295 -51.59 64.18 -25.00
C LEU C 295 -51.62 65.53 -24.29
N HIS C 296 -51.19 66.59 -24.95
CA HIS C 296 -51.15 67.91 -24.34
C HIS C 296 -52.56 68.41 -24.06
N GLY C 297 -52.72 69.08 -22.92
CA GLY C 297 -54.00 69.64 -22.55
C GLY C 297 -54.94 68.73 -21.80
N LEU C 298 -54.49 67.53 -21.41
CA LEU C 298 -55.31 66.55 -20.72
C LEU C 298 -55.03 66.49 -19.23
N PHE C 299 -54.80 67.64 -18.59
CA PHE C 299 -54.33 67.69 -17.21
C PHE C 299 -55.36 67.24 -16.17
N ASN C 300 -56.62 67.11 -16.51
CA ASN C 300 -57.63 66.64 -15.58
C ASN C 300 -57.90 65.15 -15.69
N VAL C 301 -57.22 64.44 -16.58
CA VAL C 301 -57.50 63.03 -16.78
C VAL C 301 -57.01 62.22 -15.59
N ARG C 302 -57.88 61.38 -15.04
CA ARG C 302 -57.53 60.51 -13.94
C ARG C 302 -57.42 59.05 -14.34
N TYR C 303 -58.15 58.62 -15.36
CA TYR C 303 -58.14 57.25 -15.83
C TYR C 303 -57.84 57.26 -17.33
N LEU C 304 -56.82 56.51 -17.73
CA LEU C 304 -56.44 56.38 -19.14
C LEU C 304 -56.22 54.91 -19.45
N ASN C 305 -56.86 54.43 -20.50
CA ASN C 305 -56.75 53.03 -20.92
C ASN C 305 -56.02 52.98 -22.25
N LEU C 306 -54.90 52.26 -22.29
CA LEU C 306 -54.08 52.14 -23.48
C LEU C 306 -53.80 50.69 -23.79
N LYS C 307 -54.71 49.79 -23.42
CA LYS C 307 -54.53 48.38 -23.65
C LYS C 307 -54.65 48.06 -25.14
N ARG C 308 -53.62 47.43 -25.70
CA ARG C 308 -53.59 47.03 -27.11
C ARG C 308 -53.74 48.24 -28.02
N SER C 309 -53.26 49.40 -27.58
CA SER C 309 -53.49 50.67 -28.25
C SER C 309 -52.46 51.01 -29.31
N PHE C 310 -51.37 50.25 -29.43
CA PHE C 310 -50.29 50.59 -30.34
C PHE C 310 -50.14 49.51 -31.40
N THR C 311 -49.29 49.82 -32.38
CA THR C 311 -49.08 48.90 -33.50
C THR C 311 -48.39 47.65 -33.01
N LYS C 312 -48.86 46.50 -33.51
CA LYS C 312 -48.28 45.23 -33.11
C LYS C 312 -46.97 44.96 -33.85
N GLN C 313 -46.28 43.92 -33.39
CA GLN C 313 -45.03 43.51 -34.01
C GLN C 313 -45.27 43.10 -35.45
N SER C 314 -44.45 43.62 -36.35
CA SER C 314 -44.54 43.30 -37.77
C SER C 314 -43.22 42.72 -38.24
N ILE C 315 -43.28 41.57 -38.92
CA ILE C 315 -42.08 40.92 -39.42
C ILE C 315 -41.59 41.54 -40.72
N SER C 316 -42.44 42.32 -41.40
CA SER C 316 -42.06 42.89 -42.68
C SER C 316 -41.04 44.01 -42.51
N LEU C 317 -41.24 44.88 -41.53
CA LEU C 317 -40.39 46.05 -41.34
C LEU C 317 -39.85 46.21 -39.92
N ALA C 318 -40.33 45.42 -38.96
CA ALA C 318 -39.92 45.54 -37.56
C ALA C 318 -40.13 46.97 -37.05
N SER C 319 -41.29 47.53 -37.40
CA SER C 319 -41.63 48.91 -37.00
C SER C 319 -42.38 48.85 -35.67
N LEU C 320 -41.62 48.72 -34.59
CA LEU C 320 -42.20 48.73 -33.27
C LEU C 320 -42.78 50.11 -32.96
N PRO C 321 -43.85 50.18 -32.18
CA PRO C 321 -44.39 51.49 -31.78
C PRO C 321 -43.38 52.27 -30.95
N LYS C 322 -43.37 53.58 -31.14
CA LYS C 322 -42.42 54.45 -30.47
C LYS C 322 -43.17 55.43 -29.59
N ILE C 323 -42.72 55.55 -28.34
CA ILE C 323 -43.27 56.50 -27.38
C ILE C 323 -42.18 57.53 -27.11
N ASP C 324 -42.44 58.78 -27.44
CA ASP C 324 -41.44 59.79 -27.18
C ASP C 324 -41.33 60.06 -25.70
N ASP C 325 -40.17 60.55 -25.27
CA ASP C 325 -39.98 60.91 -23.88
C ASP C 325 -40.85 62.10 -23.52
N PHE C 326 -41.23 62.16 -22.25
CA PHE C 326 -42.07 63.23 -21.71
C PHE C 326 -43.42 63.29 -22.41
N SER C 327 -43.89 62.15 -22.89
CA SER C 327 -45.17 62.08 -23.58
C SER C 327 -46.34 62.00 -22.61
N PHE C 328 -46.09 61.71 -21.34
CA PHE C 328 -47.12 61.68 -20.31
C PHE C 328 -46.99 62.81 -19.31
N GLN C 329 -46.10 63.77 -19.56
CA GLN C 329 -45.86 64.82 -18.57
C GLN C 329 -47.05 65.74 -18.39
N TRP C 330 -47.98 65.75 -19.33
CA TRP C 330 -49.15 66.61 -19.22
C TRP C 330 -50.20 66.08 -18.27
N LEU C 331 -50.16 64.79 -17.94
CA LEU C 331 -51.20 64.15 -17.15
C LEU C 331 -50.87 64.30 -15.67
N LYS C 332 -51.13 65.49 -15.13
CA LYS C 332 -50.81 65.79 -13.75
C LYS C 332 -51.74 65.08 -12.77
N CYS C 333 -53.00 64.89 -13.13
CA CYS C 333 -53.99 64.28 -12.25
C CYS C 333 -54.19 62.80 -12.54
N LEU C 334 -53.36 62.20 -13.37
CA LEU C 334 -53.53 60.80 -13.73
C LEU C 334 -53.26 59.90 -12.54
N GLU C 335 -54.17 58.98 -12.28
CA GLU C 335 -54.06 58.07 -11.16
C GLU C 335 -54.06 56.61 -11.55
N HIS C 336 -54.62 56.26 -12.69
CA HIS C 336 -54.76 54.88 -13.12
C HIS C 336 -54.38 54.79 -14.59
N LEU C 337 -53.28 54.11 -14.88
CA LEU C 337 -52.80 53.95 -16.25
C LEU C 337 -52.73 52.47 -16.59
N ASN C 338 -53.34 52.10 -17.70
CA ASN C 338 -53.37 50.71 -18.16
C ASN C 338 -52.72 50.66 -19.54
N MET C 339 -51.68 49.84 -19.67
CA MET C 339 -50.92 49.74 -20.91
C MET C 339 -50.67 48.29 -21.29
N GLU C 340 -51.60 47.40 -21.00
CA GLU C 340 -51.40 45.98 -21.23
C GLU C 340 -51.42 45.63 -22.71
N ASP C 341 -50.76 44.52 -23.04
CA ASP C 341 -50.80 43.89 -24.35
C ASP C 341 -50.35 44.84 -25.46
N ASN C 342 -49.10 45.26 -25.37
CA ASN C 342 -48.49 46.14 -26.35
C ASN C 342 -47.14 45.55 -26.77
N ASP C 343 -46.47 46.22 -27.69
CA ASP C 343 -45.17 45.80 -28.19
C ASP C 343 -44.16 46.92 -28.07
N ILE C 344 -44.17 47.63 -26.95
CA ILE C 344 -43.20 48.69 -26.71
C ILE C 344 -41.81 48.08 -26.54
N PRO C 345 -40.78 48.57 -27.21
CA PRO C 345 -39.45 47.96 -27.06
C PRO C 345 -38.89 48.01 -25.65
N GLY C 346 -39.15 49.06 -24.88
CA GLY C 346 -38.60 49.13 -23.54
C GLY C 346 -39.06 50.39 -22.83
N ILE C 347 -38.48 50.62 -21.65
CA ILE C 347 -38.80 51.77 -20.81
C ILE C 347 -37.63 52.73 -20.88
N LYS C 348 -37.89 53.98 -21.25
CA LYS C 348 -36.85 54.97 -21.40
C LYS C 348 -36.62 55.71 -20.08
N SER C 349 -35.73 56.70 -20.11
CA SER C 349 -35.32 57.38 -18.89
C SER C 349 -36.35 58.36 -18.35
N ASN C 350 -37.27 58.83 -19.18
CA ASN C 350 -38.31 59.77 -18.76
C ASN C 350 -39.66 59.34 -19.28
N MET C 351 -39.93 58.03 -19.30
CA MET C 351 -41.18 57.53 -19.85
C MET C 351 -42.37 58.03 -19.05
N PHE C 352 -42.25 58.03 -17.72
CA PHE C 352 -43.36 58.40 -16.85
C PHE C 352 -43.07 59.67 -16.06
N THR C 353 -42.14 60.49 -16.51
CA THR C 353 -41.85 61.74 -15.82
C THR C 353 -43.03 62.68 -15.93
N GLY C 354 -43.40 63.29 -14.81
CA GLY C 354 -44.52 64.20 -14.75
C GLY C 354 -45.79 63.63 -14.15
N LEU C 355 -45.86 62.31 -13.96
CA LEU C 355 -47.03 61.67 -13.38
C LEU C 355 -46.91 61.71 -11.87
N ILE C 356 -47.29 62.85 -11.28
CA ILE C 356 -47.12 63.10 -9.85
C ILE C 356 -48.29 62.60 -9.02
N ASN C 357 -49.32 62.02 -9.63
CA ASN C 357 -50.44 61.47 -8.88
C ASN C 357 -50.70 60.01 -9.23
N LEU C 358 -49.80 59.37 -9.96
CA LEU C 358 -50.01 58.02 -10.45
C LEU C 358 -49.94 57.03 -9.30
N LYS C 359 -51.01 56.26 -9.11
CA LYS C 359 -51.08 55.27 -8.06
C LYS C 359 -51.16 53.85 -8.56
N TYR C 360 -51.68 53.64 -9.76
CA TYR C 360 -51.82 52.32 -10.36
C TYR C 360 -51.19 52.35 -11.74
N LEU C 361 -50.33 51.38 -12.04
CA LEU C 361 -49.71 51.25 -13.34
C LEU C 361 -49.64 49.78 -13.70
N SER C 362 -50.27 49.40 -14.81
CA SER C 362 -50.26 48.03 -15.28
C SER C 362 -49.44 47.96 -16.55
N LEU C 363 -48.38 47.15 -16.52
CA LEU C 363 -47.51 46.95 -17.67
C LEU C 363 -47.47 45.48 -18.03
N SER C 364 -48.59 44.78 -17.86
CA SER C 364 -48.64 43.36 -18.13
C SER C 364 -48.58 43.12 -19.64
N ASN C 365 -47.55 42.42 -20.08
CA ASN C 365 -47.35 42.08 -21.49
C ASN C 365 -47.30 43.32 -22.37
N SER C 366 -46.68 44.38 -21.87
CA SER C 366 -46.59 45.64 -22.58
C SER C 366 -45.34 45.79 -23.41
N PHE C 367 -44.40 44.86 -23.34
CA PHE C 367 -43.11 45.02 -23.98
C PHE C 367 -42.73 43.75 -24.72
N THR C 368 -41.88 43.93 -25.73
CA THR C 368 -41.33 42.81 -26.47
C THR C 368 -39.99 42.38 -25.88
N SER C 369 -39.08 43.34 -25.68
CA SER C 369 -37.74 43.05 -25.19
C SER C 369 -37.48 43.83 -23.90
N LEU C 370 -37.90 43.26 -22.77
CA LEU C 370 -37.58 43.76 -21.44
C LEU C 370 -37.06 42.55 -20.67
N ARG C 371 -35.76 42.28 -20.80
CA ARG C 371 -35.18 41.10 -20.19
C ARG C 371 -34.59 41.38 -18.81
N THR C 372 -33.93 42.51 -18.65
CA THR C 372 -33.20 42.83 -17.43
C THR C 372 -33.80 44.08 -16.81
N LEU C 373 -34.04 44.03 -15.51
CA LEU C 373 -34.54 45.16 -14.75
C LEU C 373 -33.35 45.74 -13.99
N THR C 374 -32.73 46.75 -14.59
CA THR C 374 -31.56 47.39 -14.00
C THR C 374 -32.00 48.43 -12.98
N ASN C 375 -31.05 49.16 -12.42
CA ASN C 375 -31.35 50.20 -11.46
C ASN C 375 -31.70 51.52 -12.11
N GLU C 376 -31.83 51.56 -13.43
CA GLU C 376 -32.29 52.75 -14.12
C GLU C 376 -33.62 52.56 -14.81
N THR C 377 -34.27 51.41 -14.65
CA THR C 377 -35.47 51.11 -15.42
C THR C 377 -36.64 51.99 -15.00
N PHE C 378 -36.83 52.18 -13.70
CA PHE C 378 -37.98 52.91 -13.18
C PHE C 378 -37.62 54.27 -12.61
N VAL C 379 -36.51 54.86 -13.05
CA VAL C 379 -36.10 56.16 -12.52
C VAL C 379 -37.13 57.23 -12.84
N SER C 380 -37.83 57.09 -13.97
CA SER C 380 -38.89 58.03 -14.34
C SER C 380 -40.10 57.95 -13.43
N LEU C 381 -40.21 56.92 -12.60
CA LEU C 381 -41.31 56.78 -11.66
C LEU C 381 -40.94 57.24 -10.26
N ALA C 382 -39.82 57.94 -10.10
CA ALA C 382 -39.32 58.29 -8.78
C ALA C 382 -40.27 59.22 -8.04
N HIS C 383 -40.83 60.20 -8.73
CA HIS C 383 -41.69 61.19 -8.10
C HIS C 383 -43.16 60.84 -8.14
N SER C 384 -43.52 59.66 -8.64
CA SER C 384 -44.91 59.20 -8.63
C SER C 384 -45.20 58.48 -7.32
N PRO C 385 -46.37 58.68 -6.75
CA PRO C 385 -46.78 57.95 -5.54
C PRO C 385 -47.36 56.58 -5.85
N LEU C 386 -46.59 55.79 -6.60
CA LEU C 386 -47.10 54.51 -7.12
C LEU C 386 -47.32 53.52 -5.99
N HIS C 387 -48.47 52.85 -6.03
CA HIS C 387 -48.84 51.85 -5.05
C HIS C 387 -48.91 50.44 -5.61
N ILE C 388 -49.34 50.29 -6.85
CA ILE C 388 -49.47 48.99 -7.50
C ILE C 388 -48.71 49.02 -8.82
N LEU C 389 -47.85 48.05 -9.03
CA LEU C 389 -47.12 47.89 -10.28
C LEU C 389 -47.27 46.45 -10.75
N ASN C 390 -47.74 46.28 -11.98
CA ASN C 390 -47.97 44.96 -12.57
C ASN C 390 -47.01 44.77 -13.73
N LEU C 391 -46.22 43.70 -13.69
CA LEU C 391 -45.17 43.45 -14.67
C LEU C 391 -45.20 42.02 -15.17
N THR C 392 -46.36 41.40 -15.23
CA THR C 392 -46.46 40.01 -15.63
C THR C 392 -46.30 39.87 -17.15
N LYS C 393 -45.88 38.67 -17.57
CA LYS C 393 -45.85 38.26 -18.97
C LYS C 393 -44.98 39.14 -19.84
N ASN C 394 -43.89 39.66 -19.28
CA ASN C 394 -42.95 40.50 -20.03
C ASN C 394 -41.66 39.78 -20.40
N LYS C 395 -41.57 38.47 -20.14
CA LYS C 395 -40.37 37.68 -20.41
C LYS C 395 -39.14 38.26 -19.71
N ILE C 396 -39.35 38.80 -18.52
CA ILE C 396 -38.24 39.32 -17.74
C ILE C 396 -37.39 38.16 -17.26
N SER C 397 -36.08 38.29 -17.39
CA SER C 397 -35.17 37.20 -17.07
C SER C 397 -34.30 37.48 -15.86
N LYS C 398 -33.94 38.73 -15.59
CA LYS C 398 -33.02 39.06 -14.52
C LYS C 398 -33.45 40.34 -13.86
N ILE C 399 -33.35 40.40 -12.53
CA ILE C 399 -33.60 41.60 -11.74
C ILE C 399 -32.31 41.96 -11.04
N GLU C 400 -31.83 43.17 -11.25
CA GLU C 400 -30.59 43.64 -10.66
C GLU C 400 -30.86 44.37 -9.35
N SER C 401 -29.78 44.70 -8.65
CA SER C 401 -29.90 45.41 -7.39
C SER C 401 -30.45 46.82 -7.61
N ASP C 402 -31.25 47.27 -6.66
CA ASP C 402 -31.84 48.62 -6.67
C ASP C 402 -32.74 48.83 -7.87
N ALA C 403 -33.31 47.76 -8.40
CA ALA C 403 -34.23 47.88 -9.52
C ALA C 403 -35.47 48.66 -9.13
N PHE C 404 -35.97 48.45 -7.92
CA PHE C 404 -37.18 49.12 -7.44
C PHE C 404 -36.88 50.13 -6.34
N SER C 405 -35.65 50.63 -6.28
CA SER C 405 -35.28 51.62 -5.29
C SER C 405 -35.97 52.95 -5.50
N TRP C 406 -36.53 53.17 -6.68
CA TRP C 406 -37.23 54.40 -7.00
C TRP C 406 -38.69 54.37 -6.56
N LEU C 407 -39.19 53.24 -6.11
CA LEU C 407 -40.58 53.09 -5.74
C LEU C 407 -40.68 52.91 -4.22
N GLY C 408 -40.72 54.04 -3.52
CA GLY C 408 -40.71 54.01 -2.07
C GLY C 408 -42.06 53.80 -1.42
N HIS C 409 -43.14 54.11 -2.13
CA HIS C 409 -44.49 53.96 -1.61
C HIS C 409 -45.18 52.72 -2.14
N LEU C 410 -44.47 51.88 -2.88
CA LEU C 410 -45.09 50.74 -3.53
C LEU C 410 -45.59 49.73 -2.50
N GLU C 411 -46.80 49.22 -2.73
CA GLU C 411 -47.41 48.24 -1.85
C GLU C 411 -47.61 46.88 -2.49
N VAL C 412 -47.90 46.83 -3.79
CA VAL C 412 -48.11 45.59 -4.51
C VAL C 412 -47.17 45.55 -5.70
N LEU C 413 -46.43 44.45 -5.84
CA LEU C 413 -45.51 44.25 -6.95
C LEU C 413 -45.76 42.86 -7.53
N ASP C 414 -46.22 42.81 -8.77
CA ASP C 414 -46.55 41.55 -9.43
C ASP C 414 -45.50 41.25 -10.50
N LEU C 415 -44.72 40.20 -10.29
CA LEU C 415 -43.66 39.81 -11.20
C LEU C 415 -43.83 38.39 -11.72
N GLY C 416 -45.04 37.85 -11.68
CA GLY C 416 -45.25 36.48 -12.08
C GLY C 416 -45.31 36.31 -13.58
N LEU C 417 -45.32 35.05 -13.99
CA LEU C 417 -45.44 34.68 -15.41
C LEU C 417 -44.33 35.30 -16.26
N ASN C 418 -43.12 35.31 -15.71
CA ASN C 418 -41.93 35.77 -16.40
C ASN C 418 -40.96 34.60 -16.51
N GLU C 419 -39.75 34.88 -16.97
CA GLU C 419 -38.70 33.88 -17.11
C GLU C 419 -37.54 34.17 -16.18
N ILE C 420 -37.84 34.65 -14.99
CA ILE C 420 -36.80 35.06 -14.05
C ILE C 420 -36.10 33.82 -13.52
N GLY C 421 -34.87 33.62 -13.93
CA GLY C 421 -34.03 32.58 -13.36
C GLY C 421 -32.78 33.17 -12.78
N GLN C 422 -32.66 33.16 -11.46
CA GLN C 422 -31.55 33.81 -10.78
C GLN C 422 -31.56 33.37 -9.33
N GLU C 423 -30.63 33.93 -8.56
CA GLU C 423 -30.59 33.73 -7.12
C GLU C 423 -30.89 35.05 -6.45
N LEU C 424 -31.88 35.06 -5.57
CA LEU C 424 -32.31 36.29 -4.90
C LEU C 424 -31.31 36.63 -3.81
N THR C 425 -30.42 37.59 -4.11
CA THR C 425 -29.46 38.04 -3.12
C THR C 425 -30.10 38.90 -2.04
N GLY C 426 -31.28 39.43 -2.30
CA GLY C 426 -31.95 40.32 -1.38
C GLY C 426 -31.76 41.78 -1.68
N GLN C 427 -30.80 42.15 -2.52
CA GLN C 427 -30.59 43.54 -2.88
C GLN C 427 -31.59 44.04 -3.90
N GLU C 428 -32.36 43.14 -4.52
CA GLU C 428 -33.36 43.57 -5.49
C GLU C 428 -34.49 44.33 -4.83
N TRP C 429 -34.70 44.17 -3.52
CA TRP C 429 -35.83 44.79 -2.83
C TRP C 429 -35.43 46.03 -2.06
N ARG C 430 -34.24 46.55 -2.25
CA ARG C 430 -33.83 47.74 -1.51
C ARG C 430 -34.68 48.93 -1.91
N GLY C 431 -35.11 49.70 -0.92
CA GLY C 431 -35.95 50.85 -1.14
C GLY C 431 -37.44 50.59 -1.07
N LEU C 432 -37.86 49.33 -0.98
CA LEU C 432 -39.28 48.98 -0.86
C LEU C 432 -39.66 49.02 0.61
N GLU C 433 -39.87 50.24 1.10
CA GLU C 433 -40.14 50.46 2.52
C GLU C 433 -41.59 50.28 2.92
N ASN C 434 -42.51 50.15 1.97
CA ASN C 434 -43.93 50.02 2.30
C ASN C 434 -44.57 48.84 1.59
N ILE C 435 -43.77 47.90 1.10
CA ILE C 435 -44.30 46.80 0.31
C ILE C 435 -45.13 45.87 1.19
N PHE C 436 -46.20 45.33 0.64
CA PHE C 436 -47.08 44.41 1.32
C PHE C 436 -47.20 43.07 0.61
N GLU C 437 -47.22 43.07 -0.72
CA GLU C 437 -47.42 41.86 -1.49
C GLU C 437 -46.39 41.77 -2.59
N ILE C 438 -45.78 40.59 -2.75
CA ILE C 438 -44.86 40.32 -3.84
C ILE C 438 -45.30 39.02 -4.49
N TYR C 439 -45.60 39.08 -5.79
CA TYR C 439 -46.01 37.91 -6.56
C TYR C 439 -44.86 37.50 -7.46
N LEU C 440 -44.44 36.24 -7.35
CA LEU C 440 -43.34 35.73 -8.15
C LEU C 440 -43.66 34.39 -8.80
N SER C 441 -44.92 33.96 -8.77
CA SER C 441 -45.27 32.64 -9.23
C SER C 441 -45.04 32.50 -10.73
N TYR C 442 -44.72 31.27 -11.14
CA TYR C 442 -44.50 30.90 -12.54
C TYR C 442 -43.32 31.66 -13.16
N ASN C 443 -42.15 31.43 -12.60
CA ASN C 443 -40.89 31.91 -13.15
C ASN C 443 -39.98 30.72 -13.45
N LYS C 444 -38.81 31.02 -14.02
CA LYS C 444 -37.90 29.96 -14.43
C LYS C 444 -37.34 29.21 -13.23
N TYR C 445 -36.58 29.89 -12.37
CA TYR C 445 -36.12 29.29 -11.14
C TYR C 445 -35.68 30.39 -10.20
N LEU C 446 -35.97 30.22 -8.92
CA LEU C 446 -35.55 31.17 -7.90
C LEU C 446 -34.79 30.41 -6.84
N GLN C 447 -33.61 30.92 -6.49
CA GLN C 447 -32.76 30.33 -5.48
C GLN C 447 -32.69 31.31 -4.32
N LEU C 448 -33.05 30.84 -3.13
CA LEU C 448 -33.11 31.69 -1.97
C LEU C 448 -31.80 31.66 -1.18
N THR C 449 -31.61 32.66 -0.35
CA THR C 449 -30.42 32.76 0.48
C THR C 449 -30.86 33.23 1.86
N ARG C 450 -29.87 33.51 2.71
CA ARG C 450 -30.16 33.94 4.08
C ARG C 450 -30.90 35.27 4.09
N ASN C 451 -30.52 36.20 3.23
CA ASN C 451 -31.06 37.56 3.24
C ASN C 451 -31.86 37.87 1.99
N SER C 452 -32.61 36.89 1.48
CA SER C 452 -33.42 37.12 0.28
C SER C 452 -34.49 38.16 0.53
N PHE C 453 -35.11 38.15 1.70
CA PHE C 453 -36.18 39.07 2.04
C PHE C 453 -35.89 39.86 3.31
N ALA C 454 -34.61 40.08 3.60
CA ALA C 454 -34.25 40.80 4.81
C ALA C 454 -34.52 42.29 4.72
N LEU C 455 -34.68 42.83 3.51
CA LEU C 455 -34.91 44.25 3.33
C LEU C 455 -36.38 44.61 3.24
N VAL C 456 -37.30 43.66 3.37
CA VAL C 456 -38.72 43.96 3.28
C VAL C 456 -39.44 43.38 4.49
N PRO C 457 -39.21 43.89 5.69
CA PRO C 457 -39.88 43.32 6.88
C PRO C 457 -41.37 43.58 6.94
N SER C 458 -41.90 44.49 6.14
CA SER C 458 -43.32 44.82 6.16
C SER C 458 -44.14 43.91 5.27
N LEU C 459 -43.51 42.94 4.60
CA LEU C 459 -44.21 42.08 3.66
C LEU C 459 -45.28 41.27 4.35
N GLN C 460 -46.42 41.13 3.69
CA GLN C 460 -47.54 40.36 4.19
C GLN C 460 -47.96 39.20 3.31
N ARG C 461 -47.79 39.29 1.99
CA ARG C 461 -48.13 38.22 1.08
C ARG C 461 -46.93 37.91 0.20
N LEU C 462 -46.57 36.62 0.09
CA LEU C 462 -45.44 36.21 -0.72
C LEU C 462 -45.84 34.95 -1.49
N MET C 463 -45.92 35.05 -2.81
CA MET C 463 -46.34 33.94 -3.66
C MET C 463 -45.13 33.43 -4.44
N LEU C 464 -44.81 32.16 -4.27
CA LEU C 464 -43.65 31.53 -4.87
C LEU C 464 -44.01 30.18 -5.46
N ARG C 465 -45.12 30.14 -6.19
CA ARG C 465 -45.61 28.91 -6.79
C ARG C 465 -45.00 28.69 -8.16
N ARG C 466 -44.58 27.46 -8.42
CA ARG C 466 -44.05 27.06 -9.73
C ARG C 466 -42.82 27.87 -10.14
N VAL C 467 -41.91 28.08 -9.19
CA VAL C 467 -40.66 28.78 -9.44
C VAL C 467 -39.47 27.87 -9.27
N ALA C 468 -39.69 26.58 -9.00
CA ALA C 468 -38.63 25.61 -8.75
C ALA C 468 -37.70 26.12 -7.65
N LEU C 469 -38.29 26.33 -6.48
CA LEU C 469 -37.56 26.93 -5.37
C LEU C 469 -36.37 26.09 -4.98
N LYS C 470 -35.25 26.76 -4.76
CA LYS C 470 -34.01 26.15 -4.36
C LYS C 470 -33.55 26.76 -3.04
N ASN C 471 -32.91 25.94 -2.22
CA ASN C 471 -32.30 26.39 -0.97
C ASN C 471 -33.30 27.06 -0.04
N VAL C 472 -34.50 26.51 0.05
CA VAL C 472 -35.48 26.99 1.02
C VAL C 472 -35.17 26.49 2.40
N ASP C 473 -34.26 25.54 2.54
CA ASP C 473 -33.88 24.92 3.80
C ASP C 473 -32.57 25.50 4.36
N SER C 474 -32.33 26.80 4.16
CA SER C 474 -31.12 27.41 4.70
C SER C 474 -31.19 27.41 6.22
N SER C 475 -30.01 27.33 6.86
CA SER C 475 -29.98 27.25 8.32
C SER C 475 -30.61 28.47 8.98
N PRO C 476 -30.32 29.70 8.56
CA PRO C 476 -31.20 30.81 8.92
C PRO C 476 -32.29 30.87 7.87
N SER C 477 -33.54 30.78 8.26
CA SER C 477 -34.63 30.66 7.30
C SER C 477 -34.73 31.93 6.46
N PRO C 478 -34.88 31.80 5.13
CA PRO C 478 -35.08 33.00 4.31
C PRO C 478 -36.31 33.78 4.67
N PHE C 479 -37.31 33.16 5.31
CA PHE C 479 -38.54 33.83 5.68
C PHE C 479 -38.48 34.34 7.11
N GLN C 480 -37.34 34.23 7.79
CA GLN C 480 -37.25 34.67 9.17
C GLN C 480 -37.55 36.15 9.37
N PRO C 481 -37.00 37.08 8.59
CA PRO C 481 -37.29 38.50 8.86
C PRO C 481 -38.73 38.89 8.63
N LEU C 482 -39.50 38.09 7.90
CA LEU C 482 -40.88 38.44 7.55
C LEU C 482 -41.78 38.18 8.76
N ARG C 483 -41.76 39.10 9.71
CA ARG C 483 -42.53 38.93 10.93
C ARG C 483 -44.01 39.21 10.73
N ASN C 484 -44.36 40.01 9.73
CA ASN C 484 -45.75 40.33 9.43
C ASN C 484 -46.35 39.47 8.32
N LEU C 485 -45.66 38.42 7.89
CA LEU C 485 -46.11 37.60 6.80
C LEU C 485 -47.41 36.90 7.17
N THR C 486 -48.38 36.95 6.27
CA THR C 486 -49.70 36.36 6.46
C THR C 486 -50.02 35.27 5.47
N ILE C 487 -49.65 35.42 4.21
CA ILE C 487 -49.93 34.44 3.17
C ILE C 487 -48.61 34.02 2.53
N LEU C 488 -48.34 32.72 2.50
CA LEU C 488 -47.15 32.18 1.86
C LEU C 488 -47.54 31.04 0.95
N ASP C 489 -47.10 31.08 -0.30
CA ASP C 489 -47.42 30.07 -1.30
C ASP C 489 -46.12 29.46 -1.81
N LEU C 490 -45.96 28.15 -1.62
CA LEU C 490 -44.77 27.42 -2.04
C LEU C 490 -45.14 26.17 -2.83
N SER C 491 -46.28 26.19 -3.50
CA SER C 491 -46.80 24.99 -4.14
C SER C 491 -46.11 24.74 -5.48
N ASN C 492 -46.15 23.47 -5.89
CA ASN C 492 -45.67 23.04 -7.21
C ASN C 492 -44.21 23.40 -7.44
N ASN C 493 -43.38 23.21 -6.42
CA ASN C 493 -41.95 23.48 -6.53
C ASN C 493 -41.10 22.23 -6.39
N ASN C 494 -41.70 21.08 -6.13
CA ASN C 494 -40.98 19.83 -5.93
C ASN C 494 -39.94 19.96 -4.83
N ILE C 495 -40.32 20.68 -3.76
CA ILE C 495 -39.44 20.85 -2.61
C ILE C 495 -39.35 19.54 -1.85
N ALA C 496 -38.13 19.13 -1.53
CA ALA C 496 -37.91 17.86 -0.84
C ALA C 496 -37.45 18.00 0.59
N ASN C 497 -36.71 19.05 0.94
CA ASN C 497 -36.13 19.19 2.27
C ASN C 497 -36.53 20.53 2.88
N ILE C 498 -37.00 20.49 4.12
CA ILE C 498 -37.39 21.67 4.89
C ILE C 498 -36.91 21.48 6.32
N ASN C 499 -36.29 22.52 6.87
CA ASN C 499 -35.88 22.51 8.27
C ASN C 499 -37.05 22.88 9.18
N ASP C 500 -36.96 22.44 10.44
CA ASP C 500 -38.06 22.62 11.37
C ASP C 500 -38.27 24.08 11.76
N ASP C 501 -37.28 24.94 11.53
CA ASP C 501 -37.36 26.35 11.88
C ASP C 501 -37.59 27.23 10.66
N MET C 502 -38.14 26.68 9.58
CA MET C 502 -38.39 27.47 8.38
C MET C 502 -39.39 28.58 8.65
N LEU C 503 -40.42 28.29 9.45
CA LEU C 503 -41.48 29.26 9.72
C LEU C 503 -41.46 29.77 11.16
N GLU C 504 -40.31 29.72 11.82
CA GLU C 504 -40.23 30.18 13.20
C GLU C 504 -40.39 31.68 13.30
N GLY C 505 -41.17 32.11 14.29
CA GLY C 505 -41.40 33.52 14.53
C GLY C 505 -42.49 34.15 13.69
N LEU C 506 -43.11 33.38 12.81
CA LEU C 506 -44.17 33.89 11.95
C LEU C 506 -45.52 33.65 12.60
N GLU C 507 -45.75 34.40 13.67
CA GLU C 507 -46.97 34.24 14.46
C GLU C 507 -48.21 34.71 13.71
N LYS C 508 -48.07 35.57 12.72
CA LYS C 508 -49.22 36.12 12.03
C LYS C 508 -49.59 35.35 10.77
N LEU C 509 -48.89 34.26 10.45
CA LEU C 509 -49.17 33.52 9.24
C LEU C 509 -50.55 32.88 9.32
N GLU C 510 -51.32 32.99 8.25
CA GLU C 510 -52.69 32.50 8.20
C GLU C 510 -52.94 31.50 7.09
N ILE C 511 -52.32 31.68 5.94
CA ILE C 511 -52.50 30.80 4.80
C ILE C 511 -51.15 30.23 4.40
N LEU C 512 -51.05 28.91 4.31
CA LEU C 512 -49.81 28.24 3.92
C LEU C 512 -50.15 27.20 2.87
N ASP C 513 -49.62 27.37 1.66
CA ASP C 513 -49.86 26.46 0.55
C ASP C 513 -48.59 25.70 0.25
N LEU C 514 -48.64 24.37 0.39
CA LEU C 514 -47.50 23.50 0.15
C LEU C 514 -47.86 22.30 -0.73
N GLN C 515 -48.92 22.40 -1.52
CA GLN C 515 -49.34 21.26 -2.30
C GLN C 515 -48.38 21.02 -3.47
N HIS C 516 -48.36 19.77 -3.94
CA HIS C 516 -47.56 19.37 -5.09
C HIS C 516 -46.07 19.62 -4.86
N ASN C 517 -45.59 19.14 -3.72
CA ASN C 517 -44.17 19.09 -3.43
C ASN C 517 -43.83 17.67 -3.05
N ASN C 518 -42.61 17.42 -2.58
CA ASN C 518 -42.20 16.08 -2.18
C ASN C 518 -41.68 16.17 -0.75
N LEU C 519 -42.61 16.15 0.20
CA LEU C 519 -42.27 16.26 1.61
C LEU C 519 -42.57 14.98 2.38
N ALA C 520 -42.78 13.87 1.65
CA ALA C 520 -43.20 12.63 2.28
C ALA C 520 -42.15 12.11 3.25
N ARG C 521 -40.87 12.15 2.86
CA ARG C 521 -39.81 11.58 3.69
C ARG C 521 -39.69 12.30 5.02
N LEU C 522 -39.99 13.59 5.05
CA LEU C 522 -39.81 14.39 6.26
C LEU C 522 -40.74 13.97 7.39
N TRP C 523 -41.85 13.31 7.09
CA TRP C 523 -42.81 12.93 8.13
C TRP C 523 -42.78 11.44 8.43
N LYS C 524 -41.81 10.69 7.93
CA LYS C 524 -41.67 9.29 8.25
C LYS C 524 -40.87 9.15 9.54
N HIS C 525 -41.31 8.22 10.40
CA HIS C 525 -40.61 8.01 11.67
C HIS C 525 -39.22 7.45 11.47
N ALA C 526 -38.95 6.82 10.34
CA ALA C 526 -37.63 6.30 10.03
C ALA C 526 -36.71 7.34 9.43
N ASN C 527 -37.20 8.55 9.20
CA ASN C 527 -36.35 9.62 8.69
C ASN C 527 -35.27 9.93 9.72
N PRO C 528 -34.01 10.03 9.31
CA PRO C 528 -32.95 10.27 10.28
C PRO C 528 -33.16 11.58 11.04
N GLY C 529 -32.92 11.54 12.33
CA GLY C 529 -33.19 12.67 13.18
C GLY C 529 -34.65 12.83 13.56
N GLY C 530 -35.53 11.93 13.12
CA GLY C 530 -36.93 12.03 13.42
C GLY C 530 -37.69 12.88 12.43
N PRO C 531 -39.00 12.90 12.56
CA PRO C 531 -39.82 13.73 11.66
C PRO C 531 -39.53 15.21 11.86
N ILE C 532 -39.76 15.97 10.80
CA ILE C 532 -39.56 17.42 10.83
C ILE C 532 -40.88 18.08 11.21
N TYR C 533 -40.87 18.85 12.29
CA TYR C 533 -42.05 19.55 12.77
C TYR C 533 -41.93 21.02 12.37
N PHE C 534 -42.34 21.32 11.15
CA PHE C 534 -42.23 22.66 10.60
C PHE C 534 -43.49 23.48 10.79
N LEU C 535 -44.51 22.94 11.44
CA LEU C 535 -45.77 23.65 11.66
C LEU C 535 -45.93 24.15 13.09
N LYS C 536 -44.89 24.07 13.92
CA LYS C 536 -45.00 24.49 15.30
C LYS C 536 -45.01 26.00 15.44
N GLY C 537 -45.81 26.50 16.40
CA GLY C 537 -45.86 27.90 16.71
C GLY C 537 -46.80 28.72 15.85
N LEU C 538 -47.44 28.12 14.84
CA LEU C 538 -48.33 28.84 13.95
C LEU C 538 -49.72 28.90 14.56
N SER C 539 -49.85 29.73 15.59
CA SER C 539 -51.09 29.81 16.34
C SER C 539 -52.23 30.40 15.52
N HIS C 540 -51.92 31.34 14.63
CA HIS C 540 -52.95 32.03 13.87
C HIS C 540 -53.20 31.43 12.50
N LEU C 541 -52.59 30.28 12.20
CA LEU C 541 -52.80 29.65 10.90
C LEU C 541 -54.24 29.22 10.74
N HIS C 542 -54.81 29.49 9.58
CA HIS C 542 -56.20 29.19 9.28
C HIS C 542 -56.38 28.21 8.14
N ILE C 543 -55.60 28.34 7.08
CA ILE C 543 -55.71 27.48 5.90
C ILE C 543 -54.38 26.78 5.68
N LEU C 544 -54.42 25.46 5.61
CA LEU C 544 -53.23 24.65 5.34
C LEU C 544 -53.52 23.72 4.19
N ASN C 545 -52.65 23.73 3.19
CA ASN C 545 -52.81 22.89 2.00
C ASN C 545 -51.57 22.02 1.88
N LEU C 546 -51.75 20.71 2.04
CA LEU C 546 -50.67 19.74 1.94
C LEU C 546 -51.03 18.64 0.96
N GLU C 547 -51.77 19.00 -0.08
CA GLU C 547 -52.25 18.03 -1.04
C GLU C 547 -51.13 17.55 -1.96
N SER C 548 -51.11 16.27 -2.25
CA SER C 548 -50.21 15.66 -3.23
C SER C 548 -48.74 15.89 -2.88
N ASN C 549 -48.37 15.39 -1.70
CA ASN C 549 -46.98 15.39 -1.26
C ASN C 549 -46.42 13.99 -1.09
N GLY C 550 -47.20 12.96 -1.36
CA GLY C 550 -46.76 11.60 -1.20
C GLY C 550 -46.73 11.09 0.21
N PHE C 551 -47.38 11.78 1.15
CA PHE C 551 -47.37 11.39 2.55
C PHE C 551 -47.91 9.97 2.72
N ASP C 552 -47.19 9.16 3.49
CA ASP C 552 -47.62 7.83 3.90
C ASP C 552 -48.09 7.79 5.34
N GLU C 553 -47.41 8.53 6.22
CA GLU C 553 -47.77 8.60 7.62
C GLU C 553 -47.64 10.03 8.11
N ILE C 554 -48.41 10.34 9.14
CA ILE C 554 -48.44 11.67 9.76
C ILE C 554 -47.95 11.51 11.18
N PRO C 555 -46.94 12.28 11.61
CA PRO C 555 -46.56 12.25 13.03
C PRO C 555 -47.70 12.76 13.89
N VAL C 556 -47.78 12.22 15.10
CA VAL C 556 -48.95 12.47 15.94
C VAL C 556 -49.03 13.94 16.34
N GLU C 557 -47.91 14.60 16.53
CA GLU C 557 -47.87 15.94 17.10
C GLU C 557 -47.45 17.01 16.09
N VAL C 558 -47.89 16.89 14.84
CA VAL C 558 -47.58 17.93 13.86
C VAL C 558 -48.60 19.06 13.85
N PHE C 559 -49.83 18.82 14.27
CA PHE C 559 -50.89 19.82 14.25
C PHE C 559 -51.24 20.32 15.64
N LYS C 560 -50.38 20.09 16.63
CA LYS C 560 -50.76 20.38 18.01
C LYS C 560 -50.89 21.88 18.29
N ASP C 561 -50.12 22.71 17.61
CA ASP C 561 -50.15 24.16 17.85
C ASP C 561 -51.18 24.90 17.00
N LEU C 562 -51.86 24.21 16.10
CA LEU C 562 -52.78 24.85 15.16
C LEU C 562 -54.20 24.82 15.73
N PHE C 563 -54.42 25.69 16.72
CA PHE C 563 -55.71 25.75 17.38
C PHE C 563 -56.76 26.47 16.55
N GLU C 564 -56.37 27.47 15.77
CA GLU C 564 -57.32 28.26 14.99
C GLU C 564 -57.48 27.74 13.57
N LEU C 565 -56.90 26.58 13.25
CA LEU C 565 -56.97 26.04 11.91
C LEU C 565 -58.42 25.74 11.54
N LYS C 566 -58.81 26.17 10.35
CA LYS C 566 -60.18 26.01 9.85
C LYS C 566 -60.28 25.11 8.63
N ILE C 567 -59.32 25.19 7.70
CA ILE C 567 -59.33 24.38 6.50
C ILE C 567 -58.02 23.64 6.39
N ILE C 568 -58.08 22.32 6.27
CA ILE C 568 -56.88 21.52 6.02
C ILE C 568 -57.15 20.61 4.84
N ASP C 569 -56.21 20.59 3.89
CA ASP C 569 -56.34 19.79 2.68
C ASP C 569 -55.23 18.77 2.64
N LEU C 570 -55.59 17.49 2.63
CA LEU C 570 -54.62 16.40 2.61
C LEU C 570 -54.95 15.36 1.56
N GLY C 571 -55.69 15.73 0.53
CA GLY C 571 -56.04 14.79 -0.51
C GLY C 571 -54.88 14.49 -1.43
N LEU C 572 -55.07 13.45 -2.24
CA LEU C 572 -54.11 13.02 -3.24
C LEU C 572 -52.77 12.60 -2.63
N ASN C 573 -52.76 12.21 -1.38
CA ASN C 573 -51.60 11.65 -0.73
C ASN C 573 -51.74 10.13 -0.70
N ASN C 574 -50.84 9.46 0.01
CA ASN C 574 -50.85 8.02 0.16
C ASN C 574 -51.15 7.61 1.59
N LEU C 575 -52.02 8.35 2.26
CA LEU C 575 -52.32 8.12 3.67
C LEU C 575 -53.27 6.95 3.84
N ASN C 576 -52.89 6.00 4.69
CA ASN C 576 -53.78 4.91 5.05
C ASN C 576 -54.10 4.89 6.54
N THR C 577 -53.08 4.87 7.38
CA THR C 577 -53.26 4.78 8.83
C THR C 577 -52.83 6.07 9.48
N LEU C 578 -53.68 6.60 10.32
CA LEU C 578 -53.37 7.84 11.01
C LEU C 578 -53.25 7.58 12.51
N PRO C 579 -52.32 8.25 13.18
CA PRO C 579 -52.18 8.07 14.63
C PRO C 579 -53.37 8.65 15.36
N ALA C 580 -53.67 8.05 16.52
CA ALA C 580 -54.78 8.53 17.33
C ALA C 580 -54.45 9.91 17.91
N SER C 581 -55.48 10.71 18.10
CA SER C 581 -55.38 12.05 18.68
C SER C 581 -54.46 12.94 17.85
N VAL C 582 -54.55 12.83 16.52
CA VAL C 582 -53.77 13.69 15.64
C VAL C 582 -54.53 14.97 15.31
N PHE C 583 -55.85 14.97 15.44
CA PHE C 583 -56.67 16.16 15.23
C PHE C 583 -57.29 16.65 16.53
N ASN C 584 -56.65 16.35 17.67
CA ASN C 584 -57.25 16.70 18.95
C ASN C 584 -57.37 18.20 19.15
N ASN C 585 -56.34 18.95 18.79
CA ASN C 585 -56.31 20.39 19.02
C ASN C 585 -57.03 21.20 17.97
N GLN C 586 -57.50 20.58 16.90
CA GLN C 586 -58.22 21.30 15.85
C GLN C 586 -59.68 21.45 16.29
N VAL C 587 -59.87 22.39 17.23
CA VAL C 587 -61.19 22.63 17.81
C VAL C 587 -62.02 23.59 16.99
N SER C 588 -61.44 24.23 15.97
CA SER C 588 -62.18 25.15 15.12
C SER C 588 -62.18 24.71 13.66
N LEU C 589 -61.90 23.43 13.41
CA LEU C 589 -61.81 22.95 12.04
C LEU C 589 -63.19 22.97 11.38
N LYS C 590 -63.24 23.50 10.17
CA LYS C 590 -64.49 23.61 9.44
C LYS C 590 -64.51 22.86 8.13
N SER C 591 -63.36 22.47 7.59
CA SER C 591 -63.29 21.80 6.30
C SER C 591 -62.11 20.84 6.31
N LEU C 592 -62.38 19.56 6.07
CA LEU C 592 -61.35 18.53 6.02
C LEU C 592 -61.39 17.84 4.66
N ASN C 593 -60.26 17.78 3.98
CA ASN C 593 -60.17 17.16 2.66
C ASN C 593 -59.17 16.01 2.72
N LEU C 594 -59.63 14.79 2.45
CA LEU C 594 -58.79 13.61 2.46
C LEU C 594 -59.12 12.69 1.30
N GLN C 595 -59.54 13.24 0.17
CA GLN C 595 -59.94 12.45 -0.97
C GLN C 595 -58.75 11.81 -1.65
N LYS C 596 -59.02 10.71 -2.37
CA LYS C 596 -58.02 10.04 -3.21
C LYS C 596 -56.78 9.65 -2.42
N ASN C 597 -56.99 9.21 -1.19
CA ASN C 597 -55.96 8.62 -0.36
C ASN C 597 -56.14 7.11 -0.37
N LEU C 598 -55.39 6.43 0.49
CA LEU C 598 -55.52 5.00 0.67
C LEU C 598 -56.23 4.62 1.97
N ILE C 599 -57.06 5.53 2.48
CA ILE C 599 -57.73 5.32 3.76
C ILE C 599 -58.78 4.22 3.63
N THR C 600 -58.74 3.27 4.56
CA THR C 600 -59.67 2.16 4.59
C THR C 600 -60.63 2.18 5.76
N SER C 601 -60.21 2.69 6.92
CA SER C 601 -61.05 2.73 8.09
C SER C 601 -61.10 4.14 8.65
N VAL C 602 -62.28 4.58 9.06
CA VAL C 602 -62.48 5.87 9.70
C VAL C 602 -62.94 5.60 11.12
N GLU C 603 -62.11 5.95 12.10
CA GLU C 603 -62.34 5.58 13.48
C GLU C 603 -62.45 6.81 14.37
N LYS C 604 -63.13 6.61 15.50
CA LYS C 604 -63.41 7.72 16.41
C LYS C 604 -62.15 8.25 17.05
N LYS C 605 -61.19 7.38 17.37
CA LYS C 605 -59.99 7.84 18.06
C LYS C 605 -59.12 8.74 17.19
N VAL C 606 -59.36 8.81 15.89
CA VAL C 606 -58.63 9.69 15.00
C VAL C 606 -59.49 10.85 14.54
N PHE C 607 -60.67 10.56 14.02
CA PHE C 607 -61.53 11.56 13.41
C PHE C 607 -62.59 12.11 14.34
N GLY C 608 -62.61 11.70 15.60
CA GLY C 608 -63.59 12.17 16.54
C GLY C 608 -63.60 13.67 16.68
N PRO C 609 -62.52 14.23 17.23
CA PRO C 609 -62.43 15.70 17.33
C PRO C 609 -62.47 16.44 16.00
N ALA C 610 -61.95 15.84 14.92
CA ALA C 610 -61.99 16.49 13.62
C ALA C 610 -63.40 16.60 13.07
N PHE C 611 -64.24 15.59 13.31
CA PHE C 611 -65.60 15.55 12.81
C PHE C 611 -66.60 16.22 13.74
N ARG C 612 -66.13 16.93 14.76
CA ARG C 612 -67.04 17.48 15.76
C ARG C 612 -68.01 18.48 15.16
N ASN C 613 -67.48 19.60 14.65
CA ASN C 613 -68.30 20.65 14.06
C ASN C 613 -67.66 21.05 12.74
N LEU C 614 -68.03 20.34 11.68
CA LEU C 614 -67.53 20.60 10.34
C LEU C 614 -68.64 21.21 9.50
N THR C 615 -68.23 21.79 8.38
CA THR C 615 -69.13 22.24 7.35
C THR C 615 -69.03 21.39 6.09
N GLU C 616 -67.82 21.04 5.70
CA GLU C 616 -67.56 20.23 4.52
C GLU C 616 -66.65 19.06 4.88
N LEU C 617 -66.93 17.91 4.29
CA LEU C 617 -66.08 16.74 4.39
C LEU C 617 -65.83 16.21 2.99
N ASP C 618 -64.59 15.82 2.71
CA ASP C 618 -64.20 15.31 1.40
C ASP C 618 -63.27 14.12 1.59
N MET C 619 -63.83 12.91 1.51
CA MET C 619 -63.05 11.68 1.57
C MET C 619 -63.49 10.71 0.50
N ARG C 620 -63.77 11.22 -0.70
CA ARG C 620 -64.50 10.46 -1.71
C ARG C 620 -63.81 9.20 -2.19
N PHE C 621 -62.71 9.31 -2.92
CA PHE C 621 -62.17 8.15 -3.63
C PHE C 621 -61.16 7.43 -2.75
N ASN C 622 -61.70 6.68 -1.80
CA ASN C 622 -60.89 5.91 -0.88
C ASN C 622 -61.34 4.46 -0.85
N PRO C 623 -60.43 3.53 -0.64
CA PRO C 623 -60.80 2.11 -0.52
C PRO C 623 -61.35 1.74 0.85
N PHE C 624 -62.57 2.15 1.12
CA PHE C 624 -63.19 1.91 2.41
C PHE C 624 -63.40 0.42 2.63
N ASP C 625 -63.04 -0.05 3.82
CA ASP C 625 -63.23 -1.44 4.21
C ASP C 625 -64.54 -1.50 4.98
N CYS C 626 -65.59 -2.00 4.34
CA CYS C 626 -66.91 -1.95 4.96
C CYS C 626 -67.02 -3.11 5.94
N THR C 627 -66.56 -2.84 7.16
CA THR C 627 -66.56 -3.77 8.27
C THR C 627 -67.00 -3.02 9.52
N CYS C 628 -67.49 -3.77 10.50
CA CYS C 628 -68.01 -3.17 11.72
C CYS C 628 -66.92 -2.52 12.56
N GLU C 629 -65.65 -2.79 12.29
CA GLU C 629 -64.57 -2.15 13.05
C GLU C 629 -63.82 -1.13 12.21
N SER C 630 -64.30 -0.81 11.03
CA SER C 630 -63.62 0.13 10.15
C SER C 630 -64.45 1.36 9.88
N ILE C 631 -65.74 1.22 9.63
CA ILE C 631 -66.54 2.37 9.26
C ILE C 631 -67.86 2.42 10.03
N ALA C 632 -68.03 1.59 11.05
CA ALA C 632 -69.30 1.58 11.77
C ALA C 632 -69.58 2.90 12.45
N TRP C 633 -68.59 3.43 13.19
CA TRP C 633 -68.73 4.77 13.76
C TRP C 633 -68.89 5.82 12.69
N PHE C 634 -68.13 5.69 11.59
CA PHE C 634 -68.22 6.66 10.51
C PHE C 634 -69.58 6.63 9.84
N VAL C 635 -70.13 5.44 9.57
CA VAL C 635 -71.44 5.40 8.91
C VAL C 635 -72.54 5.87 9.86
N ASN C 636 -72.42 5.56 11.16
CA ASN C 636 -73.37 6.11 12.10
C ASN C 636 -73.30 7.62 12.13
N TRP C 637 -72.08 8.17 12.09
CA TRP C 637 -71.90 9.61 12.05
C TRP C 637 -72.50 10.21 10.78
N ILE C 638 -72.33 9.53 9.65
CA ILE C 638 -72.91 10.02 8.40
C ILE C 638 -74.42 10.03 8.49
N ASN C 639 -75.01 9.04 9.17
CA ASN C 639 -76.47 8.94 9.24
C ASN C 639 -77.06 10.18 9.88
N GLU C 640 -76.48 10.66 10.97
CA GLU C 640 -76.91 11.90 11.59
C GLU C 640 -75.74 12.86 11.65
N THR C 641 -75.77 13.88 10.79
CA THR C 641 -74.75 14.92 10.78
C THR C 641 -75.28 16.06 9.93
N HIS C 642 -74.74 17.25 10.18
CA HIS C 642 -75.10 18.42 9.40
C HIS C 642 -74.00 18.85 8.44
N THR C 643 -72.85 18.20 8.48
CA THR C 643 -71.77 18.54 7.58
C THR C 643 -72.13 18.16 6.16
N ASN C 644 -71.77 19.00 5.21
CA ASN C 644 -72.07 18.76 3.81
C ASN C 644 -71.07 17.77 3.24
N ILE C 645 -71.57 16.65 2.71
CA ILE C 645 -70.73 15.62 2.13
C ILE C 645 -71.16 15.38 0.70
N PRO C 646 -70.62 16.11 -0.26
CA PRO C 646 -71.05 15.95 -1.66
C PRO C 646 -70.66 14.59 -2.24
N GLU C 647 -71.52 14.10 -3.14
CA GLU C 647 -71.30 12.83 -3.83
C GLU C 647 -71.13 11.68 -2.84
N LEU C 648 -71.91 11.72 -1.77
CA LEU C 648 -71.86 10.68 -0.75
C LEU C 648 -72.38 9.35 -1.27
N SER C 649 -73.45 9.38 -2.06
CA SER C 649 -74.10 8.15 -2.47
C SER C 649 -73.46 7.49 -3.68
N SER C 650 -72.47 8.12 -4.29
CA SER C 650 -71.86 7.60 -5.50
C SER C 650 -70.37 7.30 -5.36
N HIS C 651 -69.61 8.21 -4.75
CA HIS C 651 -68.16 8.08 -4.71
C HIS C 651 -67.62 7.58 -3.38
N TYR C 652 -68.47 7.27 -2.41
CA TYR C 652 -68.04 6.63 -1.17
C TYR C 652 -68.43 5.17 -1.27
N LEU C 653 -67.55 4.36 -1.85
CA LEU C 653 -67.84 2.97 -2.15
C LEU C 653 -66.91 2.05 -1.38
N CYS C 654 -67.46 0.92 -0.95
CA CYS C 654 -66.66 -0.09 -0.28
C CYS C 654 -65.68 -0.70 -1.27
N ASN C 655 -64.56 -1.16 -0.75
CA ASN C 655 -63.57 -1.89 -1.53
C ASN C 655 -63.43 -3.33 -1.07
N THR C 656 -63.38 -3.55 0.25
CA THR C 656 -63.31 -4.85 0.88
C THR C 656 -64.38 -4.90 1.96
N PRO C 657 -64.94 -6.09 2.24
CA PRO C 657 -64.72 -7.40 1.64
C PRO C 657 -65.36 -7.50 0.26
N PRO C 658 -65.02 -8.53 -0.51
CA PRO C 658 -65.57 -8.63 -1.87
C PRO C 658 -67.07 -8.72 -1.90
N HIS C 659 -67.70 -9.10 -0.79
CA HIS C 659 -69.14 -9.05 -0.71
C HIS C 659 -69.66 -7.63 -0.88
N TYR C 660 -68.95 -6.66 -0.29
CA TYR C 660 -69.31 -5.25 -0.36
C TYR C 660 -68.61 -4.45 -1.45
N HIS C 661 -67.76 -5.07 -2.27
CA HIS C 661 -67.00 -4.29 -3.24
C HIS C 661 -67.92 -3.51 -4.16
N GLY C 662 -67.75 -2.19 -4.17
CA GLY C 662 -68.56 -1.32 -4.98
C GLY C 662 -69.82 -0.81 -4.31
N PHE C 663 -70.20 -1.38 -3.18
CA PHE C 663 -71.42 -0.93 -2.52
C PHE C 663 -71.20 0.40 -1.82
N PRO C 664 -72.23 1.24 -1.76
CA PRO C 664 -72.09 2.53 -1.06
C PRO C 664 -71.77 2.32 0.41
N VAL C 665 -70.93 3.21 0.94
CA VAL C 665 -70.60 3.14 2.35
C VAL C 665 -71.81 3.47 3.20
N ARG C 666 -72.61 4.46 2.78
CA ARG C 666 -73.76 4.88 3.58
C ARG C 666 -74.83 3.81 3.71
N LEU C 667 -74.84 2.81 2.83
CA LEU C 667 -75.82 1.74 2.90
C LEU C 667 -75.35 0.57 3.73
N PHE C 668 -74.19 0.69 4.38
CA PHE C 668 -73.72 -0.36 5.27
C PHE C 668 -74.67 -0.47 6.45
N ASP C 669 -74.98 -1.71 6.84
CA ASP C 669 -75.93 -1.97 7.91
C ASP C 669 -75.16 -2.26 9.18
N THR C 670 -75.41 -1.48 10.23
CA THR C 670 -74.73 -1.62 11.50
C THR C 670 -75.62 -2.23 12.58
N SER C 671 -76.76 -2.81 12.20
CA SER C 671 -77.65 -3.37 13.20
C SER C 671 -77.08 -4.62 13.87
N SER C 672 -76.11 -5.29 13.25
CA SER C 672 -75.53 -6.50 13.80
C SER C 672 -74.09 -6.30 14.24
N CYS C 673 -73.71 -5.08 14.58
CA CYS C 673 -72.36 -4.80 15.02
C CYS C 673 -72.13 -5.26 16.45
N THR D 6 -17.37 -24.81 6.87
CA THR D 6 -16.61 -25.42 5.78
C THR D 6 -17.42 -26.54 5.13
N VAL D 7 -18.40 -26.15 4.31
CA VAL D 7 -19.26 -27.13 3.64
C VAL D 7 -18.45 -27.90 2.63
N SER D 8 -18.63 -29.22 2.61
CA SER D 8 -17.85 -30.07 1.71
C SER D 8 -18.55 -31.40 1.52
N HIS D 9 -18.87 -31.75 0.28
CA HIS D 9 -19.41 -33.06 -0.05
C HIS D 9 -18.44 -33.90 -0.85
N GLU D 10 -17.83 -33.30 -1.87
CA GLU D 10 -16.72 -33.91 -2.61
C GLU D 10 -15.53 -32.99 -2.71
N VAL D 11 -15.71 -31.68 -2.58
CA VAL D 11 -14.62 -30.71 -2.56
C VAL D 11 -14.75 -29.90 -1.28
N ALA D 12 -13.63 -29.67 -0.61
CA ALA D 12 -13.59 -28.96 0.65
C ALA D 12 -13.11 -27.54 0.41
N ASP D 13 -13.88 -26.55 0.84
CA ASP D 13 -13.51 -25.16 0.69
C ASP D 13 -13.47 -24.51 2.06
N CYS D 14 -12.43 -23.70 2.28
CA CYS D 14 -12.21 -23.04 3.55
C CYS D 14 -11.82 -21.59 3.32
N SER D 15 -12.49 -20.93 2.39
CA SER D 15 -12.16 -19.56 2.03
C SER D 15 -12.65 -18.60 3.10
N HIS D 16 -11.77 -17.70 3.53
CA HIS D 16 -12.11 -16.65 4.49
C HIS D 16 -12.67 -17.25 5.78
N LEU D 17 -12.07 -18.35 6.23
CA LEU D 17 -12.47 -19.02 7.45
C LEU D 17 -11.56 -18.70 8.63
N LYS D 18 -10.65 -17.75 8.48
CA LYS D 18 -9.74 -17.34 9.54
C LYS D 18 -8.89 -18.50 10.04
N LEU D 19 -8.69 -19.50 9.21
CA LEU D 19 -7.99 -20.70 9.66
C LEU D 19 -6.50 -20.43 9.81
N THR D 20 -5.96 -20.83 10.95
CA THR D 20 -4.53 -20.75 11.20
C THR D 20 -3.83 -22.09 11.03
N GLN D 21 -4.51 -23.19 11.30
CA GLN D 21 -3.96 -24.52 11.07
C GLN D 21 -4.95 -25.33 10.25
N VAL D 22 -4.43 -26.35 9.57
CA VAL D 22 -5.27 -27.18 8.72
C VAL D 22 -6.25 -27.96 9.58
N PRO D 23 -7.56 -27.89 9.31
CA PRO D 23 -8.50 -28.70 10.09
C PRO D 23 -8.24 -30.18 9.92
N ASP D 24 -8.44 -30.94 11.01
CA ASP D 24 -8.21 -32.38 11.01
C ASP D 24 -9.51 -33.18 10.99
N ASP D 25 -10.65 -32.53 10.83
CA ASP D 25 -11.95 -33.20 10.82
C ASP D 25 -12.56 -32.99 9.43
N LEU D 26 -12.16 -33.85 8.50
CA LEU D 26 -12.66 -33.84 7.13
C LEU D 26 -12.79 -35.29 6.66
N PRO D 27 -13.63 -35.54 5.66
CA PRO D 27 -13.72 -36.91 5.13
C PRO D 27 -12.39 -37.36 4.57
N THR D 28 -12.11 -38.65 4.73
CA THR D 28 -10.84 -39.21 4.26
C THR D 28 -10.75 -39.18 2.74
N ASN D 29 -11.87 -39.38 2.04
CA ASN D 29 -11.89 -39.47 0.58
C ASN D 29 -11.99 -38.11 -0.10
N ILE D 30 -11.60 -37.04 0.58
CA ILE D 30 -11.63 -35.71 -0.01
C ILE D 30 -10.46 -35.57 -0.98
N THR D 31 -10.77 -35.12 -2.20
CA THR D 31 -9.76 -34.98 -3.24
C THR D 31 -9.35 -33.52 -3.49
N VAL D 32 -10.23 -32.56 -3.19
CA VAL D 32 -9.94 -31.15 -3.40
C VAL D 32 -10.04 -30.43 -2.07
N LEU D 33 -8.99 -29.69 -1.71
CA LEU D 33 -8.94 -28.95 -0.46
C LEU D 33 -8.58 -27.50 -0.77
N ASN D 34 -9.56 -26.61 -0.65
CA ASN D 34 -9.36 -25.18 -0.93
C ASN D 34 -9.17 -24.46 0.39
N LEU D 35 -8.01 -23.86 0.57
CA LEU D 35 -7.65 -23.14 1.80
C LEU D 35 -7.19 -21.73 1.46
N THR D 36 -7.88 -21.08 0.53
CA THR D 36 -7.50 -19.74 0.12
C THR D 36 -8.01 -18.69 1.09
N HIS D 37 -7.25 -17.59 1.20
CA HIS D 37 -7.60 -16.45 2.05
C HIS D 37 -7.77 -16.88 3.52
N ASN D 38 -6.69 -17.40 4.08
CA ASN D 38 -6.63 -17.85 5.46
C ASN D 38 -5.34 -17.36 6.08
N GLN D 39 -5.00 -17.88 7.26
CA GLN D 39 -3.79 -17.49 7.98
C GLN D 39 -2.88 -18.68 8.24
N LEU D 40 -2.75 -19.54 7.24
CA LEU D 40 -1.91 -20.73 7.36
C LEU D 40 -0.44 -20.31 7.38
N ARG D 41 0.17 -20.36 8.56
CA ARG D 41 1.58 -20.03 8.69
C ARG D 41 2.46 -21.08 8.02
N ARG D 42 2.17 -22.36 8.26
CA ARG D 42 2.93 -23.45 7.69
C ARG D 42 1.99 -24.54 7.21
N LEU D 43 2.55 -25.51 6.49
CA LEU D 43 1.82 -26.69 6.03
C LEU D 43 2.60 -27.94 6.40
N PRO D 44 2.59 -28.32 7.69
CA PRO D 44 3.32 -29.53 8.09
C PRO D 44 2.73 -30.77 7.46
N ALA D 45 3.59 -31.74 7.16
CA ALA D 45 3.15 -32.97 6.53
C ALA D 45 2.26 -33.79 7.47
N ALA D 46 2.49 -33.69 8.78
CA ALA D 46 1.74 -34.48 9.74
C ALA D 46 0.25 -34.14 9.70
N ASN D 47 -0.10 -32.90 9.45
CA ASN D 47 -1.51 -32.51 9.34
C ASN D 47 -2.17 -33.06 8.09
N PHE D 48 -1.40 -33.54 7.12
CA PHE D 48 -1.95 -34.10 5.88
C PHE D 48 -1.82 -35.62 5.82
N THR D 49 -1.48 -36.26 6.93
CA THR D 49 -1.40 -37.72 6.94
C THR D 49 -2.77 -38.34 6.71
N ARG D 50 -3.82 -37.74 7.29
CA ARG D 50 -5.17 -38.27 7.09
C ARG D 50 -5.58 -38.21 5.63
N TYR D 51 -5.26 -37.11 4.96
CA TYR D 51 -5.64 -36.90 3.56
C TYR D 51 -4.58 -37.56 2.69
N SER D 52 -4.88 -38.75 2.18
CA SER D 52 -3.98 -39.49 1.30
C SER D 52 -4.54 -39.63 -0.10
N GLN D 53 -5.54 -38.82 -0.45
CA GLN D 53 -6.15 -38.92 -1.77
C GLN D 53 -6.41 -37.55 -2.39
N LEU D 54 -5.74 -36.51 -1.89
CA LEU D 54 -5.92 -35.18 -2.46
C LEU D 54 -5.34 -35.11 -3.86
N THR D 55 -6.07 -34.42 -4.74
CA THR D 55 -5.62 -34.17 -6.10
C THR D 55 -5.17 -32.73 -6.28
N SER D 56 -6.00 -31.77 -5.88
CA SER D 56 -5.67 -30.35 -5.97
C SER D 56 -5.70 -29.72 -4.58
N LEU D 57 -4.62 -29.03 -4.24
CA LEU D 57 -4.48 -28.33 -2.96
C LEU D 57 -4.25 -26.85 -3.25
N ASP D 58 -5.29 -26.05 -3.13
CA ASP D 58 -5.22 -24.61 -3.34
C ASP D 58 -5.02 -23.95 -1.98
N VAL D 59 -3.78 -23.57 -1.70
CA VAL D 59 -3.43 -22.97 -0.41
C VAL D 59 -3.00 -21.51 -0.57
N GLY D 60 -3.29 -20.90 -1.72
CA GLY D 60 -2.83 -19.55 -1.97
C GLY D 60 -3.51 -18.51 -1.11
N PHE D 61 -2.99 -17.28 -1.21
CA PHE D 61 -3.49 -16.14 -0.43
C PHE D 61 -3.43 -16.41 1.07
N ASN D 62 -2.35 -17.03 1.52
CA ASN D 62 -2.13 -17.30 2.94
C ASN D 62 -0.77 -16.75 3.34
N THR D 63 -0.30 -17.09 4.53
CA THR D 63 0.96 -16.55 5.04
C THR D 63 2.00 -17.67 5.21
N ILE D 64 2.10 -18.55 4.23
CA ILE D 64 3.13 -19.58 4.26
C ILE D 64 4.47 -18.99 3.84
N SER D 65 5.49 -19.21 4.67
CA SER D 65 6.84 -18.75 4.40
C SER D 65 7.71 -19.82 3.78
N LYS D 66 7.47 -21.09 4.12
CA LYS D 66 8.26 -22.18 3.57
C LYS D 66 7.46 -23.47 3.70
N LEU D 67 7.88 -24.49 2.96
CA LEU D 67 7.25 -25.80 2.96
C LEU D 67 8.29 -26.86 3.26
N GLU D 68 7.83 -28.11 3.33
CA GLU D 68 8.70 -29.24 3.56
C GLU D 68 8.47 -30.27 2.47
N PRO D 69 9.53 -30.96 2.03
CA PRO D 69 9.35 -31.99 1.00
C PRO D 69 8.42 -33.11 1.43
N GLU D 70 8.43 -33.46 2.71
CA GLU D 70 7.61 -34.56 3.19
C GLU D 70 6.12 -34.33 2.96
N LEU D 71 5.70 -33.07 2.78
CA LEU D 71 4.32 -32.78 2.49
C LEU D 71 3.86 -33.47 1.21
N CYS D 72 4.75 -33.56 0.21
CA CYS D 72 4.40 -34.26 -1.01
C CYS D 72 4.42 -35.77 -0.83
N GLN D 73 5.11 -36.27 0.21
CA GLN D 73 5.06 -37.69 0.50
C GLN D 73 3.67 -38.12 0.94
N LYS D 74 3.00 -37.28 1.74
CA LYS D 74 1.66 -37.60 2.22
C LYS D 74 0.60 -37.43 1.15
N LEU D 75 0.95 -36.87 -0.01
CA LEU D 75 0.02 -36.65 -1.11
C LEU D 75 0.61 -37.26 -2.37
N PRO D 76 0.62 -38.60 -2.47
CA PRO D 76 1.18 -39.23 -3.67
C PRO D 76 0.39 -38.96 -4.94
N MET D 77 -0.89 -38.60 -4.83
CA MET D 77 -1.73 -38.37 -6.00
C MET D 77 -2.04 -36.90 -6.22
N LEU D 78 -1.26 -36.00 -5.61
CA LEU D 78 -1.47 -34.58 -5.79
C LEU D 78 -1.20 -34.19 -7.25
N LYS D 79 -2.09 -33.39 -7.82
CA LYS D 79 -1.97 -32.98 -9.22
C LYS D 79 -1.78 -31.49 -9.36
N VAL D 80 -2.57 -30.69 -8.66
CA VAL D 80 -2.52 -29.24 -8.76
C VAL D 80 -2.12 -28.70 -7.40
N LEU D 81 -1.07 -27.89 -7.36
CA LEU D 81 -0.57 -27.28 -6.14
C LEU D 81 -0.46 -25.78 -6.38
N ASN D 82 -1.24 -25.00 -5.64
CA ASN D 82 -1.29 -23.55 -5.83
C ASN D 82 -0.71 -22.88 -4.60
N LEU D 83 0.32 -22.08 -4.80
CA LEU D 83 0.98 -21.33 -3.73
C LEU D 83 0.96 -19.84 -4.04
N GLN D 84 -0.17 -19.36 -4.52
CA GLN D 84 -0.30 -17.97 -4.95
C GLN D 84 -0.31 -17.03 -3.76
N HIS D 85 0.39 -15.91 -3.90
CA HIS D 85 0.39 -14.82 -2.91
C HIS D 85 0.83 -15.32 -1.53
N ASN D 86 2.10 -15.71 -1.48
CA ASN D 86 2.75 -16.12 -0.23
C ASN D 86 4.13 -15.49 -0.20
N GLU D 87 4.99 -15.97 0.69
CA GLU D 87 6.34 -15.43 0.84
C GLU D 87 7.37 -16.56 0.87
N LEU D 88 7.26 -17.48 -0.08
CA LEU D 88 8.25 -18.54 -0.24
C LEU D 88 9.40 -18.04 -1.12
N SER D 89 10.20 -17.14 -0.55
CA SER D 89 11.27 -16.50 -1.28
C SER D 89 12.43 -17.44 -1.64
N GLN D 90 12.51 -18.60 -1.01
CA GLN D 90 13.59 -19.55 -1.27
C GLN D 90 13.03 -20.90 -1.66
N LEU D 91 13.72 -21.58 -2.57
CA LEU D 91 13.38 -22.92 -2.99
C LEU D 91 14.63 -23.79 -2.97
N SER D 92 14.42 -25.09 -2.79
CA SER D 92 15.49 -26.06 -2.73
C SER D 92 15.23 -27.18 -3.72
N ASP D 93 16.30 -27.89 -4.08
CA ASP D 93 16.17 -28.99 -5.03
C ASP D 93 15.32 -30.11 -4.46
N LYS D 94 15.21 -30.22 -3.14
CA LYS D 94 14.38 -31.24 -2.52
C LYS D 94 12.96 -30.76 -2.27
N THR D 95 12.65 -29.49 -2.53
CA THR D 95 11.33 -28.95 -2.22
C THR D 95 10.24 -29.65 -3.02
N PHE D 96 10.47 -29.89 -4.31
CA PHE D 96 9.48 -30.51 -5.18
C PHE D 96 9.94 -31.88 -5.69
N ALA D 97 10.85 -32.55 -4.98
CA ALA D 97 11.36 -33.82 -5.45
C ALA D 97 10.31 -34.91 -5.40
N PHE D 98 9.57 -35.02 -4.29
CA PHE D 98 8.61 -36.09 -4.16
C PHE D 98 7.33 -35.85 -4.93
N CYS D 99 7.06 -34.61 -5.34
CA CYS D 99 5.85 -34.26 -6.08
C CYS D 99 6.07 -34.58 -7.55
N THR D 100 6.07 -35.87 -7.87
CA THR D 100 6.35 -36.33 -9.22
C THR D 100 5.12 -36.42 -10.10
N ASN D 101 3.93 -36.26 -9.56
CA ASN D 101 2.70 -36.36 -10.35
C ASN D 101 2.02 -35.01 -10.52
N LEU D 102 2.71 -33.92 -10.19
CA LEU D 102 2.14 -32.59 -10.35
C LEU D 102 1.89 -32.26 -11.81
N THR D 103 0.79 -31.59 -12.07
CA THR D 103 0.45 -31.09 -13.39
C THR D 103 0.51 -29.56 -13.44
N GLU D 104 -0.07 -28.89 -12.47
CA GLU D 104 -0.03 -27.43 -12.39
C GLU D 104 0.65 -27.01 -11.10
N LEU D 105 1.62 -26.11 -11.21
CA LEU D 105 2.34 -25.56 -10.07
C LEU D 105 2.31 -24.04 -10.19
N HIS D 106 1.59 -23.39 -9.29
CA HIS D 106 1.38 -21.94 -9.34
C HIS D 106 2.17 -21.29 -8.21
N LEU D 107 3.08 -20.40 -8.57
CA LEU D 107 3.95 -19.74 -7.61
C LEU D 107 3.96 -18.24 -7.83
N MET D 108 2.80 -17.67 -8.10
CA MET D 108 2.70 -16.23 -8.35
C MET D 108 2.75 -15.44 -7.06
N SER D 109 3.43 -14.29 -7.11
CA SER D 109 3.49 -13.34 -6.00
C SER D 109 4.03 -13.96 -4.72
N ASN D 110 5.21 -14.59 -4.84
CA ASN D 110 5.88 -15.19 -3.70
C ASN D 110 7.19 -14.51 -3.34
N SER D 111 7.54 -13.41 -4.02
CA SER D 111 8.75 -12.66 -3.74
C SER D 111 9.99 -13.54 -3.82
N ILE D 112 9.99 -14.45 -4.79
CA ILE D 112 11.15 -15.30 -5.06
C ILE D 112 12.18 -14.46 -5.80
N GLN D 113 13.42 -14.51 -5.33
CA GLN D 113 14.46 -13.69 -5.93
C GLN D 113 15.24 -14.44 -7.01
N LYS D 114 15.57 -15.71 -6.78
CA LYS D 114 16.34 -16.44 -7.77
C LYS D 114 16.11 -17.93 -7.61
N ILE D 115 16.48 -18.67 -8.65
CA ILE D 115 16.40 -20.12 -8.69
C ILE D 115 17.82 -20.67 -8.70
N LYS D 116 18.15 -21.51 -7.72
CA LYS D 116 19.56 -21.85 -7.50
C LYS D 116 20.07 -22.95 -8.43
N ASN D 117 19.60 -24.18 -8.27
CA ASN D 117 20.16 -25.27 -9.07
C ASN D 117 19.13 -25.98 -9.94
N ASN D 118 18.13 -26.63 -9.34
CA ASN D 118 17.23 -27.51 -10.06
C ASN D 118 15.99 -27.83 -9.24
N PRO D 119 15.09 -26.88 -9.05
CA PRO D 119 13.89 -27.14 -8.23
C PRO D 119 12.80 -27.92 -8.94
N PHE D 120 12.90 -28.12 -10.26
CA PHE D 120 11.83 -28.74 -11.02
C PHE D 120 12.29 -29.94 -11.83
N VAL D 121 13.51 -30.43 -11.60
CA VAL D 121 14.03 -31.52 -12.41
C VAL D 121 13.23 -32.79 -12.18
N LYS D 122 12.89 -33.08 -10.93
CA LYS D 122 12.34 -34.39 -10.62
C LYS D 122 10.98 -34.61 -11.28
N GLN D 123 10.10 -33.61 -11.24
CA GLN D 123 8.78 -33.80 -11.84
C GLN D 123 8.88 -33.85 -13.36
N LYS D 124 8.12 -34.76 -13.96
CA LYS D 124 8.16 -34.97 -15.39
C LYS D 124 6.81 -34.81 -16.07
N ASN D 125 5.72 -34.89 -15.33
CA ASN D 125 4.38 -34.76 -15.89
C ASN D 125 3.84 -33.33 -15.78
N LEU D 126 4.67 -32.39 -15.32
CA LEU D 126 4.23 -31.01 -15.17
C LEU D 126 3.83 -30.43 -16.52
N ILE D 127 2.67 -29.78 -16.54
CA ILE D 127 2.12 -29.18 -17.76
C ILE D 127 2.31 -27.69 -17.78
N THR D 128 2.01 -27.01 -16.68
CA THR D 128 2.14 -25.56 -16.59
C THR D 128 2.91 -25.17 -15.33
N LEU D 129 3.82 -24.22 -15.49
CA LEU D 129 4.58 -23.65 -14.38
C LEU D 129 4.39 -22.15 -14.40
N ASP D 130 3.92 -21.58 -13.30
CA ASP D 130 3.64 -20.16 -13.23
C ASP D 130 4.56 -19.52 -12.20
N LEU D 131 5.29 -18.49 -12.61
CA LEU D 131 6.23 -17.79 -11.73
C LEU D 131 6.08 -16.28 -11.89
N SER D 132 4.86 -15.82 -12.06
CA SER D 132 4.62 -14.40 -12.27
C SER D 132 4.74 -13.63 -10.96
N HIS D 133 4.93 -12.31 -11.09
CA HIS D 133 4.96 -11.39 -9.95
C HIS D 133 5.99 -11.82 -8.91
N ASN D 134 7.15 -12.23 -9.37
CA ASN D 134 8.30 -12.54 -8.52
C ASN D 134 9.40 -11.53 -8.81
N GLY D 135 10.53 -11.70 -8.14
CA GLY D 135 11.65 -10.81 -8.34
C GLY D 135 12.70 -11.36 -9.26
N LEU D 136 12.34 -12.37 -10.06
CA LEU D 136 13.30 -13.02 -10.93
C LEU D 136 13.86 -12.05 -11.96
N SER D 137 15.18 -12.09 -12.13
CA SER D 137 15.87 -11.27 -13.11
C SER D 137 16.39 -12.08 -14.29
N SER D 138 16.04 -13.37 -14.36
CA SER D 138 16.52 -14.22 -15.42
C SER D 138 15.53 -15.36 -15.63
N THR D 139 15.63 -15.99 -16.79
CA THR D 139 14.79 -17.13 -17.13
C THR D 139 15.43 -18.46 -16.75
N LYS D 140 16.57 -18.42 -16.05
CA LYS D 140 17.26 -19.62 -15.59
C LYS D 140 16.41 -20.39 -14.60
N LEU D 141 15.97 -21.59 -14.97
CA LEU D 141 15.23 -22.45 -14.07
C LEU D 141 15.92 -23.78 -13.83
N GLY D 142 17.09 -24.01 -14.42
CA GLY D 142 17.78 -25.27 -14.22
C GLY D 142 19.07 -25.28 -15.01
N THR D 143 19.80 -26.39 -14.86
CA THR D 143 21.08 -26.59 -15.53
C THR D 143 21.00 -27.64 -16.63
N GLN D 144 20.46 -28.81 -16.33
CA GLN D 144 20.29 -29.86 -17.32
C GLN D 144 18.96 -29.66 -18.05
N VAL D 145 18.55 -30.66 -18.81
CA VAL D 145 17.30 -30.59 -19.57
C VAL D 145 16.22 -31.33 -18.80
N GLN D 146 15.15 -30.62 -18.45
CA GLN D 146 14.03 -31.22 -17.76
C GLN D 146 12.76 -30.57 -18.29
N LEU D 147 11.64 -30.82 -17.59
CA LEU D 147 10.34 -30.27 -17.98
C LEU D 147 10.00 -30.65 -19.42
N GLU D 148 10.04 -31.95 -19.70
CA GLU D 148 9.83 -32.44 -21.06
C GLU D 148 8.42 -32.15 -21.55
N ASN D 149 7.42 -32.34 -20.69
CA ASN D 149 6.02 -32.19 -21.06
C ASN D 149 5.47 -30.82 -20.76
N LEU D 150 6.30 -29.88 -20.32
CA LEU D 150 5.82 -28.54 -20.01
C LEU D 150 5.26 -27.88 -21.26
N GLN D 151 4.09 -27.27 -21.12
CA GLN D 151 3.44 -26.59 -22.23
C GLN D 151 3.24 -25.11 -22.00
N GLU D 152 3.08 -24.66 -20.76
CA GLU D 152 2.88 -23.25 -20.46
C GLU D 152 3.92 -22.81 -19.45
N LEU D 153 4.59 -21.69 -19.75
CA LEU D 153 5.57 -21.12 -18.83
C LEU D 153 5.24 -19.64 -18.66
N LEU D 154 4.77 -19.27 -17.48
CA LEU D 154 4.37 -17.90 -17.19
C LEU D 154 5.49 -17.23 -16.39
N LEU D 155 6.01 -16.13 -16.92
CA LEU D 155 7.08 -15.39 -16.27
C LEU D 155 6.81 -13.90 -16.34
N SER D 156 5.55 -13.51 -16.13
CA SER D 156 5.17 -12.12 -16.25
C SER D 156 5.50 -11.34 -14.99
N ASN D 157 5.65 -10.02 -15.14
CA ASN D 157 5.84 -9.11 -14.02
C ASN D 157 7.04 -9.51 -13.15
N ASN D 158 8.14 -9.81 -13.81
CA ASN D 158 9.40 -10.08 -13.16
C ASN D 158 10.39 -8.97 -13.51
N LYS D 159 11.64 -9.16 -13.14
CA LYS D 159 12.69 -8.19 -13.41
C LYS D 159 13.62 -8.65 -14.54
N ILE D 160 13.10 -9.46 -15.47
CA ILE D 160 13.92 -9.96 -16.56
C ILE D 160 14.16 -8.84 -17.56
N GLN D 161 15.42 -8.66 -17.96
CA GLN D 161 15.80 -7.60 -18.86
C GLN D 161 16.35 -8.07 -20.19
N ALA D 162 16.70 -9.34 -20.33
CA ALA D 162 17.23 -9.84 -21.60
C ALA D 162 16.91 -11.32 -21.70
N LEU D 163 16.93 -11.82 -22.93
CA LEU D 163 16.70 -13.23 -23.19
C LEU D 163 17.95 -13.81 -23.81
N LYS D 164 18.44 -14.90 -23.24
CA LYS D 164 19.66 -15.57 -23.69
C LYS D 164 19.34 -17.01 -24.08
N SER D 165 20.07 -17.51 -25.07
CA SER D 165 19.84 -18.86 -25.55
C SER D 165 20.15 -19.89 -24.48
N GLU D 166 21.23 -19.71 -23.75
CA GLU D 166 21.62 -20.71 -22.74
C GLU D 166 20.59 -20.79 -21.62
N GLU D 167 20.04 -19.65 -21.20
CA GLU D 167 19.06 -19.65 -20.10
C GLU D 167 17.83 -20.48 -20.44
N LEU D 168 17.47 -20.58 -21.72
CA LEU D 168 16.33 -21.38 -22.16
C LEU D 168 16.72 -22.78 -22.61
N ASP D 169 18.01 -23.14 -22.53
CA ASP D 169 18.46 -24.43 -23.04
C ASP D 169 17.81 -25.62 -22.36
N ILE D 170 17.26 -25.46 -21.16
CA ILE D 170 16.60 -26.57 -20.49
C ILE D 170 15.30 -26.99 -21.16
N PHE D 171 14.78 -26.18 -22.09
CA PHE D 171 13.54 -26.49 -22.79
C PHE D 171 13.78 -27.02 -24.20
N ALA D 172 14.88 -27.76 -24.41
CA ALA D 172 15.21 -28.25 -25.74
C ALA D 172 14.20 -29.29 -26.21
N ASN D 173 13.69 -30.11 -25.31
CA ASN D 173 12.70 -31.13 -25.66
C ASN D 173 11.28 -30.70 -25.32
N SER D 174 11.08 -29.44 -24.96
CA SER D 174 9.78 -28.93 -24.56
C SER D 174 9.11 -28.20 -25.71
N SER D 175 7.82 -28.44 -25.87
CA SER D 175 7.00 -27.77 -26.88
C SER D 175 6.15 -26.73 -26.17
N LEU D 176 6.70 -25.52 -26.02
CA LEU D 176 6.04 -24.46 -25.27
C LEU D 176 4.84 -23.94 -26.06
N LYS D 177 3.64 -24.24 -25.57
CA LYS D 177 2.43 -23.71 -26.15
C LYS D 177 2.13 -22.29 -25.71
N LYS D 178 2.75 -21.83 -24.63
CA LYS D 178 2.54 -20.48 -24.13
C LYS D 178 3.77 -20.04 -23.37
N LEU D 179 4.39 -18.95 -23.79
CA LEU D 179 5.53 -18.38 -23.10
C LEU D 179 5.17 -16.94 -22.76
N GLU D 180 4.74 -16.72 -21.51
CA GLU D 180 4.32 -15.40 -21.07
C GLU D 180 5.52 -14.65 -20.50
N LEU D 181 5.94 -13.60 -21.20
CA LEU D 181 6.99 -12.73 -20.71
C LEU D 181 6.51 -11.29 -20.61
N SER D 182 5.21 -11.11 -20.38
CA SER D 182 4.64 -9.77 -20.36
C SER D 182 5.14 -9.01 -19.14
N SER D 183 5.16 -7.67 -19.27
CA SER D 183 5.51 -6.78 -18.18
C SER D 183 6.92 -7.03 -17.64
N ASN D 184 7.84 -7.48 -18.50
CA ASN D 184 9.25 -7.57 -18.16
C ASN D 184 10.00 -6.67 -19.12
N GLN D 185 10.81 -5.76 -18.58
CA GLN D 185 11.49 -4.80 -19.44
C GLN D 185 12.63 -5.45 -20.21
N ILE D 186 12.30 -6.28 -21.19
CA ILE D 186 13.29 -6.94 -22.03
C ILE D 186 13.83 -5.92 -23.02
N LYS D 187 15.15 -5.80 -23.08
CA LYS D 187 15.79 -4.83 -23.96
C LYS D 187 16.77 -5.45 -24.94
N GLU D 188 16.91 -6.77 -24.96
CA GLU D 188 17.86 -7.41 -25.86
C GLU D 188 17.42 -8.85 -26.07
N PHE D 189 17.37 -9.27 -27.33
CA PHE D 189 17.06 -10.65 -27.70
C PHE D 189 18.32 -11.21 -28.35
N SER D 190 19.08 -11.98 -27.59
CA SER D 190 20.33 -12.55 -28.10
C SER D 190 20.02 -13.58 -29.18
N PRO D 191 20.91 -13.72 -30.17
CA PRO D 191 20.66 -14.66 -31.26
C PRO D 191 20.48 -16.09 -30.76
N GLY D 192 19.53 -16.78 -31.37
CA GLY D 192 19.25 -18.16 -31.02
C GLY D 192 18.49 -18.34 -29.73
N CYS D 193 17.99 -17.27 -29.13
CA CYS D 193 17.32 -17.39 -27.84
C CYS D 193 16.04 -18.21 -27.94
N PHE D 194 15.23 -17.99 -28.98
CA PHE D 194 14.02 -18.77 -29.12
C PHE D 194 14.24 -20.11 -29.80
N HIS D 195 15.41 -20.34 -30.40
CA HIS D 195 15.71 -21.64 -30.96
C HIS D 195 16.15 -22.64 -29.90
N ALA D 196 16.42 -22.17 -28.68
CA ALA D 196 16.72 -23.10 -27.58
C ALA D 196 15.51 -23.97 -27.27
N ILE D 197 14.31 -23.38 -27.28
CA ILE D 197 13.09 -24.16 -27.08
C ILE D 197 12.89 -25.08 -28.27
N GLY D 198 12.51 -26.33 -28.00
CA GLY D 198 12.30 -27.26 -29.10
C GLY D 198 11.20 -26.82 -30.05
N ARG D 199 10.05 -26.43 -29.50
CA ARG D 199 8.95 -25.91 -30.30
C ARG D 199 8.25 -24.83 -29.50
N LEU D 200 8.22 -23.61 -30.02
CA LEU D 200 7.52 -22.49 -29.41
C LEU D 200 6.31 -22.15 -30.26
N PHE D 201 5.11 -22.27 -29.68
CA PHE D 201 3.88 -22.02 -30.43
C PHE D 201 3.23 -20.68 -30.11
N GLY D 202 3.43 -20.14 -28.92
CA GLY D 202 2.82 -18.87 -28.56
C GLY D 202 3.72 -18.03 -27.69
N LEU D 203 3.87 -16.76 -28.04
CA LEU D 203 4.71 -15.83 -27.30
C LEU D 203 3.89 -14.60 -26.94
N PHE D 204 3.97 -14.19 -25.68
CA PHE D 204 3.25 -13.03 -25.18
C PHE D 204 4.24 -12.02 -24.65
N LEU D 205 4.16 -10.79 -25.15
CA LEU D 205 5.04 -9.72 -24.73
C LEU D 205 4.25 -8.45 -24.50
N ASN D 206 3.10 -8.58 -23.86
CA ASN D 206 2.26 -7.43 -23.57
C ASN D 206 2.91 -6.55 -22.52
N ASN D 207 2.67 -5.25 -22.62
CA ASN D 207 3.19 -4.29 -21.65
C ASN D 207 4.71 -4.33 -21.55
N VAL D 208 5.37 -4.62 -22.66
CA VAL D 208 6.83 -4.65 -22.73
C VAL D 208 7.21 -3.59 -23.74
N GLN D 209 7.91 -2.56 -23.28
CA GLN D 209 8.25 -1.45 -24.16
C GLN D 209 9.33 -1.89 -25.14
N LEU D 210 8.92 -2.26 -26.35
CA LEU D 210 9.86 -2.69 -27.37
C LEU D 210 10.15 -1.59 -28.39
N GLY D 211 9.13 -1.10 -29.07
CA GLY D 211 9.32 -0.14 -30.13
C GLY D 211 9.59 -0.82 -31.45
N PRO D 212 9.51 -0.06 -32.55
CA PRO D 212 9.68 -0.68 -33.88
C PRO D 212 11.02 -1.36 -34.09
N SER D 213 12.11 -0.79 -33.58
CA SER D 213 13.44 -1.37 -33.82
C SER D 213 13.61 -2.69 -33.07
N LEU D 214 13.25 -2.70 -31.79
CA LEU D 214 13.33 -3.92 -31.02
C LEU D 214 12.30 -4.94 -31.51
N THR D 215 11.19 -4.48 -32.06
CA THR D 215 10.24 -5.39 -32.69
C THR D 215 10.85 -6.06 -33.91
N GLU D 216 11.58 -5.32 -34.73
CA GLU D 216 12.28 -5.93 -35.85
C GLU D 216 13.30 -6.95 -35.37
N LYS D 217 14.04 -6.62 -34.32
CA LYS D 217 15.00 -7.57 -33.77
C LYS D 217 14.31 -8.84 -33.28
N LEU D 218 13.18 -8.70 -32.59
CA LEU D 218 12.44 -9.84 -32.11
C LEU D 218 11.91 -10.70 -33.26
N CYS D 219 11.36 -10.06 -34.29
CA CYS D 219 10.82 -10.81 -35.42
C CYS D 219 11.93 -11.56 -36.16
N LEU D 220 13.08 -10.93 -36.33
CA LEU D 220 14.23 -11.66 -36.88
C LEU D 220 14.63 -12.81 -35.98
N GLU D 221 14.47 -12.63 -34.67
CA GLU D 221 14.80 -13.70 -33.74
C GLU D 221 13.77 -14.81 -33.74
N LEU D 222 12.53 -14.52 -34.12
CA LEU D 222 11.46 -15.52 -34.16
C LEU D 222 11.40 -16.31 -35.46
N ALA D 223 12.21 -15.97 -36.45
CA ALA D 223 12.15 -16.64 -37.74
C ALA D 223 12.59 -18.09 -37.62
N ASN D 224 12.02 -18.92 -38.48
CA ASN D 224 12.32 -20.36 -38.53
C ASN D 224 12.03 -21.04 -37.20
N THR D 225 10.97 -20.60 -36.54
CA THR D 225 10.42 -21.26 -35.36
C THR D 225 9.00 -21.68 -35.68
N SER D 226 8.36 -22.38 -34.73
CA SER D 226 7.02 -22.87 -34.91
C SER D 226 5.98 -21.94 -34.31
N ILE D 227 6.26 -20.64 -34.28
CA ILE D 227 5.37 -19.70 -33.62
C ILE D 227 4.08 -19.56 -34.40
N ARG D 228 2.97 -19.53 -33.68
CA ARG D 228 1.67 -19.38 -34.30
C ARG D 228 0.87 -18.21 -33.73
N ASN D 229 1.05 -17.90 -32.45
CA ASN D 229 0.38 -16.79 -31.80
C ASN D 229 1.42 -15.82 -31.27
N LEU D 230 1.24 -14.53 -31.54
CA LEU D 230 2.16 -13.50 -31.11
C LEU D 230 1.37 -12.31 -30.59
N SER D 231 1.56 -11.98 -29.32
CA SER D 231 0.83 -10.87 -28.70
C SER D 231 1.82 -9.77 -28.34
N LEU D 232 1.58 -8.58 -28.85
CA LEU D 232 2.42 -7.41 -28.58
C LEU D 232 1.57 -6.24 -28.14
N SER D 233 0.57 -6.50 -27.32
CA SER D 233 -0.33 -5.45 -26.88
C SER D 233 0.38 -4.50 -25.93
N ASN D 234 0.12 -3.21 -26.10
CA ASN D 234 0.71 -2.18 -25.24
C ASN D 234 2.23 -2.29 -25.21
N SER D 235 2.82 -2.51 -26.37
CA SER D 235 4.25 -2.68 -26.52
C SER D 235 4.94 -1.39 -26.96
N GLN D 236 4.24 -0.27 -26.91
CA GLN D 236 4.77 1.03 -27.31
C GLN D 236 5.22 1.02 -28.78
N LEU D 237 4.47 0.31 -29.62
CA LEU D 237 4.74 0.23 -31.06
C LEU D 237 4.02 1.40 -31.73
N SER D 238 4.72 2.51 -31.88
CA SER D 238 4.08 3.70 -32.41
C SER D 238 3.81 3.61 -33.90
N THR D 239 4.76 3.08 -34.67
CA THR D 239 4.65 3.00 -36.12
C THR D 239 5.07 1.62 -36.60
N THR D 240 4.61 1.27 -37.80
CA THR D 240 5.01 0.04 -38.46
C THR D 240 5.45 0.36 -39.89
N SER D 241 6.37 -0.44 -40.39
CA SER D 241 6.89 -0.32 -41.74
C SER D 241 6.86 -1.69 -42.41
N ASN D 242 7.25 -1.73 -43.68
CA ASN D 242 7.29 -3.00 -44.39
C ASN D 242 8.48 -3.86 -43.99
N THR D 243 9.39 -3.35 -43.18
CA THR D 243 10.47 -4.17 -42.64
C THR D 243 10.27 -4.53 -41.16
N THR D 244 9.16 -4.12 -40.56
CA THR D 244 8.96 -4.39 -39.13
C THR D 244 8.82 -5.87 -38.85
N PHE D 245 8.03 -6.57 -39.65
CA PHE D 245 7.76 -7.99 -39.44
C PHE D 245 8.43 -8.83 -40.53
N LEU D 246 9.61 -8.42 -40.96
CA LEU D 246 10.30 -9.13 -42.01
C LEU D 246 10.66 -10.55 -41.57
N GLY D 247 11.12 -10.71 -40.33
CA GLY D 247 11.49 -12.03 -39.85
C GLY D 247 10.33 -13.00 -39.86
N LEU D 248 9.13 -12.51 -39.57
CA LEU D 248 7.93 -13.34 -39.58
C LEU D 248 7.62 -13.90 -40.96
N LYS D 249 8.36 -13.50 -41.99
CA LYS D 249 8.22 -14.15 -43.30
C LYS D 249 8.63 -15.61 -43.21
N TRP D 250 9.48 -15.97 -42.26
CA TRP D 250 9.97 -17.34 -42.12
C TRP D 250 9.24 -18.11 -41.06
N THR D 251 7.93 -17.90 -40.93
CA THR D 251 7.12 -18.68 -40.01
C THR D 251 5.71 -18.79 -40.57
N ASN D 252 4.85 -19.48 -39.83
CA ASN D 252 3.47 -19.68 -40.24
C ASN D 252 2.53 -19.05 -39.23
N LEU D 253 2.80 -17.80 -38.86
CA LEU D 253 2.02 -17.12 -37.84
C LEU D 253 0.56 -17.04 -38.24
N THR D 254 -0.32 -17.40 -37.30
CA THR D 254 -1.76 -17.40 -37.52
C THR D 254 -2.49 -16.29 -36.78
N MET D 255 -2.03 -15.91 -35.60
CA MET D 255 -2.63 -14.85 -34.81
C MET D 255 -1.59 -13.79 -34.48
N LEU D 256 -1.98 -12.52 -34.57
CA LEU D 256 -1.13 -11.40 -34.18
C LEU D 256 -1.97 -10.38 -33.43
N ASP D 257 -1.46 -9.90 -32.31
CA ASP D 257 -2.14 -8.91 -31.47
C ASP D 257 -1.31 -7.65 -31.39
N LEU D 258 -1.90 -6.53 -31.81
CA LEU D 258 -1.21 -5.24 -31.83
C LEU D 258 -2.07 -4.15 -31.22
N SER D 259 -2.89 -4.49 -30.24
CA SER D 259 -3.79 -3.54 -29.62
C SER D 259 -3.07 -2.68 -28.60
N TYR D 260 -3.64 -1.51 -28.32
CA TYR D 260 -3.16 -0.61 -27.27
C TYR D 260 -1.74 -0.14 -27.47
N ASN D 261 -1.28 -0.10 -28.72
CA ASN D 261 0.08 0.32 -29.03
C ASN D 261 0.19 1.78 -29.42
N ASN D 262 -0.92 2.53 -29.41
CA ASN D 262 -0.95 3.91 -29.86
C ASN D 262 -0.41 4.03 -31.28
N LEU D 263 -0.70 3.02 -32.09
CA LEU D 263 -0.22 2.97 -33.46
C LEU D 263 -0.84 4.09 -34.28
N ASN D 264 -0.02 4.80 -35.03
CA ASN D 264 -0.45 5.96 -35.80
C ASN D 264 -0.43 5.73 -37.29
N VAL D 265 0.70 5.28 -37.84
CA VAL D 265 0.85 5.10 -39.27
C VAL D 265 1.25 3.66 -39.55
N VAL D 266 0.54 3.02 -40.48
CA VAL D 266 0.86 1.70 -40.96
C VAL D 266 1.33 1.87 -42.40
N GLY D 267 2.57 1.49 -42.66
CA GLY D 267 3.09 1.62 -44.01
C GLY D 267 2.51 0.58 -44.94
N ASN D 268 2.72 0.81 -46.23
CA ASN D 268 2.25 -0.14 -47.22
C ASN D 268 3.04 -1.45 -47.08
N ASP D 269 2.34 -2.56 -47.23
CA ASP D 269 2.93 -3.89 -47.13
C ASP D 269 3.61 -4.14 -45.79
N SER D 270 3.06 -3.54 -44.72
CA SER D 270 3.58 -3.79 -43.39
C SER D 270 3.30 -5.22 -42.97
N PHE D 271 2.24 -5.82 -43.49
CA PHE D 271 1.84 -7.18 -43.14
C PHE D 271 1.86 -8.11 -44.34
N ALA D 272 2.59 -7.76 -45.39
CA ALA D 272 2.75 -8.64 -46.52
C ALA D 272 3.58 -9.87 -46.18
N TRP D 273 4.23 -9.87 -45.02
CA TRP D 273 5.02 -11.01 -44.56
C TRP D 273 4.18 -12.03 -43.81
N LEU D 274 2.86 -11.86 -43.80
CA LEU D 274 1.98 -12.74 -43.05
C LEU D 274 0.90 -13.30 -43.98
N PRO D 275 1.26 -14.26 -44.84
CA PRO D 275 0.25 -14.85 -45.72
C PRO D 275 -0.65 -15.85 -45.03
N GLN D 276 -0.27 -16.40 -43.88
CA GLN D 276 -1.10 -17.36 -43.18
C GLN D 276 -1.85 -16.75 -42.00
N LEU D 277 -1.77 -15.44 -41.80
CA LEU D 277 -2.44 -14.82 -40.68
C LEU D 277 -3.94 -14.96 -40.83
N GLU D 278 -4.61 -15.37 -39.76
CA GLU D 278 -6.05 -15.54 -39.74
C GLU D 278 -6.77 -14.66 -38.75
N TYR D 279 -6.15 -14.32 -37.63
CA TYR D 279 -6.75 -13.47 -36.62
C TYR D 279 -5.84 -12.28 -36.40
N PHE D 280 -6.39 -11.08 -36.56
CA PHE D 280 -5.62 -9.85 -36.43
C PHE D 280 -6.37 -8.93 -35.48
N PHE D 281 -5.67 -8.43 -34.47
CA PHE D 281 -6.25 -7.54 -33.48
C PHE D 281 -5.56 -6.19 -33.52
N LEU D 282 -6.32 -5.14 -33.76
CA LEU D 282 -5.79 -3.80 -33.87
C LEU D 282 -6.60 -2.79 -33.06
N GLU D 283 -7.34 -3.25 -32.07
CA GLU D 283 -8.24 -2.35 -31.36
C GLU D 283 -7.46 -1.39 -30.47
N TYR D 284 -8.06 -0.23 -30.20
CA TYR D 284 -7.52 0.79 -29.31
C TYR D 284 -6.15 1.26 -29.76
N ASN D 285 -6.12 1.85 -30.95
CA ASN D 285 -4.92 2.50 -31.48
C ASN D 285 -5.25 3.93 -31.85
N ASN D 286 -4.37 4.60 -32.57
CA ASN D 286 -4.54 6.00 -32.95
C ASN D 286 -4.21 6.20 -34.43
N ILE D 287 -4.72 5.33 -35.29
CA ILE D 287 -4.38 5.38 -36.70
C ILE D 287 -5.01 6.60 -37.35
N GLN D 288 -4.19 7.40 -38.03
CA GLN D 288 -4.64 8.63 -38.66
C GLN D 288 -5.23 8.37 -40.04
N HIS D 289 -4.50 7.64 -40.87
CA HIS D 289 -4.91 7.41 -42.25
C HIS D 289 -4.60 5.98 -42.60
N LEU D 290 -5.52 5.33 -43.30
CA LEU D 290 -5.35 3.94 -43.71
C LEU D 290 -5.19 3.95 -45.23
N PHE D 291 -4.09 3.39 -45.71
CA PHE D 291 -3.76 3.47 -47.12
C PHE D 291 -4.32 2.28 -47.88
N SER D 292 -4.24 2.36 -49.20
CA SER D 292 -4.77 1.29 -50.05
C SER D 292 -4.01 0.00 -49.84
N HIS D 293 -2.69 0.06 -49.75
CA HIS D 293 -1.87 -1.14 -49.60
C HIS D 293 -1.45 -1.37 -48.16
N SER D 294 -2.06 -0.68 -47.21
CA SER D 294 -1.71 -0.87 -45.81
C SER D 294 -2.00 -2.28 -45.34
N LEU D 295 -3.12 -2.87 -45.80
CA LEU D 295 -3.48 -4.23 -45.45
C LEU D 295 -3.16 -5.23 -46.55
N HIS D 296 -2.25 -4.89 -47.44
CA HIS D 296 -1.89 -5.76 -48.55
C HIS D 296 -1.20 -7.02 -48.04
N GLY D 297 -1.51 -8.16 -48.67
CA GLY D 297 -0.91 -9.42 -48.31
C GLY D 297 -1.57 -10.18 -47.20
N LEU D 298 -2.74 -9.74 -46.73
CA LEU D 298 -3.46 -10.38 -45.63
C LEU D 298 -4.64 -11.22 -46.13
N PHE D 299 -4.48 -11.94 -47.23
CA PHE D 299 -5.59 -12.61 -47.89
C PHE D 299 -6.14 -13.81 -47.13
N ASN D 300 -5.46 -14.32 -46.12
CA ASN D 300 -5.97 -15.43 -45.32
C ASN D 300 -6.68 -14.99 -44.05
N VAL D 301 -6.78 -13.68 -43.80
CA VAL D 301 -7.37 -13.21 -42.56
C VAL D 301 -8.87 -13.44 -42.57
N ARG D 302 -9.38 -14.07 -41.52
CA ARG D 302 -10.80 -14.29 -41.36
C ARG D 302 -11.45 -13.41 -40.32
N TYR D 303 -10.71 -13.02 -39.30
CA TYR D 303 -11.21 -12.18 -38.22
C TYR D 303 -10.32 -10.97 -38.09
N LEU D 304 -10.90 -9.77 -38.14
CA LEU D 304 -10.17 -8.52 -37.97
C LEU D 304 -10.94 -7.63 -37.01
N ASN D 305 -10.24 -7.13 -36.00
CA ASN D 305 -10.83 -6.26 -34.98
C ASN D 305 -10.25 -4.87 -35.13
N LEU D 306 -11.11 -3.89 -35.34
CA LEU D 306 -10.72 -2.50 -35.54
C LEU D 306 -11.50 -1.59 -34.60
N LYS D 307 -11.90 -2.10 -33.46
CA LYS D 307 -12.67 -1.31 -32.51
C LYS D 307 -11.80 -0.24 -31.87
N ARG D 308 -12.22 1.02 -31.97
CA ARG D 308 -11.49 2.15 -31.39
C ARG D 308 -10.08 2.25 -31.96
N SER D 309 -9.90 1.83 -33.19
CA SER D 309 -8.58 1.70 -33.79
C SER D 309 -8.08 2.95 -34.49
N PHE D 310 -8.90 3.98 -34.63
CA PHE D 310 -8.51 5.17 -35.39
C PHE D 310 -8.51 6.39 -34.49
N THR D 311 -8.00 7.48 -35.04
CA THR D 311 -7.87 8.72 -34.28
C THR D 311 -9.24 9.27 -33.94
N LYS D 312 -9.39 9.73 -32.71
CA LYS D 312 -10.67 10.28 -32.26
C LYS D 312 -10.86 11.69 -32.77
N GLN D 313 -12.08 12.19 -32.59
CA GLN D 313 -12.42 13.54 -33.00
C GLN D 313 -11.59 14.55 -32.21
N SER D 314 -11.00 15.50 -32.92
CA SER D 314 -10.18 16.54 -32.31
C SER D 314 -10.75 17.90 -32.67
N ILE D 315 -10.95 18.75 -31.66
CA ILE D 315 -11.50 20.07 -31.88
C ILE D 315 -10.43 21.06 -32.35
N SER D 316 -9.15 20.72 -32.19
CA SER D 316 -8.08 21.64 -32.56
C SER D 316 -7.96 21.75 -34.08
N LEU D 317 -8.02 20.63 -34.79
CA LEU D 317 -7.81 20.61 -36.23
C LEU D 317 -8.90 19.91 -37.01
N ALA D 318 -9.83 19.22 -36.35
CA ALA D 318 -10.89 18.47 -37.02
C ALA D 318 -10.31 17.46 -38.02
N SER D 319 -9.24 16.78 -37.58
CA SER D 319 -8.56 15.80 -38.42
C SER D 319 -9.19 14.43 -38.18
N LEU D 320 -10.31 14.21 -38.85
CA LEU D 320 -10.98 12.91 -38.76
C LEU D 320 -10.12 11.85 -39.44
N PRO D 321 -10.17 10.61 -38.95
CA PRO D 321 -9.44 9.53 -39.61
C PRO D 321 -9.95 9.30 -41.03
N LYS D 322 -9.04 8.98 -41.92
CA LYS D 322 -9.36 8.78 -43.33
C LYS D 322 -9.08 7.35 -43.73
N ILE D 323 -10.05 6.73 -44.40
CA ILE D 323 -9.91 5.38 -44.93
C ILE D 323 -9.93 5.50 -46.45
N ASP D 324 -8.84 5.12 -47.10
CA ASP D 324 -8.83 5.19 -48.55
C ASP D 324 -9.73 4.13 -49.15
N ASP D 325 -10.20 4.39 -50.35
CA ASP D 325 -11.02 3.41 -51.04
C ASP D 325 -10.19 2.19 -51.40
N PHE D 326 -10.87 1.04 -51.48
CA PHE D 326 -10.26 -0.24 -51.81
C PHE D 326 -9.19 -0.61 -50.80
N SER D 327 -9.34 -0.15 -49.56
CA SER D 327 -8.39 -0.46 -48.52
C SER D 327 -8.60 -1.83 -47.90
N PHE D 328 -9.75 -2.45 -48.15
CA PHE D 328 -10.04 -3.80 -47.67
C PHE D 328 -10.11 -4.81 -48.79
N GLN D 329 -9.74 -4.44 -50.02
CA GLN D 329 -9.89 -5.34 -51.14
C GLN D 329 -8.97 -6.55 -51.06
N TRP D 330 -7.93 -6.49 -50.23
CA TRP D 330 -7.00 -7.60 -50.10
C TRP D 330 -7.54 -8.73 -49.24
N LEU D 331 -8.55 -8.46 -48.42
CA LEU D 331 -9.05 -9.43 -47.45
C LEU D 331 -10.11 -10.30 -48.11
N LYS D 332 -9.65 -11.26 -48.91
CA LYS D 332 -10.56 -12.12 -49.65
C LYS D 332 -11.26 -13.13 -48.74
N CYS D 333 -10.61 -13.60 -47.69
CA CYS D 333 -11.17 -14.60 -46.80
C CYS D 333 -11.78 -14.00 -45.54
N LEU D 334 -11.91 -12.68 -45.48
CA LEU D 334 -12.43 -12.03 -44.28
C LEU D 334 -13.90 -12.37 -44.09
N GLU D 335 -14.25 -12.79 -42.88
CA GLU D 335 -15.61 -13.18 -42.56
C GLU D 335 -16.22 -12.37 -41.43
N HIS D 336 -15.42 -11.81 -40.55
CA HIS D 336 -15.89 -11.11 -39.36
C HIS D 336 -15.10 -9.81 -39.23
N LEU D 337 -15.75 -8.68 -39.41
CA LEU D 337 -15.12 -7.38 -39.30
C LEU D 337 -15.80 -6.56 -38.21
N ASN D 338 -15.01 -6.04 -37.30
CA ASN D 338 -15.51 -5.24 -36.19
C ASN D 338 -14.87 -3.86 -36.27
N MET D 339 -15.70 -2.82 -36.34
CA MET D 339 -15.23 -1.45 -36.49
C MET D 339 -15.94 -0.50 -35.54
N GLU D 340 -16.29 -0.97 -34.35
CA GLU D 340 -17.06 -0.18 -33.41
C GLU D 340 -16.25 0.97 -32.81
N ASP D 341 -16.97 2.01 -32.39
CA ASP D 341 -16.42 3.12 -31.61
C ASP D 341 -15.28 3.82 -32.35
N ASN D 342 -15.61 4.38 -33.49
CA ASN D 342 -14.66 5.14 -34.31
C ASN D 342 -15.29 6.48 -34.67
N ASP D 343 -14.53 7.29 -35.40
CA ASP D 343 -14.98 8.60 -35.84
C ASP D 343 -14.81 8.74 -37.34
N ILE D 344 -15.15 7.71 -38.09
CA ILE D 344 -15.08 7.77 -39.56
C ILE D 344 -16.14 8.74 -40.06
N PRO D 345 -15.80 9.67 -40.95
CA PRO D 345 -16.83 10.61 -41.43
C PRO D 345 -18.00 9.97 -42.16
N GLY D 346 -17.79 8.89 -42.91
CA GLY D 346 -18.89 8.28 -43.63
C GLY D 346 -18.43 7.06 -44.38
N ILE D 347 -19.35 6.51 -45.19
CA ILE D 347 -19.09 5.32 -46.00
C ILE D 347 -18.95 5.76 -47.44
N LYS D 348 -17.84 5.40 -48.07
CA LYS D 348 -17.58 5.79 -49.44
C LYS D 348 -18.13 4.75 -50.41
N SER D 349 -17.89 4.97 -51.70
CA SER D 349 -18.49 4.14 -52.74
C SER D 349 -17.84 2.77 -52.88
N ASN D 350 -16.61 2.60 -52.42
CA ASN D 350 -15.91 1.32 -52.50
C ASN D 350 -15.24 1.00 -51.17
N MET D 351 -15.92 1.30 -50.06
CA MET D 351 -15.31 1.08 -48.75
C MET D 351 -15.07 -0.39 -48.49
N PHE D 352 -16.03 -1.23 -48.87
CA PHE D 352 -15.93 -2.67 -48.60
C PHE D 352 -15.85 -3.50 -49.87
N THR D 353 -15.43 -2.89 -50.98
CA THR D 353 -15.28 -3.64 -52.22
C THR D 353 -14.15 -4.65 -52.08
N GLY D 354 -14.39 -5.87 -52.52
CA GLY D 354 -13.42 -6.93 -52.44
C GLY D 354 -13.66 -7.93 -51.34
N LEU D 355 -14.53 -7.63 -50.39
CA LEU D 355 -14.84 -8.54 -49.28
C LEU D 355 -15.90 -9.53 -49.74
N ILE D 356 -15.46 -10.58 -50.43
CA ILE D 356 -16.36 -11.55 -51.04
C ILE D 356 -16.75 -12.68 -50.10
N ASN D 357 -16.26 -12.69 -48.87
CA ASN D 357 -16.63 -13.70 -47.89
C ASN D 357 -17.16 -13.10 -46.60
N LEU D 358 -17.42 -11.80 -46.59
CA LEU D 358 -17.80 -11.12 -45.36
C LEU D 358 -19.22 -11.51 -44.96
N LYS D 359 -19.37 -12.04 -43.75
CA LYS D 359 -20.65 -12.45 -43.23
C LYS D 359 -21.12 -11.63 -42.05
N TYR D 360 -20.21 -11.06 -41.29
CA TYR D 360 -20.54 -10.24 -40.12
C TYR D 360 -19.83 -8.91 -40.24
N LEU D 361 -20.57 -7.83 -40.05
CA LEU D 361 -20.00 -6.48 -40.08
C LEU D 361 -20.67 -5.66 -39.00
N SER D 362 -19.88 -5.16 -38.06
CA SER D 362 -20.38 -4.33 -36.98
C SER D 362 -19.89 -2.90 -37.19
N LEU D 363 -20.83 -1.98 -37.31
CA LEU D 363 -20.53 -0.57 -37.48
C LEU D 363 -21.18 0.25 -36.38
N SER D 364 -21.25 -0.32 -35.18
CA SER D 364 -21.90 0.34 -34.07
C SER D 364 -21.04 1.51 -33.60
N ASN D 365 -21.58 2.72 -33.68
CA ASN D 365 -20.91 3.94 -33.24
C ASN D 365 -19.58 4.14 -33.97
N SER D 366 -19.54 3.79 -35.25
CA SER D 366 -18.33 3.89 -36.05
C SER D 366 -18.19 5.20 -36.81
N PHE D 367 -19.19 6.07 -36.77
CA PHE D 367 -19.19 7.26 -37.60
C PHE D 367 -19.59 8.47 -36.79
N THR D 368 -19.14 9.63 -37.25
CA THR D 368 -19.54 10.89 -36.63
C THR D 368 -20.75 11.47 -37.36
N SER D 369 -20.70 11.55 -38.68
CA SER D 369 -21.76 12.15 -39.47
C SER D 369 -22.29 11.14 -40.49
N LEU D 370 -23.23 10.31 -40.06
CA LEU D 370 -23.97 9.40 -40.94
C LEU D 370 -25.44 9.63 -40.59
N ARG D 371 -26.05 10.62 -41.23
CA ARG D 371 -27.42 10.99 -40.90
C ARG D 371 -28.44 10.30 -41.80
N THR D 372 -28.15 10.20 -43.09
CA THR D 372 -29.08 9.70 -44.08
C THR D 372 -28.52 8.45 -44.71
N LEU D 373 -29.35 7.42 -44.81
CA LEU D 373 -28.97 6.16 -45.46
C LEU D 373 -29.64 6.17 -46.83
N THR D 374 -28.88 6.61 -47.83
CA THR D 374 -29.38 6.70 -49.20
C THR D 374 -29.28 5.34 -49.87
N ASN D 375 -29.62 5.29 -51.15
CA ASN D 375 -29.53 4.06 -51.91
C ASN D 375 -28.14 3.81 -52.47
N GLU D 376 -27.16 4.63 -52.12
CA GLU D 376 -25.78 4.40 -52.52
C GLU D 376 -24.88 4.11 -51.33
N THR D 377 -25.42 4.01 -50.12
CA THR D 377 -24.56 3.90 -48.94
C THR D 377 -23.84 2.56 -48.89
N PHE D 378 -24.53 1.46 -49.20
CA PHE D 378 -23.98 0.13 -49.07
C PHE D 378 -23.70 -0.53 -50.41
N VAL D 379 -23.51 0.25 -51.47
CA VAL D 379 -23.26 -0.32 -52.79
C VAL D 379 -21.97 -1.14 -52.79
N SER D 380 -20.99 -0.74 -51.96
CA SER D 380 -19.73 -1.48 -51.87
C SER D 380 -19.90 -2.83 -51.21
N LEU D 381 -21.05 -3.12 -50.59
CA LEU D 381 -21.31 -4.41 -49.97
C LEU D 381 -22.16 -5.31 -50.86
N ALA D 382 -22.32 -4.96 -52.14
CA ALA D 382 -23.22 -5.70 -53.02
C ALA D 382 -22.77 -7.14 -53.22
N HIS D 383 -21.47 -7.36 -53.40
CA HIS D 383 -20.96 -8.69 -53.68
C HIS D 383 -20.53 -9.46 -52.43
N SER D 384 -20.75 -8.92 -51.24
CA SER D 384 -20.46 -9.62 -50.00
C SER D 384 -21.66 -10.45 -49.58
N PRO D 385 -21.45 -11.65 -49.07
CA PRO D 385 -22.55 -12.47 -48.57
C PRO D 385 -22.92 -12.12 -47.13
N LEU D 386 -23.20 -10.84 -46.90
CA LEU D 386 -23.40 -10.34 -45.55
C LEU D 386 -24.67 -10.91 -44.93
N HIS D 387 -24.57 -11.35 -43.69
CA HIS D 387 -25.69 -11.90 -42.94
C HIS D 387 -26.12 -11.06 -41.77
N ILE D 388 -25.18 -10.40 -41.10
CA ILE D 388 -25.46 -9.57 -39.94
C ILE D 388 -24.85 -8.20 -40.17
N LEU D 389 -25.65 -7.15 -39.98
CA LEU D 389 -25.19 -5.78 -40.08
C LEU D 389 -25.66 -5.03 -38.84
N ASN D 390 -24.73 -4.40 -38.14
CA ASN D 390 -25.03 -3.66 -36.91
C ASN D 390 -24.74 -2.19 -37.15
N LEU D 391 -25.73 -1.34 -36.91
CA LEU D 391 -25.65 0.08 -37.22
C LEU D 391 -26.15 0.93 -36.06
N THR D 392 -26.01 0.47 -34.83
CA THR D 392 -26.51 1.19 -33.69
C THR D 392 -25.63 2.39 -33.34
N LYS D 393 -26.24 3.37 -32.68
CA LYS D 393 -25.55 4.51 -32.07
C LYS D 393 -24.77 5.34 -33.10
N ASN D 394 -25.29 5.45 -34.31
CA ASN D 394 -24.67 6.25 -35.36
C ASN D 394 -25.39 7.57 -35.63
N LYS D 395 -26.38 7.92 -34.80
CA LYS D 395 -27.16 9.14 -34.98
C LYS D 395 -27.81 9.21 -36.36
N ILE D 396 -28.21 8.06 -36.87
CA ILE D 396 -28.89 8.03 -38.15
C ILE D 396 -30.27 8.65 -38.00
N SER D 397 -30.65 9.51 -38.92
CA SER D 397 -31.90 10.24 -38.83
C SER D 397 -32.93 9.84 -39.87
N LYS D 398 -32.50 9.44 -41.06
CA LYS D 398 -33.42 9.15 -42.15
C LYS D 398 -32.92 7.95 -42.93
N ILE D 399 -33.84 7.09 -43.35
CA ILE D 399 -33.55 5.95 -44.21
C ILE D 399 -34.37 6.13 -45.48
N GLU D 400 -33.69 6.15 -46.62
CA GLU D 400 -34.32 6.35 -47.91
C GLU D 400 -34.68 5.01 -48.54
N SER D 401 -35.39 5.08 -49.65
CA SER D 401 -35.78 3.86 -50.36
C SER D 401 -34.56 3.17 -50.95
N ASP D 402 -34.61 1.84 -50.97
CA ASP D 402 -33.56 1.00 -51.53
C ASP D 402 -32.23 1.19 -50.83
N ALA D 403 -32.27 1.60 -49.55
CA ALA D 403 -31.05 1.75 -48.79
C ALA D 403 -30.34 0.42 -48.61
N PHE D 404 -31.09 -0.65 -48.39
CA PHE D 404 -30.53 -1.98 -48.18
C PHE D 404 -30.79 -2.91 -49.35
N SER D 405 -31.03 -2.37 -50.53
CA SER D 405 -31.28 -3.19 -51.71
C SER D 405 -30.04 -3.94 -52.16
N TRP D 406 -28.87 -3.56 -51.68
CA TRP D 406 -27.63 -4.22 -52.01
C TRP D 406 -27.34 -5.42 -51.14
N LEU D 407 -28.13 -5.64 -50.09
CA LEU D 407 -27.89 -6.71 -49.14
C LEU D 407 -28.99 -7.76 -49.30
N GLY D 408 -28.79 -8.69 -50.23
CA GLY D 408 -29.79 -9.67 -50.54
C GLY D 408 -29.80 -10.89 -49.65
N HIS D 409 -28.69 -11.18 -49.00
CA HIS D 409 -28.58 -12.33 -48.12
C HIS D 409 -28.68 -11.95 -46.65
N LEU D 410 -28.97 -10.69 -46.35
CA LEU D 410 -28.95 -10.21 -44.98
C LEU D 410 -30.05 -10.88 -44.15
N GLU D 411 -29.70 -11.29 -42.94
CA GLU D 411 -30.63 -11.93 -42.03
C GLU D 411 -30.93 -11.12 -40.79
N VAL D 412 -29.95 -10.38 -40.26
CA VAL D 412 -30.11 -9.56 -39.08
C VAL D 412 -29.71 -8.14 -39.40
N LEU D 413 -30.58 -7.18 -39.08
CA LEU D 413 -30.32 -5.76 -39.30
C LEU D 413 -30.65 -5.02 -38.01
N ASP D 414 -29.64 -4.44 -37.39
CA ASP D 414 -29.81 -3.73 -36.12
C ASP D 414 -29.69 -2.22 -36.36
N LEU D 415 -30.79 -1.50 -36.17
CA LEU D 415 -30.84 -0.06 -36.39
C LEU D 415 -31.26 0.70 -35.14
N GLY D 416 -31.12 0.11 -33.98
CA GLY D 416 -31.56 0.75 -32.76
C GLY D 416 -30.63 1.82 -32.27
N LEU D 417 -31.08 2.55 -31.26
CA LEU D 417 -30.29 3.58 -30.60
C LEU D 417 -29.81 4.64 -31.58
N ASN D 418 -30.66 5.01 -32.51
CA ASN D 418 -30.41 6.07 -33.49
C ASN D 418 -31.43 7.18 -33.26
N GLU D 419 -31.46 8.15 -34.16
CA GLU D 419 -32.39 9.26 -34.10
C GLU D 419 -33.34 9.24 -35.29
N ILE D 420 -33.75 8.06 -35.71
CA ILE D 420 -34.58 7.90 -36.89
C ILE D 420 -35.97 8.42 -36.59
N GLY D 421 -36.32 9.55 -37.18
CA GLY D 421 -37.67 10.04 -37.11
C GLY D 421 -38.25 10.22 -38.50
N GLN D 422 -39.19 9.38 -38.87
CA GLN D 422 -39.73 9.37 -40.22
C GLN D 422 -40.98 8.51 -40.22
N GLU D 423 -41.56 8.36 -41.41
CA GLU D 423 -42.69 7.48 -41.63
C GLU D 423 -42.22 6.33 -42.52
N LEU D 424 -42.41 5.10 -42.06
CA LEU D 424 -41.96 3.93 -42.81
C LEU D 424 -42.92 3.67 -43.97
N THR D 425 -42.51 4.08 -45.17
CA THR D 425 -43.31 3.84 -46.35
C THR D 425 -43.27 2.39 -46.79
N GLY D 426 -42.28 1.63 -46.33
CA GLY D 426 -42.11 0.26 -46.72
C GLY D 426 -41.10 0.05 -47.82
N GLN D 427 -40.71 1.10 -48.53
CA GLN D 427 -39.71 0.98 -49.58
C GLN D 427 -38.29 0.90 -49.04
N GLU D 428 -38.09 1.16 -47.76
CA GLU D 428 -36.76 1.05 -47.18
C GLU D 428 -36.28 -0.38 -47.12
N TRP D 429 -37.19 -1.36 -47.17
CA TRP D 429 -36.83 -2.77 -47.02
C TRP D 429 -36.77 -3.51 -48.34
N ARG D 430 -36.83 -2.81 -49.48
CA ARG D 430 -36.78 -3.49 -50.75
C ARG D 430 -35.44 -4.18 -50.95
N GLY D 431 -35.48 -5.41 -51.44
CA GLY D 431 -34.30 -6.20 -51.65
C GLY D 431 -33.89 -7.09 -50.49
N LEU D 432 -34.53 -6.96 -49.33
CA LEU D 432 -34.23 -7.80 -48.18
C LEU D 432 -35.06 -9.07 -48.28
N GLU D 433 -34.58 -9.98 -49.12
CA GLU D 433 -35.31 -11.21 -49.42
C GLU D 433 -35.09 -12.33 -48.42
N ASN D 434 -34.13 -12.21 -47.51
CA ASN D 434 -33.85 -13.26 -46.55
C ASN D 434 -33.80 -12.75 -45.11
N ILE D 435 -34.37 -11.58 -44.86
CA ILE D 435 -34.27 -10.95 -43.55
C ILE D 435 -35.09 -11.76 -42.54
N PHE D 436 -34.58 -11.84 -41.33
CA PHE D 436 -35.25 -12.53 -40.23
C PHE D 436 -35.51 -11.64 -39.04
N GLU D 437 -34.59 -10.73 -38.72
CA GLU D 437 -34.70 -9.87 -37.54
C GLU D 437 -34.43 -8.43 -37.92
N ILE D 438 -35.28 -7.52 -37.45
CA ILE D 438 -35.07 -6.10 -37.62
C ILE D 438 -35.23 -5.45 -36.25
N TYR D 439 -34.17 -4.77 -35.80
CA TYR D 439 -34.18 -4.07 -34.52
C TYR D 439 -34.29 -2.58 -34.78
N LEU D 440 -35.29 -1.94 -34.19
CA LEU D 440 -35.50 -0.51 -34.37
C LEU D 440 -35.74 0.21 -33.05
N SER D 441 -35.49 -0.44 -31.93
CA SER D 441 -35.82 0.14 -30.64
C SER D 441 -34.97 1.38 -30.36
N TYR D 442 -35.56 2.31 -29.60
CA TYR D 442 -34.91 3.56 -29.17
C TYR D 442 -34.52 4.44 -30.34
N ASN D 443 -35.53 4.87 -31.08
CA ASN D 443 -35.38 5.87 -32.14
C ASN D 443 -36.26 7.06 -31.83
N LYS D 444 -36.18 8.09 -32.68
CA LYS D 444 -36.92 9.33 -32.44
C LYS D 444 -38.42 9.12 -32.54
N TYR D 445 -38.91 8.74 -33.73
CA TYR D 445 -40.31 8.39 -33.88
C TYR D 445 -40.46 7.62 -35.17
N LEU D 446 -41.33 6.62 -35.15
CA LEU D 446 -41.63 5.82 -36.32
C LEU D 446 -43.13 5.84 -36.53
N GLN D 447 -43.55 6.15 -37.75
CA GLN D 447 -44.95 6.19 -38.13
C GLN D 447 -45.19 5.08 -39.13
N LEU D 448 -46.14 4.20 -38.83
CA LEU D 448 -46.40 3.05 -39.66
C LEU D 448 -47.50 3.34 -40.67
N THR D 449 -47.53 2.51 -41.70
CA THR D 449 -48.54 2.65 -42.74
C THR D 449 -49.03 1.25 -43.10
N ARG D 450 -49.84 1.17 -44.14
CA ARG D 450 -50.41 -0.09 -44.58
C ARG D 450 -49.32 -1.06 -45.04
N ASN D 451 -48.32 -0.55 -45.77
CA ASN D 451 -47.29 -1.38 -46.38
C ASN D 451 -45.92 -1.13 -45.79
N SER D 452 -45.84 -0.91 -44.48
CA SER D 452 -44.56 -0.66 -43.83
C SER D 452 -43.65 -1.87 -43.92
N PHE D 453 -44.21 -3.07 -43.77
CA PHE D 453 -43.44 -4.30 -43.79
C PHE D 453 -43.96 -5.28 -44.84
N ALA D 454 -44.56 -4.77 -45.92
CA ALA D 454 -45.11 -5.63 -46.94
C ALA D 454 -44.03 -6.28 -47.80
N LEU D 455 -42.83 -5.74 -47.81
CA LEU D 455 -41.75 -6.27 -48.63
C LEU D 455 -40.86 -7.26 -47.89
N VAL D 456 -41.15 -7.57 -46.64
CA VAL D 456 -40.31 -8.51 -45.90
C VAL D 456 -41.18 -9.59 -45.26
N PRO D 457 -41.81 -10.46 -46.06
CA PRO D 457 -42.68 -11.49 -45.48
C PRO D 457 -41.95 -12.56 -44.69
N SER D 458 -40.63 -12.66 -44.80
CA SER D 458 -39.87 -13.68 -44.11
C SER D 458 -39.46 -13.26 -42.70
N LEU D 459 -39.85 -12.06 -42.28
CA LEU D 459 -39.44 -11.52 -41.00
C LEU D 459 -39.95 -12.37 -39.85
N GLN D 460 -39.10 -12.58 -38.86
CA GLN D 460 -39.44 -13.36 -37.67
C GLN D 460 -39.36 -12.59 -36.37
N ARG D 461 -38.47 -11.60 -36.26
CA ARG D 461 -38.35 -10.78 -35.06
C ARG D 461 -38.43 -9.32 -35.44
N LEU D 462 -39.27 -8.56 -34.73
CA LEU D 462 -39.43 -7.13 -34.99
C LEU D 462 -39.50 -6.41 -33.66
N MET D 463 -38.51 -5.57 -33.38
CA MET D 463 -38.41 -4.85 -32.13
C MET D 463 -38.68 -3.37 -32.38
N LEU D 464 -39.70 -2.83 -31.72
CA LEU D 464 -40.14 -1.46 -31.91
C LEU D 464 -40.39 -0.79 -30.57
N ARG D 465 -39.47 -0.96 -29.64
CA ARG D 465 -39.59 -0.42 -28.30
C ARG D 465 -39.03 1.00 -28.24
N ARG D 466 -39.76 1.90 -27.58
CA ARG D 466 -39.32 3.27 -27.36
C ARG D 466 -39.07 4.02 -28.66
N VAL D 467 -39.97 3.86 -29.61
CA VAL D 467 -39.90 4.57 -30.89
C VAL D 467 -41.06 5.52 -31.06
N ALA D 468 -41.91 5.66 -30.06
CA ALA D 468 -43.11 6.49 -30.12
C ALA D 468 -43.94 6.13 -31.35
N LEU D 469 -44.37 4.87 -31.38
CA LEU D 469 -45.07 4.34 -32.53
C LEU D 469 -46.34 5.13 -32.82
N LYS D 470 -46.55 5.42 -34.09
CA LYS D 470 -47.72 6.15 -34.56
C LYS D 470 -48.43 5.30 -35.59
N ASN D 471 -49.75 5.43 -35.63
CA ASN D 471 -50.59 4.78 -36.63
C ASN D 471 -50.42 3.27 -36.65
N VAL D 472 -50.31 2.66 -35.47
CA VAL D 472 -50.27 1.20 -35.40
C VAL D 472 -51.66 0.61 -35.56
N ASP D 473 -52.69 1.44 -35.51
CA ASP D 473 -54.08 1.01 -35.61
C ASP D 473 -54.66 1.23 -37.01
N SER D 474 -53.85 1.07 -38.05
CA SER D 474 -54.35 1.21 -39.41
C SER D 474 -55.36 0.12 -39.72
N SER D 475 -56.33 0.45 -40.58
CA SER D 475 -57.39 -0.52 -40.87
C SER D 475 -56.86 -1.81 -41.47
N PRO D 476 -55.96 -1.79 -42.45
CA PRO D 476 -55.18 -2.98 -42.73
C PRO D 476 -53.97 -2.95 -41.82
N SER D 477 -53.76 -3.98 -41.02
CA SER D 477 -52.73 -3.95 -40.00
C SER D 477 -51.35 -3.88 -40.64
N PRO D 478 -50.46 -3.02 -40.16
CA PRO D 478 -49.09 -2.99 -40.69
C PRO D 478 -48.37 -4.30 -40.52
N PHE D 479 -48.76 -5.13 -39.56
CA PHE D 479 -48.11 -6.40 -39.32
C PHE D 479 -48.80 -7.55 -40.03
N GLN D 480 -49.80 -7.26 -40.86
CA GLN D 480 -50.52 -8.33 -41.55
C GLN D 480 -49.65 -9.18 -42.45
N PRO D 481 -48.79 -8.63 -43.31
CA PRO D 481 -48.00 -9.51 -44.18
C PRO D 481 -47.01 -10.39 -43.45
N LEU D 482 -46.67 -10.09 -42.21
CA LEU D 482 -45.65 -10.83 -41.47
C LEU D 482 -46.26 -12.13 -40.96
N ARG D 483 -46.37 -13.11 -41.85
CA ARG D 483 -46.99 -14.38 -41.49
C ARG D 483 -46.07 -15.27 -40.66
N ASN D 484 -44.76 -15.09 -40.77
CA ASN D 484 -43.78 -15.85 -40.02
C ASN D 484 -43.30 -15.15 -38.77
N LEU D 485 -43.92 -14.04 -38.38
CA LEU D 485 -43.47 -13.28 -37.24
C LEU D 485 -43.61 -14.09 -35.96
N THR D 486 -42.57 -14.08 -35.15
CA THR D 486 -42.50 -14.84 -33.91
C THR D 486 -42.34 -13.95 -32.68
N ILE D 487 -41.55 -12.90 -32.76
CA ILE D 487 -41.30 -12.00 -31.63
C ILE D 487 -41.66 -10.58 -32.07
N LEU D 488 -42.53 -9.92 -31.30
CA LEU D 488 -42.91 -8.55 -31.57
C LEU D 488 -42.82 -7.74 -30.28
N ASP D 489 -42.11 -6.62 -30.33
CA ASP D 489 -41.91 -5.76 -29.17
C ASP D 489 -42.45 -4.38 -29.48
N LEU D 490 -43.43 -3.94 -28.69
CA LEU D 490 -44.08 -2.64 -28.86
C LEU D 490 -44.14 -1.88 -27.55
N SER D 491 -43.19 -2.13 -26.66
CA SER D 491 -43.27 -1.58 -25.31
C SER D 491 -42.78 -0.12 -25.29
N ASN D 492 -43.24 0.59 -24.26
CA ASN D 492 -42.79 1.95 -23.97
C ASN D 492 -43.02 2.90 -25.14
N ASN D 493 -44.17 2.78 -25.80
CA ASN D 493 -44.54 3.64 -26.91
C ASN D 493 -45.72 4.53 -26.60
N ASN D 494 -46.35 4.40 -25.44
CA ASN D 494 -47.54 5.16 -25.07
C ASN D 494 -48.64 4.99 -26.11
N ILE D 495 -48.79 3.77 -26.61
CA ILE D 495 -49.83 3.45 -27.57
C ILE D 495 -51.18 3.45 -26.87
N ALA D 496 -52.15 4.14 -27.45
CA ALA D 496 -53.47 4.27 -26.84
C ALA D 496 -54.56 3.50 -27.58
N ASN D 497 -54.48 3.35 -28.89
CA ASN D 497 -55.54 2.73 -29.68
C ASN D 497 -54.99 1.58 -30.50
N ILE D 498 -55.66 0.44 -30.44
CA ILE D 498 -55.33 -0.75 -31.20
C ILE D 498 -56.61 -1.39 -31.71
N ASN D 499 -56.63 -1.76 -32.99
CA ASN D 499 -57.76 -2.46 -33.57
C ASN D 499 -57.69 -3.95 -33.26
N ASP D 500 -58.85 -4.61 -33.29
CA ASP D 500 -58.92 -6.01 -32.90
C ASP D 500 -58.23 -6.94 -33.90
N ASP D 501 -57.97 -6.47 -35.11
CA ASP D 501 -57.32 -7.27 -36.14
C ASP D 501 -55.87 -6.88 -36.34
N MET D 502 -55.23 -6.28 -35.34
CA MET D 502 -53.83 -5.89 -35.48
C MET D 502 -52.94 -7.11 -35.66
N LEU D 503 -53.22 -8.20 -34.96
CA LEU D 503 -52.40 -9.40 -35.00
C LEU D 503 -53.08 -10.56 -35.71
N GLU D 504 -54.05 -10.28 -36.58
CA GLU D 504 -54.75 -11.35 -37.27
C GLU D 504 -53.85 -12.07 -38.27
N GLY D 505 -53.94 -13.40 -38.28
CA GLY D 505 -53.16 -14.21 -39.18
C GLY D 505 -51.77 -14.53 -38.72
N LEU D 506 -51.36 -14.04 -37.56
CA LEU D 506 -50.02 -14.28 -37.04
C LEU D 506 -50.07 -15.49 -36.11
N GLU D 507 -50.25 -16.66 -36.74
CA GLU D 507 -50.38 -17.90 -35.99
C GLU D 507 -49.08 -18.34 -35.34
N LYS D 508 -47.94 -17.87 -35.84
CA LYS D 508 -46.66 -18.30 -35.31
C LYS D 508 -46.11 -17.39 -34.22
N LEU D 509 -46.83 -16.33 -33.84
CA LEU D 509 -46.33 -15.40 -32.84
C LEU D 509 -46.19 -16.09 -31.50
N GLU D 510 -45.08 -15.87 -30.83
CA GLU D 510 -44.78 -16.51 -29.56
C GLU D 510 -44.51 -15.54 -28.42
N ILE D 511 -43.86 -14.42 -28.70
CA ILE D 511 -43.54 -13.42 -27.69
C ILE D 511 -44.16 -12.10 -28.11
N LEU D 512 -44.94 -11.50 -27.20
CA LEU D 512 -45.58 -10.22 -27.45
C LEU D 512 -45.34 -9.32 -26.25
N ASP D 513 -44.64 -8.21 -26.45
CA ASP D 513 -44.33 -7.26 -25.39
C ASP D 513 -45.10 -5.98 -25.62
N LEU D 514 -45.96 -5.63 -24.66
CA LEU D 514 -46.80 -4.45 -24.74
C LEU D 514 -46.77 -3.63 -23.45
N GLN D 515 -45.72 -3.78 -22.65
CA GLN D 515 -45.70 -3.09 -21.38
C GLN D 515 -45.44 -1.61 -21.57
N HIS D 516 -45.87 -0.81 -20.59
CA HIS D 516 -45.66 0.64 -20.58
C HIS D 516 -46.28 1.32 -21.79
N ASN D 517 -47.56 0.99 -22.03
CA ASN D 517 -48.37 1.70 -23.00
C ASN D 517 -49.63 2.17 -22.30
N ASN D 518 -50.60 2.68 -23.02
CA ASN D 518 -51.85 3.15 -22.43
C ASN D 518 -52.98 2.45 -23.16
N LEU D 519 -53.27 1.22 -22.74
CA LEU D 519 -54.30 0.40 -23.36
C LEU D 519 -55.47 0.16 -22.42
N ALA D 520 -55.55 0.93 -21.33
CA ALA D 520 -56.57 0.68 -20.31
C ALA D 520 -57.97 0.86 -20.85
N ARG D 521 -58.21 1.91 -21.63
CA ARG D 521 -59.55 2.20 -22.12
C ARG D 521 -60.09 1.10 -23.01
N LEU D 522 -59.20 0.41 -23.74
CA LEU D 522 -59.63 -0.59 -24.71
C LEU D 522 -60.28 -1.81 -24.05
N TRP D 523 -60.01 -2.06 -22.78
CA TRP D 523 -60.54 -3.23 -22.09
C TRP D 523 -61.66 -2.89 -21.11
N LYS D 524 -62.16 -1.67 -21.12
CA LYS D 524 -63.27 -1.30 -20.28
C LYS D 524 -64.58 -1.64 -21.00
N HIS D 525 -65.55 -2.17 -20.24
CA HIS D 525 -66.83 -2.54 -20.83
C HIS D 525 -67.61 -1.34 -21.32
N ALA D 526 -67.32 -0.15 -20.78
CA ALA D 526 -67.97 1.07 -21.22
C ALA D 526 -67.30 1.68 -22.44
N ASN D 527 -66.22 1.10 -22.93
CA ASN D 527 -65.58 1.61 -24.13
C ASN D 527 -66.55 1.45 -25.30
N PRO D 528 -66.73 2.49 -26.12
CA PRO D 528 -67.69 2.39 -27.22
C PRO D 528 -67.33 1.26 -28.17
N GLY D 529 -68.35 0.53 -28.59
CA GLY D 529 -68.14 -0.63 -29.41
C GLY D 529 -67.70 -1.87 -28.66
N GLY D 530 -67.58 -1.79 -27.33
CA GLY D 530 -67.15 -2.91 -26.54
C GLY D 530 -65.64 -2.99 -26.42
N PRO D 531 -65.17 -3.92 -25.60
CA PRO D 531 -63.72 -4.10 -25.44
C PRO D 531 -63.09 -4.61 -26.73
N ILE D 532 -61.81 -4.28 -26.90
CA ILE D 532 -61.04 -4.69 -28.06
C ILE D 532 -60.37 -6.02 -27.75
N TYR D 533 -60.65 -7.04 -28.56
CA TYR D 533 -60.06 -8.36 -28.38
C TYR D 533 -58.96 -8.55 -29.42
N PHE D 534 -57.78 -8.05 -29.08
CA PHE D 534 -56.64 -8.10 -29.99
C PHE D 534 -55.75 -9.31 -29.78
N LEU D 535 -56.11 -10.21 -28.87
CA LEU D 535 -55.32 -11.40 -28.59
C LEU D 535 -55.93 -12.67 -29.17
N LYS D 536 -56.97 -12.56 -29.98
CA LYS D 536 -57.62 -13.75 -30.52
C LYS D 536 -56.80 -14.39 -31.62
N GLY D 537 -56.83 -15.72 -31.67
CA GLY D 537 -56.17 -16.49 -32.71
C GLY D 537 -54.71 -16.77 -32.48
N LEU D 538 -54.13 -16.26 -31.40
CA LEU D 538 -52.70 -16.46 -31.12
C LEU D 538 -52.52 -17.77 -30.37
N SER D 539 -52.67 -18.86 -31.12
CA SER D 539 -52.63 -20.18 -30.52
C SER D 539 -51.24 -20.54 -30.01
N HIS D 540 -50.18 -20.07 -30.68
CA HIS D 540 -48.83 -20.44 -30.32
C HIS D 540 -48.14 -19.42 -29.41
N LEU D 541 -48.87 -18.42 -28.94
CA LEU D 541 -48.28 -17.42 -28.05
C LEU D 541 -47.83 -18.06 -26.75
N HIS D 542 -46.64 -17.71 -26.30
CA HIS D 542 -46.04 -18.26 -25.10
C HIS D 542 -45.77 -17.23 -24.03
N ILE D 543 -45.29 -16.05 -24.40
CA ILE D 543 -44.95 -15.00 -23.45
C ILE D 543 -45.77 -13.76 -23.78
N LEU D 544 -46.50 -13.26 -22.79
CA LEU D 544 -47.29 -12.05 -22.94
C LEU D 544 -46.94 -11.08 -21.82
N ASN D 545 -46.61 -9.85 -22.19
CA ASN D 545 -46.23 -8.82 -21.21
C ASN D 545 -47.19 -7.65 -21.38
N LEU D 546 -48.00 -7.41 -20.37
CA LEU D 546 -48.97 -6.31 -20.36
C LEU D 546 -48.81 -5.45 -19.12
N GLU D 547 -47.58 -5.33 -18.65
CA GLU D 547 -47.29 -4.61 -17.43
C GLU D 547 -47.42 -3.11 -17.63
N SER D 548 -48.01 -2.43 -16.64
CA SER D 548 -48.05 -0.97 -16.59
C SER D 548 -48.78 -0.39 -17.80
N ASN D 549 -50.02 -0.79 -17.97
CA ASN D 549 -50.90 -0.23 -18.98
C ASN D 549 -52.09 0.52 -18.39
N GLY D 550 -52.21 0.58 -17.07
CA GLY D 550 -53.31 1.25 -16.43
C GLY D 550 -54.61 0.46 -16.40
N PHE D 551 -54.55 -0.83 -16.68
CA PHE D 551 -55.76 -1.66 -16.72
C PHE D 551 -56.50 -1.62 -15.39
N ASP D 552 -57.82 -1.39 -15.46
CA ASP D 552 -58.71 -1.47 -14.32
C ASP D 552 -59.53 -2.76 -14.30
N GLU D 553 -59.97 -3.20 -15.47
CA GLU D 553 -60.74 -4.43 -15.60
C GLU D 553 -60.26 -5.19 -16.82
N ILE D 554 -60.47 -6.51 -16.77
CA ILE D 554 -60.08 -7.42 -17.83
C ILE D 554 -61.35 -8.05 -18.37
N PRO D 555 -61.61 -8.00 -19.68
CA PRO D 555 -62.76 -8.73 -20.22
C PRO D 555 -62.57 -10.22 -20.03
N VAL D 556 -63.70 -10.92 -19.87
CA VAL D 556 -63.62 -12.31 -19.46
C VAL D 556 -62.99 -13.18 -20.54
N GLU D 557 -63.19 -12.84 -21.81
CA GLU D 557 -62.79 -13.70 -22.91
C GLU D 557 -61.63 -13.12 -23.73
N VAL D 558 -60.66 -12.49 -23.07
CA VAL D 558 -59.49 -11.99 -23.80
C VAL D 558 -58.38 -13.02 -23.93
N PHE D 559 -58.32 -14.00 -23.03
CA PHE D 559 -57.26 -15.00 -23.04
C PHE D 559 -57.77 -16.37 -23.48
N LYS D 560 -58.94 -16.44 -24.12
CA LYS D 560 -59.56 -17.73 -24.39
C LYS D 560 -58.80 -18.55 -25.43
N ASP D 561 -58.14 -17.90 -26.38
CA ASP D 561 -57.43 -18.60 -27.45
C ASP D 561 -55.98 -18.92 -27.10
N LEU D 562 -55.49 -18.47 -25.96
CA LEU D 562 -54.09 -18.63 -25.59
C LEU D 562 -53.91 -19.90 -24.77
N PHE D 563 -53.97 -21.03 -25.46
CA PHE D 563 -53.85 -22.33 -24.79
C PHE D 563 -52.42 -22.67 -24.43
N GLU D 564 -51.44 -22.24 -25.23
CA GLU D 564 -50.06 -22.58 -24.98
C GLU D 564 -49.32 -21.51 -24.19
N LEU D 565 -50.03 -20.51 -23.69
CA LEU D 565 -49.42 -19.43 -22.93
C LEU D 565 -48.73 -19.96 -21.69
N LYS D 566 -47.50 -19.54 -21.45
CA LYS D 566 -46.70 -19.99 -20.33
C LYS D 566 -46.35 -18.89 -19.35
N ILE D 567 -46.07 -17.68 -19.83
CA ILE D 567 -45.72 -16.56 -18.97
C ILE D 567 -46.64 -15.39 -19.30
N ILE D 568 -47.32 -14.86 -18.28
CA ILE D 568 -48.13 -13.66 -18.44
C ILE D 568 -47.75 -12.68 -17.34
N ASP D 569 -47.50 -11.43 -17.74
CA ASP D 569 -47.09 -10.39 -16.81
C ASP D 569 -48.15 -9.29 -16.82
N LEU D 570 -48.75 -9.05 -15.65
CA LEU D 570 -49.80 -8.05 -15.52
C LEU D 570 -49.56 -7.15 -14.31
N GLY D 571 -48.32 -7.02 -13.87
CA GLY D 571 -48.04 -6.18 -12.73
C GLY D 571 -48.06 -4.71 -13.06
N LEU D 572 -48.06 -3.90 -12.02
CA LEU D 572 -48.03 -2.44 -12.12
C LEU D 572 -49.24 -1.88 -12.84
N ASN D 573 -50.34 -2.61 -12.85
CA ASN D 573 -51.61 -2.13 -13.36
C ASN D 573 -52.48 -1.68 -12.19
N ASN D 574 -53.74 -1.37 -12.48
CA ASN D 574 -54.70 -0.97 -11.47
C ASN D 574 -55.81 -2.00 -11.30
N LEU D 575 -55.46 -3.27 -11.41
CA LEU D 575 -56.43 -4.35 -11.35
C LEU D 575 -56.86 -4.64 -9.93
N ASN D 576 -58.16 -4.65 -9.69
CA ASN D 576 -58.70 -5.06 -8.41
C ASN D 576 -59.60 -6.29 -8.51
N THR D 577 -60.61 -6.24 -9.36
CA THR D 577 -61.59 -7.31 -9.51
C THR D 577 -61.43 -7.96 -10.87
N LEU D 578 -61.33 -9.27 -10.87
CA LEU D 578 -61.20 -10.00 -12.11
C LEU D 578 -62.42 -10.86 -12.35
N PRO D 579 -62.87 -10.99 -13.60
CA PRO D 579 -64.02 -11.84 -13.88
C PRO D 579 -63.69 -13.31 -13.67
N ALA D 580 -64.71 -14.07 -13.31
CA ALA D 580 -64.53 -15.50 -13.10
C ALA D 580 -64.24 -16.18 -14.42
N SER D 581 -63.46 -17.26 -14.35
CA SER D 581 -63.10 -18.07 -15.51
C SER D 581 -62.37 -17.26 -16.58
N VAL D 582 -61.50 -16.35 -16.14
CA VAL D 582 -60.70 -15.56 -17.08
C VAL D 582 -59.39 -16.27 -17.41
N PHE D 583 -58.92 -17.18 -16.56
CA PHE D 583 -57.73 -17.98 -16.82
C PHE D 583 -58.08 -19.44 -17.05
N ASN D 584 -59.30 -19.73 -17.52
CA ASN D 584 -59.72 -21.11 -17.66
C ASN D 584 -58.90 -21.87 -18.70
N ASN D 585 -58.63 -21.25 -19.83
CA ASN D 585 -57.94 -21.91 -20.94
C ASN D 585 -56.44 -21.91 -20.82
N GLN D 586 -55.88 -21.25 -19.80
CA GLN D 586 -54.43 -21.23 -19.60
C GLN D 586 -54.04 -22.50 -18.86
N VAL D 587 -54.04 -23.60 -19.60
CA VAL D 587 -53.75 -24.92 -19.04
C VAL D 587 -52.27 -25.22 -18.99
N SER D 588 -51.42 -24.39 -19.59
CA SER D 588 -49.99 -24.59 -19.57
C SER D 588 -49.26 -23.41 -18.93
N LEU D 589 -49.96 -22.60 -18.14
CA LEU D 589 -49.35 -21.42 -17.55
C LEU D 589 -48.32 -21.84 -16.51
N LYS D 590 -47.15 -21.21 -16.58
CA LYS D 590 -46.06 -21.54 -15.66
C LYS D 590 -45.61 -20.37 -14.81
N SER D 591 -45.95 -19.14 -15.18
CA SER D 591 -45.50 -17.96 -14.45
C SER D 591 -46.56 -16.89 -14.55
N LEU D 592 -47.06 -16.43 -13.41
CA LEU D 592 -48.06 -15.37 -13.35
C LEU D 592 -47.53 -14.21 -12.52
N ASN D 593 -47.57 -13.01 -13.07
CA ASN D 593 -47.08 -11.82 -12.38
C ASN D 593 -48.22 -10.82 -12.25
N LEU D 594 -48.58 -10.49 -11.00
CA LEU D 594 -49.63 -9.53 -10.72
C LEU D 594 -49.26 -8.60 -9.58
N GLN D 595 -47.98 -8.28 -9.44
CA GLN D 595 -47.51 -7.46 -8.35
C GLN D 595 -47.93 -6.01 -8.53
N LYS D 596 -47.98 -5.28 -7.42
CA LYS D 596 -48.21 -3.84 -7.41
C LYS D 596 -49.51 -3.47 -8.12
N ASN D 597 -50.51 -4.29 -7.95
CA ASN D 597 -51.86 -4.01 -8.39
C ASN D 597 -52.69 -3.57 -7.20
N LEU D 598 -54.00 -3.46 -7.39
CA LEU D 598 -54.94 -3.15 -6.33
C LEU D 598 -55.74 -4.36 -5.88
N ILE D 599 -55.21 -5.56 -6.09
CA ILE D 599 -55.94 -6.78 -5.80
C ILE D 599 -56.07 -6.95 -4.28
N THR D 600 -57.30 -7.23 -3.84
CA THR D 600 -57.60 -7.43 -2.43
C THR D 600 -58.00 -8.86 -2.08
N SER D 601 -58.65 -9.57 -2.98
CA SER D 601 -59.08 -10.93 -2.72
C SER D 601 -58.60 -11.85 -3.83
N VAL D 602 -58.13 -13.04 -3.45
CA VAL D 602 -57.71 -14.06 -4.39
C VAL D 602 -58.65 -15.23 -4.19
N GLU D 603 -59.46 -15.52 -5.21
CA GLU D 603 -60.53 -16.49 -5.11
C GLU D 603 -60.36 -17.62 -6.11
N LYS D 604 -60.96 -18.76 -5.78
CA LYS D 604 -60.81 -19.97 -6.59
C LYS D 604 -61.45 -19.81 -7.96
N LYS D 605 -62.59 -19.11 -8.04
CA LYS D 605 -63.29 -19.00 -9.31
C LYS D 605 -62.52 -18.19 -10.34
N VAL D 606 -61.48 -17.48 -9.94
CA VAL D 606 -60.64 -16.71 -10.85
C VAL D 606 -59.27 -17.33 -11.00
N PHE D 607 -58.61 -17.62 -9.90
CA PHE D 607 -57.23 -18.09 -9.91
C PHE D 607 -57.10 -19.60 -9.80
N GLY D 608 -58.21 -20.33 -9.79
CA GLY D 608 -58.16 -21.77 -9.68
C GLY D 608 -57.35 -22.41 -10.78
N PRO D 609 -57.84 -22.31 -12.03
CA PRO D 609 -57.06 -22.86 -13.15
C PRO D 609 -55.70 -22.23 -13.35
N ALA D 610 -55.52 -20.95 -13.03
CA ALA D 610 -54.23 -20.31 -13.18
C ALA D 610 -53.20 -20.85 -12.19
N PHE D 611 -53.63 -21.17 -10.97
CA PHE D 611 -52.74 -21.66 -9.92
C PHE D 611 -52.56 -23.16 -9.95
N ARG D 612 -53.03 -23.84 -11.00
CA ARG D 612 -53.02 -25.30 -11.02
C ARG D 612 -51.59 -25.84 -10.96
N ASN D 613 -50.80 -25.56 -11.99
CA ASN D 613 -49.43 -26.05 -12.08
C ASN D 613 -48.55 -24.87 -12.48
N LEU D 614 -48.10 -24.11 -11.49
CA LEU D 614 -47.22 -22.97 -11.69
C LEU D 614 -45.83 -23.30 -11.21
N THR D 615 -44.88 -22.48 -11.64
CA THR D 615 -43.53 -22.49 -11.14
C THR D 615 -43.22 -21.25 -10.32
N GLU D 616 -43.67 -20.09 -10.78
CA GLU D 616 -43.45 -18.83 -10.11
C GLU D 616 -44.77 -18.08 -9.96
N LEU D 617 -44.95 -17.44 -8.82
CA LEU D 617 -46.08 -16.55 -8.56
C LEU D 617 -45.53 -15.24 -8.04
N ASP D 618 -46.09 -14.13 -8.52
CA ASP D 618 -45.65 -12.79 -8.11
C ASP D 618 -46.88 -11.91 -7.91
N MET D 619 -47.32 -11.77 -6.67
CA MET D 619 -48.42 -10.89 -6.32
C MET D 619 -48.08 -10.07 -5.09
N ARG D 620 -46.85 -9.60 -5.00
CA ARG D 620 -46.31 -9.08 -3.75
C ARG D 620 -47.02 -7.85 -3.19
N PHE D 621 -46.90 -6.70 -3.84
CA PHE D 621 -47.33 -5.46 -3.21
C PHE D 621 -48.80 -5.18 -3.56
N ASN D 622 -49.68 -5.90 -2.89
CA ASN D 622 -51.10 -5.75 -3.08
C ASN D 622 -51.80 -5.54 -1.74
N PRO D 623 -52.88 -4.77 -1.74
CA PRO D 623 -53.66 -4.57 -0.50
C PRO D 623 -54.59 -5.73 -0.19
N PHE D 624 -54.01 -6.83 0.28
CA PHE D 624 -54.80 -8.03 0.57
C PHE D 624 -55.76 -7.77 1.72
N ASP D 625 -57.00 -8.20 1.55
CA ASP D 625 -58.02 -8.10 2.58
C ASP D 625 -58.05 -9.42 3.31
N CYS D 626 -57.47 -9.45 4.50
CA CYS D 626 -57.32 -10.72 5.21
C CYS D 626 -58.64 -11.05 5.89
N THR D 627 -59.50 -11.71 5.12
CA THR D 627 -60.82 -12.15 5.54
C THR D 627 -61.05 -13.56 5.00
N CYS D 628 -61.96 -14.27 5.64
CA CYS D 628 -62.23 -15.65 5.29
C CYS D 628 -62.86 -15.80 3.91
N GLU D 629 -63.37 -14.73 3.32
CA GLU D 629 -63.94 -14.80 1.99
C GLU D 629 -63.08 -14.12 0.94
N SER D 630 -61.87 -13.71 1.30
CA SER D 630 -60.99 -13.02 0.37
C SER D 630 -59.72 -13.80 0.10
N ILE D 631 -59.11 -14.38 1.12
CA ILE D 631 -57.83 -15.04 0.91
C ILE D 631 -57.77 -16.41 1.58
N ALA D 632 -58.90 -16.92 2.06
CA ALA D 632 -58.88 -18.21 2.74
C ALA D 632 -58.43 -19.33 1.82
N TRP D 633 -59.02 -19.41 0.62
CA TRP D 633 -58.56 -20.38 -0.36
C TRP D 633 -57.13 -20.11 -0.77
N PHE D 634 -56.77 -18.84 -0.93
CA PHE D 634 -55.41 -18.50 -1.32
C PHE D 634 -54.41 -18.87 -0.24
N VAL D 635 -54.71 -18.60 1.03
CA VAL D 635 -53.75 -18.94 2.06
C VAL D 635 -53.66 -20.46 2.25
N ASN D 636 -54.78 -21.16 2.10
CA ASN D 636 -54.70 -22.62 2.13
C ASN D 636 -53.85 -23.14 0.99
N TRP D 637 -53.99 -22.55 -0.20
CA TRP D 637 -53.17 -22.93 -1.34
C TRP D 637 -51.70 -22.63 -1.09
N ILE D 638 -51.40 -21.50 -0.46
CA ILE D 638 -50.02 -21.17 -0.13
C ILE D 638 -49.45 -22.19 0.83
N ASN D 639 -50.27 -22.67 1.77
CA ASN D 639 -49.77 -23.58 2.80
C ASN D 639 -49.21 -24.85 2.16
N GLU D 640 -49.91 -25.41 1.19
CA GLU D 640 -49.42 -26.56 0.45
C GLU D 640 -49.36 -26.22 -1.03
N THR D 641 -48.15 -26.02 -1.54
CA THR D 641 -47.95 -25.73 -2.96
C THR D 641 -46.46 -25.88 -3.24
N HIS D 642 -46.14 -26.16 -4.50
CA HIS D 642 -44.76 -26.26 -4.92
C HIS D 642 -44.30 -25.07 -5.73
N THR D 643 -45.19 -24.14 -6.05
CA THR D 643 -44.81 -22.96 -6.80
C THR D 643 -43.92 -22.07 -5.96
N ASN D 644 -42.92 -21.48 -6.60
CA ASN D 644 -41.98 -20.62 -5.91
C ASN D 644 -42.59 -19.24 -5.73
N ILE D 645 -42.69 -18.79 -4.49
CA ILE D 645 -43.28 -17.49 -4.18
C ILE D 645 -42.24 -16.67 -3.40
N PRO D 646 -41.37 -15.94 -4.06
CA PRO D 646 -40.34 -15.18 -3.35
C PRO D 646 -40.91 -14.05 -2.50
N GLU D 647 -40.24 -13.78 -1.38
CA GLU D 647 -40.61 -12.72 -0.46
C GLU D 647 -42.05 -12.87 0.02
N LEU D 648 -42.44 -14.12 0.28
CA LEU D 648 -43.78 -14.41 0.75
C LEU D 648 -44.01 -13.91 2.16
N SER D 649 -43.00 -14.04 3.03
CA SER D 649 -43.19 -13.70 4.43
C SER D 649 -43.03 -12.24 4.74
N SER D 650 -42.64 -11.42 3.77
CA SER D 650 -42.38 -10.01 4.02
C SER D 650 -43.27 -9.08 3.21
N HIS D 651 -43.46 -9.34 1.93
CA HIS D 651 -44.17 -8.42 1.06
C HIS D 651 -45.60 -8.82 0.75
N TYR D 652 -46.10 -9.91 1.32
CA TYR D 652 -47.51 -10.28 1.20
C TYR D 652 -48.16 -9.92 2.53
N LEU D 653 -48.60 -8.68 2.65
CA LEU D 653 -49.12 -8.16 3.91
C LEU D 653 -50.58 -7.78 3.78
N CYS D 654 -51.32 -8.01 4.86
CA CYS D 654 -52.71 -7.61 4.89
C CYS D 654 -52.80 -6.09 4.90
N ASN D 655 -53.91 -5.59 4.37
CA ASN D 655 -54.22 -4.17 4.42
C ASN D 655 -55.46 -3.89 5.25
N THR D 656 -56.50 -4.68 5.07
CA THR D 656 -57.75 -4.61 5.82
C THR D 656 -58.07 -6.01 6.32
N PRO D 657 -58.75 -6.13 7.48
CA PRO D 657 -59.22 -5.09 8.41
C PRO D 657 -58.07 -4.50 9.21
N PRO D 658 -58.29 -3.38 9.89
CA PRO D 658 -57.19 -2.74 10.64
C PRO D 658 -56.61 -3.63 11.71
N HIS D 659 -57.33 -4.66 12.13
CA HIS D 659 -56.76 -5.63 13.05
C HIS D 659 -55.58 -6.35 12.40
N TYR D 660 -55.69 -6.65 11.11
CA TYR D 660 -54.66 -7.35 10.35
C TYR D 660 -53.72 -6.44 9.56
N HIS D 661 -53.88 -5.13 9.64
CA HIS D 661 -53.07 -4.26 8.79
C HIS D 661 -51.59 -4.48 9.05
N GLY D 662 -50.86 -4.83 7.99
CA GLY D 662 -49.45 -5.10 8.09
C GLY D 662 -49.08 -6.52 8.40
N PHE D 663 -50.03 -7.35 8.83
CA PHE D 663 -49.72 -8.73 9.15
C PHE D 663 -49.49 -9.56 7.90
N PRO D 664 -48.61 -10.54 7.96
CA PRO D 664 -48.36 -11.40 6.79
C PRO D 664 -49.62 -12.15 6.41
N VAL D 665 -49.80 -12.32 5.10
CA VAL D 665 -50.96 -13.05 4.61
C VAL D 665 -50.83 -14.53 4.98
N ARG D 666 -49.63 -15.09 4.90
CA ARG D 666 -49.44 -16.51 5.17
C ARG D 666 -49.72 -16.88 6.62
N LEU D 667 -49.72 -15.92 7.54
CA LEU D 667 -50.01 -16.20 8.94
C LEU D 667 -51.47 -16.05 9.28
N PHE D 668 -52.32 -15.82 8.29
CA PHE D 668 -53.75 -15.77 8.51
C PHE D 668 -54.24 -17.15 8.95
N ASP D 669 -55.11 -17.17 9.96
CA ASP D 669 -55.61 -18.40 10.54
C ASP D 669 -56.99 -18.69 9.95
N THR D 670 -57.12 -19.85 9.32
CA THR D 670 -58.37 -20.25 8.69
C THR D 670 -59.09 -21.34 9.47
N SER D 671 -58.72 -21.59 10.72
CA SER D 671 -59.37 -22.63 11.49
C SER D 671 -60.82 -22.29 11.84
N SER D 672 -61.19 -21.02 11.83
CA SER D 672 -62.54 -20.59 12.18
C SER D 672 -63.32 -20.07 10.99
N CYS D 673 -62.97 -20.52 9.79
CA CYS D 673 -63.65 -20.07 8.59
C CYS D 673 -65.01 -20.76 8.44
C1 NAG G . 77.86 -49.72 24.56
C2 NAG G . 77.83 -49.66 23.03
C3 NAG G . 78.12 -48.23 22.60
C4 NAG G . 77.18 -47.22 23.28
C5 NAG G . 77.22 -47.44 24.79
C6 NAG G . 76.22 -46.61 25.54
C7 NAG G . 78.46 -51.68 21.80
C8 NAG G . 79.60 -52.50 21.28
N2 NAG G . 78.80 -50.56 22.46
O3 NAG G . 77.98 -48.12 21.18
O4 NAG G . 77.73 -45.94 23.03
O5 NAG G . 76.92 -48.81 25.09
O6 NAG G . 74.89 -47.02 25.25
O7 NAG G . 77.29 -52.00 21.64
C1 NAG G . 76.93 -44.81 22.52
C2 NAG G . 76.47 -45.01 21.07
C3 NAG G . 75.69 -43.78 20.61
C4 NAG G . 74.55 -43.49 21.58
C5 NAG G . 75.08 -43.39 23.01
C6 NAG G . 73.99 -43.20 24.04
C7 NAG G . 77.52 -45.76 18.97
C8 NAG G . 78.81 -45.90 18.22
N2 NAG G . 77.63 -45.23 20.19
O3 NAG G . 75.17 -43.98 19.31
O4 NAG G . 73.94 -42.25 21.24
O5 NAG G . 75.77 -44.60 23.36
O6 NAG G . 73.09 -44.30 24.04
O7 NAG G . 76.44 -46.11 18.49
C1 NAG H . 58.82 -30.88 0.64
C2 NAG H . 58.42 -32.19 1.28
C3 NAG H . 58.18 -32.00 2.78
C4 NAG H . 59.34 -31.27 3.45
C5 NAG H . 59.68 -30.01 2.66
C6 NAG H . 60.92 -29.30 3.18
C7 NAG H . 57.23 -33.89 -0.02
C8 NAG H . 55.92 -34.30 -0.61
N2 NAG H . 57.24 -32.73 0.65
O3 NAG H . 58.02 -33.27 3.39
O4 NAG H . 58.98 -30.87 4.76
O5 NAG H . 59.94 -30.35 1.29
O6 NAG H . 62.10 -30.03 2.87
O7 NAG H . 58.24 -34.58 -0.14
C1 NAG H . 59.57 -31.71 5.76
C2 NAG H . 59.57 -30.95 7.08
C3 NAG H . 60.12 -31.84 8.19
C4 NAG H . 59.34 -33.14 8.26
C5 NAG H . 59.31 -33.81 6.89
C6 NAG H . 58.42 -35.03 6.85
C7 NAG H . 59.77 -28.51 7.02
C8 NAG H . 60.71 -27.35 6.91
N2 NAG H . 60.34 -29.72 6.98
O3 NAG H . 60.03 -31.15 9.43
O4 NAG H . 59.92 -34.01 9.22
O5 NAG H . 58.81 -32.91 5.90
O6 NAG H . 57.05 -34.64 6.83
O7 NAG H . 58.56 -28.37 7.15
C1 NAG I . -3.32 4.31 26.26
C2 NAG I . -2.49 5.57 26.54
C3 NAG I . -1.63 5.89 25.32
C4 NAG I . -0.80 4.68 24.91
C5 NAG I . -1.71 3.47 24.73
C6 NAG I . -0.95 2.18 24.46
C7 NAG I . -3.46 7.23 28.08
C8 NAG I . -4.41 8.37 28.22
N2 NAG I . -3.36 6.69 26.85
O3 NAG I . -0.78 6.98 25.61
O4 NAG I . -0.28 5.01 23.62
O5 NAG I . -2.45 3.25 25.94
O6 NAG I . -0.19 1.81 25.59
O7 NAG I . -2.80 6.80 29.02
C1 NAG I . 1.14 4.84 23.26
C2 NAG I . 2.04 5.86 23.98
C3 NAG I . 3.49 5.66 23.52
C4 NAG I . 3.91 4.20 23.71
C5 NAG I . 2.91 3.26 23.04
C6 NAG I . 3.21 1.80 23.28
C7 NAG I . 1.98 8.28 24.44
C8 NAG I . 1.45 9.60 24.00
N2 NAG I . 1.62 7.22 23.70
O3 NAG I . 4.36 6.51 24.25
O4 NAG I . 5.19 3.99 23.13
O5 NAG I . 1.60 3.50 23.56
O6 NAG I . 3.15 1.48 24.65
O7 NAG I . 2.72 8.16 25.42
C1 NAG J . 31.84 11.75 26.77
C2 NAG J . 31.01 11.18 27.92
C3 NAG J . 30.53 9.76 27.58
C4 NAG J . 29.88 9.72 26.20
C5 NAG J . 30.77 10.37 25.16
C6 NAG J . 30.13 10.48 23.81
C7 NAG J . 31.44 11.89 30.22
C8 NAG J . 32.35 11.75 31.40
N2 NAG J . 31.78 11.17 29.15
O3 NAG J . 29.60 9.35 28.57
O4 NAG J . 29.68 8.37 25.81
O5 NAG J . 31.10 11.70 25.58
O6 NAG J . 29.10 11.46 23.80
O7 NAG J . 30.47 12.62 30.23
C1 NAG J . 28.31 7.95 25.95
C2 NAG J . 28.08 6.73 25.05
C3 NAG J . 26.66 6.22 25.23
C4 NAG J . 26.39 5.94 26.69
C5 NAG J . 26.69 7.17 27.53
C6 NAG J . 26.59 6.90 29.02
C7 NAG J . 29.39 6.55 23.00
C8 NAG J . 29.52 6.97 21.56
N2 NAG J . 28.35 7.04 23.66
O3 NAG J . 26.49 5.03 24.46
O4 NAG J . 25.02 5.56 26.87
O5 NAG J . 28.04 7.60 27.30
O6 NAG J . 27.71 6.14 29.47
O7 NAG J . 30.20 5.78 23.53
C1 NAG K . -86.92 36.76 -17.26
C2 NAG K . -86.05 37.98 -16.97
C3 NAG K . -85.03 38.13 -18.11
C4 NAG K . -84.25 36.84 -18.32
C5 NAG K . -85.23 35.68 -18.51
C6 NAG K . -84.56 34.32 -18.59
C7 NAG K . -87.04 39.82 -15.70
C8 NAG K . -87.90 41.04 -15.76
N2 NAG K . -86.85 39.18 -16.85
O3 NAG K . -84.13 39.18 -17.80
O4 NAG K . -83.57 37.00 -19.56
O5 NAG K . -86.12 35.61 -17.38
O6 NAG K . -83.95 33.99 -17.35
O7 NAG K . -86.52 39.44 -14.66
C1 NAG K . -82.14 36.72 -19.73
C2 NAG K . -81.24 37.73 -18.99
C3 NAG K . -79.77 37.38 -19.26
C4 NAG K . -79.50 35.93 -18.91
C5 NAG K . -80.48 35.00 -19.62
C6 NAG K . -80.33 33.55 -19.23
C7 NAG K . -81.15 40.17 -18.74
C8 NAG K . -81.53 41.49 -19.34
N2 NAG K . -81.52 39.08 -19.43
O3 NAG K . -78.92 38.23 -18.50
O4 NAG K . -78.17 35.58 -19.31
O5 NAG K . -81.83 35.37 -19.28
O6 NAG K . -80.56 33.36 -17.84
O7 NAG K . -80.55 40.09 -17.67
C1 NAG L . -51.54 41.74 -13.16
C2 NAG L . -52.54 41.34 -12.09
C3 NAG L . -53.08 39.94 -12.37
C4 NAG L . -53.58 39.81 -13.81
C5 NAG L . -52.53 40.32 -14.78
C6 NAG L . -53.00 40.36 -16.21
C7 NAG L . -52.30 42.22 -9.82
C8 NAG L . -51.55 42.13 -8.53
N2 NAG L . -51.91 41.38 -10.78
O3 NAG L . -54.15 39.68 -11.48
O4 NAG L . -53.84 38.45 -14.11
O5 NAG L . -52.14 41.66 -14.43
O6 NAG L . -53.95 41.40 -16.42
O7 NAG L . -53.21 43.01 -9.98
C1 NAG L . -55.25 38.15 -14.10
C2 NAG L . -55.46 36.88 -14.92
C3 NAG L . -56.93 36.48 -14.88
C4 NAG L . -57.40 36.35 -13.44
C5 NAG L . -57.08 37.62 -12.66
C6 NAG L . -57.37 37.49 -11.19
C7 NAG L . -53.95 36.42 -16.79
C8 NAG L . -53.63 36.70 -18.22
N2 NAG L . -55.02 37.05 -16.30
O3 NAG L . -57.10 35.24 -15.56
O4 NAG L . -58.79 36.08 -13.40
O5 NAG L . -55.69 37.94 -12.78
O6 NAG L . -56.38 36.70 -10.55
O7 NAG L . -53.28 35.65 -16.12
C1 NAG M . -10.60 -21.76 -4.19
C2 NAG M . -10.42 -21.84 -5.70
C3 NAG M . -9.97 -20.48 -6.22
C4 NAG M . -10.93 -19.37 -5.77
C5 NAG M . -11.09 -19.44 -4.25
C6 NAG M . -12.13 -18.48 -3.72
C7 NAG M . -9.78 -24.01 -6.65
C8 NAG M . -8.64 -24.94 -6.93
N2 NAG M . -9.44 -22.86 -6.06
O3 NAG M . -9.93 -20.51 -7.64
O4 NAG M . -10.25 -18.16 -6.06
O5 NAG M . -11.53 -20.75 -3.87
O6 NAG M . -13.43 -18.84 -4.15
O7 NAG M . -10.94 -24.28 -6.95
C1 NAG M . -10.91 -17.03 -6.77
C2 NAG M . -11.18 -17.35 -8.24
C3 NAG M . -11.80 -16.13 -8.91
C4 NAG M . -13.04 -15.67 -8.14
C5 NAG M . -12.69 -15.46 -6.66
C6 NAG M . -13.90 -15.11 -5.82
C7 NAG M . -9.93 -18.36 -10.11
C8 NAG M . -8.57 -18.65 -10.66
N2 NAG M . -9.94 -17.71 -8.93
O3 NAG M . -12.17 -16.43 -10.26
O4 NAG M . -13.51 -14.44 -8.67
O5 NAG M . -12.15 -16.67 -6.11
O6 NAG M . -14.87 -16.15 -5.83
O7 NAG M . -10.95 -18.68 -10.70
C1 NAG N . -25.07 -4.32 -32.11
C2 NAG N . -25.64 -5.53 -31.41
C3 NAG N . -26.06 -5.17 -29.98
C4 NAG N . -24.94 -4.46 -29.24
C5 NAG N . -24.41 -3.30 -30.08
C6 NAG N . -23.21 -2.63 -29.46
C7 NAG N . -26.77 -7.28 -32.69
C8 NAG N . -28.01 -7.68 -33.41
N2 NAG N . -26.77 -6.08 -32.14
O3 NAG N . -26.39 -6.37 -29.29
O4 NAG N . -25.44 -3.91 -28.03
O5 NAG N . -24.00 -3.79 -31.37
O6 NAG N . -22.05 -3.45 -29.54
O7 NAG N . -25.79 -8.03 -32.62
C1 NAG N . -25.04 -4.69 -26.88
C2 NAG N . -25.15 -3.81 -25.64
C3 NAG N . -24.81 -4.61 -24.39
C4 NAG N . -25.69 -5.85 -24.31
C5 NAG N . -25.59 -6.65 -25.60
C6 NAG N . -26.56 -7.80 -25.66
C7 NAG N . -24.78 -1.39 -25.89
C8 NAG N . -23.76 -0.30 -25.99
N2 NAG N . -24.30 -2.63 -25.75
O3 NAG N . -25.02 -3.79 -23.24
O4 NAG N . -25.30 -6.65 -23.21
O5 NAG N . -25.90 -5.80 -26.73
O6 NAG N . -27.88 -7.34 -25.89
O7 NAG N . -25.99 -1.17 -25.94
C1 NAG O . 101.81 -59.21 -0.98
C2 NAG O . 101.47 -59.88 -2.31
C3 NAG O . 102.68 -60.61 -2.85
C4 NAG O . 103.88 -59.67 -2.92
C5 NAG O . 104.12 -58.98 -1.58
C6 NAG O . 105.18 -57.91 -1.65
C7 NAG O . 99.33 -60.83 -3.03
C8 NAG O . 98.25 -61.83 -2.73
N2 NAG O . 100.35 -60.78 -2.16
O3 NAG O . 102.38 -61.13 -4.14
O4 NAG O . 105.06 -60.41 -3.27
O5 NAG O . 102.91 -58.32 -1.16
O6 NAG O . 104.77 -56.83 -2.48
O7 NAG O . 99.28 -60.10 -4.01
C1 NAG P . 98.34 -41.80 -15.77
C2 NAG P . 99.34 -40.63 -15.87
C3 NAG P . 99.42 -40.13 -17.31
C4 NAG P . 99.71 -41.28 -18.26
C5 NAG P . 98.67 -42.38 -18.07
C6 NAG P . 98.92 -43.60 -18.92
C7 NAG P . 99.82 -38.98 -14.13
C8 NAG P . 99.27 -37.85 -13.32
N2 NAG P . 98.96 -39.55 -15.00
O3 NAG P . 100.44 -39.16 -17.40
O4 NAG P . 99.67 -40.82 -19.60
O5 NAG P . 98.69 -42.82 -16.71
O6 NAG P . 100.12 -44.25 -18.55
O7 NAG P . 100.97 -39.37 -14.01
C1 NAG Q . 80.75 -43.80 -1.90
C2 NAG Q . 80.60 -44.90 -0.85
C3 NAG Q . 79.18 -45.43 -0.80
C4 NAG Q . 78.18 -44.29 -0.65
C5 NAG Q . 78.42 -43.27 -1.76
C6 NAG Q . 77.51 -42.06 -1.66
C7 NAG Q . 82.16 -46.69 -0.18
C8 NAG Q . 83.09 -47.77 -0.66
N2 NAG Q . 81.54 -45.99 -1.13
O3 NAG Q . 79.05 -46.31 0.30
O4 NAG Q . 76.83 -44.75 -0.69
O5 NAG Q . 79.76 -42.78 -1.68
O6 NAG Q . 77.85 -41.24 -0.54
O7 NAG Q . 82.00 -46.47 1.02
C1 NAG R . 91.08 -23.99 -19.39
C2 NAG R . 91.88 -24.75 -20.45
C3 NAG R . 92.80 -23.79 -21.22
C4 NAG R . 92.01 -22.60 -21.73
C5 NAG R . 91.26 -21.94 -20.59
C6 NAG R . 90.38 -20.79 -21.04
C7 NAG R . 92.72 -27.05 -20.37
C8 NAG R . 93.57 -28.03 -19.61
N2 NAG R . 92.65 -25.82 -19.85
O3 NAG R . 93.41 -24.48 -22.30
O4 NAG R . 92.91 -21.65 -22.31
O5 NAG R . 90.39 -22.91 -19.99
O6 NAG R . 89.68 -21.11 -22.23
O7 NAG R . 92.14 -27.36 -21.41
C1 NAG S . 83.10 -19.12 -19.72
C2 NAG S . 81.80 -18.87 -20.48
C3 NAG S . 81.61 -17.37 -20.70
C4 NAG S . 81.71 -16.62 -19.37
C5 NAG S . 83.00 -17.00 -18.64
C6 NAG S . 83.08 -16.42 -17.25
C7 NAG S . 80.67 -19.94 -22.37
C8 NAG S . 80.85 -20.67 -23.67
N2 NAG S . 81.79 -19.58 -21.75
O3 NAG S . 80.35 -17.13 -21.31
O4 NAG S . 81.70 -15.22 -19.62
O5 NAG S . 83.07 -18.42 -18.49
O6 NAG S . 83.12 -17.45 -16.27
O7 NAG S . 79.56 -19.68 -21.92
C1 NAG T . 49.51 -18.79 -21.45
C2 NAG T . 49.63 -19.27 -22.88
C3 NAG T . 49.54 -18.09 -23.85
C4 NAG T . 48.29 -17.27 -23.59
C5 NAG T . 48.26 -16.86 -22.12
C6 NAG T . 47.01 -16.10 -21.74
C7 NAG T . 50.92 -21.21 -23.64
C8 NAG T . 52.30 -21.81 -23.76
N2 NAG T . 50.88 -20.00 -23.08
O3 NAG T . 49.53 -18.58 -25.18
O4 NAG T . 48.27 -16.11 -24.41
O5 NAG T . 48.31 -18.02 -21.29
O6 NAG T . 45.85 -16.89 -21.91
O7 NAG T . 49.92 -21.79 -24.03
C1 NAG U . 41.20 -45.59 -9.72
C2 NAG U . 41.51 -45.32 -11.19
C3 NAG U . 41.07 -46.52 -12.03
C4 NAG U . 41.64 -47.83 -11.51
C5 NAG U . 41.40 -47.99 -10.01
C6 NAG U . 42.16 -49.17 -9.42
C7 NAG U . 41.50 -43.12 -12.26
C8 NAG U . 40.66 -42.01 -12.80
N2 NAG U . 40.85 -44.12 -11.66
O3 NAG U . 41.54 -46.30 -13.36
O4 NAG U . 41.04 -48.90 -12.23
O5 NAG U . 41.84 -46.82 -9.31
O6 NAG U . 43.56 -48.95 -9.38
O7 NAG U . 42.73 -43.13 -12.40
C1 NAG V . -11.44 39.65 25.98
C2 NAG V . -10.95 40.68 26.98
C3 NAG V . -11.89 41.88 27.01
C4 NAG V . -12.08 42.45 25.61
C5 NAG V . -12.49 41.33 24.63
C6 NAG V . -12.53 41.80 23.20
C7 NAG V . -9.76 40.30 29.10
C8 NAG V . -9.79 39.64 30.44
N2 NAG V . -10.82 40.10 28.31
O3 NAG V . -11.35 42.89 27.86
O4 NAG V . -13.09 43.44 25.62
O5 NAG V . -11.55 40.26 24.69
O6 NAG V . -11.23 42.13 22.72
O7 NAG V . -8.81 41.00 28.74
C1 NAG W . 8.25 47.78 17.04
C2 NAG W . 8.33 48.23 15.57
C3 NAG W . 9.28 49.41 15.43
C4 NAG W . 8.92 50.53 16.40
C5 NAG W . 8.86 49.98 17.81
C6 NAG W . 8.42 51.00 18.83
C7 NAG W . 8.11 46.78 13.61
C8 NAG W . 8.70 45.66 12.83
N2 NAG W . 8.76 47.13 14.72
O3 NAG W . 9.24 49.89 14.09
O4 NAG W . 9.88 51.57 16.33
O5 NAG W . 7.91 48.90 17.86
O6 NAG W . 7.07 51.40 18.61
O7 NAG W . 7.08 47.35 13.25
C1 NAG X . 11.51 27.20 25.50
C2 NAG X . 10.42 26.40 26.24
C3 NAG X . 11.02 25.69 27.45
C4 NAG X . 12.24 24.88 27.06
C5 NAG X . 13.24 25.78 26.34
C6 NAG X . 14.47 25.05 25.85
C7 NAG X . 8.05 26.91 26.68
C8 NAG X . 7.08 27.95 27.13
N2 NAG X . 9.35 27.27 26.66
O3 NAG X . 10.04 24.82 28.01
O4 NAG X . 12.87 24.28 28.19
O5 NAG X . 12.61 26.36 25.19
O6 NAG X . 14.16 24.18 24.77
O7 NAG X . 7.69 25.78 26.34
C1 NAG Y . 25.03 44.49 7.54
C2 NAG Y . 24.61 45.91 7.93
C3 NAG Y . 24.95 46.89 6.80
C4 NAG Y . 26.41 46.75 6.38
C5 NAG Y . 26.71 45.30 6.04
C6 NAG Y . 28.16 45.06 5.69
C7 NAG Y . 22.69 46.61 9.28
C8 NAG Y . 21.20 46.55 9.44
N2 NAG Y . 23.20 45.96 8.23
O3 NAG Y . 24.70 48.22 7.25
O4 NAG Y . 26.67 47.57 5.24
O5 NAG Y . 26.40 44.48 7.17
O6 NAG Y . 29.03 45.73 6.59
O7 NAG Y . 23.40 47.22 10.08
C1 NAG Z . 33.16 39.89 8.13
C2 NAG Z . 34.52 39.81 8.81
C3 NAG Z . 35.61 39.68 7.76
C4 NAG Z . 35.32 38.51 6.82
C5 NAG Z . 33.92 38.63 6.25
C6 NAG Z . 33.49 37.43 5.43
C7 NAG Z . 35.58 40.96 10.70
C8 NAG Z . 35.69 42.25 11.46
N2 NAG Z . 34.75 40.97 9.65
O3 NAG Z . 36.88 39.51 8.38
O4 NAG Z . 36.27 38.51 5.75
O5 NAG Z . 32.96 38.75 7.31
O6 NAG Z . 32.38 36.78 6.03
O7 NAG Z . 36.20 39.97 11.01
C1 NAG AA . 55.88 23.69 26.90
C2 NAG AA . 56.24 25.03 27.53
C3 NAG AA . 57.45 25.62 26.83
C4 NAG AA . 58.60 24.63 26.82
C5 NAG AA . 58.13 23.32 26.18
C6 NAG AA . 59.19 22.24 26.19
C7 NAG AA . 54.66 26.62 28.52
C8 NAG AA . 53.50 27.53 28.28
N2 NAG AA . 55.12 25.95 27.46
O3 NAG AA . 57.85 26.82 27.51
O4 NAG AA . 59.70 25.15 26.07
O5 NAG AA . 57.02 22.82 26.91
O6 NAG AA . 59.57 21.89 27.51
O7 NAG AA . 55.17 26.49 29.63
C1 NAG BA . 39.88 13.29 50.59
C2 NAG BA . 40.56 14.65 50.51
C3 NAG BA . 40.59 15.30 51.90
C4 NAG BA . 39.20 15.34 52.52
C5 NAG BA . 38.51 13.98 52.47
C6 NAG BA . 37.05 14.05 52.87
C7 NAG BA . 42.38 15.24 48.97
C8 NAG BA . 43.83 15.08 48.66
N2 NAG BA . 41.92 14.52 50.01
O3 NAG BA . 41.08 16.62 51.75
O4 NAG BA . 39.33 15.79 53.87
O5 NAG BA . 38.54 13.45 51.13
O6 NAG BA . 36.25 14.72 51.91
O7 NAG BA . 41.66 15.98 48.33
C1 NAG CA . -92.11 72.43 -21.28
C2 NAG CA . -91.65 73.51 -20.30
C3 NAG CA . -92.49 74.76 -20.47
C4 NAG CA . -92.47 75.21 -21.93
C5 NAG CA . -92.86 74.06 -22.86
C6 NAG CA . -92.70 74.40 -24.32
C7 NAG CA . -90.73 73.23 -18.04
C8 NAG CA . -90.97 72.69 -16.66
N2 NAG CA . -91.72 73.03 -18.93
O3 NAG CA . -91.97 75.80 -19.64
O4 NAG CA . -93.40 76.29 -22.11
O5 NAG CA . -92.02 72.92 -22.60
O6 NAG CA . -91.34 74.59 -24.66
O7 NAG CA . -89.70 73.83 -18.33
C1 NAG DA . -70.95 78.35 -28.42
C2 NAG DA . -70.67 78.67 -29.89
C3 NAG DA . -69.62 79.76 -30.02
C4 NAG DA . -70.01 80.98 -29.20
C5 NAG DA . -70.27 80.55 -27.76
C6 NAG DA . -70.73 81.70 -26.88
C7 NAG DA . -70.79 77.07 -31.76
C8 NAG DA . -70.20 75.84 -32.37
N2 NAG DA . -70.24 77.47 -30.60
O3 NAG DA . -69.47 80.12 -31.39
O4 NAG DA . -68.96 81.94 -29.23
O5 NAG DA . -71.30 79.57 -27.74
O6 NAG DA . -72.01 82.17 -27.29
O7 NAG DA . -71.72 77.67 -32.28
C1 NAG EA . -70.31 58.41 -18.05
C2 NAG EA . -71.53 57.76 -17.38
C3 NAG EA . -71.13 57.11 -16.05
C4 NAG EA . -69.94 56.18 -16.25
C5 NAG EA . -68.80 56.95 -16.90
C6 NAG EA . -67.58 56.10 -17.18
C7 NAG EA . -73.88 58.46 -17.27
C8 NAG EA . -74.82 59.61 -17.02
N2 NAG EA . -72.58 58.73 -17.16
O3 NAG EA . -72.22 56.36 -15.55
O4 NAG EA . -69.49 55.64 -15.00
O5 NAG EA . -69.24 57.46 -18.16
O6 NAG EA . -67.83 55.16 -18.22
O7 NAG EA . -74.29 57.34 -17.55
C1 NAG FA . -53.53 73.08 -35.59
C2 NAG FA . -53.87 74.56 -35.36
C3 NAG FA . -53.33 75.42 -36.51
C4 NAG FA . -51.86 75.14 -36.74
C5 NAG FA . -51.64 73.65 -36.93
C6 NAG FA . -50.18 73.27 -37.08
C7 NAG FA . -55.88 75.51 -34.30
C8 NAG FA . -57.36 75.57 -34.32
N2 NAG FA . -55.31 74.73 -35.23
O3 NAG FA . -53.52 76.78 -36.20
O4 NAG FA . -51.41 75.83 -37.90
O5 NAG FA . -52.12 72.94 -35.79
O6 NAG FA . -49.37 73.96 -36.14
O7 NAG FA . -55.20 76.13 -33.48
C1 NAG GA . -45.90 68.00 -33.68
C2 NAG GA . -44.64 67.88 -32.84
C3 NAG GA . -43.44 67.59 -33.74
C4 NAG GA . -43.72 66.37 -34.61
C5 NAG GA . -45.04 66.53 -35.35
C6 NAG GA . -45.47 65.30 -36.11
C7 NAG GA . -43.71 69.12 -30.93
C8 NAG GA . -43.59 70.46 -30.27
N2 NAG GA . -44.42 69.10 -32.07
O3 NAG GA . -42.28 67.38 -32.96
O4 NAG GA . -42.67 66.22 -35.55
O5 NAG GA . -46.10 66.81 -34.42
O6 NAG GA . -46.69 64.77 -35.60
O7 NAG GA . -43.21 68.11 -30.47
C1 NAG HA . -26.80 51.94 -11.14
C2 NAG HA . -26.39 53.31 -10.58
C3 NAG HA . -25.07 53.76 -11.17
C4 NAG HA . -24.01 52.68 -10.97
C5 NAG HA . -24.51 51.37 -11.55
C6 NAG HA . -23.55 50.22 -11.33
C7 NAG HA . -27.96 55.08 -9.90
C8 NAG HA . -29.00 56.05 -10.36
N2 NAG HA . -27.43 54.30 -10.85
O3 NAG HA . -24.66 54.97 -10.55
O4 NAG HA . -22.80 53.06 -11.62
O5 NAG HA . -25.74 51.01 -10.92
O6 NAG HA . -23.35 49.96 -9.95
O7 NAG HA . -27.59 55.02 -8.73
C1 NAG IA . -46.12 44.80 11.24
C2 NAG IA . -45.33 46.08 11.13
C3 NAG IA . -45.41 46.86 12.45
C4 NAG IA . -46.86 47.05 12.90
C5 NAG IA . -47.64 45.74 12.87
C6 NAG IA . -49.12 45.93 13.10
C7 NAG IA . -43.31 46.41 9.78
C8 NAG IA . -41.84 46.12 9.65
N2 NAG IA . -43.93 45.83 10.81
O3 NAG IA . -44.80 48.12 12.25
O4 NAG IA . -46.84 47.60 14.22
O5 NAG IA . -47.50 45.09 11.61
O6 NAG IA . -49.75 46.58 12.00
O7 NAG IA . -43.89 47.15 9.00
C1 NAG JA . 15.67 -35.10 -25.34
C2 NAG JA . 15.46 -35.87 -26.64
C3 NAG JA . 16.68 -36.73 -26.94
C4 NAG JA . 17.94 -35.88 -26.94
C5 NAG JA . 18.05 -35.07 -25.65
C6 NAG JA . 19.19 -34.07 -25.66
C7 NAG JA . 13.38 -36.77 -27.55
C8 NAG JA . 12.20 -37.68 -27.32
N2 NAG JA . 14.26 -36.70 -26.56
O3 NAG JA . 16.52 -37.36 -28.21
O4 NAG JA . 19.09 -36.71 -27.05
O5 NAG JA . 16.85 -34.30 -25.45
O6 NAG JA . 18.97 -33.05 -26.63
O7 NAG JA . 13.50 -36.14 -28.60
C1 NAG KA . 15.37 -19.07 -41.97
C2 NAG KA . 16.45 -17.98 -42.05
C3 NAG KA . 16.75 -17.63 -43.51
C4 NAG KA . 17.08 -18.89 -44.30
C5 NAG KA . 15.95 -19.89 -44.16
C6 NAG KA . 16.22 -21.20 -44.85
C7 NAG KA . 16.81 -16.19 -40.42
C8 NAG KA . 16.25 -14.96 -39.78
N2 NAG KA . 16.05 -16.79 -41.33
O3 NAG KA . 17.85 -16.73 -43.55
O4 NAG KA . 17.25 -18.57 -45.68
O5 NAG KA . 15.77 -20.20 -42.76
O6 NAG KA . 17.31 -21.89 -44.26
O7 NAG KA . 17.92 -16.64 -40.12
C1 NAG LA . -3.95 -18.67 -30.49
C2 NAG LA . -4.30 -19.65 -29.36
C3 NAG LA . -5.77 -20.09 -29.47
C4 NAG LA . -6.69 -18.88 -29.55
C5 NAG LA . -6.25 -17.99 -30.71
C6 NAG LA . -7.07 -16.73 -30.84
C7 NAG LA . -2.99 -21.46 -28.34
C8 NAG LA . -2.09 -22.63 -28.59
N2 NAG LA . -3.44 -20.82 -29.42
O3 NAG LA . -6.11 -20.86 -28.31
O4 NAG LA . -8.05 -19.28 -29.74
O5 NAG LA . -4.90 -17.58 -30.49
O6 NAG LA . -6.82 -15.83 -29.77
O7 NAG LA . -3.29 -21.11 -27.20
C1 NAG MA . 9.90 -1.33 -48.15
C2 NAG MA . 10.78 -2.22 -49.02
C3 NAG MA . 11.85 -1.40 -49.72
C4 NAG MA . 11.23 -0.22 -50.45
C5 NAG MA . 10.37 0.59 -49.49
C6 NAG MA . 9.65 1.74 -50.15
C7 NAG MA . 11.44 -4.55 -48.61
C8 NAG MA . 12.11 -5.50 -47.66
N2 NAG MA . 11.39 -3.27 -48.22
O3 NAG MA . 12.54 -2.23 -50.66
O4 NAG MA . 12.26 0.61 -50.98
O5 NAG MA . 9.37 -0.26 -48.92
O6 NAG MA . 9.09 1.34 -51.40
O7 NAG MA . 10.98 -4.93 -49.68
C1 NAG NA . 2.39 3.95 -49.99
C2 NAG NA . 1.22 4.19 -50.93
C3 NAG NA . 1.17 5.67 -51.31
C4 NAG NA . 1.15 6.54 -50.05
C5 NAG NA . 2.30 6.17 -49.13
C6 NAG NA . 2.26 6.88 -47.79
C7 NAG NA . 0.27 3.01 -52.85
C8 NAG NA . 0.57 2.15 -54.04
N2 NAG NA . 1.33 3.36 -52.12
O3 NAG NA . 0.02 5.93 -52.11
O4 NAG NA . 1.26 7.91 -50.43
O5 NAG NA . 2.26 4.77 -48.84
O6 NAG NA . 2.10 5.95 -46.72
O7 NAG NA . -0.86 3.36 -52.58
C1 NAG OA . -30.58 6.05 -56.24
C2 NAG OA . -30.32 5.42 -57.60
C3 NAG OA . -30.19 6.49 -58.68
C4 NAG OA . -31.41 7.41 -58.65
C5 NAG OA . -31.60 7.97 -57.25
C6 NAG OA . -32.83 8.83 -57.12
C7 NAG OA . -29.07 3.34 -58.00
C8 NAG OA . -27.75 2.65 -57.89
N2 NAG OA . -29.11 4.60 -57.56
O3 NAG OA . -30.06 5.88 -59.96
O4 NAG OA . -31.24 8.47 -59.58
O5 NAG OA . -31.74 6.90 -56.33
O6 NAG OA . -34.02 8.10 -57.37
O7 NAG OA . -30.05 2.78 -58.47
C1 NAG PA . -42.20 -18.94 -43.37
C2 NAG PA . -41.69 -18.85 -44.80
C3 NAG PA . -42.09 -20.09 -45.59
C4 NAG PA . -41.69 -21.37 -44.87
C5 NAG PA . -42.13 -21.37 -43.41
C6 NAG PA . -41.55 -22.52 -42.62
C7 NAG PA . -41.40 -16.76 -46.07
C8 NAG PA . -42.08 -15.65 -46.81
N2 NAG PA . -42.19 -17.66 -45.46
O3 NAG PA . -41.45 -20.02 -46.85
O4 NAG PA . -42.27 -22.47 -45.57
O5 NAG PA . -41.70 -20.16 -42.76
O6 NAG PA . -40.15 -22.38 -42.42
O7 NAG PA . -40.17 -16.85 -46.04
#